data_6DWO
#
_entry.id   6DWO
#
_cell.length_a   163.350
_cell.length_b   168.990
_cell.length_c   258.520
_cell.angle_alpha   90.00
_cell.angle_beta   90.00
_cell.angle_gamma   90.00
#
_symmetry.space_group_name_H-M   'C 2 2 21'
#
loop_
_entity.id
_entity.type
_entity.pdbx_description
1 polymer Alpha-1,2-mannosidase
2 non-polymer GLYCEROL
3 non-polymer 'CALCIUM ION'
4 non-polymer 'POTASSIUM ION'
5 non-polymer 'ACETATE ION'
6 non-polymer 'PHOSPHATE ION'
7 water water
#
_entity_poly.entity_id   1
_entity_poly.type   'polypeptide(L)'
_entity_poly.pdbx_seq_one_letter_code
;MNIQAIDTRHGTANQHSFSNGNCLPYTGVPFGMNFYAPQTTDQKGSWWFHPEDRTFQGYRVTHQPSPWMGDFSHLLMTPV
SGSLSELSLFHAQSSYRPEESLFSPVEINLTQLRYQITSQLIPSMYGGILTIDYQQKDNHLLLTLPGRYQVKQLDDHQVA
VKVINYSGCEDPDFSFYFVLHFEQPLTKWFAPSSGEDGKILLSFGNIAQQVVHFSSSFISEKQAQLNLAREISLRSTEML
QQGIADWHNYFDRLKVTHENPEHTKTFYHTLYRTFLFPQTFYELDENQQPIHYDTFSQTVRPGVLYTNNGFWDTYKTVYP
LFSLIAQEKYEEMLEGFLNSYNETGFLPKWLSPDERGLMPGTLIDAVIADAAVKKIRPDLMPQFLEAMKKGATQQSEREN
YGRQGTLDYLKYGYVPSTYHESVNHTLDYAYSDFCISQVAKTLNDSETATFYRQQALNYQQLFNPETGFMQAKDTEGNFR
PDFLDIRWGKDYAEGSAWQSSFAVYQDFAGLIKLYGSELAFEKKLIQLCNQAPNFNVEGYGFEIHEMSEMAAIDFGQLAI
SNQPSFHYPFLFSYIGKPEMAQPLLKQLMQTFDASPTGYPGDEDNGSMSAWYIFNSLGFYPVTPGTGEYVIGMPLVQTAE
VKLSNGKQLTIQTSPNKVQQQFIHEIQLNQEKHTAPYFTHQELLNGGTLDYQLGIVPNPQNTAERPFSLSTEKLEHHHHH
H
;
_entity_poly.pdbx_strand_id   A,B,C,D
#
loop_
_chem_comp.id
_chem_comp.type
_chem_comp.name
_chem_comp.formula
ACT non-polymer 'ACETATE ION' 'C2 H3 O2 -1'
CA non-polymer 'CALCIUM ION' 'Ca 2'
GOL non-polymer GLYCEROL 'C3 H8 O3'
K non-polymer 'POTASSIUM ION' 'K 1'
PO4 non-polymer 'PHOSPHATE ION' 'O4 P -3'
#
# COMPACT_ATOMS: atom_id res chain seq x y z
N MET A 1 -22.36 29.16 -44.39
CA MET A 1 -22.35 28.35 -45.62
C MET A 1 -23.52 27.35 -45.54
N ASN A 2 -24.13 27.04 -46.68
CA ASN A 2 -25.11 25.97 -46.75
C ASN A 2 -24.43 24.61 -46.53
N ILE A 3 -25.07 23.78 -45.69
CA ILE A 3 -24.60 22.44 -45.39
C ILE A 3 -24.45 21.61 -46.68
N GLN A 4 -25.23 21.90 -47.72
CA GLN A 4 -25.16 21.12 -48.95
C GLN A 4 -23.88 21.39 -49.74
N ALA A 5 -23.18 22.48 -49.39
CA ALA A 5 -21.93 22.83 -50.04
C ALA A 5 -20.75 22.21 -49.30
N ILE A 6 -20.98 21.57 -48.13
CA ILE A 6 -19.87 20.92 -47.46
C ILE A 6 -19.57 19.62 -48.19
N ASP A 7 -18.28 19.38 -48.49
CA ASP A 7 -17.87 18.13 -49.11
C ASP A 7 -17.24 17.25 -48.04
N THR A 8 -17.85 16.06 -47.79
CA THR A 8 -17.44 15.22 -46.69
C THR A 8 -16.12 14.49 -46.99
N ARG A 9 -15.53 14.72 -48.18
CA ARG A 9 -14.22 14.13 -48.45
C ARG A 9 -13.09 14.93 -47.79
N HIS A 10 -13.44 16.09 -47.20
CA HIS A 10 -12.52 16.87 -46.38
C HIS A 10 -11.80 15.98 -45.35
N GLY A 11 -10.47 15.98 -45.34
CA GLY A 11 -9.72 15.21 -44.34
C GLY A 11 -9.71 13.70 -44.59
N THR A 12 -10.14 13.23 -45.78
CA THR A 12 -10.32 11.79 -45.95
C THR A 12 -9.18 11.11 -46.70
N ALA A 13 -8.16 11.86 -47.16
CA ALA A 13 -7.03 11.25 -47.87
C ALA A 13 -5.96 10.86 -46.87
N ASN A 14 -5.93 9.58 -46.50
CA ASN A 14 -5.06 9.13 -45.42
C ASN A 14 -4.58 7.69 -45.69
N GLN A 15 -3.55 7.28 -44.96
CA GLN A 15 -3.16 5.89 -44.88
C GLN A 15 -2.54 5.68 -43.51
N HIS A 16 -2.27 4.42 -43.17
CA HIS A 16 -1.64 4.06 -41.90
C HIS A 16 -0.43 4.96 -41.63
N SER A 17 0.43 5.18 -42.66
CA SER A 17 1.71 5.85 -42.45
C SER A 17 1.60 7.38 -42.33
N PHE A 18 0.45 7.97 -42.70
CA PHE A 18 0.41 9.43 -42.73
C PHE A 18 -1.04 9.94 -42.69
N SER A 19 -1.32 10.85 -41.74
CA SER A 19 -2.68 11.35 -41.57
C SER A 19 -2.83 12.78 -42.06
N ASN A 20 -3.92 13.04 -42.79
CA ASN A 20 -4.36 14.39 -43.08
C ASN A 20 -5.71 14.64 -42.40
N GLY A 21 -5.98 13.89 -41.29
CA GLY A 21 -7.22 14.03 -40.53
C GLY A 21 -7.79 12.69 -40.10
N ASN A 22 -7.55 11.65 -40.93
CA ASN A 22 -8.07 10.32 -40.69
C ASN A 22 -9.58 10.39 -40.52
N CYS A 23 -10.24 11.25 -41.31
CA CYS A 23 -11.69 11.41 -41.25
C CYS A 23 -12.34 10.44 -42.24
N LEU A 24 -13.58 10.05 -41.95
CA LEU A 24 -14.41 9.38 -42.95
C LEU A 24 -15.37 10.43 -43.54
N PRO A 25 -15.93 10.15 -44.74
CA PRO A 25 -16.94 11.05 -45.31
C PRO A 25 -18.29 10.72 -44.68
N TYR A 26 -18.49 11.20 -43.44
CA TYR A 26 -19.67 10.85 -42.68
C TYR A 26 -20.86 11.65 -43.16
N THR A 27 -21.88 10.94 -43.67
CA THR A 27 -23.21 11.48 -43.90
C THR A 27 -24.08 11.11 -42.70
N GLY A 28 -24.78 12.11 -42.13
CA GLY A 28 -25.56 11.92 -40.93
C GLY A 28 -26.16 13.25 -40.48
N VAL A 29 -27.06 13.17 -39.50
CA VAL A 29 -27.50 14.39 -38.82
C VAL A 29 -26.54 14.66 -37.67
N PRO A 30 -26.55 15.86 -37.05
CA PRO A 30 -25.64 16.12 -35.93
C PRO A 30 -25.85 15.06 -34.84
N PHE A 31 -24.75 14.54 -34.29
CA PHE A 31 -24.77 13.52 -33.25
C PHE A 31 -25.60 12.30 -33.64
N GLY A 32 -25.74 12.05 -34.94
CA GLY A 32 -26.50 10.91 -35.42
C GLY A 32 -26.04 9.59 -34.80
N MET A 33 -26.99 8.68 -34.53
CA MET A 33 -26.67 7.41 -33.90
C MET A 33 -25.93 6.53 -34.89
N ASN A 34 -26.23 6.66 -36.18
CA ASN A 34 -25.42 5.98 -37.18
C ASN A 34 -24.92 7.05 -38.16
N PHE A 35 -23.75 6.81 -38.75
CA PHE A 35 -23.35 7.58 -39.93
C PHE A 35 -23.29 6.65 -41.14
N TYR A 36 -23.20 7.25 -42.33
CA TYR A 36 -23.26 6.54 -43.59
C TYR A 36 -22.11 7.05 -44.46
N ALA A 37 -21.37 6.14 -45.11
CA ALA A 37 -20.25 6.53 -45.95
C ALA A 37 -20.07 5.47 -47.05
N PRO A 38 -19.71 5.84 -48.30
CA PRO A 38 -19.37 4.83 -49.32
C PRO A 38 -18.14 4.08 -48.81
N GLN A 39 -18.11 2.76 -49.05
CA GLN A 39 -16.90 1.99 -48.87
C GLN A 39 -16.26 1.75 -50.23
N THR A 40 -14.95 2.06 -50.35
CA THR A 40 -14.27 1.88 -51.62
C THR A 40 -13.38 0.64 -51.63
N THR A 41 -12.98 0.13 -50.47
CA THR A 41 -12.14 -1.06 -50.49
C THR A 41 -12.31 -1.84 -49.18
N ASP A 42 -12.17 -3.18 -49.28
CA ASP A 42 -12.19 -4.03 -48.09
C ASP A 42 -10.80 -4.58 -47.86
N GLN A 43 -9.80 -4.05 -48.57
CA GLN A 43 -8.46 -4.65 -48.49
C GLN A 43 -7.54 -3.83 -47.61
N LYS A 44 -8.02 -2.78 -46.92
CA LYS A 44 -7.08 -1.93 -46.22
C LYS A 44 -7.48 -1.75 -44.75
N GLY A 45 -8.12 -2.78 -44.17
CA GLY A 45 -8.56 -2.70 -42.78
C GLY A 45 -9.44 -1.47 -42.57
N SER A 46 -9.12 -0.69 -41.54
CA SER A 46 -9.94 0.45 -41.16
C SER A 46 -9.96 1.56 -42.21
N TRP A 47 -9.03 1.53 -43.16
CA TRP A 47 -8.99 2.59 -44.16
C TRP A 47 -9.84 2.18 -45.36
N TRP A 48 -11.16 2.04 -45.14
CA TRP A 48 -12.05 1.42 -46.12
C TRP A 48 -12.63 2.45 -47.10
N PHE A 49 -12.27 3.73 -46.93
CA PHE A 49 -12.63 4.75 -47.91
C PHE A 49 -11.37 5.55 -48.24
N HIS A 50 -11.14 5.83 -49.53
CA HIS A 50 -10.15 6.84 -49.94
C HIS A 50 -10.76 7.64 -51.08
N PRO A 51 -10.67 9.00 -51.05
CA PRO A 51 -11.33 9.83 -52.04
C PRO A 51 -10.78 9.63 -53.47
N GLU A 52 -9.60 9.03 -53.60
CA GLU A 52 -9.04 8.84 -54.94
C GLU A 52 -9.39 7.46 -55.49
N ASP A 53 -9.97 6.57 -54.68
CA ASP A 53 -10.38 5.24 -55.15
C ASP A 53 -11.49 5.43 -56.18
N ARG A 54 -11.53 4.56 -57.20
CA ARG A 54 -12.60 4.66 -58.20
C ARG A 54 -13.54 3.46 -58.13
N THR A 55 -13.49 2.76 -57.00
CA THR A 55 -14.26 1.55 -56.79
C THR A 55 -15.30 1.82 -55.73
N PHE A 56 -16.51 1.27 -55.91
CA PHE A 56 -17.58 1.41 -54.94
C PHE A 56 -18.08 0.04 -54.53
N GLN A 57 -17.98 -0.26 -53.23
CA GLN A 57 -18.38 -1.56 -52.72
C GLN A 57 -19.79 -1.53 -52.12
N GLY A 58 -20.22 -0.36 -51.64
CA GLY A 58 -21.53 -0.26 -51.02
C GLY A 58 -21.63 0.95 -50.09
N TYR A 59 -22.87 1.26 -49.66
CA TYR A 59 -23.06 2.23 -48.60
C TYR A 59 -22.85 1.54 -47.26
N ARG A 60 -21.89 2.02 -46.48
CA ARG A 60 -21.65 1.41 -45.17
C ARG A 60 -22.37 2.19 -44.06
N VAL A 61 -23.16 1.47 -43.26
CA VAL A 61 -23.68 2.01 -42.00
C VAL A 61 -22.56 1.85 -40.98
N THR A 62 -22.10 2.95 -40.37
CA THR A 62 -20.87 2.87 -39.60
C THR A 62 -21.03 3.53 -38.23
N HIS A 63 -20.19 3.08 -37.29
CA HIS A 63 -20.00 3.72 -36.01
C HIS A 63 -18.51 3.84 -35.74
N GLN A 64 -17.71 3.94 -36.82
CA GLN A 64 -16.26 3.97 -36.69
C GLN A 64 -15.87 5.40 -36.36
N PRO A 65 -15.26 5.67 -35.19
CA PRO A 65 -14.87 7.04 -34.83
C PRO A 65 -13.49 7.42 -35.32
N SER A 66 -12.70 6.41 -35.75
CA SER A 66 -11.30 6.60 -36.10
C SER A 66 -10.74 5.26 -36.58
N PRO A 67 -9.71 5.22 -37.42
CA PRO A 67 -9.21 3.94 -37.92
C PRO A 67 -8.48 3.18 -36.83
N TRP A 68 -8.14 3.87 -35.73
CA TRP A 68 -7.40 3.24 -34.64
C TRP A 68 -8.36 2.46 -33.74
N MET A 69 -9.63 2.87 -33.68
CA MET A 69 -10.60 2.21 -32.82
C MET A 69 -11.31 1.12 -33.58
N GLY A 70 -11.43 1.24 -34.91
CA GLY A 70 -12.23 0.30 -35.68
C GLY A 70 -13.71 0.59 -35.55
N ASP A 71 -14.54 -0.21 -36.21
CA ASP A 71 -15.97 0.01 -36.30
C ASP A 71 -16.69 -0.87 -35.26
N PHE A 72 -17.99 -0.61 -35.04
CA PHE A 72 -18.86 -1.60 -34.40
C PHE A 72 -20.22 -1.50 -35.09
N SER A 73 -20.96 -2.63 -35.10
CA SER A 73 -22.33 -2.68 -35.57
C SER A 73 -22.42 -2.04 -36.95
N HIS A 74 -21.61 -2.53 -37.90
CA HIS A 74 -21.66 -2.01 -39.25
C HIS A 74 -22.32 -3.03 -40.19
N LEU A 75 -22.81 -2.56 -41.34
CA LEU A 75 -23.25 -3.41 -42.44
C LEU A 75 -23.20 -2.57 -43.73
N LEU A 76 -23.40 -3.19 -44.89
CA LEU A 76 -23.40 -2.43 -46.15
C LEU A 76 -24.66 -2.76 -46.93
N MET A 77 -25.09 -1.76 -47.73
CA MET A 77 -26.15 -1.90 -48.71
C MET A 77 -25.56 -1.54 -50.08
N THR A 78 -25.66 -2.47 -51.05
CA THR A 78 -25.06 -2.28 -52.37
C THR A 78 -26.12 -2.55 -53.42
N PRO A 79 -26.62 -1.53 -54.15
CA PRO A 79 -27.52 -1.78 -55.27
C PRO A 79 -26.79 -2.62 -56.33
N VAL A 80 -27.51 -3.57 -56.94
CA VAL A 80 -26.97 -4.45 -57.96
C VAL A 80 -28.06 -4.68 -59.01
N SER A 81 -27.65 -4.82 -60.28
CA SER A 81 -28.52 -5.28 -61.35
C SER A 81 -27.89 -6.49 -62.02
N GLY A 82 -28.75 -7.39 -62.55
CA GLY A 82 -28.30 -8.60 -63.24
C GLY A 82 -27.88 -9.68 -62.24
N SER A 83 -27.19 -10.72 -62.70
CA SER A 83 -26.91 -11.79 -61.76
C SER A 83 -25.46 -11.76 -61.34
N LEU A 84 -25.16 -12.32 -60.17
CA LEU A 84 -23.81 -12.17 -59.66
C LEU A 84 -23.09 -13.51 -59.64
N SER A 85 -21.79 -13.47 -60.00
CA SER A 85 -20.85 -14.57 -59.91
C SER A 85 -20.92 -15.18 -58.51
N GLU A 86 -20.58 -14.35 -57.54
CA GLU A 86 -20.56 -14.64 -56.12
C GLU A 86 -20.96 -13.35 -55.42
N LEU A 87 -21.21 -13.42 -54.11
CA LEU A 87 -21.84 -12.27 -53.46
C LEU A 87 -20.85 -11.44 -52.64
N SER A 88 -19.55 -11.73 -52.73
CA SER A 88 -18.55 -10.96 -51.98
C SER A 88 -18.53 -9.48 -52.42
N LEU A 89 -17.98 -8.61 -51.56
CA LEU A 89 -17.92 -7.21 -51.92
C LEU A 89 -17.09 -7.01 -53.18
N PHE A 90 -15.98 -7.75 -53.31
CA PHE A 90 -15.14 -7.65 -54.50
C PHE A 90 -15.93 -8.06 -55.75
N HIS A 91 -16.73 -9.13 -55.66
CA HIS A 91 -17.42 -9.61 -56.85
C HIS A 91 -18.56 -8.68 -57.25
N ALA A 92 -19.04 -7.89 -56.29
CA ALA A 92 -20.16 -6.99 -56.55
C ALA A 92 -19.71 -5.55 -56.82
N GLN A 93 -18.43 -5.25 -56.61
CA GLN A 93 -17.99 -3.86 -56.72
C GLN A 93 -18.11 -3.35 -58.16
N SER A 94 -18.37 -2.04 -58.24
CA SER A 94 -18.49 -1.31 -59.48
C SER A 94 -17.51 -0.15 -59.42
N SER A 95 -17.02 0.29 -60.59
CA SER A 95 -16.34 1.58 -60.57
C SER A 95 -17.40 2.70 -60.52
N TYR A 96 -16.96 3.89 -60.12
CA TYR A 96 -17.79 5.08 -60.16
C TYR A 96 -16.86 6.27 -60.43
N ARG A 97 -17.46 7.43 -60.73
CA ARG A 97 -16.66 8.62 -60.97
C ARG A 97 -16.80 9.56 -59.78
N PRO A 98 -15.74 9.68 -58.94
CA PRO A 98 -15.74 10.63 -57.80
C PRO A 98 -16.16 12.04 -58.19
N GLU A 99 -15.71 12.51 -59.36
CA GLU A 99 -15.92 13.92 -59.70
C GLU A 99 -17.38 14.15 -60.13
N GLU A 100 -18.18 13.10 -60.34
CA GLU A 100 -19.58 13.29 -60.72
C GLU A 100 -20.51 12.93 -59.56
N SER A 101 -19.96 12.75 -58.36
CA SER A 101 -20.72 12.25 -57.22
C SER A 101 -20.99 13.37 -56.20
N LEU A 102 -22.01 13.20 -55.38
CA LEU A 102 -22.26 14.15 -54.32
C LEU A 102 -21.91 13.52 -52.97
N PHE A 103 -21.02 14.16 -52.22
CA PHE A 103 -20.68 13.77 -50.86
C PHE A 103 -20.90 14.95 -49.94
N SER A 104 -22.09 15.01 -49.32
CA SER A 104 -22.39 16.11 -48.42
C SER A 104 -22.90 15.55 -47.11
N PRO A 105 -22.92 16.32 -45.99
CA PRO A 105 -23.41 15.79 -44.72
C PRO A 105 -24.83 15.24 -44.77
N VAL A 106 -25.65 15.72 -45.70
CA VAL A 106 -27.07 15.39 -45.66
C VAL A 106 -27.44 14.53 -46.87
N GLU A 107 -26.47 14.16 -47.71
CA GLU A 107 -26.80 13.45 -48.93
C GLU A 107 -25.55 12.85 -49.59
N ILE A 108 -25.61 11.55 -49.90
CA ILE A 108 -24.71 10.93 -50.86
C ILE A 108 -25.50 10.63 -52.14
N ASN A 109 -24.88 10.92 -53.28
CA ASN A 109 -25.48 10.62 -54.57
C ASN A 109 -24.36 10.14 -55.51
N LEU A 110 -24.48 8.93 -56.07
CA LEU A 110 -23.45 8.43 -56.98
C LEU A 110 -24.01 7.39 -57.95
N THR A 111 -23.30 7.20 -59.06
CA THR A 111 -23.70 6.25 -60.09
C THR A 111 -22.68 5.10 -60.14
N GLN A 112 -23.18 3.86 -60.06
CA GLN A 112 -22.36 2.68 -60.26
C GLN A 112 -22.28 2.36 -61.75
N LEU A 113 -21.09 2.51 -62.34
CA LEU A 113 -20.92 2.43 -63.78
C LEU A 113 -21.16 1.02 -64.32
N ARG A 114 -20.96 0.02 -63.48
CA ARG A 114 -21.10 -1.36 -63.92
C ARG A 114 -22.58 -1.71 -64.14
N TYR A 115 -23.46 -1.13 -63.32
CA TYR A 115 -24.85 -1.57 -63.25
C TYR A 115 -25.78 -0.52 -63.84
N GLN A 116 -25.25 0.68 -64.13
CA GLN A 116 -26.08 1.83 -64.49
C GLN A 116 -27.15 2.07 -63.45
N ILE A 117 -26.70 2.20 -62.18
CA ILE A 117 -27.58 2.56 -61.09
C ILE A 117 -27.16 3.92 -60.54
N THR A 118 -28.13 4.84 -60.37
CA THR A 118 -27.89 6.04 -59.57
C THR A 118 -28.66 5.94 -58.26
N SER A 119 -27.98 6.14 -57.14
CA SER A 119 -28.64 6.03 -55.86
C SER A 119 -28.38 7.25 -54.98
N GLN A 120 -29.29 7.48 -54.03
CA GLN A 120 -29.23 8.65 -53.17
C GLN A 120 -29.56 8.21 -51.74
N LEU A 121 -28.68 8.53 -50.78
CA LEU A 121 -28.91 8.17 -49.40
C LEU A 121 -29.03 9.48 -48.60
N ILE A 122 -30.17 9.65 -47.92
CA ILE A 122 -30.42 10.77 -47.02
C ILE A 122 -30.49 10.21 -45.61
N PRO A 123 -29.75 10.76 -44.62
CA PRO A 123 -29.81 10.22 -43.26
C PRO A 123 -30.86 10.87 -42.36
N SER A 124 -31.20 10.15 -41.28
CA SER A 124 -31.89 10.73 -40.15
C SER A 124 -31.16 10.25 -38.90
N MET A 125 -31.67 10.61 -37.72
CA MET A 125 -31.03 10.29 -36.45
C MET A 125 -30.87 8.77 -36.32
N TYR A 126 -31.92 8.01 -36.64
CA TYR A 126 -31.91 6.57 -36.37
C TYR A 126 -32.00 5.73 -37.65
N GLY A 127 -32.15 6.40 -38.80
CA GLY A 127 -32.28 5.66 -40.05
C GLY A 127 -31.95 6.55 -41.24
N GLY A 128 -32.76 6.42 -42.29
CA GLY A 128 -32.55 7.22 -43.49
C GLY A 128 -33.40 6.65 -44.62
N ILE A 129 -33.20 7.22 -45.81
CA ILE A 129 -33.88 6.78 -47.02
C ILE A 129 -32.84 6.58 -48.12
N LEU A 130 -32.91 5.41 -48.77
CA LEU A 130 -32.06 5.14 -49.92
C LEU A 130 -32.96 5.01 -51.15
N THR A 131 -32.77 5.91 -52.11
CA THR A 131 -33.51 5.83 -53.37
C THR A 131 -32.58 5.28 -54.45
N ILE A 132 -33.07 4.29 -55.21
CA ILE A 132 -32.24 3.57 -56.17
C ILE A 132 -32.94 3.63 -57.54
N ASP A 133 -32.26 4.28 -58.51
CA ASP A 133 -32.72 4.38 -59.89
C ASP A 133 -31.98 3.37 -60.78
N TYR A 134 -32.73 2.40 -61.30
CA TYR A 134 -32.13 1.31 -62.06
C TYR A 134 -32.37 1.56 -63.54
N GLN A 135 -31.35 1.35 -64.38
CA GLN A 135 -31.58 1.39 -65.83
C GLN A 135 -31.82 -0.02 -66.36
N GLN A 136 -31.28 -1.05 -65.69
CA GLN A 136 -31.40 -2.42 -66.21
C GLN A 136 -32.66 -3.10 -65.67
N LYS A 137 -32.80 -4.42 -65.90
CA LYS A 137 -34.11 -5.05 -65.83
C LYS A 137 -34.24 -6.15 -64.77
N ASP A 138 -33.16 -6.45 -64.04
CA ASP A 138 -33.20 -7.47 -62.99
C ASP A 138 -32.53 -6.93 -61.71
N ASN A 139 -33.32 -6.30 -60.84
CA ASN A 139 -32.79 -5.28 -59.94
C ASN A 139 -32.84 -5.77 -58.49
N HIS A 140 -31.79 -5.45 -57.72
CA HIS A 140 -31.59 -6.04 -56.39
C HIS A 140 -30.93 -5.04 -55.43
N LEU A 141 -30.94 -5.41 -54.15
CA LEU A 141 -30.12 -4.73 -53.15
C LEU A 141 -29.40 -5.83 -52.38
N LEU A 142 -28.07 -5.74 -52.33
CA LEU A 142 -27.25 -6.72 -51.60
C LEU A 142 -26.96 -6.17 -50.22
N LEU A 143 -27.32 -6.94 -49.18
CA LEU A 143 -26.98 -6.62 -47.80
C LEU A 143 -25.79 -7.46 -47.39
N THR A 144 -24.75 -6.78 -46.93
CA THR A 144 -23.58 -7.44 -46.39
C THR A 144 -23.67 -7.35 -44.87
N LEU A 145 -23.67 -8.52 -44.21
CA LEU A 145 -23.95 -8.60 -42.79
C LEU A 145 -22.74 -9.22 -42.08
N PRO A 146 -21.75 -8.41 -41.67
CA PRO A 146 -20.51 -8.93 -41.08
C PRO A 146 -20.77 -9.49 -39.69
N GLY A 147 -19.96 -10.49 -39.30
CA GLY A 147 -20.09 -11.11 -37.98
C GLY A 147 -21.29 -12.06 -37.94
N ARG A 148 -21.78 -12.34 -36.72
CA ARG A 148 -22.95 -13.19 -36.59
C ARG A 148 -24.19 -12.38 -36.94
N TYR A 149 -25.09 -12.96 -37.73
CA TYR A 149 -26.26 -12.22 -38.17
C TYR A 149 -27.49 -13.12 -38.11
N GLN A 150 -28.66 -12.48 -38.07
CA GLN A 150 -29.94 -13.11 -38.37
C GLN A 150 -30.67 -12.22 -39.37
N VAL A 151 -31.48 -12.85 -40.23
CA VAL A 151 -32.28 -12.09 -41.17
C VAL A 151 -33.64 -12.78 -41.26
N LYS A 152 -34.71 -11.99 -41.39
CA LYS A 152 -35.99 -12.58 -41.70
C LYS A 152 -36.85 -11.56 -42.46
N GLN A 153 -37.76 -12.09 -43.28
CA GLN A 153 -38.68 -11.26 -44.01
C GLN A 153 -39.96 -11.14 -43.19
N LEU A 154 -40.36 -9.91 -42.85
CA LEU A 154 -41.55 -9.68 -42.04
C LEU A 154 -42.78 -9.76 -42.92
N ASP A 155 -42.68 -9.27 -44.16
CA ASP A 155 -43.76 -9.27 -45.14
C ASP A 155 -43.12 -8.95 -46.48
N ASP A 156 -43.93 -8.70 -47.53
CA ASP A 156 -43.35 -8.59 -48.86
C ASP A 156 -42.64 -7.24 -49.07
N HIS A 157 -42.77 -6.32 -48.09
CA HIS A 157 -42.18 -4.99 -48.18
C HIS A 157 -41.14 -4.76 -47.07
N GLN A 158 -40.83 -5.77 -46.23
CA GLN A 158 -40.08 -5.48 -45.01
C GLN A 158 -39.13 -6.62 -44.63
N VAL A 159 -37.87 -6.26 -44.35
CA VAL A 159 -36.86 -7.22 -43.91
C VAL A 159 -36.22 -6.70 -42.62
N ALA A 160 -36.01 -7.58 -41.64
CA ALA A 160 -35.38 -7.25 -40.37
C ALA A 160 -34.08 -8.04 -40.26
N VAL A 161 -33.05 -7.33 -39.83
CA VAL A 161 -31.70 -7.88 -39.78
C VAL A 161 -31.17 -7.64 -38.36
N LYS A 162 -30.34 -8.56 -37.91
CA LYS A 162 -29.60 -8.34 -36.67
C LYS A 162 -28.15 -8.71 -36.93
N VAL A 163 -27.21 -7.83 -36.54
CA VAL A 163 -25.80 -8.15 -36.72
C VAL A 163 -25.07 -7.96 -35.40
N ILE A 164 -24.06 -8.81 -35.19
CA ILE A 164 -23.20 -8.73 -34.03
C ILE A 164 -21.78 -8.61 -34.57
N ASN A 165 -21.21 -7.40 -34.51
CA ASN A 165 -19.83 -7.18 -34.92
C ASN A 165 -19.31 -5.97 -34.15
N TYR A 166 -18.02 -6.00 -33.81
CA TYR A 166 -17.43 -4.89 -33.09
C TYR A 166 -15.93 -5.06 -33.04
N SER A 167 -15.22 -4.00 -32.64
CA SER A 167 -13.79 -4.08 -32.49
C SER A 167 -13.41 -4.38 -31.05
N GLY A 168 -14.20 -3.91 -30.10
CA GLY A 168 -14.09 -4.28 -28.69
C GLY A 168 -15.42 -3.95 -28.01
N CYS A 169 -15.86 -4.80 -27.06
CA CYS A 169 -17.15 -4.61 -26.43
C CYS A 169 -17.19 -5.48 -25.18
N GLU A 170 -17.85 -5.01 -24.11
CA GLU A 170 -18.08 -5.79 -22.91
C GLU A 170 -19.14 -6.85 -23.17
N ASP A 171 -20.06 -6.64 -24.11
CA ASP A 171 -21.10 -7.62 -24.40
C ASP A 171 -20.65 -8.48 -25.58
N PRO A 172 -20.26 -9.77 -25.40
CA PRO A 172 -19.76 -10.55 -26.54
C PRO A 172 -20.80 -10.79 -27.62
N ASP A 173 -22.07 -10.50 -27.33
CA ASP A 173 -23.14 -10.70 -28.31
C ASP A 173 -23.82 -9.38 -28.65
N PHE A 174 -23.05 -8.29 -28.59
CA PHE A 174 -23.53 -6.94 -28.84
C PHE A 174 -24.25 -6.83 -30.19
N SER A 175 -25.55 -6.50 -30.11
CA SER A 175 -26.48 -6.66 -31.22
C SER A 175 -26.93 -5.30 -31.75
N PHE A 176 -27.08 -5.24 -33.08
CA PHE A 176 -27.59 -4.08 -33.75
C PHE A 176 -28.72 -4.54 -34.64
N TYR A 177 -29.87 -3.86 -34.57
CA TYR A 177 -31.04 -4.24 -35.33
C TYR A 177 -31.25 -3.23 -36.44
N PHE A 178 -31.64 -3.72 -37.61
CA PHE A 178 -31.77 -2.87 -38.77
C PHE A 178 -32.96 -3.37 -39.60
N VAL A 179 -33.90 -2.48 -39.86
CA VAL A 179 -35.11 -2.84 -40.58
C VAL A 179 -35.19 -2.01 -41.86
N LEU A 180 -35.58 -2.68 -42.96
CA LEU A 180 -35.74 -2.03 -44.24
C LEU A 180 -37.18 -2.21 -44.69
N HIS A 181 -37.80 -1.09 -45.05
CA HIS A 181 -39.08 -1.08 -45.72
C HIS A 181 -38.88 -0.66 -47.18
N PHE A 182 -39.43 -1.45 -48.10
CA PHE A 182 -39.30 -1.22 -49.54
C PHE A 182 -40.62 -0.74 -50.11
N GLU A 183 -40.58 0.30 -50.93
CA GLU A 183 -41.80 0.74 -51.62
C GLU A 183 -42.25 -0.29 -52.64
N GLN A 184 -41.32 -0.86 -53.42
CA GLN A 184 -41.67 -1.90 -54.35
C GLN A 184 -41.40 -3.22 -53.66
N PRO A 185 -42.33 -4.20 -53.76
CA PRO A 185 -42.22 -5.44 -52.98
C PRO A 185 -41.06 -6.34 -53.44
N LEU A 186 -40.58 -7.18 -52.52
CA LEU A 186 -39.66 -8.26 -52.88
C LEU A 186 -40.38 -9.22 -53.83
N THR A 187 -39.66 -9.70 -54.85
CA THR A 187 -40.26 -10.61 -55.81
C THR A 187 -39.77 -12.03 -55.54
N LYS A 188 -38.87 -12.19 -54.57
CA LYS A 188 -38.49 -13.51 -54.07
C LYS A 188 -38.52 -13.47 -52.54
N TRP A 189 -39.30 -14.38 -51.95
CA TRP A 189 -39.49 -14.42 -50.52
C TRP A 189 -38.48 -15.37 -49.92
N PHE A 190 -38.14 -15.18 -48.65
CA PHE A 190 -37.17 -16.07 -48.00
C PHE A 190 -37.60 -16.38 -46.57
N ALA A 191 -37.06 -17.51 -46.07
CA ALA A 191 -37.28 -17.99 -44.72
C ALA A 191 -36.22 -17.42 -43.77
N PRO A 192 -36.50 -17.39 -42.45
CA PRO A 192 -35.53 -16.95 -41.45
C PRO A 192 -34.23 -17.73 -41.57
N SER A 193 -33.13 -17.03 -41.35
CA SER A 193 -31.85 -17.72 -41.30
C SER A 193 -30.88 -16.98 -40.39
N SER A 194 -29.79 -17.68 -40.05
CA SER A 194 -28.72 -16.97 -39.37
C SER A 194 -27.38 -17.60 -39.77
N GLY A 195 -26.29 -16.93 -39.43
CA GLY A 195 -24.98 -17.44 -39.78
C GLY A 195 -23.91 -16.41 -39.42
N GLU A 196 -22.79 -16.44 -40.13
CA GLU A 196 -21.69 -15.50 -39.98
C GLU A 196 -21.35 -14.96 -41.35
N ASP A 197 -21.08 -13.65 -41.42
CA ASP A 197 -20.64 -12.98 -42.64
C ASP A 197 -21.64 -13.26 -43.77
N GLY A 198 -22.85 -12.74 -43.60
CA GLY A 198 -23.93 -13.01 -44.53
C GLY A 198 -23.87 -12.05 -45.73
N LYS A 199 -24.44 -12.54 -46.83
CA LYS A 199 -24.55 -11.78 -48.06
C LYS A 199 -25.95 -12.11 -48.58
N ILE A 200 -26.87 -11.15 -48.50
CA ILE A 200 -28.26 -11.40 -48.80
C ILE A 200 -28.67 -10.52 -49.98
N LEU A 201 -28.95 -11.17 -51.11
CA LEU A 201 -29.39 -10.46 -52.31
C LEU A 201 -30.91 -10.40 -52.32
N LEU A 202 -31.48 -9.21 -52.09
CA LEU A 202 -32.91 -9.01 -52.15
C LEU A 202 -33.29 -8.64 -53.59
N SER A 203 -34.39 -9.22 -54.10
CA SER A 203 -34.76 -9.02 -55.50
C SER A 203 -36.08 -8.27 -55.61
N PHE A 204 -36.15 -7.40 -56.64
CA PHE A 204 -37.31 -6.55 -56.81
C PHE A 204 -37.79 -6.62 -58.25
N GLY A 205 -37.16 -7.47 -59.07
CA GLY A 205 -37.67 -7.62 -60.43
C GLY A 205 -37.22 -6.46 -61.34
N ASN A 206 -38.11 -6.03 -62.20
CA ASN A 206 -37.74 -5.08 -63.24
C ASN A 206 -38.28 -3.68 -62.91
N ILE A 207 -38.15 -3.20 -61.68
CA ILE A 207 -38.67 -1.86 -61.38
C ILE A 207 -37.63 -0.80 -61.77
N ALA A 208 -38.10 0.41 -62.09
CA ALA A 208 -37.23 1.52 -62.47
C ALA A 208 -36.65 2.17 -61.23
N GLN A 209 -37.39 2.14 -60.12
CA GLN A 209 -36.95 2.83 -58.92
C GLN A 209 -37.40 2.07 -57.67
N GLN A 210 -36.46 1.91 -56.74
CA GLN A 210 -36.79 1.42 -55.40
C GLN A 210 -36.60 2.56 -54.41
N VAL A 211 -37.43 2.61 -53.39
CA VAL A 211 -37.23 3.55 -52.31
C VAL A 211 -37.17 2.74 -51.02
N VAL A 212 -36.04 2.83 -50.32
CA VAL A 212 -35.84 2.05 -49.11
C VAL A 212 -35.89 3.00 -47.91
N HIS A 213 -36.88 2.82 -47.02
CA HIS A 213 -36.89 3.49 -45.74
C HIS A 213 -36.28 2.53 -44.73
N PHE A 214 -35.24 2.97 -44.02
CA PHE A 214 -34.59 2.06 -43.10
C PHE A 214 -34.46 2.72 -41.73
N SER A 215 -34.36 1.88 -40.71
CA SER A 215 -34.11 2.40 -39.37
C SER A 215 -33.36 1.34 -38.58
N SER A 216 -33.05 1.64 -37.32
CA SER A 216 -32.14 0.76 -36.61
C SER A 216 -32.34 0.94 -35.11
N SER A 217 -31.67 0.08 -34.34
CA SER A 217 -31.82 0.13 -32.90
C SER A 217 -30.67 -0.66 -32.26
N PHE A 218 -30.26 -0.22 -31.07
CA PHE A 218 -29.44 -1.06 -30.23
C PHE A 218 -30.28 -1.73 -29.12
N ILE A 219 -31.60 -1.53 -29.18
CA ILE A 219 -32.51 -2.04 -28.15
C ILE A 219 -33.09 -3.39 -28.60
N SER A 220 -33.85 -3.41 -29.69
CA SER A 220 -34.50 -4.62 -30.14
C SER A 220 -35.06 -4.40 -31.55
N GLU A 221 -35.49 -5.49 -32.21
CA GLU A 221 -36.16 -5.39 -33.49
C GLU A 221 -37.42 -4.52 -33.39
N LYS A 222 -38.15 -4.68 -32.29
CA LYS A 222 -39.40 -3.94 -32.10
C LYS A 222 -39.13 -2.44 -31.96
N GLN A 223 -38.08 -2.07 -31.22
CA GLN A 223 -37.72 -0.66 -31.11
C GLN A 223 -37.29 -0.11 -32.48
N ALA A 224 -36.61 -0.92 -33.30
CA ALA A 224 -36.21 -0.50 -34.64
C ALA A 224 -37.46 -0.21 -35.48
N GLN A 225 -38.50 -1.04 -35.35
CA GLN A 225 -39.72 -0.81 -36.10
C GLN A 225 -40.43 0.47 -35.63
N LEU A 226 -40.34 0.76 -34.32
CA LEU A 226 -40.92 2.00 -33.79
C LEU A 226 -40.16 3.21 -34.32
N ASN A 227 -38.82 3.10 -34.33
CA ASN A 227 -37.97 4.15 -34.90
C ASN A 227 -38.37 4.41 -36.35
N LEU A 228 -38.62 3.33 -37.10
CA LEU A 228 -38.99 3.43 -38.52
C LEU A 228 -40.37 4.08 -38.67
N ALA A 229 -41.34 3.59 -37.87
CA ALA A 229 -42.73 4.02 -37.95
C ALA A 229 -42.84 5.54 -37.81
N ARG A 230 -42.00 6.13 -36.94
CA ARG A 230 -42.03 7.57 -36.74
C ARG A 230 -41.57 8.36 -37.98
N GLU A 231 -40.99 7.73 -39.01
CA GLU A 231 -40.63 8.54 -40.17
C GLU A 231 -40.98 7.87 -41.49
N ILE A 232 -41.73 6.77 -41.43
CA ILE A 232 -42.00 5.94 -42.59
C ILE A 232 -42.72 6.75 -43.68
N SER A 233 -43.42 7.81 -43.30
CA SER A 233 -44.21 8.54 -44.28
C SER A 233 -43.44 9.70 -44.92
N LEU A 234 -42.22 10.04 -44.43
CA LEU A 234 -41.49 11.14 -45.04
C LEU A 234 -41.08 10.75 -46.46
N ARG A 235 -41.23 11.66 -47.42
CA ARG A 235 -40.52 11.55 -48.68
C ARG A 235 -39.04 11.89 -48.49
N SER A 236 -38.18 11.42 -49.42
CA SER A 236 -36.75 11.72 -49.35
C SER A 236 -36.52 13.24 -49.27
N THR A 237 -37.29 14.01 -50.04
CA THR A 237 -37.16 15.46 -50.07
CA THR A 237 -37.10 15.46 -50.06
C THR A 237 -37.43 16.08 -48.69
N GLU A 238 -38.39 15.51 -47.96
CA GLU A 238 -38.76 16.06 -46.65
C GLU A 238 -37.68 15.69 -45.63
N MET A 239 -37.16 14.47 -45.75
CA MET A 239 -36.12 14.05 -44.81
C MET A 239 -34.87 14.90 -45.02
N LEU A 240 -34.57 15.22 -46.29
CA LEU A 240 -33.43 16.06 -46.64
C LEU A 240 -33.61 17.44 -46.01
N GLN A 241 -34.81 18.03 -46.17
CA GLN A 241 -35.11 19.33 -45.59
C GLN A 241 -34.94 19.34 -44.08
N GLN A 242 -35.43 18.29 -43.39
CA GLN A 242 -35.25 18.25 -41.95
C GLN A 242 -33.77 18.15 -41.57
N GLY A 243 -33.02 17.36 -42.35
CA GLY A 243 -31.60 17.17 -42.06
C GLY A 243 -30.83 18.48 -42.21
N ILE A 244 -31.17 19.24 -43.25
CA ILE A 244 -30.56 20.53 -43.49
C ILE A 244 -30.91 21.46 -42.34
N ALA A 245 -32.17 21.45 -41.90
CA ALA A 245 -32.60 22.30 -40.77
C ALA A 245 -31.86 21.88 -39.50
N ASP A 246 -31.62 20.58 -39.32
CA ASP A 246 -30.88 20.12 -38.15
C ASP A 246 -29.46 20.68 -38.15
N TRP A 247 -28.80 20.69 -39.30
CA TRP A 247 -27.44 21.21 -39.37
C TRP A 247 -27.45 22.73 -39.20
N HIS A 248 -28.41 23.42 -39.83
CA HIS A 248 -28.49 24.87 -39.76
C HIS A 248 -28.72 25.33 -38.32
N ASN A 249 -29.40 24.50 -37.54
CA ASN A 249 -29.58 24.72 -36.11
C ASN A 249 -28.25 25.05 -35.43
N TYR A 250 -27.20 24.27 -35.74
CA TYR A 250 -25.87 24.48 -35.18
C TYR A 250 -25.09 25.51 -36.00
N PHE A 251 -25.16 25.46 -37.34
CA PHE A 251 -24.37 26.38 -38.15
C PHE A 251 -24.76 27.82 -37.85
N ASP A 252 -26.07 28.08 -37.64
CA ASP A 252 -26.54 29.43 -37.39
C ASP A 252 -25.99 30.00 -36.09
N ARG A 253 -25.35 29.19 -35.26
CA ARG A 253 -24.86 29.72 -33.98
C ARG A 253 -23.50 30.40 -34.16
N LEU A 254 -22.86 30.22 -35.31
CA LEU A 254 -21.55 30.81 -35.60
C LEU A 254 -21.55 31.27 -37.05
N LYS A 255 -21.94 32.54 -37.27
CA LYS A 255 -21.97 33.13 -38.60
C LYS A 255 -20.73 33.99 -38.76
N VAL A 256 -19.78 33.59 -39.64
CA VAL A 256 -18.48 34.24 -39.66
C VAL A 256 -18.17 34.67 -41.09
N THR A 257 -17.33 35.69 -41.23
CA THR A 257 -16.76 36.05 -42.51
C THR A 257 -15.26 36.26 -42.33
N HIS A 258 -14.54 36.25 -43.45
CA HIS A 258 -13.09 36.39 -43.50
C HIS A 258 -12.76 37.28 -44.69
N GLU A 259 -11.54 37.83 -44.72
CA GLU A 259 -11.11 38.46 -45.95
C GLU A 259 -11.05 37.42 -47.08
N ASN A 260 -10.49 36.24 -46.80
CA ASN A 260 -10.32 35.22 -47.82
C ASN A 260 -11.45 34.19 -47.72
N PRO A 261 -12.33 34.03 -48.73
CA PRO A 261 -13.42 33.04 -48.68
C PRO A 261 -12.97 31.59 -48.53
N GLU A 262 -11.70 31.26 -48.82
CA GLU A 262 -11.22 29.92 -48.59
C GLU A 262 -11.16 29.63 -47.08
N HIS A 263 -10.87 30.65 -46.27
CA HIS A 263 -10.85 30.46 -44.83
C HIS A 263 -12.26 30.17 -44.32
N THR A 264 -13.26 30.83 -44.92
CA THR A 264 -14.65 30.60 -44.51
C THR A 264 -15.04 29.17 -44.84
N LYS A 265 -14.65 28.70 -46.02
CA LYS A 265 -14.87 27.31 -46.44
C LYS A 265 -14.25 26.35 -45.42
N THR A 266 -13.01 26.63 -45.02
CA THR A 266 -12.35 25.76 -44.04
C THR A 266 -13.14 25.77 -42.73
N PHE A 267 -13.53 26.98 -42.28
CA PHE A 267 -14.24 27.12 -41.02
C PHE A 267 -15.46 26.20 -40.97
N TYR A 268 -16.29 26.24 -42.02
CA TYR A 268 -17.55 25.51 -42.04
C TYR A 268 -17.34 23.99 -42.22
N HIS A 269 -16.27 23.57 -42.93
CA HIS A 269 -15.93 22.16 -42.94
C HIS A 269 -15.53 21.68 -41.54
N THR A 270 -14.71 22.47 -40.82
CA THR A 270 -14.38 22.06 -39.46
C THR A 270 -15.62 22.10 -38.55
N LEU A 271 -16.56 23.00 -38.83
CA LEU A 271 -17.74 23.11 -37.99
C LEU A 271 -18.64 21.89 -38.18
N TYR A 272 -18.77 21.43 -39.42
CA TYR A 272 -19.46 20.18 -39.68
C TYR A 272 -18.87 19.07 -38.80
N ARG A 273 -17.54 19.02 -38.71
CA ARG A 273 -16.91 17.92 -37.99
C ARG A 273 -16.95 18.14 -36.47
N THR A 274 -17.45 19.29 -36.01
CA THR A 274 -17.58 19.58 -34.60
C THR A 274 -18.91 19.09 -34.02
N PHE A 275 -19.91 18.80 -34.88
CA PHE A 275 -21.22 18.41 -34.38
C PHE A 275 -21.58 16.97 -34.75
N LEU A 276 -20.57 16.11 -34.93
CA LEU A 276 -20.77 14.69 -35.19
C LEU A 276 -20.70 13.89 -33.91
N PHE A 277 -19.68 14.13 -33.06
CA PHE A 277 -19.36 13.30 -31.92
C PHE A 277 -19.53 14.11 -30.64
N PRO A 278 -19.90 13.46 -29.53
CA PRO A 278 -20.12 12.02 -29.43
C PRO A 278 -21.46 11.66 -30.06
N GLN A 279 -21.57 10.44 -30.61
CA GLN A 279 -22.82 10.03 -31.25
C GLN A 279 -23.87 9.73 -30.19
N THR A 280 -25.11 10.10 -30.50
CA THR A 280 -26.30 9.70 -29.77
C THR A 280 -26.30 8.18 -29.62
N PHE A 281 -26.46 7.70 -28.37
CA PHE A 281 -26.45 6.28 -28.10
C PHE A 281 -27.64 5.90 -27.21
N TYR A 282 -28.80 6.52 -27.48
CA TYR A 282 -30.04 6.21 -26.82
C TYR A 282 -31.17 6.43 -27.82
N GLU A 283 -32.31 5.78 -27.56
CA GLU A 283 -33.51 5.87 -28.36
C GLU A 283 -34.68 6.33 -27.49
N LEU A 284 -35.81 6.63 -28.15
CA LEU A 284 -37.01 7.09 -27.49
C LEU A 284 -38.05 5.96 -27.49
N ASP A 285 -38.44 5.51 -26.28
CA ASP A 285 -39.35 4.39 -26.15
C ASP A 285 -40.77 4.81 -26.54
N GLU A 286 -41.75 3.92 -26.31
CA GLU A 286 -43.12 4.14 -26.74
CA GLU A 286 -43.11 4.17 -26.77
C GLU A 286 -43.70 5.37 -26.03
N ASN A 287 -43.15 5.75 -24.87
CA ASN A 287 -43.63 6.94 -24.18
C ASN A 287 -42.74 8.15 -24.44
N GLN A 288 -41.90 8.09 -25.48
CA GLN A 288 -40.98 9.16 -25.83
C GLN A 288 -39.92 9.37 -24.75
N GLN A 289 -39.63 8.36 -23.92
CA GLN A 289 -38.60 8.50 -22.91
C GLN A 289 -37.30 7.86 -23.40
N PRO A 290 -36.15 8.42 -23.02
CA PRO A 290 -34.85 7.85 -23.36
C PRO A 290 -34.60 6.46 -22.78
N ILE A 291 -34.16 5.53 -23.63
CA ILE A 291 -33.65 4.24 -23.21
C ILE A 291 -32.37 3.94 -23.95
N HIS A 292 -31.53 3.07 -23.38
CA HIS A 292 -30.29 2.71 -24.03
C HIS A 292 -29.92 1.28 -23.64
N TYR A 293 -28.91 0.76 -24.35
CA TYR A 293 -28.33 -0.53 -24.04
C TYR A 293 -27.10 -0.37 -23.16
N ASP A 294 -27.10 -1.14 -22.06
CA ASP A 294 -26.00 -1.19 -21.11
C ASP A 294 -25.22 -2.47 -21.41
N THR A 295 -24.01 -2.33 -21.97
CA THR A 295 -23.28 -3.49 -22.42
C THR A 295 -22.66 -4.22 -21.22
N PHE A 296 -22.52 -3.50 -20.10
CA PHE A 296 -21.83 -4.06 -18.95
C PHE A 296 -22.69 -5.14 -18.29
N SER A 297 -24.00 -4.89 -18.13
CA SER A 297 -24.86 -5.91 -17.55
C SER A 297 -25.72 -6.56 -18.63
N GLN A 298 -25.57 -6.09 -19.89
CA GLN A 298 -26.28 -6.65 -21.03
C GLN A 298 -27.78 -6.46 -20.93
N THR A 299 -28.22 -5.24 -20.61
CA THR A 299 -29.63 -5.00 -20.40
C THR A 299 -30.02 -3.66 -20.99
N VAL A 300 -31.33 -3.49 -21.20
CA VAL A 300 -31.87 -2.21 -21.64
C VAL A 300 -32.19 -1.40 -20.39
N ARG A 301 -31.75 -0.13 -20.32
CA ARG A 301 -32.06 0.71 -19.17
C ARG A 301 -32.60 2.07 -19.61
N PRO A 302 -33.42 2.77 -18.78
CA PRO A 302 -33.86 4.13 -19.08
C PRO A 302 -32.70 5.11 -18.95
N GLY A 303 -32.83 6.24 -19.65
CA GLY A 303 -31.84 7.32 -19.56
C GLY A 303 -31.06 7.51 -20.85
N VAL A 304 -30.37 8.64 -20.97
CA VAL A 304 -29.54 8.99 -22.12
C VAL A 304 -28.17 8.32 -21.97
N LEU A 305 -27.53 8.12 -23.14
CA LEU A 305 -26.17 7.62 -23.24
C LEU A 305 -25.59 8.14 -24.57
N TYR A 306 -24.28 8.42 -24.59
CA TYR A 306 -23.57 8.88 -25.77
C TYR A 306 -22.35 7.97 -25.97
N THR A 307 -21.87 7.86 -27.21
CA THR A 307 -20.72 6.99 -27.47
C THR A 307 -19.72 7.66 -28.44
N ASN A 308 -18.59 6.97 -28.70
CA ASN A 308 -17.62 7.41 -29.70
C ASN A 308 -16.93 8.70 -29.25
N ASN A 309 -16.19 8.60 -28.13
CA ASN A 309 -15.47 9.76 -27.62
C ASN A 309 -14.29 9.29 -26.80
N GLY A 310 -13.09 9.80 -27.13
CA GLY A 310 -11.95 9.63 -26.26
C GLY A 310 -11.66 10.98 -25.59
N PHE A 311 -11.91 11.06 -24.28
CA PHE A 311 -11.84 12.34 -23.57
C PHE A 311 -10.43 12.94 -23.60
N TRP A 312 -9.40 12.07 -23.69
CA TRP A 312 -8.03 12.51 -23.82
C TRP A 312 -7.91 13.51 -24.98
N ASP A 313 -8.73 13.32 -26.03
CA ASP A 313 -8.75 14.20 -27.18
C ASP A 313 -9.76 15.32 -26.97
N THR A 314 -10.98 14.95 -26.55
CA THR A 314 -12.11 15.84 -26.76
C THR A 314 -12.23 16.88 -25.63
N TYR A 315 -11.62 16.63 -24.47
CA TYR A 315 -11.76 17.56 -23.35
C TYR A 315 -11.12 18.91 -23.68
N LYS A 316 -10.14 18.89 -24.59
CA LYS A 316 -9.31 20.04 -24.90
C LYS A 316 -10.12 21.20 -25.48
N THR A 317 -11.09 20.89 -26.34
CA THR A 317 -11.66 21.90 -27.22
C THR A 317 -13.18 21.69 -27.41
N VAL A 318 -13.64 20.44 -27.53
CA VAL A 318 -15.02 20.17 -27.92
C VAL A 318 -15.99 20.65 -26.83
N TYR A 319 -15.80 20.16 -25.59
CA TYR A 319 -16.72 20.49 -24.52
C TYR A 319 -16.66 21.98 -24.18
N PRO A 320 -15.46 22.61 -24.06
CA PRO A 320 -15.40 24.06 -23.87
C PRO A 320 -16.16 24.83 -24.96
N LEU A 321 -16.12 24.36 -26.23
CA LEU A 321 -16.92 25.03 -27.24
C LEU A 321 -18.42 24.84 -26.97
N PHE A 322 -18.81 23.61 -26.62
CA PHE A 322 -20.22 23.36 -26.31
C PHE A 322 -20.65 24.22 -25.13
N SER A 323 -19.72 24.48 -24.19
CA SER A 323 -20.06 25.31 -23.04
C SER A 323 -20.50 26.71 -23.47
N LEU A 324 -20.12 27.16 -24.67
CA LEU A 324 -20.48 28.50 -25.14
C LEU A 324 -21.76 28.45 -25.99
N ILE A 325 -21.86 27.49 -26.92
CA ILE A 325 -22.88 27.55 -27.96
C ILE A 325 -23.78 26.31 -28.03
N ALA A 326 -23.50 25.26 -27.25
CA ALA A 326 -24.38 24.09 -27.30
C ALA A 326 -24.53 23.50 -25.90
N GLN A 327 -24.94 24.32 -24.95
CA GLN A 327 -24.98 23.89 -23.57
C GLN A 327 -26.06 22.81 -23.34
N GLU A 328 -27.15 22.86 -24.11
CA GLU A 328 -28.20 21.87 -24.01
C GLU A 328 -27.64 20.48 -24.35
N LYS A 329 -26.68 20.43 -25.29
CA LYS A 329 -26.08 19.15 -25.65
C LYS A 329 -25.14 18.71 -24.53
N TYR A 330 -24.27 19.63 -24.06
CA TYR A 330 -23.37 19.37 -22.95
C TYR A 330 -24.14 18.76 -21.77
N GLU A 331 -25.27 19.37 -21.43
CA GLU A 331 -26.09 18.97 -20.28
C GLU A 331 -26.52 17.51 -20.40
N GLU A 332 -26.93 17.12 -21.59
CA GLU A 332 -27.45 15.77 -21.82
C GLU A 332 -26.28 14.79 -21.90
N MET A 333 -25.13 15.23 -22.44
CA MET A 333 -23.97 14.36 -22.53
C MET A 333 -23.43 14.02 -21.14
N LEU A 334 -23.42 15.01 -20.23
CA LEU A 334 -22.91 14.78 -18.88
C LEU A 334 -23.78 13.74 -18.19
N GLU A 335 -25.09 13.82 -18.42
CA GLU A 335 -26.02 12.85 -17.87
C GLU A 335 -25.65 11.44 -18.35
N GLY A 336 -25.32 11.32 -19.65
CA GLY A 336 -24.94 10.05 -20.25
C GLY A 336 -23.68 9.50 -19.60
N PHE A 337 -22.67 10.37 -19.37
CA PHE A 337 -21.39 9.96 -18.83
C PHE A 337 -21.57 9.46 -17.39
N LEU A 338 -22.48 10.09 -16.65
CA LEU A 338 -22.81 9.65 -15.28
C LEU A 338 -23.51 8.29 -15.32
N ASN A 339 -24.42 8.08 -16.28
CA ASN A 339 -24.99 6.76 -16.53
C ASN A 339 -23.89 5.73 -16.81
N SER A 340 -22.86 6.08 -17.60
CA SER A 340 -21.77 5.15 -17.84
C SER A 340 -21.12 4.74 -16.52
N TYR A 341 -20.93 5.74 -15.64
CA TYR A 341 -20.30 5.48 -14.35
C TYR A 341 -21.21 4.56 -13.52
N ASN A 342 -22.50 4.86 -13.50
CA ASN A 342 -23.43 4.08 -12.70
C ASN A 342 -23.41 2.63 -13.21
N GLU A 343 -23.17 2.41 -14.51
CA GLU A 343 -23.35 1.08 -15.07
C GLU A 343 -22.08 0.25 -14.95
N THR A 344 -20.93 0.91 -14.76
CA THR A 344 -19.68 0.18 -14.89
C THR A 344 -18.82 0.36 -13.64
N GLY A 345 -19.07 1.42 -12.86
CA GLY A 345 -18.23 1.63 -11.68
C GLY A 345 -17.14 2.69 -11.87
N PHE A 346 -16.85 3.12 -13.12
CA PHE A 346 -15.82 4.12 -13.34
C PHE A 346 -16.26 5.10 -14.44
N LEU A 347 -15.86 6.37 -14.30
CA LEU A 347 -16.12 7.34 -15.34
C LEU A 347 -15.39 6.91 -16.62
N PRO A 348 -16.01 7.06 -17.80
CA PRO A 348 -15.41 6.52 -19.04
C PRO A 348 -14.16 7.27 -19.51
N LYS A 349 -13.27 6.55 -20.22
CA LYS A 349 -12.07 7.08 -20.85
C LYS A 349 -12.25 7.15 -22.38
N TRP A 350 -12.66 6.03 -22.99
CA TRP A 350 -12.78 5.95 -24.44
C TRP A 350 -13.97 5.06 -24.76
N LEU A 351 -15.12 5.65 -25.10
CA LEU A 351 -16.32 4.88 -25.41
C LEU A 351 -16.41 4.52 -26.90
N SER A 352 -16.45 3.22 -27.26
CA SER A 352 -16.67 2.80 -28.64
C SER A 352 -16.93 1.30 -28.77
N PRO A 353 -18.16 0.82 -28.46
CA PRO A 353 -19.30 1.61 -28.00
C PRO A 353 -19.27 1.85 -26.50
N ASP A 354 -18.47 1.06 -25.78
CA ASP A 354 -18.36 1.12 -24.33
C ASP A 354 -16.88 1.28 -24.01
N GLU A 355 -16.48 1.02 -22.77
CA GLU A 355 -15.14 1.39 -22.36
C GLU A 355 -14.09 0.56 -23.10
N ARG A 356 -13.19 1.23 -23.83
CA ARG A 356 -12.14 0.57 -24.58
C ARG A 356 -10.82 0.76 -23.85
N GLY A 357 -10.74 1.74 -22.94
CA GLY A 357 -9.58 1.85 -22.07
C GLY A 357 -8.32 2.48 -22.68
N LEU A 358 -8.42 3.11 -23.86
CA LEU A 358 -7.20 3.53 -24.56
C LEU A 358 -6.80 4.94 -24.13
N MET A 359 -5.48 5.20 -24.23
CA MET A 359 -4.83 6.48 -23.96
C MET A 359 -4.63 6.63 -22.45
N PRO A 360 -3.59 7.39 -22.02
CA PRO A 360 -3.39 7.69 -20.60
C PRO A 360 -4.54 8.53 -20.04
N GLY A 361 -4.70 8.53 -18.70
CA GLY A 361 -5.45 9.57 -18.01
C GLY A 361 -6.97 9.39 -17.97
N THR A 362 -7.61 10.20 -17.12
CA THR A 362 -9.06 10.22 -16.98
C THR A 362 -9.56 11.63 -17.23
N LEU A 363 -9.41 12.09 -18.48
CA LEU A 363 -9.64 13.49 -18.80
C LEU A 363 -11.14 13.83 -18.79
N ILE A 364 -12.04 12.84 -18.62
CA ILE A 364 -13.44 13.15 -18.35
C ILE A 364 -13.52 14.09 -17.13
N ASP A 365 -12.54 13.96 -16.21
CA ASP A 365 -12.48 14.81 -15.03
C ASP A 365 -12.47 16.28 -15.42
N ALA A 366 -11.78 16.60 -16.53
CA ALA A 366 -11.72 17.98 -17.01
C ALA A 366 -13.05 18.41 -17.62
N VAL A 367 -13.73 17.49 -18.31
CA VAL A 367 -15.06 17.81 -18.83
C VAL A 367 -16.01 18.14 -17.67
N ILE A 368 -15.88 17.39 -16.56
CA ILE A 368 -16.76 17.59 -15.41
C ILE A 368 -16.41 18.89 -14.70
N ALA A 369 -15.11 19.10 -14.43
CA ALA A 369 -14.67 20.31 -13.73
C ALA A 369 -15.04 21.57 -14.50
N ASP A 370 -14.85 21.54 -15.82
CA ASP A 370 -15.18 22.70 -16.64
C ASP A 370 -16.67 23.00 -16.53
N ALA A 371 -17.51 21.96 -16.60
CA ALA A 371 -18.94 22.15 -16.42
C ALA A 371 -19.24 22.72 -15.03
N ALA A 372 -18.58 22.19 -14.00
CA ALA A 372 -18.84 22.66 -12.63
C ALA A 372 -18.57 24.15 -12.51
N VAL A 373 -17.38 24.60 -12.93
CA VAL A 373 -17.06 26.00 -12.72
C VAL A 373 -17.90 26.89 -13.63
N LYS A 374 -18.55 26.33 -14.65
CA LYS A 374 -19.37 27.14 -15.54
C LYS A 374 -20.85 26.99 -15.18
N LYS A 375 -21.13 26.27 -14.09
CA LYS A 375 -22.50 26.06 -13.60
C LYS A 375 -23.33 25.32 -14.64
N ILE A 376 -22.75 24.28 -15.26
CA ILE A 376 -23.51 23.40 -16.14
C ILE A 376 -23.77 22.11 -15.37
N ARG A 377 -25.05 21.72 -15.26
CA ARG A 377 -25.49 20.56 -14.47
C ARG A 377 -24.95 20.60 -13.03
N PRO A 378 -25.15 21.70 -12.26
CA PRO A 378 -24.73 21.72 -10.85
C PRO A 378 -25.45 20.62 -10.05
N ASP A 379 -26.65 20.23 -10.48
CA ASP A 379 -27.40 19.14 -9.87
C ASP A 379 -26.63 17.81 -9.91
N LEU A 380 -25.77 17.57 -10.92
CA LEU A 380 -25.09 16.28 -10.98
C LEU A 380 -23.73 16.30 -10.27
N MET A 381 -23.29 17.49 -9.83
CA MET A 381 -21.92 17.60 -9.37
C MET A 381 -21.61 16.75 -8.12
N PRO A 382 -22.52 16.67 -7.10
CA PRO A 382 -22.26 15.77 -5.97
C PRO A 382 -21.96 14.34 -6.40
N GLN A 383 -22.78 13.81 -7.31
CA GLN A 383 -22.53 12.46 -7.82
C GLN A 383 -21.21 12.38 -8.60
N PHE A 384 -20.90 13.40 -9.43
CA PHE A 384 -19.63 13.38 -10.15
C PHE A 384 -18.44 13.39 -9.16
N LEU A 385 -18.52 14.21 -8.11
CA LEU A 385 -17.38 14.26 -7.18
C LEU A 385 -17.10 12.88 -6.59
N GLU A 386 -18.15 12.15 -6.21
CA GLU A 386 -18.00 10.81 -5.70
C GLU A 386 -17.33 9.87 -6.72
N ALA A 387 -17.79 9.95 -7.99
CA ALA A 387 -17.24 9.13 -9.08
C ALA A 387 -15.77 9.47 -9.33
N MET A 388 -15.42 10.76 -9.28
CA MET A 388 -14.03 11.16 -9.54
C MET A 388 -13.12 10.68 -8.40
N LYS A 389 -13.60 10.83 -7.15
CA LYS A 389 -12.84 10.40 -5.99
C LYS A 389 -12.61 8.89 -6.04
N LYS A 390 -13.62 8.12 -6.47
CA LYS A 390 -13.43 6.68 -6.64
C LYS A 390 -12.30 6.41 -7.64
N GLY A 391 -12.35 7.05 -8.81
CA GLY A 391 -11.32 6.88 -9.82
C GLY A 391 -9.92 7.20 -9.31
N ALA A 392 -9.83 8.20 -8.42
CA ALA A 392 -8.54 8.63 -7.90
C ALA A 392 -8.04 7.76 -6.73
N THR A 393 -8.89 6.87 -6.19
CA THR A 393 -8.51 6.17 -4.96
C THR A 393 -8.61 4.66 -5.09
N GLN A 394 -9.33 4.16 -6.12
CA GLN A 394 -9.48 2.71 -6.26
C GLN A 394 -8.92 2.24 -7.60
N GLN A 395 -8.16 1.14 -7.56
CA GLN A 395 -7.65 0.46 -8.73
C GLN A 395 -8.72 -0.53 -9.19
N SER A 396 -9.20 -0.36 -10.42
CA SER A 396 -10.10 -1.35 -11.02
C SER A 396 -9.35 -2.67 -11.17
N GLU A 397 -10.08 -3.77 -11.04
CA GLU A 397 -9.48 -5.06 -11.37
C GLU A 397 -9.57 -5.30 -12.88
N ARG A 398 -10.53 -4.65 -13.58
CA ARG A 398 -10.59 -4.69 -15.02
C ARG A 398 -9.67 -3.63 -15.60
N GLU A 399 -8.82 -4.02 -16.54
CA GLU A 399 -7.69 -3.17 -16.88
C GLU A 399 -8.09 -1.97 -17.77
N ASN A 400 -9.31 -1.94 -18.31
CA ASN A 400 -9.71 -0.84 -19.18
C ASN A 400 -10.34 0.33 -18.42
N TYR A 401 -10.51 0.20 -17.10
CA TYR A 401 -11.29 1.21 -16.38
C TYR A 401 -10.40 1.99 -15.41
N GLY A 402 -10.70 3.29 -15.24
CA GLY A 402 -10.10 4.10 -14.20
C GLY A 402 -8.63 4.37 -14.46
N ARG A 403 -7.89 4.75 -13.42
CA ARG A 403 -6.47 5.02 -13.52
C ARG A 403 -5.74 3.68 -13.51
N GLN A 404 -4.64 3.59 -14.25
CA GLN A 404 -3.75 2.43 -14.07
C GLN A 404 -2.62 2.87 -13.14
N GLY A 405 -2.25 2.01 -12.18
CA GLY A 405 -1.23 2.44 -11.23
C GLY A 405 -1.74 3.47 -10.22
N THR A 406 -3.05 3.45 -9.94
CA THR A 406 -3.68 4.30 -8.94
C THR A 406 -2.90 4.22 -7.64
N LEU A 407 -2.60 3.00 -7.19
CA LEU A 407 -2.04 2.81 -5.85
C LEU A 407 -0.58 3.27 -5.85
N ASP A 408 0.15 3.01 -6.94
CA ASP A 408 1.54 3.44 -7.01
C ASP A 408 1.65 4.95 -7.02
N TYR A 409 0.68 5.61 -7.67
CA TYR A 409 0.65 7.06 -7.73
C TYR A 409 0.52 7.63 -6.33
N LEU A 410 -0.37 7.02 -5.53
CA LEU A 410 -0.59 7.44 -4.15
C LEU A 410 0.63 7.11 -3.27
N LYS A 411 1.30 5.98 -3.55
CA LYS A 411 2.46 5.58 -2.77
C LYS A 411 3.65 6.49 -3.07
N TYR A 412 3.93 6.81 -4.35
CA TYR A 412 5.16 7.51 -4.69
C TYR A 412 4.99 9.00 -4.99
N GLY A 413 3.77 9.46 -5.30
CA GLY A 413 3.54 10.83 -5.79
C GLY A 413 3.71 10.95 -7.32
N TYR A 414 3.96 9.81 -8.00
CA TYR A 414 4.06 9.72 -9.44
C TYR A 414 3.86 8.26 -9.85
N VAL A 415 3.55 8.03 -11.13
CA VAL A 415 3.56 6.69 -11.68
C VAL A 415 5.00 6.33 -12.05
N PRO A 416 5.60 5.31 -11.43
CA PRO A 416 7.01 4.99 -11.68
C PRO A 416 7.29 4.42 -13.08
N SER A 417 8.59 4.40 -13.43
CA SER A 417 9.04 4.18 -14.80
C SER A 417 8.86 2.73 -15.22
N THR A 418 8.36 1.88 -14.33
CA THR A 418 8.06 0.51 -14.73
C THR A 418 6.78 0.46 -15.57
N TYR A 419 5.90 1.46 -15.43
CA TYR A 419 4.73 1.54 -16.29
C TYR A 419 5.06 2.22 -17.61
N HIS A 420 4.37 1.78 -18.67
CA HIS A 420 4.43 2.39 -19.99
C HIS A 420 3.88 3.82 -19.90
N GLU A 421 4.55 4.78 -20.55
CA GLU A 421 4.05 6.14 -20.70
C GLU A 421 3.80 6.80 -19.34
N SER A 422 4.72 6.57 -18.39
CA SER A 422 4.49 6.95 -17.00
C SER A 422 4.47 8.48 -16.83
N VAL A 423 5.15 9.21 -17.72
CA VAL A 423 5.15 10.67 -17.65
C VAL A 423 3.74 11.19 -17.93
N ASN A 424 3.12 10.68 -19.00
CA ASN A 424 1.77 11.08 -19.33
C ASN A 424 0.79 10.69 -18.22
N HIS A 425 0.92 9.46 -17.71
CA HIS A 425 0.03 9.05 -16.61
C HIS A 425 0.14 10.01 -15.42
N THR A 426 1.38 10.31 -15.01
CA THR A 426 1.60 11.16 -13.84
C THR A 426 0.97 12.54 -14.05
N LEU A 427 1.26 13.15 -15.20
CA LEU A 427 0.85 14.51 -15.46
C LEU A 427 -0.66 14.58 -15.63
N ASP A 428 -1.25 13.57 -16.30
CA ASP A 428 -2.69 13.46 -16.39
C ASP A 428 -3.34 13.31 -15.02
N TYR A 429 -2.78 12.46 -14.14
CA TYR A 429 -3.35 12.25 -12.80
C TYR A 429 -3.30 13.56 -12.01
N ALA A 430 -2.16 14.28 -12.10
CA ALA A 430 -2.01 15.53 -11.36
C ALA A 430 -3.03 16.57 -11.84
N TYR A 431 -3.26 16.64 -13.15
CA TYR A 431 -4.26 17.55 -13.70
C TYR A 431 -5.67 17.11 -13.28
N SER A 432 -5.96 15.80 -13.35
CA SER A 432 -7.22 15.29 -12.83
C SER A 432 -7.43 15.74 -11.38
N ASP A 433 -6.38 15.63 -10.56
CA ASP A 433 -6.45 15.99 -9.15
C ASP A 433 -6.95 17.42 -9.05
N PHE A 434 -6.38 18.31 -9.86
CA PHE A 434 -6.81 19.70 -9.91
C PHE A 434 -8.30 19.78 -10.24
N CYS A 435 -8.75 19.01 -11.23
CA CYS A 435 -10.15 19.02 -11.65
C CYS A 435 -11.06 18.57 -10.51
N ILE A 436 -10.61 17.57 -9.73
CA ILE A 436 -11.38 17.08 -8.60
C ILE A 436 -11.50 18.21 -7.57
N SER A 437 -10.37 18.90 -7.35
CA SER A 437 -10.31 19.99 -6.38
C SER A 437 -11.30 21.09 -6.78
N GLN A 438 -11.42 21.38 -8.09
CA GLN A 438 -12.32 22.42 -8.56
C GLN A 438 -13.77 22.02 -8.31
N VAL A 439 -14.11 20.77 -8.62
CA VAL A 439 -15.46 20.30 -8.38
C VAL A 439 -15.80 20.46 -6.89
N ALA A 440 -14.91 19.96 -6.02
CA ALA A 440 -15.02 20.06 -4.56
C ALA A 440 -15.25 21.53 -4.14
N LYS A 441 -14.44 22.46 -4.69
CA LYS A 441 -14.55 23.87 -4.33
C LYS A 441 -15.96 24.37 -4.65
N THR A 442 -16.48 24.02 -5.84
CA THR A 442 -17.81 24.48 -6.19
C THR A 442 -18.84 23.91 -5.22
N LEU A 443 -18.52 22.83 -4.51
CA LEU A 443 -19.50 22.23 -3.61
C LEU A 443 -19.22 22.62 -2.16
N ASN A 444 -18.24 23.50 -1.93
CA ASN A 444 -17.73 23.85 -0.61
C ASN A 444 -17.31 22.64 0.20
N ASP A 445 -16.70 21.65 -0.45
CA ASP A 445 -16.04 20.56 0.26
CA ASP A 445 -16.03 20.58 0.27
C ASP A 445 -14.56 20.93 0.44
N SER A 446 -14.24 21.66 1.51
CA SER A 446 -12.91 22.25 1.74
C SER A 446 -11.84 21.19 1.91
N GLU A 447 -12.18 20.12 2.63
CA GLU A 447 -11.17 19.12 2.95
C GLU A 447 -10.73 18.42 1.66
N THR A 448 -11.69 18.06 0.80
CA THR A 448 -11.40 17.47 -0.51
C THR A 448 -10.60 18.44 -1.38
N ALA A 449 -11.08 19.68 -1.50
CA ALA A 449 -10.42 20.72 -2.28
C ALA A 449 -8.95 20.84 -1.91
N THR A 450 -8.65 20.92 -0.61
CA THR A 450 -7.30 21.11 -0.10
C THR A 450 -6.42 19.91 -0.48
N PHE A 451 -6.95 18.71 -0.25
CA PHE A 451 -6.14 17.53 -0.49
C PHE A 451 -5.76 17.42 -1.99
N TYR A 452 -6.75 17.62 -2.88
CA TYR A 452 -6.54 17.45 -4.31
C TYR A 452 -5.71 18.57 -4.92
N ARG A 453 -5.85 19.81 -4.38
CA ARG A 453 -4.99 20.92 -4.78
C ARG A 453 -3.53 20.56 -4.53
N GLN A 454 -3.28 19.83 -3.44
CA GLN A 454 -1.91 19.46 -3.07
C GLN A 454 -1.42 18.35 -4.01
N GLN A 455 -2.27 17.34 -4.24
CA GLN A 455 -1.99 16.27 -5.20
C GLN A 455 -1.64 16.83 -6.60
N ALA A 456 -2.31 17.95 -6.98
CA ALA A 456 -2.17 18.52 -8.31
C ALA A 456 -0.75 19.05 -8.54
N LEU A 457 0.07 19.15 -7.46
CA LEU A 457 1.45 19.61 -7.61
C LEU A 457 2.38 18.44 -7.87
N ASN A 458 1.83 17.24 -8.08
CA ASN A 458 2.66 16.04 -8.30
C ASN A 458 3.47 16.14 -9.59
N TYR A 459 3.09 17.01 -10.53
CA TYR A 459 3.91 17.20 -11.72
C TYR A 459 5.37 17.49 -11.32
N GLN A 460 5.58 18.10 -10.15
CA GLN A 460 6.93 18.51 -9.73
C GLN A 460 7.85 17.31 -9.55
N GLN A 461 7.27 16.13 -9.32
CA GLN A 461 8.06 14.93 -9.11
C GLN A 461 8.86 14.53 -10.36
N LEU A 462 8.36 14.84 -11.57
CA LEU A 462 9.04 14.31 -12.75
C LEU A 462 9.89 15.37 -13.44
N PHE A 463 9.91 16.58 -12.90
CA PHE A 463 10.72 17.66 -13.47
C PHE A 463 12.19 17.43 -13.10
N ASN A 464 13.04 17.27 -14.11
CA ASN A 464 14.45 17.08 -13.88
C ASN A 464 15.19 18.40 -14.11
N PRO A 465 15.67 19.07 -13.04
CA PRO A 465 16.33 20.38 -13.20
C PRO A 465 17.60 20.29 -14.04
N GLU A 466 18.18 19.09 -14.15
CA GLU A 466 19.36 18.88 -14.99
C GLU A 466 19.05 19.09 -16.46
N THR A 467 17.83 18.75 -16.92
CA THR A 467 17.60 18.74 -18.36
C THR A 467 16.55 19.77 -18.75
N GLY A 468 15.73 20.18 -17.79
CA GLY A 468 14.62 21.07 -18.06
C GLY A 468 13.44 20.36 -18.74
N PHE A 469 13.31 19.04 -18.54
CA PHE A 469 12.20 18.27 -19.06
C PHE A 469 11.58 17.39 -17.97
N MET A 470 10.36 16.90 -18.26
CA MET A 470 9.72 15.82 -17.52
C MET A 470 10.31 14.49 -17.99
N GLN A 471 10.76 13.67 -17.03
CA GLN A 471 11.38 12.38 -17.30
C GLN A 471 10.79 11.34 -16.35
N ALA A 472 10.79 10.09 -16.81
CA ALA A 472 10.32 8.98 -16.00
C ALA A 472 11.32 8.73 -14.86
N LYS A 473 10.79 8.30 -13.71
CA LYS A 473 11.53 8.13 -12.47
C LYS A 473 11.21 6.75 -11.91
N ASP A 474 12.23 6.05 -11.42
CA ASP A 474 12.04 4.72 -10.85
C ASP A 474 11.52 4.83 -9.41
N THR A 475 11.30 3.68 -8.76
CA THR A 475 10.76 3.66 -7.40
C THR A 475 11.75 4.15 -6.35
N GLU A 476 13.06 4.22 -6.67
CA GLU A 476 14.03 4.80 -5.75
C GLU A 476 14.20 6.31 -5.99
N GLY A 477 13.44 6.87 -6.93
CA GLY A 477 13.48 8.30 -7.16
C GLY A 477 14.60 8.76 -8.09
N ASN A 478 15.10 7.86 -8.97
CA ASN A 478 16.13 8.21 -9.93
C ASN A 478 15.54 8.32 -11.35
N PHE A 479 16.02 9.33 -12.09
CA PHE A 479 15.62 9.54 -13.48
C PHE A 479 16.30 8.49 -14.35
N ARG A 480 15.55 7.96 -15.33
CA ARG A 480 16.12 7.00 -16.27
C ARG A 480 17.37 7.62 -16.89
N PRO A 481 18.52 6.92 -16.98
CA PRO A 481 19.72 7.55 -17.58
C PRO A 481 19.65 7.46 -19.11
N ASP A 482 20.56 8.16 -19.80
CA ASP A 482 20.58 8.12 -21.25
C ASP A 482 19.38 8.87 -21.86
N PHE A 483 18.91 9.93 -21.19
CA PHE A 483 17.85 10.77 -21.70
C PHE A 483 18.25 11.42 -23.01
N LEU A 484 17.37 11.43 -24.00
CA LEU A 484 17.51 12.22 -25.22
C LEU A 484 16.21 12.99 -25.46
N ASP A 485 16.31 14.32 -25.56
CA ASP A 485 15.13 15.20 -25.65
C ASP A 485 14.17 14.81 -26.79
N ILE A 486 14.69 14.33 -27.93
CA ILE A 486 13.88 14.10 -29.13
C ILE A 486 13.52 12.63 -29.27
N ARG A 487 13.79 11.82 -28.24
CA ARG A 487 13.44 10.41 -28.32
C ARG A 487 11.96 10.20 -28.00
N TRP A 488 11.26 9.52 -28.90
CA TRP A 488 9.81 9.33 -28.81
C TRP A 488 9.50 8.02 -28.10
N GLY A 489 8.31 7.97 -27.46
CA GLY A 489 7.77 6.72 -26.95
C GLY A 489 8.31 6.30 -25.60
N LYS A 490 7.96 5.07 -25.17
CA LYS A 490 8.41 4.46 -23.92
C LYS A 490 7.83 5.20 -22.71
N ASP A 491 8.38 6.37 -22.37
CA ASP A 491 7.93 7.16 -21.23
C ASP A 491 6.86 8.18 -21.61
N TYR A 492 6.69 8.43 -22.92
CA TYR A 492 5.83 9.49 -23.44
C TYR A 492 4.93 8.91 -24.52
N ALA A 493 3.66 9.31 -24.56
CA ALA A 493 2.72 8.80 -25.56
C ALA A 493 2.76 9.68 -26.80
N GLU A 494 3.08 9.07 -27.95
CA GLU A 494 2.97 9.73 -29.25
C GLU A 494 3.72 11.07 -29.25
N GLY A 495 4.91 11.08 -28.63
CA GLY A 495 5.71 12.29 -28.59
C GLY A 495 7.04 12.02 -27.89
N SER A 496 7.91 13.02 -27.89
CA SER A 496 9.13 12.99 -27.10
C SER A 496 8.92 13.90 -25.88
N ALA A 497 9.99 14.09 -25.12
CA ALA A 497 9.93 14.98 -23.99
C ALA A 497 9.42 16.36 -24.41
N TRP A 498 9.72 16.82 -25.64
CA TRP A 498 9.31 18.14 -26.11
C TRP A 498 7.79 18.24 -26.20
N GLN A 499 7.14 17.12 -26.55
CA GLN A 499 5.69 17.13 -26.70
C GLN A 499 4.98 16.79 -25.39
N SER A 500 5.74 16.55 -24.30
CA SER A 500 5.13 15.99 -23.09
C SER A 500 5.40 16.82 -21.84
N SER A 501 6.34 17.78 -21.90
CA SER A 501 6.88 18.34 -20.68
C SER A 501 6.09 19.57 -20.24
N PHE A 502 5.01 19.90 -20.96
CA PHE A 502 4.28 21.13 -20.66
C PHE A 502 2.80 20.81 -20.43
N ALA A 503 2.51 19.56 -20.02
CA ALA A 503 1.13 19.19 -19.69
C ALA A 503 0.82 19.54 -18.23
N VAL A 504 0.90 20.85 -17.89
CA VAL A 504 0.68 21.32 -16.54
C VAL A 504 -0.32 22.47 -16.55
N TYR A 505 -1.50 22.20 -17.14
CA TYR A 505 -2.54 23.19 -17.34
C TYR A 505 -2.96 23.85 -16.03
N GLN A 506 -2.85 23.11 -14.92
CA GLN A 506 -3.32 23.56 -13.62
C GLN A 506 -2.36 24.56 -13.01
N ASP A 507 -1.09 24.58 -13.46
CA ASP A 507 -0.12 25.36 -12.70
C ASP A 507 1.09 25.79 -13.53
N PHE A 508 0.87 26.48 -14.66
CA PHE A 508 2.02 26.95 -15.45
C PHE A 508 2.96 27.86 -14.63
N ALA A 509 2.41 28.74 -13.78
CA ALA A 509 3.27 29.61 -12.96
C ALA A 509 4.23 28.76 -12.11
N GLY A 510 3.73 27.64 -11.56
CA GLY A 510 4.56 26.71 -10.80
C GLY A 510 5.62 26.01 -11.66
N LEU A 511 5.23 25.62 -12.89
CA LEU A 511 6.19 25.03 -13.81
C LEU A 511 7.28 26.05 -14.15
N ILE A 512 6.86 27.29 -14.36
CA ILE A 512 7.82 28.35 -14.67
C ILE A 512 8.83 28.48 -13.52
N LYS A 513 8.34 28.43 -12.27
CA LYS A 513 9.20 28.55 -11.10
C LYS A 513 10.24 27.43 -11.09
N LEU A 514 9.89 26.23 -11.56
CA LEU A 514 10.88 25.15 -11.62
C LEU A 514 12.01 25.47 -12.61
N TYR A 515 11.72 26.21 -13.70
CA TYR A 515 12.76 26.60 -14.64
C TYR A 515 13.63 27.69 -14.03
N GLY A 516 13.10 28.44 -13.06
CA GLY A 516 13.92 29.46 -12.41
C GLY A 516 13.36 30.86 -12.55
N SER A 517 12.64 31.14 -13.65
CA SER A 517 12.12 32.47 -13.95
C SER A 517 11.31 32.41 -15.25
N GLU A 518 10.50 33.45 -15.48
CA GLU A 518 9.80 33.68 -16.73
C GLU A 518 10.77 33.67 -17.91
N LEU A 519 11.95 34.28 -17.72
CA LEU A 519 12.92 34.39 -18.78
C LEU A 519 13.47 33.02 -19.15
N ALA A 520 13.73 32.17 -18.15
CA ALA A 520 14.28 30.85 -18.45
C ALA A 520 13.23 30.04 -19.23
N PHE A 521 11.95 30.22 -18.88
CA PHE A 521 10.87 29.49 -19.52
C PHE A 521 10.71 29.98 -20.96
N GLU A 522 10.77 31.31 -21.14
CA GLU A 522 10.74 31.92 -22.46
C GLU A 522 11.80 31.29 -23.36
N LYS A 523 13.02 31.11 -22.86
CA LYS A 523 14.11 30.58 -23.67
C LYS A 523 13.81 29.15 -24.09
N LYS A 524 13.18 28.39 -23.20
CA LYS A 524 12.77 27.03 -23.51
C LYS A 524 11.74 27.03 -24.66
N LEU A 525 10.76 27.95 -24.60
CA LEU A 525 9.70 28.00 -25.61
C LEU A 525 10.28 28.38 -26.96
N ILE A 526 11.23 29.33 -26.96
CA ILE A 526 11.87 29.77 -28.19
C ILE A 526 12.61 28.58 -28.82
N GLN A 527 13.33 27.82 -27.97
CA GLN A 527 14.06 26.67 -28.45
C GLN A 527 13.11 25.61 -28.99
N LEU A 528 11.96 25.40 -28.32
CA LEU A 528 10.96 24.43 -28.77
C LEU A 528 10.56 24.76 -30.21
N CYS A 529 10.25 26.03 -30.44
CA CYS A 529 9.66 26.48 -31.69
C CYS A 529 10.68 26.61 -32.82
N ASN A 530 11.90 27.07 -32.50
CA ASN A 530 12.83 27.52 -33.52
C ASN A 530 13.93 26.49 -33.78
N GLN A 531 13.65 25.20 -33.64
CA GLN A 531 14.64 24.19 -34.00
C GLN A 531 14.06 23.39 -35.16
N ALA A 532 14.86 22.51 -35.78
CA ALA A 532 14.38 21.61 -36.81
C ALA A 532 13.49 20.53 -36.16
N PRO A 533 12.47 20.00 -36.88
CA PRO A 533 11.66 18.90 -36.35
C PRO A 533 12.38 17.55 -36.41
N ASN A 534 13.51 17.43 -35.72
CA ASN A 534 14.19 16.16 -35.52
C ASN A 534 13.43 15.26 -34.56
N PHE A 535 13.56 13.94 -34.78
CA PHE A 535 12.98 12.93 -33.91
C PHE A 535 13.89 11.71 -33.91
N ASN A 536 13.80 10.93 -32.82
CA ASN A 536 14.47 9.66 -32.64
C ASN A 536 13.40 8.63 -32.30
N VAL A 537 13.44 7.44 -32.91
CA VAL A 537 12.30 6.53 -32.89
C VAL A 537 12.47 5.44 -31.81
N GLU A 538 13.54 5.49 -31.02
CA GLU A 538 13.97 4.34 -30.22
C GLU A 538 12.88 3.81 -29.29
N GLY A 539 12.05 4.69 -28.71
CA GLY A 539 10.96 4.22 -27.86
C GLY A 539 9.93 3.37 -28.61
N TYR A 540 9.86 3.48 -29.94
CA TYR A 540 8.89 2.70 -30.69
C TYR A 540 9.61 1.61 -31.46
N GLY A 541 10.82 1.91 -31.95
CA GLY A 541 11.58 1.00 -32.82
C GLY A 541 11.32 1.21 -34.32
N PHE A 542 10.47 2.18 -34.69
CA PHE A 542 10.16 2.52 -36.08
C PHE A 542 9.47 3.88 -36.09
N GLU A 543 9.25 4.47 -37.27
CA GLU A 543 8.60 5.76 -37.39
C GLU A 543 7.08 5.55 -37.41
N ILE A 544 6.38 6.34 -36.59
CA ILE A 544 4.91 6.36 -36.61
C ILE A 544 4.43 7.64 -37.29
N HIS A 545 3.14 7.67 -37.67
CA HIS A 545 2.58 8.77 -38.45
C HIS A 545 2.72 10.10 -37.73
N GLU A 546 2.61 10.13 -36.40
CA GLU A 546 2.70 11.38 -35.66
C GLU A 546 4.08 12.03 -35.82
N MET A 547 5.13 11.20 -35.90
CA MET A 547 6.46 11.73 -36.15
C MET A 547 6.50 12.37 -37.55
N SER A 548 5.98 11.65 -38.54
CA SER A 548 6.02 12.08 -39.93
C SER A 548 5.28 13.40 -40.11
N GLU A 549 4.14 13.53 -39.42
CA GLU A 549 3.29 14.70 -39.59
C GLU A 549 4.00 15.92 -39.00
N MET A 550 4.76 15.74 -37.92
CA MET A 550 5.54 16.86 -37.38
C MET A 550 6.69 17.21 -38.33
N ALA A 551 7.37 16.18 -38.88
CA ALA A 551 8.55 16.39 -39.69
C ALA A 551 8.19 16.82 -41.12
N ALA A 552 6.92 16.66 -41.51
CA ALA A 552 6.44 17.14 -42.81
C ALA A 552 6.50 18.67 -42.90
N ILE A 553 6.50 19.39 -41.76
CA ILE A 553 6.41 20.83 -41.78
C ILE A 553 7.52 21.45 -40.91
N ASP A 554 7.80 22.75 -41.13
CA ASP A 554 8.83 23.46 -40.39
C ASP A 554 8.22 24.32 -39.30
N PHE A 555 7.67 23.66 -38.26
CA PHE A 555 7.20 24.34 -37.06
C PHE A 555 7.89 23.81 -35.81
N GLY A 556 9.18 23.46 -35.93
CA GLY A 556 9.95 23.00 -34.79
C GLY A 556 9.31 21.78 -34.13
N GLN A 557 9.34 21.77 -32.80
CA GLN A 557 8.79 20.66 -32.03
C GLN A 557 7.32 20.92 -31.70
N LEU A 558 6.73 21.99 -32.28
CA LEU A 558 5.34 22.28 -31.99
C LEU A 558 4.49 21.40 -32.92
N ALA A 559 4.16 20.20 -32.41
CA ALA A 559 3.55 19.18 -33.24
C ALA A 559 2.04 19.33 -33.25
N ILE A 560 1.56 20.31 -34.04
CA ILE A 560 0.15 20.67 -34.09
C ILE A 560 -0.69 19.49 -34.61
N SER A 561 -0.03 18.51 -35.25
CA SER A 561 -0.66 17.30 -35.75
C SER A 561 -1.21 16.43 -34.61
N ASN A 562 -0.88 16.74 -33.35
CA ASN A 562 -1.32 15.89 -32.24
C ASN A 562 -1.70 16.76 -31.04
N GLN A 563 -2.63 16.24 -30.21
CA GLN A 563 -3.28 16.98 -29.13
C GLN A 563 -2.30 17.56 -28.10
N PRO A 564 -1.20 16.85 -27.72
CA PRO A 564 -0.31 17.36 -26.68
C PRO A 564 0.27 18.74 -26.93
N SER A 565 0.40 19.16 -28.22
CA SER A 565 1.02 20.45 -28.51
C SER A 565 -0.02 21.55 -28.74
N PHE A 566 -1.33 21.25 -28.64
CA PHE A 566 -2.38 22.18 -29.04
C PHE A 566 -2.26 23.52 -28.31
N HIS A 567 -1.81 23.51 -27.04
CA HIS A 567 -1.84 24.71 -26.24
C HIS A 567 -0.50 25.46 -26.32
N TYR A 568 0.50 24.93 -27.04
CA TYR A 568 1.85 25.49 -26.97
C TYR A 568 1.95 26.98 -27.27
N PRO A 569 1.28 27.55 -28.31
CA PRO A 569 1.40 28.98 -28.59
C PRO A 569 0.98 29.83 -27.38
N PHE A 570 0.06 29.28 -26.58
CA PHE A 570 -0.48 29.98 -25.43
C PHE A 570 0.51 30.05 -24.27
N LEU A 571 1.57 29.23 -24.30
CA LEU A 571 2.49 29.24 -23.18
C LEU A 571 3.15 30.63 -23.04
N PHE A 572 3.26 31.37 -24.15
CA PHE A 572 3.85 32.71 -24.14
C PHE A 572 2.98 33.69 -23.34
N SER A 573 1.68 33.36 -23.18
CA SER A 573 0.80 34.21 -22.40
C SER A 573 1.13 34.11 -20.90
N TYR A 574 1.76 33.00 -20.51
CA TYR A 574 2.01 32.76 -19.09
C TYR A 574 3.27 33.48 -18.64
N ILE A 575 4.00 34.09 -19.59
CA ILE A 575 5.13 34.95 -19.24
C ILE A 575 4.82 36.38 -19.67
N GLY A 576 3.56 36.67 -19.98
CA GLY A 576 3.16 38.03 -20.28
C GLY A 576 3.66 38.51 -21.65
N LYS A 577 3.93 37.58 -22.57
CA LYS A 577 4.40 38.00 -23.89
C LYS A 577 3.58 37.35 -25.01
N PRO A 578 2.23 37.53 -25.05
CA PRO A 578 1.43 36.84 -26.06
C PRO A 578 1.77 37.33 -27.47
N GLU A 579 2.33 38.56 -27.58
CA GLU A 579 2.68 39.08 -28.89
C GLU A 579 3.69 38.19 -29.60
N MET A 580 4.49 37.42 -28.87
CA MET A 580 5.45 36.51 -29.47
C MET A 580 4.79 35.37 -30.26
N ALA A 581 3.50 35.08 -30.00
CA ALA A 581 2.88 33.88 -30.55
C ALA A 581 1.73 34.24 -31.50
N GLN A 582 1.41 35.53 -31.59
CA GLN A 582 0.32 35.95 -32.46
C GLN A 582 0.58 35.56 -33.91
N PRO A 583 1.76 35.85 -34.50
CA PRO A 583 2.02 35.39 -35.88
C PRO A 583 2.00 33.87 -36.00
N LEU A 584 2.57 33.18 -35.01
CA LEU A 584 2.61 31.73 -34.98
C LEU A 584 1.20 31.15 -35.14
N LEU A 585 0.23 31.73 -34.41
CA LEU A 585 -1.11 31.17 -34.39
C LEU A 585 -1.76 31.32 -35.76
N LYS A 586 -1.58 32.50 -36.36
CA LYS A 586 -2.11 32.69 -37.70
C LYS A 586 -1.45 31.72 -38.69
N GLN A 587 -0.13 31.51 -38.56
CA GLN A 587 0.57 30.56 -39.40
C GLN A 587 0.05 29.13 -39.20
N LEU A 588 -0.17 28.73 -37.94
CA LEU A 588 -0.66 27.36 -37.70
C LEU A 588 -2.02 27.16 -38.35
N MET A 589 -2.89 28.17 -38.26
CA MET A 589 -4.21 28.06 -38.86
C MET A 589 -4.16 27.83 -40.37
N GLN A 590 -3.08 28.23 -41.03
CA GLN A 590 -2.97 28.01 -42.47
C GLN A 590 -2.60 26.56 -42.77
N THR A 591 -2.30 25.74 -41.77
CA THR A 591 -2.05 24.34 -42.11
C THR A 591 -3.38 23.58 -42.26
N PHE A 592 -4.51 24.26 -42.16
CA PHE A 592 -5.82 23.64 -42.30
C PHE A 592 -6.46 24.17 -43.57
N ASP A 593 -7.18 23.31 -44.33
CA ASP A 593 -8.05 23.77 -45.39
C ASP A 593 -9.19 22.76 -45.55
N ALA A 594 -10.04 22.97 -46.56
CA ALA A 594 -11.25 22.16 -46.74
C ALA A 594 -11.02 20.96 -47.67
N SER A 595 -9.77 20.67 -48.04
CA SER A 595 -9.53 19.64 -49.04
C SER A 595 -9.43 18.27 -48.38
N PRO A 596 -9.37 17.18 -49.18
CA PRO A 596 -9.05 15.85 -48.64
C PRO A 596 -7.79 15.78 -47.78
N THR A 597 -6.84 16.71 -47.94
CA THR A 597 -5.64 16.67 -47.12
C THR A 597 -5.66 17.78 -46.07
N GLY A 598 -6.85 18.23 -45.64
CA GLY A 598 -7.02 19.52 -44.97
C GLY A 598 -6.64 19.65 -43.48
N TYR A 599 -6.22 18.58 -42.79
CA TYR A 599 -5.81 18.75 -41.40
C TYR A 599 -4.35 18.36 -41.25
N PRO A 600 -3.63 18.96 -40.28
CA PRO A 600 -2.23 18.62 -40.04
C PRO A 600 -1.96 17.24 -39.43
N GLY A 601 -3.01 16.60 -38.92
CA GLY A 601 -2.91 15.29 -38.30
C GLY A 601 -4.32 14.74 -37.97
N ASP A 602 -4.41 13.76 -37.08
CA ASP A 602 -5.73 13.15 -36.79
C ASP A 602 -6.71 14.16 -36.21
N GLU A 603 -7.91 14.22 -36.79
CA GLU A 603 -8.93 15.17 -36.37
C GLU A 603 -9.51 14.79 -35.00
N ASP A 604 -9.68 13.47 -34.74
CA ASP A 604 -10.08 12.91 -33.47
C ASP A 604 -11.40 13.48 -32.93
N ASN A 605 -12.49 13.23 -33.65
CA ASN A 605 -13.85 13.37 -33.13
C ASN A 605 -14.15 14.78 -32.63
N GLY A 606 -13.76 15.78 -33.43
CA GLY A 606 -14.15 17.15 -33.13
C GLY A 606 -12.99 17.93 -32.52
N SER A 607 -12.00 17.20 -31.98
CA SER A 607 -10.92 17.72 -31.18
C SER A 607 -10.11 18.78 -31.93
N MET A 608 -9.58 18.39 -33.10
CA MET A 608 -8.77 19.30 -33.90
C MET A 608 -9.65 20.36 -34.58
N SER A 609 -10.89 20.02 -34.94
CA SER A 609 -11.81 20.97 -35.56
C SER A 609 -12.10 22.12 -34.59
N ALA A 610 -12.37 21.78 -33.32
CA ALA A 610 -12.72 22.80 -32.34
C ALA A 610 -11.49 23.64 -32.01
N TRP A 611 -10.28 23.07 -32.13
CA TRP A 611 -9.06 23.87 -32.02
C TRP A 611 -9.11 24.99 -33.07
N TYR A 612 -9.48 24.63 -34.30
CA TYR A 612 -9.50 25.57 -35.42
C TYR A 612 -10.58 26.63 -35.19
N ILE A 613 -11.74 26.23 -34.65
CA ILE A 613 -12.88 27.12 -34.44
C ILE A 613 -12.50 28.17 -33.40
N PHE A 614 -11.98 27.73 -32.25
CA PHE A 614 -11.61 28.64 -31.18
C PHE A 614 -10.55 29.61 -31.71
N ASN A 615 -9.49 29.07 -32.31
CA ASN A 615 -8.40 29.93 -32.78
C ASN A 615 -8.90 30.92 -33.84
N SER A 616 -9.87 30.51 -34.68
CA SER A 616 -10.46 31.43 -35.64
C SER A 616 -11.06 32.66 -34.93
N LEU A 617 -11.62 32.46 -33.73
CA LEU A 617 -12.33 33.51 -33.02
C LEU A 617 -11.36 34.33 -32.16
N GLY A 618 -10.17 33.81 -31.91
CA GLY A 618 -9.09 34.53 -31.24
C GLY A 618 -8.86 34.18 -29.77
N PHE A 619 -9.44 33.07 -29.26
CA PHE A 619 -9.28 32.72 -27.84
C PHE A 619 -9.43 31.20 -27.67
N TYR A 620 -8.87 30.66 -26.58
CA TYR A 620 -8.66 29.22 -26.51
C TYR A 620 -8.67 28.74 -25.06
N PRO A 621 -9.38 27.63 -24.73
CA PRO A 621 -9.40 27.10 -23.36
C PRO A 621 -8.15 26.27 -23.05
N VAL A 622 -7.10 26.93 -22.55
CA VAL A 622 -5.88 26.25 -22.17
C VAL A 622 -6.15 25.33 -20.99
N THR A 623 -6.94 25.81 -20.02
CA THR A 623 -7.17 25.01 -18.83
C THR A 623 -8.68 24.85 -18.63
N PRO A 624 -9.30 23.83 -19.25
CA PRO A 624 -10.65 23.40 -18.85
C PRO A 624 -10.64 23.21 -17.33
N GLY A 625 -11.64 23.81 -16.67
CA GLY A 625 -11.72 23.75 -15.23
C GLY A 625 -11.48 25.11 -14.55
N THR A 626 -11.11 26.13 -15.34
CA THR A 626 -10.87 27.45 -14.77
C THR A 626 -11.94 28.45 -15.22
N GLY A 627 -12.63 28.19 -16.34
CA GLY A 627 -13.56 29.19 -16.86
C GLY A 627 -12.85 30.35 -17.57
N GLU A 628 -11.63 30.11 -18.08
CA GLU A 628 -10.92 31.15 -18.81
C GLU A 628 -10.61 30.70 -20.24
N TYR A 629 -10.53 31.68 -21.14
CA TYR A 629 -10.07 31.48 -22.51
C TYR A 629 -8.88 32.39 -22.73
N VAL A 630 -7.71 31.79 -23.03
CA VAL A 630 -6.51 32.60 -23.25
C VAL A 630 -6.55 33.17 -24.67
N ILE A 631 -6.21 34.46 -24.78
CA ILE A 631 -6.36 35.18 -26.03
C ILE A 631 -5.22 34.82 -26.97
N GLY A 632 -5.57 34.64 -28.25
CA GLY A 632 -4.63 34.25 -29.28
C GLY A 632 -4.57 35.28 -30.39
N MET A 633 -5.01 34.89 -31.59
CA MET A 633 -4.97 35.80 -32.74
C MET A 633 -6.11 35.39 -33.68
N PRO A 634 -7.16 36.23 -33.88
CA PRO A 634 -8.31 35.80 -34.68
C PRO A 634 -7.99 35.70 -36.16
N LEU A 635 -8.68 34.78 -36.85
CA LEU A 635 -8.59 34.69 -38.31
C LEU A 635 -9.83 35.31 -38.96
N VAL A 636 -10.98 35.25 -38.29
CA VAL A 636 -12.19 35.86 -38.83
C VAL A 636 -12.04 37.37 -38.92
N GLN A 637 -12.94 38.00 -39.71
CA GLN A 637 -13.18 39.42 -39.68
C GLN A 637 -14.42 39.74 -38.87
N THR A 638 -15.47 38.93 -39.01
CA THR A 638 -16.66 39.08 -38.19
C THR A 638 -17.12 37.69 -37.73
N ALA A 639 -17.76 37.66 -36.55
CA ALA A 639 -18.46 36.47 -36.08
C ALA A 639 -19.64 36.91 -35.23
N GLU A 640 -20.80 36.31 -35.50
CA GLU A 640 -21.92 36.42 -34.57
C GLU A 640 -22.05 35.08 -33.86
N VAL A 641 -21.87 35.12 -32.56
CA VAL A 641 -21.93 33.93 -31.72
C VAL A 641 -23.26 33.95 -30.98
N LYS A 642 -24.11 32.95 -31.25
CA LYS A 642 -25.34 32.76 -30.47
C LYS A 642 -24.98 31.96 -29.23
N LEU A 643 -24.92 32.63 -28.08
CA LEU A 643 -24.53 31.93 -26.86
C LEU A 643 -25.72 31.14 -26.31
N SER A 644 -25.43 30.09 -25.55
CA SER A 644 -26.48 29.21 -25.04
C SER A 644 -27.44 29.92 -24.08
N ASN A 645 -26.98 30.98 -23.40
CA ASN A 645 -27.81 31.69 -22.46
C ASN A 645 -28.73 32.65 -23.19
N GLY A 646 -28.78 32.61 -24.53
CA GLY A 646 -29.70 33.48 -25.26
C GLY A 646 -29.10 34.83 -25.66
N LYS A 647 -27.92 35.19 -25.14
CA LYS A 647 -27.30 36.42 -25.60
C LYS A 647 -26.46 36.22 -26.87
N GLN A 648 -25.96 37.32 -27.41
CA GLN A 648 -25.16 37.27 -28.62
C GLN A 648 -23.85 38.02 -28.42
N LEU A 649 -22.74 37.39 -28.85
CA LEU A 649 -21.46 38.07 -28.91
C LEU A 649 -21.15 38.37 -30.39
N THR A 650 -20.89 39.65 -30.70
CA THR A 650 -20.48 40.05 -32.04
C THR A 650 -18.99 40.34 -31.99
N ILE A 651 -18.24 39.59 -32.81
CA ILE A 651 -16.81 39.81 -32.90
C ILE A 651 -16.60 40.60 -34.18
N GLN A 652 -15.81 41.66 -34.07
CA GLN A 652 -15.44 42.48 -35.22
C GLN A 652 -13.94 42.76 -35.12
N THR A 653 -13.29 42.70 -36.27
CA THR A 653 -11.85 42.88 -36.40
C THR A 653 -11.64 44.04 -37.37
N SER A 654 -10.58 44.85 -37.19
CA SER A 654 -10.13 45.73 -38.26
C SER A 654 -9.77 44.85 -39.47
N PRO A 655 -9.43 45.35 -40.68
CA PRO A 655 -9.16 44.45 -41.81
C PRO A 655 -8.14 43.36 -41.45
N ASN A 656 -8.43 42.10 -41.80
CA ASN A 656 -7.67 40.98 -41.24
C ASN A 656 -7.04 40.24 -42.41
N LYS A 657 -6.02 40.88 -43.01
CA LYS A 657 -5.37 40.35 -44.20
C LYS A 657 -4.13 39.59 -43.76
N VAL A 658 -3.43 39.00 -44.75
CA VAL A 658 -2.26 38.19 -44.48
C VAL A 658 -1.23 38.96 -43.62
N GLN A 659 -1.08 40.28 -43.81
CA GLN A 659 -0.03 41.02 -43.12
C GLN A 659 -0.42 41.31 -41.66
N GLN A 660 -1.71 41.22 -41.30
CA GLN A 660 -2.11 41.44 -39.92
C GLN A 660 -1.70 40.22 -39.10
N GLN A 661 -0.69 40.36 -38.25
CA GLN A 661 -0.20 39.19 -37.52
C GLN A 661 -0.15 39.39 -36.01
N PHE A 662 -0.72 40.50 -35.55
CA PHE A 662 -0.64 40.87 -34.15
C PHE A 662 -1.97 41.50 -33.77
N ILE A 663 -2.24 41.51 -32.46
CA ILE A 663 -3.32 42.27 -31.89
C ILE A 663 -2.79 43.62 -31.45
N HIS A 664 -3.43 44.69 -31.93
CA HIS A 664 -3.04 46.03 -31.52
C HIS A 664 -3.75 46.39 -30.23
N GLU A 665 -5.08 46.23 -30.21
CA GLU A 665 -5.87 46.54 -29.02
C GLU A 665 -7.20 45.79 -29.06
N ILE A 666 -7.68 45.40 -27.87
CA ILE A 666 -8.98 44.75 -27.72
C ILE A 666 -9.93 45.67 -26.92
N GLN A 667 -11.15 45.83 -27.44
CA GLN A 667 -12.22 46.41 -26.65
C GLN A 667 -13.36 45.42 -26.54
N LEU A 668 -13.73 45.09 -25.29
CA LEU A 668 -14.92 44.35 -24.98
C LEU A 668 -15.96 45.36 -24.47
N ASN A 669 -17.05 45.50 -25.23
CA ASN A 669 -18.08 46.50 -24.98
C ASN A 669 -17.47 47.88 -24.69
N GLN A 670 -16.62 48.35 -25.60
CA GLN A 670 -16.05 49.70 -25.55
C GLN A 670 -15.09 49.86 -24.37
N GLU A 671 -14.60 48.79 -23.74
CA GLU A 671 -13.61 48.99 -22.69
C GLU A 671 -12.33 48.27 -23.09
N LYS A 672 -11.21 48.99 -22.99
CA LYS A 672 -9.93 48.45 -23.33
C LYS A 672 -9.72 47.22 -22.48
N HIS A 673 -9.31 46.10 -23.09
CA HIS A 673 -9.07 44.87 -22.36
C HIS A 673 -7.59 44.51 -22.45
N THR A 674 -6.88 44.45 -21.32
CA THR A 674 -5.44 44.24 -21.36
C THR A 674 -5.00 42.87 -20.82
N ALA A 675 -5.87 42.17 -20.06
CA ALA A 675 -5.59 40.84 -19.55
C ALA A 675 -5.39 39.87 -20.72
N PRO A 676 -4.47 38.88 -20.60
CA PRO A 676 -4.25 37.93 -21.69
C PRO A 676 -5.28 36.79 -21.78
N TYR A 677 -6.44 36.94 -21.12
CA TYR A 677 -7.51 35.94 -21.19
C TYR A 677 -8.85 36.63 -21.00
N PHE A 678 -9.94 35.98 -21.43
CA PHE A 678 -11.30 36.38 -21.11
C PHE A 678 -11.84 35.36 -20.10
N THR A 679 -12.79 35.77 -19.24
CA THR A 679 -13.51 34.80 -18.42
C THR A 679 -14.73 34.34 -19.20
N HIS A 680 -15.18 33.12 -18.89
CA HIS A 680 -16.42 32.60 -19.44
C HIS A 680 -17.57 33.57 -19.16
N GLN A 681 -17.58 34.13 -17.94
CA GLN A 681 -18.59 35.08 -17.52
C GLN A 681 -18.62 36.31 -18.43
N GLU A 682 -17.45 36.93 -18.69
CA GLU A 682 -17.34 38.04 -19.62
C GLU A 682 -17.97 37.72 -20.96
N LEU A 683 -17.55 36.62 -21.60
CA LEU A 683 -18.06 36.31 -22.92
C LEU A 683 -19.58 36.09 -22.89
N LEU A 684 -20.10 35.45 -21.82
CA LEU A 684 -21.54 35.20 -21.71
C LEU A 684 -22.36 36.47 -21.52
N ASN A 685 -21.71 37.58 -21.13
CA ASN A 685 -22.40 38.86 -21.11
C ASN A 685 -22.77 39.29 -22.53
N GLY A 686 -22.03 38.82 -23.54
CA GLY A 686 -22.42 39.16 -24.90
C GLY A 686 -22.00 40.60 -25.24
N GLY A 687 -22.60 41.19 -26.28
CA GLY A 687 -22.18 42.50 -26.69
C GLY A 687 -21.15 42.41 -27.82
N THR A 688 -20.13 43.28 -27.78
CA THR A 688 -19.20 43.44 -28.90
C THR A 688 -17.78 43.18 -28.44
N LEU A 689 -17.07 42.29 -29.15
CA LEU A 689 -15.64 42.13 -28.97
C LEU A 689 -14.97 42.66 -30.24
N ASP A 690 -14.22 43.76 -30.09
CA ASP A 690 -13.53 44.41 -31.19
C ASP A 690 -12.02 44.15 -31.06
N TYR A 691 -11.45 43.53 -32.09
CA TYR A 691 -10.01 43.43 -32.18
C TYR A 691 -9.51 44.45 -33.20
N GLN A 692 -8.68 45.39 -32.75
CA GLN A 692 -7.87 46.14 -33.70
C GLN A 692 -6.55 45.37 -33.91
N LEU A 693 -6.23 45.06 -35.18
CA LEU A 693 -5.09 44.21 -35.48
C LEU A 693 -3.89 45.06 -35.92
N GLY A 694 -2.70 44.48 -35.92
CA GLY A 694 -1.48 45.22 -36.23
C GLY A 694 -0.58 44.44 -37.21
N ILE A 695 0.29 45.21 -37.85
CA ILE A 695 1.32 44.65 -38.70
C ILE A 695 2.62 44.55 -37.91
N VAL A 696 2.70 45.27 -36.78
CA VAL A 696 3.76 45.11 -35.81
C VAL A 696 3.08 44.85 -34.45
N PRO A 697 3.80 44.26 -33.45
CA PRO A 697 3.24 44.02 -32.13
C PRO A 697 2.95 45.32 -31.37
N ASN A 698 2.02 45.23 -30.42
CA ASN A 698 1.80 46.32 -29.48
C ASN A 698 1.93 45.72 -28.08
N PRO A 699 3.16 45.48 -27.54
CA PRO A 699 3.30 44.76 -26.26
C PRO A 699 2.53 45.47 -25.15
N GLN A 700 1.66 44.75 -24.41
CA GLN A 700 0.89 45.35 -23.34
C GLN A 700 1.67 45.34 -22.02
N ASN A 701 2.65 44.45 -21.85
CA ASN A 701 3.40 44.36 -20.61
C ASN A 701 2.49 44.20 -19.40
N THR A 702 1.39 43.44 -19.55
CA THR A 702 0.43 43.20 -18.47
C THR A 702 1.17 42.52 -17.32
N ALA A 703 0.79 42.86 -16.08
CA ALA A 703 1.19 42.03 -14.95
C ALA A 703 0.23 40.83 -14.82
N GLU A 704 -0.88 40.84 -15.54
CA GLU A 704 -1.86 39.77 -15.41
C GLU A 704 -1.40 38.50 -16.14
N ARG A 705 -1.89 37.36 -15.65
CA ARG A 705 -1.58 36.03 -16.16
C ARG A 705 -2.85 35.19 -16.08
N PRO A 706 -3.03 34.17 -16.97
CA PRO A 706 -4.16 33.24 -16.81
C PRO A 706 -3.93 32.41 -15.54
N PHE A 707 -4.96 31.64 -15.18
CA PHE A 707 -4.99 30.95 -13.90
C PHE A 707 -3.80 29.99 -13.73
N SER A 708 -3.17 30.03 -12.54
CA SER A 708 -2.28 28.98 -12.06
C SER A 708 -2.56 28.73 -10.58
N LEU A 709 -2.51 27.46 -10.15
CA LEU A 709 -2.70 27.08 -8.75
C LEU A 709 -1.78 27.88 -7.83
N SER A 710 -0.49 27.92 -8.18
CA SER A 710 0.47 28.43 -7.23
C SER A 710 0.38 29.95 -7.07
N THR A 711 -0.55 30.61 -7.78
CA THR A 711 -0.64 32.06 -7.64
C THR A 711 -2.06 32.55 -7.35
N GLU A 712 -3.02 31.65 -7.11
CA GLU A 712 -4.43 32.04 -7.19
C GLU A 712 -4.87 33.02 -6.09
N MET B 1 -39.07 -31.05 16.63
CA MET B 1 -40.06 -31.16 15.55
C MET B 1 -39.39 -30.66 14.28
N ASN B 2 -39.73 -31.28 13.13
CA ASN B 2 -39.30 -30.77 11.84
C ASN B 2 -40.02 -29.44 11.54
N ILE B 3 -39.24 -28.48 11.03
CA ILE B 3 -39.77 -27.18 10.67
C ILE B 3 -40.90 -27.30 9.64
N GLN B 4 -40.88 -28.35 8.82
CA GLN B 4 -41.91 -28.48 7.79
C GLN B 4 -43.28 -28.85 8.37
N ALA B 5 -43.28 -29.32 9.63
CA ALA B 5 -44.52 -29.67 10.31
C ALA B 5 -45.08 -28.45 11.08
N ILE B 6 -44.37 -27.31 11.11
CA ILE B 6 -44.95 -26.13 11.75
C ILE B 6 -45.98 -25.55 10.79
N ASP B 7 -47.16 -25.23 11.31
CA ASP B 7 -48.19 -24.56 10.51
C ASP B 7 -48.21 -23.08 10.91
N THR B 8 -47.93 -22.21 9.95
CA THR B 8 -47.78 -20.78 10.20
C THR B 8 -49.12 -20.10 10.46
N ARG B 9 -50.24 -20.84 10.37
CA ARG B 9 -51.53 -20.24 10.71
C ARG B 9 -51.75 -20.18 12.22
N HIS B 10 -50.83 -20.78 12.99
CA HIS B 10 -50.76 -20.61 14.44
C HIS B 10 -50.90 -19.13 14.83
N GLY B 11 -51.85 -18.80 15.69
CA GLY B 11 -51.96 -17.43 16.19
C GLY B 11 -52.55 -16.43 15.17
N THR B 12 -53.11 -16.91 14.04
CA THR B 12 -53.46 -15.97 12.97
C THR B 12 -54.95 -15.64 12.91
N ALA B 13 -55.79 -16.24 13.78
CA ALA B 13 -57.23 -15.94 13.76
C ALA B 13 -57.48 -14.76 14.69
N ASN B 14 -57.63 -13.57 14.14
CA ASN B 14 -57.69 -12.34 14.92
C ASN B 14 -58.60 -11.33 14.23
N GLN B 15 -58.97 -10.30 14.99
CA GLN B 15 -59.57 -9.10 14.41
C GLN B 15 -59.23 -7.94 15.33
N HIS B 16 -59.55 -6.73 14.88
CA HIS B 16 -59.34 -5.51 15.65
C HIS B 16 -59.80 -5.69 17.10
N SER B 17 -61.00 -6.26 17.31
CA SER B 17 -61.63 -6.31 18.62
C SER B 17 -61.06 -7.42 19.53
N PHE B 18 -60.28 -8.38 19.00
CA PHE B 18 -59.91 -9.51 19.83
C PHE B 18 -58.70 -10.25 19.24
N SER B 19 -57.66 -10.44 20.07
CA SER B 19 -56.44 -11.06 19.62
C SER B 19 -56.27 -12.47 20.18
N ASN B 20 -55.85 -13.38 19.30
CA ASN B 20 -55.32 -14.68 19.71
C ASN B 20 -53.85 -14.79 19.33
N GLY B 21 -53.16 -13.63 19.27
CA GLY B 21 -51.74 -13.59 18.93
C GLY B 21 -51.42 -12.46 17.95
N ASN B 22 -52.39 -12.13 17.08
CA ASN B 22 -52.21 -11.11 16.06
C ASN B 22 -50.96 -11.44 15.24
N CYS B 23 -50.75 -12.72 14.94
CA CYS B 23 -49.62 -13.19 14.15
C CYS B 23 -50.02 -13.22 12.67
N LEU B 24 -49.03 -13.05 11.79
CA LEU B 24 -49.22 -13.38 10.38
C LEU B 24 -48.61 -14.76 10.12
N PRO B 25 -49.03 -15.45 9.04
CA PRO B 25 -48.39 -16.71 8.66
C PRO B 25 -47.08 -16.41 7.91
N TYR B 26 -46.04 -16.04 8.66
CA TYR B 26 -44.79 -15.61 8.07
C TYR B 26 -43.99 -16.80 7.58
N THR B 27 -43.77 -16.85 6.25
CA THR B 27 -42.76 -17.72 5.63
C THR B 27 -41.48 -16.90 5.47
N GLY B 28 -40.35 -17.47 5.93
CA GLY B 28 -39.07 -16.77 5.92
C GLY B 28 -37.99 -17.66 6.52
N VAL B 29 -36.73 -17.22 6.39
CA VAL B 29 -35.66 -17.81 7.18
C VAL B 29 -35.60 -17.06 8.51
N PRO B 30 -34.91 -17.60 9.54
CA PRO B 30 -34.82 -16.87 10.81
C PRO B 30 -34.27 -15.47 10.56
N PHE B 31 -34.88 -14.46 11.20
CA PHE B 31 -34.46 -13.06 11.09
C PHE B 31 -34.42 -12.58 9.64
N GLY B 32 -35.21 -13.22 8.76
CA GLY B 32 -35.23 -12.83 7.35
C GLY B 32 -35.53 -11.35 7.17
N MET B 33 -34.90 -10.74 6.15
CA MET B 33 -35.09 -9.32 5.87
C MET B 33 -36.49 -9.09 5.31
N ASN B 34 -37.02 -10.06 4.58
CA ASN B 34 -38.42 -9.97 4.19
C ASN B 34 -39.11 -11.26 4.66
N PHE B 35 -40.42 -11.17 4.93
CA PHE B 35 -41.23 -12.37 5.10
C PHE B 35 -42.29 -12.39 3.99
N TYR B 36 -42.94 -13.56 3.85
CA TYR B 36 -43.86 -13.82 2.76
C TYR B 36 -45.11 -14.45 3.37
N ALA B 37 -46.30 -13.94 2.98
CA ALA B 37 -47.54 -14.50 3.48
C ALA B 37 -48.60 -14.37 2.41
N PRO B 38 -49.55 -15.34 2.27
CA PRO B 38 -50.70 -15.14 1.37
C PRO B 38 -51.52 -13.96 1.91
N GLN B 39 -52.02 -13.11 1.02
CA GLN B 39 -53.01 -12.10 1.40
C GLN B 39 -54.38 -12.59 0.98
N THR B 40 -55.35 -12.60 1.91
CA THR B 40 -56.68 -13.07 1.61
C THR B 40 -57.68 -11.92 1.42
N THR B 41 -57.38 -10.72 1.95
CA THR B 41 -58.33 -9.63 1.75
C THR B 41 -57.60 -8.28 1.80
N ASP B 42 -58.11 -7.31 1.04
CA ASP B 42 -57.58 -5.96 1.09
C ASP B 42 -58.61 -5.05 1.73
N GLN B 43 -59.66 -5.63 2.34
CA GLN B 43 -60.76 -4.80 2.83
C GLN B 43 -60.70 -4.66 4.35
N LYS B 44 -59.63 -5.15 5.02
CA LYS B 44 -59.66 -5.16 6.48
C LYS B 44 -58.41 -4.51 7.05
N GLY B 45 -57.88 -3.50 6.36
CA GLY B 45 -56.67 -2.81 6.82
C GLY B 45 -55.54 -3.80 7.10
N SER B 46 -54.92 -3.70 8.27
CA SER B 46 -53.79 -4.50 8.65
C SER B 46 -54.10 -5.99 8.77
N TRP B 47 -55.39 -6.35 8.85
CA TRP B 47 -55.73 -7.75 9.04
C TRP B 47 -55.97 -8.39 7.68
N TRP B 48 -54.90 -8.45 6.86
CA TRP B 48 -55.02 -8.81 5.45
C TRP B 48 -54.92 -10.33 5.23
N PHE B 49 -54.72 -11.08 6.31
CA PHE B 49 -54.80 -12.53 6.24
C PHE B 49 -55.73 -13.01 7.37
N HIS B 50 -56.65 -13.93 7.04
CA HIS B 50 -57.37 -14.67 8.07
C HIS B 50 -57.41 -16.13 7.63
N PRO B 51 -57.12 -17.09 8.55
CA PRO B 51 -57.02 -18.51 8.17
C PRO B 51 -58.34 -19.10 7.71
N GLU B 52 -59.46 -18.43 8.00
CA GLU B 52 -60.76 -18.96 7.58
C GLU B 52 -61.18 -18.39 6.22
N ASP B 53 -60.45 -17.38 5.70
CA ASP B 53 -60.80 -16.80 4.40
C ASP B 53 -60.57 -17.86 3.33
N ARG B 54 -61.40 -17.85 2.28
CA ARG B 54 -61.23 -18.81 1.20
C ARG B 54 -60.84 -18.09 -0.09
N THR B 55 -60.35 -16.85 0.05
CA THR B 55 -59.97 -16.03 -1.08
C THR B 55 -58.48 -15.80 -1.04
N PHE B 56 -57.85 -15.82 -2.22
CA PHE B 56 -56.43 -15.57 -2.32
C PHE B 56 -56.17 -14.43 -3.29
N GLN B 57 -55.54 -13.37 -2.79
CA GLN B 57 -55.26 -12.18 -3.58
C GLN B 57 -53.83 -12.17 -4.12
N GLY B 58 -52.90 -12.87 -3.46
CA GLY B 58 -51.52 -12.87 -3.91
C GLY B 58 -50.54 -13.23 -2.80
N TYR B 59 -49.28 -13.50 -3.19
CA TYR B 59 -48.20 -13.62 -2.22
C TYR B 59 -47.74 -12.20 -1.86
N ARG B 60 -47.78 -11.87 -0.56
CA ARG B 60 -47.37 -10.55 -0.15
C ARG B 60 -45.95 -10.62 0.42
N VAL B 61 -45.07 -9.76 -0.11
CA VAL B 61 -43.77 -9.54 0.50
C VAL B 61 -44.01 -8.52 1.62
N THR B 62 -43.69 -8.85 2.88
CA THR B 62 -44.13 -8.02 3.98
C THR B 62 -42.99 -7.71 4.96
N HIS B 63 -43.14 -6.59 5.66
CA HIS B 63 -42.30 -6.25 6.80
C HIS B 63 -43.20 -5.81 7.94
N GLN B 64 -44.43 -6.35 7.99
CA GLN B 64 -45.40 -5.91 8.96
C GLN B 64 -45.14 -6.70 10.24
N PRO B 65 -44.77 -6.04 11.37
CA PRO B 65 -44.47 -6.75 12.61
C PRO B 65 -45.70 -7.00 13.48
N SER B 66 -46.80 -6.30 13.17
CA SER B 66 -47.99 -6.30 13.99
C SER B 66 -49.05 -5.44 13.29
N PRO B 67 -50.35 -5.67 13.53
CA PRO B 67 -51.37 -4.91 12.79
C PRO B 67 -51.44 -3.49 13.34
N TRP B 68 -50.83 -3.24 14.50
CA TRP B 68 -50.86 -1.91 15.13
C TRP B 68 -49.83 -1.01 14.47
N MET B 69 -48.74 -1.60 13.95
CA MET B 69 -47.68 -0.80 13.33
C MET B 69 -47.95 -0.62 11.85
N GLY B 70 -48.64 -1.58 11.22
CA GLY B 70 -48.77 -1.58 9.77
C GLY B 70 -47.50 -2.08 9.08
N ASP B 71 -47.52 -2.09 7.75
CA ASP B 71 -46.48 -2.66 6.92
C ASP B 71 -45.55 -1.53 6.43
N PHE B 72 -44.39 -1.91 5.88
CA PHE B 72 -43.61 -0.99 5.05
C PHE B 72 -43.00 -1.81 3.92
N SER B 73 -42.76 -1.16 2.78
CA SER B 73 -42.05 -1.75 1.66
C SER B 73 -42.67 -3.09 1.29
N HIS B 74 -43.99 -3.10 1.03
CA HIS B 74 -44.64 -4.35 0.67
C HIS B 74 -45.05 -4.32 -0.81
N LEU B 75 -45.26 -5.52 -1.41
CA LEU B 75 -45.83 -5.65 -2.74
C LEU B 75 -46.42 -7.05 -2.84
N LEU B 76 -47.14 -7.35 -3.94
CA LEU B 76 -47.72 -8.68 -4.08
C LEU B 76 -47.37 -9.26 -5.45
N MET B 77 -47.26 -10.60 -5.50
CA MET B 77 -47.15 -11.36 -6.74
C MET B 77 -48.33 -12.34 -6.80
N THR B 78 -49.12 -12.27 -7.88
CA THR B 78 -50.31 -13.09 -8.01
C THR B 78 -50.26 -13.83 -9.36
N PRO B 79 -50.09 -15.16 -9.38
CA PRO B 79 -50.18 -15.91 -10.63
C PRO B 79 -51.58 -15.75 -11.22
N VAL B 80 -51.68 -15.61 -12.55
CA VAL B 80 -52.95 -15.43 -13.24
C VAL B 80 -52.87 -16.16 -14.58
N SER B 81 -54.00 -16.74 -15.02
CA SER B 81 -54.14 -17.28 -16.38
C SER B 81 -55.32 -16.62 -17.05
N GLY B 82 -55.26 -16.49 -18.39
CA GLY B 82 -56.36 -15.91 -19.19
C GLY B 82 -56.34 -14.39 -19.14
N SER B 83 -57.38 -13.71 -19.58
CA SER B 83 -57.31 -12.26 -19.52
C SER B 83 -58.10 -11.71 -18.34
N LEU B 84 -57.76 -10.51 -17.90
CA LEU B 84 -58.44 -9.97 -16.73
C LEU B 84 -59.32 -8.78 -17.12
N SER B 85 -60.49 -8.71 -16.46
CA SER B 85 -61.42 -7.60 -16.51
C SER B 85 -60.66 -6.28 -16.27
N GLU B 86 -60.10 -6.20 -15.07
CA GLU B 86 -59.29 -5.10 -14.57
C GLU B 86 -58.23 -5.73 -13.68
N LEU B 87 -57.25 -4.94 -13.25
CA LEU B 87 -56.08 -5.57 -12.64
C LEU B 87 -56.08 -5.41 -11.11
N SER B 88 -57.18 -4.92 -10.51
CA SER B 88 -57.23 -4.78 -9.06
C SER B 88 -57.10 -6.14 -8.35
N LEU B 89 -56.72 -6.11 -7.06
CA LEU B 89 -56.61 -7.36 -6.31
C LEU B 89 -57.94 -8.09 -6.27
N PHE B 90 -59.04 -7.35 -6.08
CA PHE B 90 -60.35 -7.96 -6.05
C PHE B 90 -60.67 -8.63 -7.39
N HIS B 91 -60.34 -7.96 -8.51
CA HIS B 91 -60.72 -8.51 -9.81
C HIS B 91 -59.86 -9.72 -10.17
N ALA B 92 -58.69 -9.84 -9.54
CA ALA B 92 -57.78 -10.94 -9.85
C ALA B 92 -57.89 -12.07 -8.81
N GLN B 93 -58.64 -11.85 -7.71
CA GLN B 93 -58.62 -12.86 -6.66
C GLN B 93 -59.27 -14.16 -7.12
N SER B 94 -58.76 -15.26 -6.54
CA SER B 94 -59.26 -16.61 -6.78
C SER B 94 -59.64 -17.20 -5.41
N SER B 95 -60.62 -18.09 -5.39
CA SER B 95 -60.79 -18.88 -4.18
C SER B 95 -59.70 -19.96 -4.13
N TYR B 96 -59.47 -20.47 -2.93
CA TYR B 96 -58.56 -21.59 -2.72
C TYR B 96 -59.07 -22.40 -1.53
N ARG B 97 -58.53 -23.60 -1.36
CA ARG B 97 -58.93 -24.46 -0.27
C ARG B 97 -57.85 -24.47 0.80
N PRO B 98 -58.07 -23.77 1.94
CA PRO B 98 -57.13 -23.81 3.07
C PRO B 98 -56.68 -25.21 3.47
N GLU B 99 -57.62 -26.17 3.47
CA GLU B 99 -57.31 -27.49 3.99
C GLU B 99 -56.46 -28.29 3.00
N GLU B 100 -56.29 -27.81 1.76
CA GLU B 100 -55.43 -28.53 0.83
C GLU B 100 -54.12 -27.78 0.60
N SER B 101 -53.82 -26.77 1.44
CA SER B 101 -52.69 -25.88 1.20
C SER B 101 -51.56 -26.17 2.19
N LEU B 102 -50.33 -25.79 1.84
CA LEU B 102 -49.24 -25.92 2.80
C LEU B 102 -48.82 -24.53 3.30
N PHE B 103 -48.86 -24.34 4.63
CA PHE B 103 -48.38 -23.13 5.26
C PHE B 103 -47.30 -23.47 6.28
N SER B 104 -46.04 -23.37 5.86
CA SER B 104 -44.96 -23.73 6.78
C SER B 104 -43.90 -22.64 6.73
N PRO B 105 -42.99 -22.54 7.74
CA PRO B 105 -41.99 -21.47 7.74
C PRO B 105 -41.11 -21.44 6.49
N VAL B 106 -40.94 -22.59 5.81
CA VAL B 106 -39.97 -22.67 4.73
C VAL B 106 -40.68 -22.84 3.39
N GLU B 107 -42.02 -22.87 3.36
CA GLU B 107 -42.73 -23.18 2.12
C GLU B 107 -44.22 -22.84 2.22
N ILE B 108 -44.71 -22.08 1.24
CA ILE B 108 -46.12 -21.96 0.97
C ILE B 108 -46.42 -22.70 -0.33
N ASN B 109 -47.53 -23.46 -0.32
CA ASN B 109 -47.94 -24.19 -1.50
C ASN B 109 -49.48 -24.13 -1.56
N LEU B 110 -50.05 -23.60 -2.65
CA LEU B 110 -51.50 -23.54 -2.73
C LEU B 110 -51.98 -23.50 -4.19
N THR B 111 -53.27 -23.84 -4.39
CA THR B 111 -53.85 -23.91 -5.71
C THR B 111 -54.95 -22.85 -5.82
N GLN B 112 -54.85 -22.00 -6.87
CA GLN B 112 -55.89 -21.02 -7.15
C GLN B 112 -56.94 -21.69 -8.04
N LEU B 113 -58.16 -21.87 -7.49
CA LEU B 113 -59.20 -22.65 -8.13
C LEU B 113 -59.70 -22.00 -9.42
N ARG B 114 -59.61 -20.67 -9.49
CA ARG B 114 -60.14 -19.94 -10.63
C ARG B 114 -59.28 -20.18 -11.88
N TYR B 115 -57.97 -20.32 -11.68
CA TYR B 115 -57.02 -20.29 -12.78
C TYR B 115 -56.44 -21.67 -13.05
N GLN B 116 -56.68 -22.62 -12.14
CA GLN B 116 -56.00 -23.91 -12.13
C GLN B 116 -54.49 -23.71 -12.13
N ILE B 117 -54.00 -22.94 -11.16
CA ILE B 117 -52.59 -22.77 -10.94
C ILE B 117 -52.21 -23.34 -9.57
N THR B 118 -51.15 -24.17 -9.51
CA THR B 118 -50.50 -24.48 -8.25
C THR B 118 -49.15 -23.78 -8.15
N SER B 119 -48.89 -23.08 -7.05
CA SER B 119 -47.62 -22.38 -6.92
C SER B 119 -46.95 -22.68 -5.59
N GLN B 120 -45.64 -22.46 -5.52
CA GLN B 120 -44.84 -22.77 -4.35
C GLN B 120 -43.85 -21.63 -4.13
N LEU B 121 -43.82 -21.08 -2.90
CA LEU B 121 -42.87 -20.01 -2.60
C LEU B 121 -41.91 -20.49 -1.50
N ILE B 122 -40.60 -20.48 -1.82
CA ILE B 122 -39.55 -20.84 -0.87
C ILE B 122 -38.78 -19.57 -0.54
N PRO B 123 -38.58 -19.20 0.73
CA PRO B 123 -37.84 -17.95 1.04
C PRO B 123 -36.34 -18.14 1.21
N SER B 124 -35.60 -17.03 1.11
CA SER B 124 -34.22 -16.93 1.57
C SER B 124 -34.10 -15.61 2.34
N MET B 125 -32.88 -15.30 2.80
CA MET B 125 -32.67 -14.12 3.63
C MET B 125 -33.12 -12.85 2.90
N TYR B 126 -32.76 -12.71 1.62
CA TYR B 126 -33.02 -11.45 0.90
C TYR B 126 -33.96 -11.66 -0.29
N GLY B 127 -34.38 -12.91 -0.54
CA GLY B 127 -35.22 -13.19 -1.69
C GLY B 127 -35.98 -14.50 -1.53
N GLY B 128 -36.07 -15.24 -2.63
CA GLY B 128 -36.76 -16.53 -2.62
C GLY B 128 -36.97 -17.02 -4.04
N ILE B 129 -37.70 -18.13 -4.15
CA ILE B 129 -38.08 -18.70 -5.44
C ILE B 129 -39.58 -18.96 -5.44
N LEU B 130 -40.24 -18.54 -6.51
CA LEU B 130 -41.66 -18.82 -6.71
C LEU B 130 -41.81 -19.70 -7.93
N THR B 131 -42.30 -20.95 -7.72
CA THR B 131 -42.52 -21.85 -8.84
C THR B 131 -44.02 -21.90 -9.14
N ILE B 132 -44.39 -21.75 -10.41
CA ILE B 132 -45.78 -21.64 -10.81
C ILE B 132 -46.10 -22.71 -11.86
N ASP B 133 -47.03 -23.63 -11.53
CA ASP B 133 -47.54 -24.65 -12.44
C ASP B 133 -48.89 -24.24 -13.01
N TYR B 134 -48.93 -24.01 -14.33
CA TYR B 134 -50.14 -23.52 -14.97
C TYR B 134 -50.80 -24.68 -15.71
N GLN B 135 -52.13 -24.77 -15.66
CA GLN B 135 -52.84 -25.75 -16.47
C GLN B 135 -53.34 -25.11 -17.75
N GLN B 136 -53.59 -23.79 -17.76
CA GLN B 136 -54.20 -23.12 -18.90
C GLN B 136 -53.10 -22.61 -19.84
N LYS B 137 -53.48 -21.79 -20.83
CA LYS B 137 -52.63 -21.60 -22.01
C LYS B 137 -52.14 -20.16 -22.19
N ASP B 138 -52.61 -19.23 -21.35
CA ASP B 138 -52.21 -17.83 -21.46
C ASP B 138 -51.82 -17.28 -20.08
N ASN B 139 -50.52 -17.40 -19.74
CA ASN B 139 -50.09 -17.48 -18.35
C ASN B 139 -49.32 -16.21 -17.98
N HIS B 140 -49.52 -15.71 -16.75
CA HIS B 140 -49.03 -14.41 -16.33
C HIS B 140 -48.63 -14.40 -14.86
N LEU B 141 -47.95 -13.33 -14.46
CA LEU B 141 -47.75 -13.00 -13.06
C LEU B 141 -48.11 -11.53 -12.90
N LEU B 142 -49.05 -11.24 -11.99
CA LEU B 142 -49.47 -9.86 -11.75
C LEU B 142 -48.68 -9.31 -10.56
N LEU B 143 -47.98 -8.17 -10.77
CA LEU B 143 -47.28 -7.47 -9.71
C LEU B 143 -48.15 -6.32 -9.24
N THR B 144 -48.43 -6.29 -7.93
CA THR B 144 -49.11 -5.16 -7.32
C THR B 144 -48.07 -4.31 -6.61
N LEU B 145 -47.98 -3.03 -7.00
CA LEU B 145 -46.90 -2.17 -6.53
C LEU B 145 -47.50 -0.97 -5.79
N PRO B 146 -47.76 -1.07 -4.48
CA PRO B 146 -48.44 0.00 -3.72
C PRO B 146 -47.52 1.22 -3.55
N GLY B 147 -48.12 2.41 -3.46
CA GLY B 147 -47.36 3.64 -3.29
C GLY B 147 -46.71 4.08 -4.61
N ARG B 148 -45.66 4.89 -4.53
CA ARG B 148 -44.96 5.35 -5.72
C ARG B 148 -44.05 4.20 -6.17
N TYR B 149 -44.08 3.91 -7.48
CA TYR B 149 -43.33 2.77 -7.97
C TYR B 149 -42.63 3.14 -9.28
N GLN B 150 -41.57 2.37 -9.58
CA GLN B 150 -41.06 2.26 -10.93
C GLN B 150 -40.94 0.77 -11.27
N VAL B 151 -41.12 0.44 -12.55
CA VAL B 151 -40.93 -0.93 -12.99
C VAL B 151 -40.29 -0.87 -14.37
N LYS B 152 -39.38 -1.81 -14.66
CA LYS B 152 -38.80 -1.86 -15.99
C LYS B 152 -38.42 -3.29 -16.33
N GLN B 153 -38.48 -3.60 -17.63
CA GLN B 153 -38.02 -4.88 -18.12
C GLN B 153 -36.58 -4.70 -18.62
N LEU B 154 -35.62 -5.36 -17.97
CA LEU B 154 -34.21 -5.24 -18.30
C LEU B 154 -33.88 -6.08 -19.54
N ASP B 155 -34.51 -7.24 -19.66
CA ASP B 155 -34.43 -8.09 -20.85
C ASP B 155 -35.60 -9.05 -20.74
N ASP B 156 -35.61 -10.11 -21.56
CA ASP B 156 -36.80 -10.93 -21.63
C ASP B 156 -36.89 -11.88 -20.43
N HIS B 157 -35.85 -11.91 -19.57
CA HIS B 157 -35.82 -12.76 -18.38
C HIS B 157 -35.79 -11.96 -17.08
N GLN B 158 -35.85 -10.61 -17.13
CA GLN B 158 -35.57 -9.86 -15.90
C GLN B 158 -36.41 -8.59 -15.80
N VAL B 159 -37.01 -8.39 -14.63
CA VAL B 159 -37.77 -7.18 -14.28
C VAL B 159 -37.18 -6.60 -12.99
N ALA B 160 -37.07 -5.26 -12.93
CA ALA B 160 -36.63 -4.55 -11.73
C ALA B 160 -37.74 -3.61 -11.31
N VAL B 161 -38.00 -3.58 -10.01
CA VAL B 161 -39.12 -2.84 -9.44
C VAL B 161 -38.56 -1.96 -8.32
N LYS B 162 -39.14 -0.78 -8.13
CA LYS B 162 -38.88 0.00 -6.93
C LYS B 162 -40.20 0.49 -6.36
N VAL B 163 -40.41 0.31 -5.04
CA VAL B 163 -41.65 0.80 -4.43
C VAL B 163 -41.33 1.66 -3.21
N ILE B 164 -42.16 2.68 -3.01
CA ILE B 164 -42.08 3.54 -1.84
C ILE B 164 -43.43 3.45 -1.13
N ASN B 165 -43.48 2.72 0.00
CA ASN B 165 -44.70 2.61 0.80
C ASN B 165 -44.31 2.30 2.24
N TYR B 166 -45.04 2.85 3.20
CA TYR B 166 -44.73 2.61 4.59
C TYR B 166 -45.88 3.11 5.45
N SER B 167 -45.88 2.77 6.74
CA SER B 167 -46.91 3.26 7.65
C SER B 167 -46.39 4.49 8.39
N GLY B 168 -45.09 4.51 8.69
CA GLY B 168 -44.43 5.67 9.25
C GLY B 168 -42.94 5.51 8.97
N CYS B 169 -42.27 6.62 8.64
CA CYS B 169 -40.87 6.59 8.28
C CYS B 169 -40.34 8.02 8.31
N GLU B 170 -39.08 8.19 8.73
CA GLU B 170 -38.42 9.49 8.71
C GLU B 170 -38.10 9.88 7.27
N ASP B 171 -37.90 8.92 6.36
CA ASP B 171 -37.57 9.25 4.98
C ASP B 171 -38.86 9.22 4.13
N PRO B 172 -39.39 10.37 3.66
CA PRO B 172 -40.65 10.36 2.91
C PRO B 172 -40.56 9.60 1.59
N ASP B 173 -39.35 9.29 1.13
CA ASP B 173 -39.18 8.59 -0.14
C ASP B 173 -38.52 7.22 0.08
N PHE B 174 -38.76 6.62 1.26
CA PHE B 174 -38.19 5.35 1.65
C PHE B 174 -38.45 4.27 0.59
N SER B 175 -37.38 3.75 0.00
CA SER B 175 -37.38 2.96 -1.22
C SER B 175 -37.01 1.50 -0.94
N PHE B 176 -37.69 0.60 -1.67
CA PHE B 176 -37.39 -0.82 -1.59
C PHE B 176 -37.26 -1.31 -3.03
N TYR B 177 -36.20 -2.06 -3.30
CA TYR B 177 -35.91 -2.56 -4.64
C TYR B 177 -36.18 -4.06 -4.69
N PHE B 178 -36.76 -4.50 -5.81
CA PHE B 178 -37.12 -5.89 -5.95
C PHE B 178 -36.86 -6.33 -7.39
N VAL B 179 -36.08 -7.40 -7.55
CA VAL B 179 -35.72 -7.84 -8.88
C VAL B 179 -36.21 -9.28 -9.07
N LEU B 180 -36.75 -9.56 -10.26
CA LEU B 180 -37.26 -10.87 -10.60
C LEU B 180 -36.51 -11.37 -11.83
N HIS B 181 -36.01 -12.60 -11.73
CA HIS B 181 -35.45 -13.31 -12.86
C HIS B 181 -36.39 -14.48 -13.20
N PHE B 182 -36.78 -14.61 -14.46
CA PHE B 182 -37.71 -15.63 -14.92
C PHE B 182 -36.98 -16.69 -15.74
N GLU B 183 -37.28 -17.97 -15.48
CA GLU B 183 -36.71 -19.02 -16.30
C GLU B 183 -37.30 -19.03 -17.70
N GLN B 184 -38.61 -18.84 -17.82
CA GLN B 184 -39.25 -18.75 -19.13
C GLN B 184 -39.39 -17.28 -19.43
N PRO B 185 -39.10 -16.87 -20.69
CA PRO B 185 -39.08 -15.45 -21.04
C PRO B 185 -40.45 -14.78 -21.02
N LEU B 186 -40.46 -13.47 -20.76
CA LEU B 186 -41.60 -12.61 -21.01
C LEU B 186 -41.87 -12.59 -22.51
N THR B 187 -43.15 -12.62 -22.88
CA THR B 187 -43.51 -12.72 -24.29
C THR B 187 -44.07 -11.38 -24.74
N LYS B 188 -44.15 -10.41 -23.83
CA LYS B 188 -44.60 -9.06 -24.15
C LYS B 188 -43.62 -8.08 -23.52
N TRP B 189 -43.15 -7.12 -24.32
CA TRP B 189 -42.20 -6.11 -23.84
C TRP B 189 -43.01 -4.96 -23.23
N PHE B 190 -42.47 -4.28 -22.22
CA PHE B 190 -43.06 -3.00 -21.87
C PHE B 190 -41.93 -1.99 -21.62
N ALA B 191 -42.28 -0.71 -21.77
CA ALA B 191 -41.33 0.37 -21.55
C ALA B 191 -41.22 0.67 -20.05
N PRO B 192 -40.09 1.26 -19.59
CA PRO B 192 -39.98 1.72 -18.20
C PRO B 192 -41.15 2.64 -17.87
N SER B 193 -41.63 2.51 -16.65
CA SER B 193 -42.94 3.03 -16.30
C SER B 193 -42.90 3.40 -14.82
N SER B 194 -43.61 4.46 -14.46
CA SER B 194 -43.68 4.80 -13.05
C SER B 194 -45.04 5.42 -12.74
N GLY B 195 -45.37 5.49 -11.46
CA GLY B 195 -46.67 6.02 -11.08
C GLY B 195 -46.95 5.77 -9.60
N GLU B 196 -48.23 5.64 -9.26
CA GLU B 196 -48.65 5.29 -7.90
C GLU B 196 -49.62 4.13 -8.00
N ASP B 197 -49.52 3.17 -7.07
CA ASP B 197 -50.42 2.05 -7.00
C ASP B 197 -50.47 1.30 -8.32
N GLY B 198 -49.35 0.69 -8.69
CA GLY B 198 -49.22 0.04 -9.98
C GLY B 198 -49.76 -1.38 -9.97
N LYS B 199 -50.17 -1.84 -11.15
CA LYS B 199 -50.63 -3.18 -11.37
C LYS B 199 -50.04 -3.59 -12.70
N ILE B 200 -49.07 -4.50 -12.70
CA ILE B 200 -48.31 -4.85 -13.89
C ILE B 200 -48.52 -6.34 -14.16
N LEU B 201 -49.18 -6.64 -15.27
CA LEU B 201 -49.38 -8.02 -15.68
C LEU B 201 -48.23 -8.45 -16.59
N LEU B 202 -47.37 -9.34 -16.10
CA LEU B 202 -46.29 -9.89 -16.92
C LEU B 202 -46.79 -11.13 -17.64
N SER B 203 -46.46 -11.27 -18.93
CA SER B 203 -46.99 -12.36 -19.73
C SER B 203 -45.87 -13.32 -20.14
N PHE B 204 -46.20 -14.61 -20.17
CA PHE B 204 -45.23 -15.64 -20.45
C PHE B 204 -45.75 -16.58 -21.53
N GLY B 205 -46.98 -16.32 -22.02
CA GLY B 205 -47.56 -17.15 -23.07
C GLY B 205 -47.99 -18.50 -22.53
N ASN B 206 -47.69 -19.56 -23.31
CA ASN B 206 -48.33 -20.83 -23.10
C ASN B 206 -47.40 -21.83 -22.40
N ILE B 207 -46.68 -21.43 -21.37
CA ILE B 207 -45.75 -22.36 -20.71
C ILE B 207 -46.49 -23.16 -19.65
N ALA B 208 -45.96 -24.36 -19.34
CA ALA B 208 -46.55 -25.20 -18.29
C ALA B 208 -46.04 -24.78 -16.90
N GLN B 209 -44.82 -24.24 -16.85
CA GLN B 209 -44.22 -23.93 -15.57
C GLN B 209 -43.32 -22.69 -15.68
N GLN B 210 -43.45 -21.77 -14.72
CA GLN B 210 -42.53 -20.66 -14.61
C GLN B 210 -41.79 -20.80 -13.29
N VAL B 211 -40.52 -20.38 -13.27
CA VAL B 211 -39.75 -20.38 -12.04
C VAL B 211 -39.21 -18.96 -11.88
N VAL B 212 -39.57 -18.30 -10.78
CA VAL B 212 -39.18 -16.93 -10.54
C VAL B 212 -38.16 -16.88 -9.42
N HIS B 213 -36.92 -16.44 -9.73
CA HIS B 213 -35.93 -16.19 -8.69
C HIS B 213 -35.98 -14.69 -8.39
N PHE B 214 -36.15 -14.34 -7.13
CA PHE B 214 -36.33 -12.93 -6.82
C PHE B 214 -35.43 -12.55 -5.66
N SER B 215 -35.13 -11.25 -5.59
CA SER B 215 -34.35 -10.76 -4.46
C SER B 215 -34.69 -9.29 -4.25
N SER B 216 -34.05 -8.66 -3.27
CA SER B 216 -34.53 -7.34 -2.89
C SER B 216 -33.41 -6.59 -2.17
N SER B 217 -33.69 -5.30 -1.88
CA SER B 217 -32.68 -4.48 -1.25
C SER B 217 -33.31 -3.20 -0.74
N PHE B 218 -32.77 -2.69 0.38
CA PHE B 218 -33.10 -1.33 0.79
C PHE B 218 -31.97 -0.37 0.41
N ILE B 219 -30.96 -0.89 -0.30
CA ILE B 219 -29.79 -0.09 -0.70
C ILE B 219 -30.02 0.48 -2.10
N SER B 220 -30.14 -0.38 -3.11
CA SER B 220 -30.25 0.07 -4.50
C SER B 220 -30.63 -1.11 -5.38
N GLU B 221 -31.00 -0.81 -6.64
CA GLU B 221 -31.27 -1.86 -7.62
C GLU B 221 -30.04 -2.74 -7.80
N LYS B 222 -28.86 -2.12 -7.84
CA LYS B 222 -27.62 -2.86 -8.07
C LYS B 222 -27.33 -3.81 -6.91
N GLN B 223 -27.55 -3.36 -5.67
CA GLN B 223 -27.37 -4.25 -4.52
C GLN B 223 -28.38 -5.42 -4.58
N ALA B 224 -29.61 -5.14 -5.04
CA ALA B 224 -30.61 -6.21 -5.20
C ALA B 224 -30.13 -7.26 -6.20
N GLN B 225 -29.50 -6.80 -7.30
CA GLN B 225 -29.00 -7.73 -8.30
C GLN B 225 -27.86 -8.56 -7.73
N LEU B 226 -27.03 -7.96 -6.87
CA LEU B 226 -25.94 -8.69 -6.25
C LEU B 226 -26.49 -9.73 -5.27
N ASN B 227 -27.52 -9.33 -4.49
CA ASN B 227 -28.20 -10.26 -3.59
C ASN B 227 -28.73 -11.45 -4.39
N LEU B 228 -29.31 -11.19 -5.57
CA LEU B 228 -29.87 -12.23 -6.42
C LEU B 228 -28.76 -13.12 -6.98
N ALA B 229 -27.68 -12.49 -7.49
CA ALA B 229 -26.59 -13.19 -8.17
C ALA B 229 -26.01 -14.26 -7.26
N ARG B 230 -25.92 -13.96 -5.95
CA ARG B 230 -25.38 -14.91 -4.99
C ARG B 230 -26.23 -16.18 -4.85
N GLU B 231 -27.49 -16.19 -5.33
CA GLU B 231 -28.25 -17.43 -5.16
C GLU B 231 -29.00 -17.85 -6.42
N ILE B 232 -28.75 -17.16 -7.55
CA ILE B 232 -29.56 -17.32 -8.75
C ILE B 232 -29.47 -18.78 -9.24
N SER B 233 -28.39 -19.50 -8.88
CA SER B 233 -28.25 -20.83 -9.45
C SER B 233 -28.84 -21.92 -8.54
N LEU B 234 -29.35 -21.58 -7.34
CA LEU B 234 -30.02 -22.60 -6.53
C LEU B 234 -31.31 -23.05 -7.22
N ARG B 235 -31.56 -24.36 -7.24
CA ARG B 235 -32.90 -24.84 -7.49
C ARG B 235 -33.80 -24.64 -6.26
N SER B 236 -35.13 -24.64 -6.47
CA SER B 236 -36.07 -24.49 -5.37
C SER B 236 -35.79 -25.53 -4.27
N THR B 237 -35.50 -26.77 -4.66
CA THR B 237 -35.28 -27.83 -3.67
C THR B 237 -34.05 -27.56 -2.81
N GLU B 238 -33.02 -26.93 -3.40
CA GLU B 238 -31.79 -26.66 -2.68
C GLU B 238 -32.03 -25.49 -1.73
N MET B 239 -32.78 -24.49 -2.20
CA MET B 239 -33.08 -23.35 -1.34
C MET B 239 -33.93 -23.81 -0.15
N LEU B 240 -34.87 -24.75 -0.39
CA LEU B 240 -35.71 -25.29 0.66
C LEU B 240 -34.83 -26.00 1.70
N GLN B 241 -33.91 -26.85 1.23
CA GLN B 241 -33.00 -27.54 2.14
C GLN B 241 -32.16 -26.57 2.97
N GLN B 242 -31.65 -25.50 2.35
CA GLN B 242 -30.88 -24.55 3.13
C GLN B 242 -31.75 -23.85 4.17
N GLY B 243 -33.00 -23.53 3.79
CA GLY B 243 -33.93 -22.88 4.70
C GLY B 243 -34.22 -23.76 5.91
N ILE B 244 -34.43 -25.04 5.65
CA ILE B 244 -34.69 -26.02 6.70
C ILE B 244 -33.47 -26.09 7.61
N ALA B 245 -32.25 -26.12 7.02
CA ALA B 245 -31.03 -26.18 7.82
C ALA B 245 -30.88 -24.91 8.67
N ASP B 246 -31.27 -23.76 8.10
CA ASP B 246 -31.22 -22.50 8.86
C ASP B 246 -32.12 -22.58 10.10
N TRP B 247 -33.33 -23.13 9.95
CA TRP B 247 -34.24 -23.22 11.09
C TRP B 247 -33.72 -24.26 12.09
N HIS B 248 -33.24 -25.41 11.58
CA HIS B 248 -32.76 -26.48 12.45
C HIS B 248 -31.58 -26.02 13.30
N ASN B 249 -30.80 -25.09 12.75
CA ASN B 249 -29.72 -24.44 13.48
C ASN B 249 -30.20 -23.93 14.86
N TYR B 250 -31.38 -23.29 14.89
CA TYR B 250 -31.96 -22.78 16.13
C TYR B 250 -32.77 -23.87 16.83
N PHE B 251 -33.57 -24.64 16.09
CA PHE B 251 -34.43 -25.63 16.74
C PHE B 251 -33.60 -26.64 17.54
N ASP B 252 -32.44 -27.03 16.98
CA ASP B 252 -31.61 -28.04 17.60
C ASP B 252 -31.06 -27.55 18.94
N ARG B 253 -31.21 -26.26 19.27
CA ARG B 253 -30.63 -25.76 20.52
C ARG B 253 -31.56 -26.03 21.70
N LEU B 254 -32.82 -26.41 21.42
CA LEU B 254 -33.77 -26.72 22.48
C LEU B 254 -34.56 -27.95 22.04
N LYS B 255 -34.10 -29.13 22.45
CA LYS B 255 -34.75 -30.39 22.16
C LYS B 255 -35.54 -30.80 23.39
N VAL B 256 -36.88 -30.82 23.29
CA VAL B 256 -37.69 -31.02 24.49
C VAL B 256 -38.68 -32.13 24.25
N THR B 257 -39.14 -32.76 25.34
CA THR B 257 -40.26 -33.69 25.27
C THR B 257 -41.18 -33.37 26.44
N HIS B 258 -42.43 -33.87 26.34
CA HIS B 258 -43.48 -33.61 27.31
C HIS B 258 -44.26 -34.90 27.50
N GLU B 259 -45.03 -35.01 28.59
CA GLU B 259 -45.96 -36.11 28.67
C GLU B 259 -46.98 -36.01 27.54
N ASN B 260 -47.52 -34.82 27.30
CA ASN B 260 -48.55 -34.65 26.28
C ASN B 260 -47.93 -34.09 24.99
N PRO B 261 -47.93 -34.83 23.86
CA PRO B 261 -47.37 -34.32 22.60
C PRO B 261 -47.95 -33.01 22.06
N GLU B 262 -49.16 -32.63 22.49
CA GLU B 262 -49.73 -31.33 22.12
C GLU B 262 -48.90 -30.20 22.71
N HIS B 263 -48.34 -30.41 23.92
CA HIS B 263 -47.47 -29.41 24.51
C HIS B 263 -46.20 -29.23 23.70
N THR B 264 -45.67 -30.34 23.17
CA THR B 264 -44.46 -30.28 22.36
C THR B 264 -44.74 -29.50 21.09
N LYS B 265 -45.89 -29.76 20.47
CA LYS B 265 -46.33 -29.05 19.29
C LYS B 265 -46.41 -27.54 19.58
N THR B 266 -47.00 -27.18 20.73
CA THR B 266 -47.09 -25.77 21.09
C THR B 266 -45.69 -25.18 21.22
N PHE B 267 -44.82 -25.91 21.95
CA PHE B 267 -43.47 -25.41 22.21
C PHE B 267 -42.79 -25.01 20.90
N TYR B 268 -42.81 -25.89 19.90
CA TYR B 268 -42.10 -25.67 18.64
C TYR B 268 -42.76 -24.60 17.77
N HIS B 269 -44.08 -24.46 17.82
CA HIS B 269 -44.72 -23.31 17.16
C HIS B 269 -44.28 -22.00 17.81
N THR B 270 -44.23 -21.93 19.15
CA THR B 270 -43.73 -20.71 19.78
C THR B 270 -42.23 -20.51 19.48
N LEU B 271 -41.47 -21.59 19.30
CA LEU B 271 -40.05 -21.45 19.05
C LEU B 271 -39.82 -20.88 17.63
N TYR B 272 -40.64 -21.30 16.67
CA TYR B 272 -40.62 -20.70 15.34
C TYR B 272 -40.79 -19.19 15.47
N ARG B 273 -41.71 -18.75 16.33
CA ARG B 273 -42.03 -17.34 16.41
C ARG B 273 -41.03 -16.60 17.29
N THR B 274 -40.04 -17.31 17.86
CA THR B 274 -38.98 -16.68 18.65
C THR B 274 -37.79 -16.26 17.77
N PHE B 275 -37.68 -16.81 16.55
CA PHE B 275 -36.51 -16.55 15.71
C PHE B 275 -36.85 -15.77 14.45
N LEU B 276 -37.94 -14.97 14.49
CA LEU B 276 -38.34 -14.15 13.34
C LEU B 276 -37.80 -12.73 13.52
N PHE B 277 -37.96 -12.16 14.71
CA PHE B 277 -37.70 -10.77 14.98
C PHE B 277 -36.57 -10.63 15.99
N PRO B 278 -35.77 -9.55 15.91
CA PRO B 278 -35.94 -8.45 14.98
C PRO B 278 -35.45 -8.87 13.59
N GLN B 279 -36.02 -8.30 12.53
CA GLN B 279 -35.62 -8.68 11.18
C GLN B 279 -34.27 -8.07 10.84
N THR B 280 -33.45 -8.84 10.11
CA THR B 280 -32.23 -8.36 9.49
C THR B 280 -32.54 -7.13 8.65
N PHE B 281 -31.77 -6.05 8.86
CA PHE B 281 -32.02 -4.82 8.12
C PHE B 281 -30.70 -4.25 7.62
N TYR B 282 -29.80 -5.13 7.17
CA TYR B 282 -28.58 -4.76 6.50
C TYR B 282 -28.24 -5.82 5.46
N GLU B 283 -27.43 -5.40 4.47
CA GLU B 283 -26.98 -6.27 3.40
C GLU B 283 -25.45 -6.30 3.35
N LEU B 284 -24.91 -7.24 2.54
CA LEU B 284 -23.46 -7.38 2.36
C LEU B 284 -23.05 -6.85 0.99
N ASP B 285 -22.21 -5.80 0.96
CA ASP B 285 -21.81 -5.15 -0.28
C ASP B 285 -20.86 -6.05 -1.09
N GLU B 286 -20.31 -5.49 -2.18
CA GLU B 286 -19.46 -6.26 -3.08
C GLU B 286 -18.21 -6.74 -2.36
N ASN B 287 -17.82 -6.08 -1.25
CA ASN B 287 -16.66 -6.53 -0.48
C ASN B 287 -17.07 -7.33 0.75
N GLN B 288 -18.33 -7.78 0.79
CA GLN B 288 -18.86 -8.55 1.91
C GLN B 288 -18.94 -7.70 3.17
N GLN B 289 -19.02 -6.37 3.03
CA GLN B 289 -19.13 -5.53 4.22
C GLN B 289 -20.60 -5.17 4.44
N PRO B 290 -21.03 -5.16 5.72
CA PRO B 290 -22.39 -4.77 6.07
C PRO B 290 -22.67 -3.31 5.75
N ILE B 291 -23.80 -3.10 5.07
CA ILE B 291 -24.30 -1.75 4.81
C ILE B 291 -25.79 -1.75 5.07
N HIS B 292 -26.33 -0.57 5.37
CA HIS B 292 -27.76 -0.46 5.58
C HIS B 292 -28.22 0.93 5.16
N TYR B 293 -29.53 1.13 5.13
CA TYR B 293 -30.11 2.44 4.84
C TYR B 293 -30.43 3.18 6.15
N ASP B 294 -29.96 4.42 6.22
CA ASP B 294 -30.21 5.30 7.35
C ASP B 294 -31.31 6.29 6.94
N THR B 295 -32.51 6.12 7.50
CA THR B 295 -33.63 6.92 7.06
C THR B 295 -33.53 8.34 7.62
N PHE B 296 -32.75 8.51 8.68
CA PHE B 296 -32.66 9.79 9.36
C PHE B 296 -31.90 10.80 8.51
N SER B 297 -30.80 10.40 7.89
CA SER B 297 -30.07 11.30 7.01
C SER B 297 -30.30 10.94 5.54
N GLN B 298 -31.10 9.89 5.30
CA GLN B 298 -31.47 9.41 3.99
C GLN B 298 -30.27 9.02 3.13
N THR B 299 -29.37 8.22 3.68
CA THR B 299 -28.22 7.76 2.91
C THR B 299 -27.93 6.32 3.31
N VAL B 300 -27.10 5.64 2.52
CA VAL B 300 -26.56 4.34 2.84
C VAL B 300 -25.39 4.53 3.78
N ARG B 301 -25.32 3.73 4.85
CA ARG B 301 -24.25 3.82 5.82
C ARG B 301 -23.67 2.44 6.10
N PRO B 302 -22.39 2.35 6.54
CA PRO B 302 -21.78 1.03 6.81
C PRO B 302 -22.26 0.51 8.18
N GLY B 303 -22.24 -0.82 8.33
CA GLY B 303 -22.56 -1.43 9.61
C GLY B 303 -23.86 -2.22 9.57
N VAL B 304 -24.11 -2.99 10.64
CA VAL B 304 -25.32 -3.78 10.80
C VAL B 304 -26.46 -2.89 11.31
N LEU B 305 -27.70 -3.32 11.02
CA LEU B 305 -28.92 -2.71 11.53
C LEU B 305 -30.00 -3.79 11.55
N TYR B 306 -30.88 -3.74 12.56
CA TYR B 306 -32.01 -4.64 12.67
C TYR B 306 -33.27 -3.79 12.78
N THR B 307 -34.42 -4.37 12.43
CA THR B 307 -35.67 -3.61 12.49
C THR B 307 -36.81 -4.46 13.09
N ASN B 308 -37.99 -3.82 13.27
CA ASN B 308 -39.21 -4.54 13.65
C ASN B 308 -39.08 -5.08 15.08
N ASN B 309 -38.97 -4.15 16.05
CA ASN B 309 -38.89 -4.55 17.45
C ASN B 309 -39.36 -3.39 18.32
N GLY B 310 -40.30 -3.67 19.22
CA GLY B 310 -40.60 -2.71 20.26
C GLY B 310 -40.09 -3.23 21.60
N PHE B 311 -39.05 -2.56 22.14
CA PHE B 311 -38.32 -3.06 23.29
C PHE B 311 -39.21 -3.19 24.53
N TRP B 312 -40.24 -2.33 24.62
CA TRP B 312 -41.22 -2.40 25.69
C TRP B 312 -41.77 -3.82 25.81
N ASP B 313 -41.87 -4.52 24.67
CA ASP B 313 -42.34 -5.90 24.61
C ASP B 313 -41.16 -6.87 24.74
N THR B 314 -40.12 -6.65 23.95
CA THR B 314 -39.18 -7.73 23.69
C THR B 314 -38.09 -7.84 24.77
N TYR B 315 -37.88 -6.78 25.57
CA TYR B 315 -36.81 -6.83 26.57
C TYR B 315 -37.12 -7.90 27.64
N LYS B 316 -38.41 -8.19 27.80
CA LYS B 316 -38.89 -9.05 28.88
C LYS B 316 -38.36 -10.47 28.77
N THR B 317 -38.30 -11.00 27.54
CA THR B 317 -38.14 -12.44 27.34
C THR B 317 -37.20 -12.78 26.19
N VAL B 318 -37.27 -12.02 25.08
CA VAL B 318 -36.56 -12.39 23.88
C VAL B 318 -35.05 -12.34 24.13
N TYR B 319 -34.56 -11.16 24.58
CA TYR B 319 -33.12 -10.98 24.67
C TYR B 319 -32.54 -11.88 25.78
N PRO B 320 -33.19 -11.99 26.97
CA PRO B 320 -32.73 -12.96 27.97
C PRO B 320 -32.65 -14.38 27.42
N LEU B 321 -33.59 -14.80 26.57
CA LEU B 321 -33.46 -16.12 25.97
C LEU B 321 -32.26 -16.17 25.02
N PHE B 322 -32.07 -15.13 24.19
CA PHE B 322 -30.92 -15.10 23.30
C PHE B 322 -29.62 -15.15 24.13
N SER B 323 -29.67 -14.54 25.32
CA SER B 323 -28.47 -14.54 26.16
C SER B 323 -28.04 -15.96 26.53
N LEU B 324 -28.96 -16.94 26.45
CA LEU B 324 -28.64 -18.31 26.82
C LEU B 324 -28.24 -19.11 25.57
N ILE B 325 -29.00 -18.98 24.47
CA ILE B 325 -28.86 -19.95 23.38
C ILE B 325 -28.56 -19.28 22.02
N ALA B 326 -28.59 -17.95 21.93
CA ALA B 326 -28.28 -17.32 20.64
C ALA B 326 -27.47 -16.05 20.85
N GLN B 327 -26.36 -16.18 21.57
CA GLN B 327 -25.58 -15.00 21.96
C GLN B 327 -24.94 -14.32 20.73
N GLU B 328 -24.58 -15.09 19.72
CA GLU B 328 -24.02 -14.55 18.49
C GLU B 328 -25.03 -13.59 17.82
N LYS B 329 -26.33 -13.90 17.92
CA LYS B 329 -27.35 -13.00 17.38
C LYS B 329 -27.45 -11.74 18.24
N TYR B 330 -27.56 -11.93 19.56
CA TYR B 330 -27.63 -10.83 20.51
C TYR B 330 -26.48 -9.85 20.24
N GLU B 331 -25.26 -10.38 20.05
CA GLU B 331 -24.06 -9.58 19.84
C GLU B 331 -24.22 -8.66 18.64
N GLU B 332 -24.76 -9.19 17.54
CA GLU B 332 -24.88 -8.43 16.31
C GLU B 332 -26.06 -7.45 16.41
N MET B 333 -27.11 -7.84 17.13
CA MET B 333 -28.26 -6.97 17.28
C MET B 333 -27.91 -5.74 18.12
N LEU B 334 -27.08 -5.91 19.15
CA LEU B 334 -26.69 -4.78 20.00
C LEU B 334 -25.92 -3.76 19.17
N GLU B 335 -25.08 -4.26 18.27
CA GLU B 335 -24.34 -3.40 17.36
C GLU B 335 -25.32 -2.58 16.51
N GLY B 336 -26.40 -3.23 16.04
CA GLY B 336 -27.41 -2.58 15.24
C GLY B 336 -28.09 -1.43 16.00
N PHE B 337 -28.45 -1.72 17.26
CA PHE B 337 -29.16 -0.77 18.11
C PHE B 337 -28.28 0.45 18.39
N LEU B 338 -26.96 0.22 18.53
CA LEU B 338 -26.00 1.29 18.72
C LEU B 338 -25.90 2.14 17.45
N ASN B 339 -25.89 1.51 16.27
CA ASN B 339 -26.01 2.26 15.02
C ASN B 339 -27.27 3.10 14.97
N SER B 340 -28.40 2.60 15.48
CA SER B 340 -29.60 3.44 15.50
C SER B 340 -29.35 4.70 16.32
N TYR B 341 -28.66 4.52 17.47
CA TYR B 341 -28.33 5.65 18.31
C TYR B 341 -27.41 6.62 17.56
N ASN B 342 -26.39 6.06 16.92
CA ASN B 342 -25.41 6.87 16.22
C ASN B 342 -26.12 7.72 15.17
N GLU B 343 -27.21 7.18 14.58
CA GLU B 343 -27.75 7.83 13.39
C GLU B 343 -28.81 8.85 13.77
N THR B 344 -29.36 8.74 14.99
CA THR B 344 -30.53 9.53 15.29
C THR B 344 -30.30 10.36 16.55
N GLY B 345 -29.34 9.98 17.40
CA GLY B 345 -29.15 10.73 18.64
C GLY B 345 -29.74 10.06 19.87
N PHE B 346 -30.63 9.06 19.71
CA PHE B 346 -31.24 8.40 20.88
C PHE B 346 -31.36 6.91 20.65
N LEU B 347 -31.20 6.12 21.71
CA LEU B 347 -31.40 4.67 21.63
C LEU B 347 -32.85 4.40 21.23
N PRO B 348 -33.10 3.42 20.35
CA PRO B 348 -34.44 3.23 19.78
C PRO B 348 -35.47 2.66 20.77
N LYS B 349 -36.74 2.97 20.53
CA LYS B 349 -37.89 2.50 21.28
C LYS B 349 -38.68 1.47 20.47
N TRP B 350 -39.05 1.82 19.24
CA TRP B 350 -39.87 0.97 18.39
C TRP B 350 -39.46 1.15 16.95
N LEU B 351 -38.67 0.20 16.40
CA LEU B 351 -38.18 0.32 15.04
C LEU B 351 -39.14 -0.36 14.06
N SER B 352 -39.69 0.41 13.06
CA SER B 352 -40.50 -0.19 11.99
C SER B 352 -40.79 0.79 10.85
N PRO B 353 -39.83 1.04 9.94
CA PRO B 353 -38.50 0.46 9.91
C PRO B 353 -37.51 1.22 10.81
N ASP B 354 -37.88 2.45 11.17
CA ASP B 354 -37.06 3.34 11.98
C ASP B 354 -37.91 3.76 13.18
N GLU B 355 -37.50 4.83 13.88
CA GLU B 355 -38.13 5.11 15.16
C GLU B 355 -39.58 5.53 14.98
N ARG B 356 -40.51 4.79 15.60
CA ARG B 356 -41.93 5.07 15.50
C ARG B 356 -42.41 5.67 16.82
N GLY B 357 -41.62 5.53 17.89
CA GLY B 357 -41.86 6.24 19.13
C GLY B 357 -42.99 5.69 20.01
N LEU B 358 -43.50 4.48 19.75
CA LEU B 358 -44.70 4.03 20.44
C LEU B 358 -44.35 3.35 21.76
N MET B 359 -45.30 3.45 22.70
CA MET B 359 -45.29 2.86 24.05
C MET B 359 -44.44 3.74 24.98
N PRO B 360 -44.70 3.71 26.31
CA PRO B 360 -43.85 4.41 27.27
C PRO B 360 -42.45 3.81 27.32
N GLY B 361 -41.48 4.58 27.87
CA GLY B 361 -40.20 4.04 28.36
C GLY B 361 -39.14 3.81 27.29
N THR B 362 -37.91 3.55 27.76
CA THR B 362 -36.76 3.25 26.93
C THR B 362 -36.18 1.91 27.38
N LEU B 363 -36.96 0.85 27.16
CA LEU B 363 -36.64 -0.46 27.70
C LEU B 363 -35.44 -1.09 26.99
N ILE B 364 -34.93 -0.48 25.91
CA ILE B 364 -33.67 -0.91 25.32
C ILE B 364 -32.59 -0.89 26.41
N ASP B 365 -32.75 0.03 27.38
CA ASP B 365 -31.80 0.13 28.49
C ASP B 365 -31.65 -1.21 29.21
N ALA B 366 -32.77 -1.95 29.33
CA ALA B 366 -32.73 -3.26 29.97
C ALA B 366 -32.06 -4.30 29.08
N VAL B 367 -32.26 -4.21 27.75
CA VAL B 367 -31.53 -5.10 26.85
C VAL B 367 -30.02 -4.87 27.01
N ILE B 368 -29.61 -3.60 27.17
CA ILE B 368 -28.20 -3.28 27.27
C ILE B 368 -27.65 -3.77 28.62
N ALA B 369 -28.35 -3.44 29.71
CA ALA B 369 -27.89 -3.78 31.06
C ALA B 369 -27.78 -5.29 31.21
N ASP B 370 -28.77 -6.03 30.69
CA ASP B 370 -28.74 -7.47 30.79
C ASP B 370 -27.50 -8.01 30.09
N ALA B 371 -27.22 -7.50 28.89
CA ALA B 371 -26.01 -7.88 28.18
C ALA B 371 -24.76 -7.55 29.02
N ALA B 372 -24.73 -6.35 29.62
CA ALA B 372 -23.56 -5.94 30.38
C ALA B 372 -23.28 -6.92 31.53
N VAL B 373 -24.31 -7.21 32.35
CA VAL B 373 -24.02 -8.06 33.50
C VAL B 373 -23.75 -9.50 33.05
N LYS B 374 -24.06 -9.86 31.81
CA LYS B 374 -23.81 -11.21 31.34
C LYS B 374 -22.56 -11.24 30.46
N LYS B 375 -21.84 -10.11 30.39
CA LYS B 375 -20.61 -10.01 29.62
C LYS B 375 -20.87 -10.28 28.14
N ILE B 376 -21.97 -9.73 27.59
CA ILE B 376 -22.21 -9.78 26.16
C ILE B 376 -21.89 -8.40 25.58
N ARG B 377 -20.96 -8.35 24.61
CA ARG B 377 -20.46 -7.10 24.01
C ARG B 377 -19.97 -6.13 25.10
N PRO B 378 -19.06 -6.53 26.02
CA PRO B 378 -18.49 -5.56 26.97
C PRO B 378 -17.75 -4.44 26.22
N ASP B 379 -17.22 -4.73 25.02
CA ASP B 379 -16.58 -3.73 24.18
C ASP B 379 -17.51 -2.57 23.83
N LEU B 380 -18.84 -2.79 23.76
CA LEU B 380 -19.73 -1.69 23.37
C LEU B 380 -20.26 -0.92 24.58
N MET B 381 -19.99 -1.40 25.80
CA MET B 381 -20.67 -0.84 26.95
C MET B 381 -20.29 0.62 27.22
N PRO B 382 -19.01 1.07 27.07
CA PRO B 382 -18.73 2.51 27.21
C PRO B 382 -19.58 3.37 26.28
N GLN B 383 -19.71 3.00 25.02
CA GLN B 383 -20.58 3.75 24.11
C GLN B 383 -22.05 3.69 24.54
N PHE B 384 -22.54 2.52 24.99
CA PHE B 384 -23.92 2.42 25.46
C PHE B 384 -24.13 3.31 26.69
N LEU B 385 -23.16 3.33 27.64
CA LEU B 385 -23.36 4.14 28.84
C LEU B 385 -23.56 5.60 28.46
N GLU B 386 -22.75 6.10 27.52
CA GLU B 386 -22.88 7.49 27.07
C GLU B 386 -24.28 7.71 26.45
N ALA B 387 -24.75 6.78 25.59
CA ALA B 387 -26.05 6.89 24.94
C ALA B 387 -27.18 6.85 25.97
N MET B 388 -27.06 5.99 27.01
CA MET B 388 -28.13 5.90 28.01
C MET B 388 -28.17 7.18 28.85
N LYS B 389 -26.99 7.70 29.22
CA LYS B 389 -26.92 8.93 30.00
C LYS B 389 -27.52 10.09 29.24
N LYS B 390 -27.27 10.15 27.91
CA LYS B 390 -27.89 11.17 27.09
C LYS B 390 -29.41 11.08 27.16
N GLY B 391 -29.94 9.87 26.95
CA GLY B 391 -31.38 9.65 27.01
C GLY B 391 -31.98 10.07 28.35
N ALA B 392 -31.23 9.87 29.43
CA ALA B 392 -31.73 10.15 30.77
C ALA B 392 -31.57 11.62 31.15
N THR B 393 -30.85 12.42 30.33
CA THR B 393 -30.58 13.79 30.74
C THR B 393 -31.06 14.81 29.72
N GLN B 394 -31.31 14.41 28.47
CA GLN B 394 -31.71 15.38 27.46
C GLN B 394 -33.06 15.05 26.86
N GLN B 395 -33.89 16.08 26.71
CA GLN B 395 -35.19 16.00 26.07
C GLN B 395 -34.99 16.17 24.57
N SER B 396 -35.40 15.18 23.79
CA SER B 396 -35.43 15.35 22.34
C SER B 396 -36.45 16.42 21.97
N GLU B 397 -36.16 17.16 20.92
CA GLU B 397 -37.16 18.07 20.39
C GLU B 397 -38.11 17.32 19.45
N ARG B 398 -37.69 16.17 18.89
CA ARG B 398 -38.60 15.31 18.14
C ARG B 398 -39.31 14.37 19.11
N GLU B 399 -40.64 14.30 18.99
CA GLU B 399 -41.43 13.65 20.04
C GLU B 399 -41.34 12.13 20.02
N ASN B 400 -40.80 11.52 18.95
CA ASN B 400 -40.72 10.06 18.91
C ASN B 400 -39.47 9.49 19.57
N TYR B 401 -38.56 10.34 20.04
CA TYR B 401 -37.26 9.86 20.48
C TYR B 401 -37.09 10.08 21.98
N GLY B 402 -36.41 9.16 22.63
CA GLY B 402 -35.95 9.36 24.00
C GLY B 402 -37.10 9.32 25.00
N ARG B 403 -36.82 9.86 26.19
CA ARG B 403 -37.82 9.98 27.24
C ARG B 403 -38.70 11.18 26.96
N GLN B 404 -39.99 11.09 27.28
CA GLN B 404 -40.86 12.26 27.27
C GLN B 404 -40.94 12.78 28.71
N GLY B 405 -40.80 14.09 28.89
CA GLY B 405 -40.80 14.61 30.25
C GLY B 405 -39.50 14.33 31.01
N THR B 406 -38.40 14.17 30.26
CA THR B 406 -37.06 13.97 30.83
C THR B 406 -36.80 15.00 31.93
N LEU B 407 -37.04 16.28 31.62
CA LEU B 407 -36.63 17.35 32.52
C LEU B 407 -37.53 17.38 33.75
N ASP B 408 -38.83 17.11 33.56
CA ASP B 408 -39.76 17.09 34.68
C ASP B 408 -39.42 15.96 35.63
N TYR B 409 -38.99 14.83 35.07
CA TYR B 409 -38.65 13.66 35.87
C TYR B 409 -37.48 14.01 36.79
N LEU B 410 -36.49 14.71 36.22
CA LEU B 410 -35.31 15.14 36.97
C LEU B 410 -35.70 16.19 38.03
N LYS B 411 -36.65 17.06 37.69
CA LYS B 411 -37.08 18.10 38.62
C LYS B 411 -37.85 17.49 39.79
N TYR B 412 -38.83 16.62 39.53
CA TYR B 412 -39.78 16.23 40.55
C TYR B 412 -39.53 14.85 41.15
N GLY B 413 -38.76 14.01 40.47
CA GLY B 413 -38.58 12.61 40.86
C GLY B 413 -39.65 11.69 40.28
N TYR B 414 -40.53 12.24 39.43
CA TYR B 414 -41.56 11.49 38.72
C TYR B 414 -42.05 12.30 37.53
N VAL B 415 -42.69 11.63 36.57
CA VAL B 415 -43.38 12.31 35.50
C VAL B 415 -44.75 12.71 36.03
N PRO B 416 -45.08 14.02 36.10
CA PRO B 416 -46.35 14.47 36.67
C PRO B 416 -47.57 14.11 35.81
N SER B 417 -48.75 14.21 36.43
CA SER B 417 -50.00 13.69 35.91
C SER B 417 -50.49 14.48 34.71
N THR B 418 -49.78 15.55 34.33
CA THR B 418 -50.16 16.30 33.15
C THR B 418 -49.76 15.53 31.89
N TYR B 419 -48.78 14.61 32.00
CA TYR B 419 -48.44 13.76 30.86
C TYR B 419 -49.34 12.52 30.84
N HIS B 420 -49.62 12.04 29.63
CA HIS B 420 -50.36 10.81 29.38
C HIS B 420 -49.54 9.63 29.93
N GLU B 421 -50.21 8.67 30.60
CA GLU B 421 -49.59 7.41 31.03
C GLU B 421 -48.38 7.67 31.94
N SER B 422 -48.51 8.65 32.85
CA SER B 422 -47.36 9.12 33.61
C SER B 422 -46.85 8.06 34.61
N VAL B 423 -47.73 7.13 35.03
CA VAL B 423 -47.32 6.10 35.96
C VAL B 423 -46.32 5.17 35.25
N ASN B 424 -46.66 4.76 34.03
CA ASN B 424 -45.76 3.89 33.27
C ASN B 424 -44.48 4.63 32.95
N HIS B 425 -44.56 5.91 32.55
CA HIS B 425 -43.34 6.67 32.25
C HIS B 425 -42.42 6.70 33.48
N THR B 426 -42.99 7.03 34.65
CA THR B 426 -42.21 7.14 35.87
C THR B 426 -41.51 5.82 36.18
N LEU B 427 -42.28 4.73 36.16
CA LEU B 427 -41.79 3.43 36.59
C LEU B 427 -40.77 2.90 35.59
N ASP B 428 -41.03 3.13 34.29
CA ASP B 428 -40.06 2.80 33.25
C ASP B 428 -38.76 3.57 33.44
N TYR B 429 -38.84 4.88 33.72
CA TYR B 429 -37.63 5.69 33.87
C TYR B 429 -36.82 5.22 35.07
N ALA B 430 -37.53 4.93 36.18
CA ALA B 430 -36.84 4.47 37.38
C ALA B 430 -36.11 3.14 37.13
N TYR B 431 -36.77 2.23 36.40
CA TYR B 431 -36.14 0.96 36.05
C TYR B 431 -34.97 1.18 35.07
N SER B 432 -35.14 2.08 34.09
CA SER B 432 -34.04 2.46 33.22
C SER B 432 -32.84 2.94 34.04
N ASP B 433 -33.12 3.79 35.04
CA ASP B 433 -32.08 4.34 35.90
C ASP B 433 -31.27 3.19 36.49
N PHE B 434 -31.98 2.16 36.97
CA PHE B 434 -31.34 0.97 37.53
C PHE B 434 -30.43 0.34 36.47
N CYS B 435 -30.94 0.21 35.23
CA CYS B 435 -30.19 -0.38 34.15
C CYS B 435 -28.91 0.40 33.86
N ILE B 436 -29.02 1.74 33.93
CA ILE B 436 -27.86 2.60 33.69
C ILE B 436 -26.82 2.33 34.79
N SER B 437 -27.30 2.22 36.03
CA SER B 437 -26.41 2.01 37.16
C SER B 437 -25.70 0.68 37.02
N GLN B 438 -26.38 -0.35 36.49
CA GLN B 438 -25.74 -1.65 36.30
C GLN B 438 -24.64 -1.58 35.26
N VAL B 439 -24.92 -0.90 34.13
CA VAL B 439 -23.89 -0.76 33.11
C VAL B 439 -22.66 -0.07 33.71
N ALA B 440 -22.90 1.06 34.41
CA ALA B 440 -21.86 1.82 35.09
C ALA B 440 -21.05 0.93 36.03
N LYS B 441 -21.72 0.10 36.83
CA LYS B 441 -21.03 -0.78 37.76
C LYS B 441 -20.09 -1.71 37.01
N THR B 442 -20.56 -2.30 35.91
CA THR B 442 -19.70 -3.20 35.17
C THR B 442 -18.49 -2.44 34.62
N LEU B 443 -18.57 -1.11 34.53
CA LEU B 443 -17.45 -0.37 33.96
C LEU B 443 -16.64 0.29 35.08
N ASN B 444 -16.95 -0.01 36.35
CA ASN B 444 -16.37 0.62 37.54
C ASN B 444 -16.49 2.14 37.50
N ASP B 445 -17.61 2.66 36.99
CA ASP B 445 -17.88 4.08 37.07
C ASP B 445 -18.75 4.34 38.30
N SER B 446 -18.09 4.55 39.46
CA SER B 446 -18.74 4.64 40.76
C SER B 446 -19.72 5.79 40.82
N GLU B 447 -19.32 6.94 40.28
CA GLU B 447 -20.10 8.15 40.45
C GLU B 447 -21.44 7.97 39.74
N THR B 448 -21.40 7.44 38.50
CA THR B 448 -22.60 7.17 37.71
C THR B 448 -23.46 6.12 38.43
N ALA B 449 -22.85 5.01 38.82
CA ALA B 449 -23.54 3.91 39.48
C ALA B 449 -24.35 4.42 40.67
N THR B 450 -23.71 5.23 41.52
CA THR B 450 -24.31 5.71 42.74
C THR B 450 -25.51 6.61 42.41
N PHE B 451 -25.30 7.54 41.47
CA PHE B 451 -26.37 8.49 41.17
C PHE B 451 -27.61 7.77 40.64
N TYR B 452 -27.41 6.82 39.70
CA TYR B 452 -28.52 6.15 39.04
C TYR B 452 -29.20 5.14 39.96
N ARG B 453 -28.44 4.50 40.86
CA ARG B 453 -29.01 3.61 41.87
C ARG B 453 -30.01 4.39 42.73
N GLN B 454 -29.69 5.67 42.97
CA GLN B 454 -30.54 6.51 43.79
C GLN B 454 -31.78 6.91 43.01
N GLN B 455 -31.59 7.33 41.75
CA GLN B 455 -32.68 7.63 40.83
C GLN B 455 -33.67 6.47 40.71
N ALA B 456 -33.15 5.24 40.76
CA ALA B 456 -33.94 4.03 40.56
C ALA B 456 -34.99 3.85 41.65
N LEU B 457 -34.90 4.62 42.75
CA LEU B 457 -35.85 4.51 43.85
C LEU B 457 -37.03 5.47 43.63
N ASN B 458 -37.07 6.14 42.47
CA ASN B 458 -38.11 7.11 42.17
C ASN B 458 -39.51 6.45 42.13
N TYR B 459 -39.59 5.13 41.94
CA TYR B 459 -40.89 4.48 41.98
C TYR B 459 -41.65 4.85 43.26
N GLN B 460 -40.92 5.17 44.34
CA GLN B 460 -41.54 5.44 45.64
C GLN B 460 -42.43 6.67 45.58
N GLN B 461 -42.18 7.55 44.61
CA GLN B 461 -42.94 8.78 44.50
C GLN B 461 -44.41 8.54 44.15
N LEU B 462 -44.72 7.45 43.45
CA LEU B 462 -46.12 7.30 42.98
C LEU B 462 -46.90 6.29 43.81
N PHE B 463 -46.24 5.70 44.82
CA PHE B 463 -46.94 4.76 45.69
C PHE B 463 -47.86 5.50 46.65
N ASN B 464 -49.16 5.21 46.58
CA ASN B 464 -50.11 5.83 47.49
C ASN B 464 -50.44 4.89 48.63
N PRO B 465 -49.95 5.14 49.87
CA PRO B 465 -50.18 4.23 50.99
C PRO B 465 -51.66 4.12 51.32
N GLU B 466 -52.48 5.09 50.91
CA GLU B 466 -53.91 5.04 51.14
C GLU B 466 -54.57 3.90 50.35
N THR B 467 -54.06 3.59 49.15
CA THR B 467 -54.80 2.66 48.30
C THR B 467 -54.00 1.39 48.07
N GLY B 468 -52.69 1.45 48.28
CA GLY B 468 -51.81 0.34 47.95
C GLY B 468 -51.57 0.18 46.43
N PHE B 469 -51.70 1.27 45.67
CA PHE B 469 -51.41 1.26 44.24
C PHE B 469 -50.49 2.43 43.86
N MET B 470 -49.89 2.33 42.66
CA MET B 470 -49.24 3.43 41.97
C MET B 470 -50.31 4.29 41.30
N GLN B 471 -50.26 5.61 41.58
CA GLN B 471 -51.22 6.58 41.07
C GLN B 471 -50.47 7.79 40.55
N ALA B 472 -51.07 8.47 39.56
CA ALA B 472 -50.49 9.68 38.98
C ALA B 472 -50.54 10.81 40.02
N LYS B 473 -49.54 11.68 40.00
CA LYS B 473 -49.37 12.75 40.98
C LYS B 473 -49.12 14.06 40.23
N ASP B 474 -49.74 15.16 40.69
CA ASP B 474 -49.54 16.46 40.05
C ASP B 474 -48.23 17.10 40.54
N THR B 475 -47.92 18.31 40.05
CA THR B 475 -46.68 19.00 40.39
C THR B 475 -46.64 19.50 41.84
N GLU B 476 -47.79 19.58 42.52
CA GLU B 476 -47.79 19.92 43.94
C GLU B 476 -47.73 18.67 44.80
N GLY B 477 -47.61 17.49 44.19
CA GLY B 477 -47.42 16.27 44.95
C GLY B 477 -48.74 15.64 45.44
N ASN B 478 -49.87 15.94 44.78
CA ASN B 478 -51.16 15.35 45.14
C ASN B 478 -51.58 14.29 44.12
N PHE B 479 -52.12 13.18 44.65
CA PHE B 479 -52.65 12.11 43.83
C PHE B 479 -53.96 12.54 43.18
N ARG B 480 -54.15 12.19 41.90
CA ARG B 480 -55.39 12.50 41.21
C ARG B 480 -56.55 11.96 42.05
N PRO B 481 -57.64 12.72 42.30
CA PRO B 481 -58.73 12.19 43.13
C PRO B 481 -59.65 11.29 42.29
N ASP B 482 -60.56 10.57 42.97
CA ASP B 482 -61.52 9.73 42.30
C ASP B 482 -60.85 8.50 41.67
N PHE B 483 -59.80 8.00 42.31
CA PHE B 483 -59.11 6.77 41.91
C PHE B 483 -60.08 5.59 41.90
N LEU B 484 -60.03 4.76 40.83
CA LEU B 484 -60.70 3.47 40.83
C LEU B 484 -59.70 2.39 40.39
N ASP B 485 -59.53 1.35 41.20
CA ASP B 485 -58.50 0.34 40.97
C ASP B 485 -58.60 -0.31 39.58
N ILE B 486 -59.82 -0.53 39.05
CA ILE B 486 -60.02 -1.28 37.82
C ILE B 486 -60.20 -0.34 36.61
N ARG B 487 -59.94 0.96 36.81
CA ARG B 487 -60.13 1.89 35.70
C ARG B 487 -58.90 1.88 34.79
N TRP B 488 -59.12 1.64 33.49
CA TRP B 488 -58.06 1.47 32.51
C TRP B 488 -57.72 2.81 31.87
N GLY B 489 -56.48 2.96 31.41
CA GLY B 489 -56.10 4.10 30.58
C GLY B 489 -55.76 5.34 31.39
N LYS B 490 -55.55 6.45 30.66
CA LYS B 490 -55.26 7.79 31.18
C LYS B 490 -53.88 7.81 31.83
N ASP B 491 -53.77 7.27 33.04
CA ASP B 491 -52.51 7.26 33.79
C ASP B 491 -51.70 5.99 33.55
N TYR B 492 -52.33 4.97 32.96
CA TYR B 492 -51.74 3.65 32.79
C TYR B 492 -51.92 3.22 31.34
N ALA B 493 -50.91 2.56 30.79
CA ALA B 493 -50.99 2.09 29.40
C ALA B 493 -51.57 0.69 29.36
N GLU B 494 -52.68 0.52 28.61
CA GLU B 494 -53.22 -0.80 28.28
C GLU B 494 -53.41 -1.63 29.55
N GLY B 495 -53.91 -0.98 30.61
CA GLY B 495 -54.17 -1.67 31.86
C GLY B 495 -54.75 -0.69 32.86
N SER B 496 -55.14 -1.22 34.02
CA SER B 496 -55.54 -0.40 35.15
C SER B 496 -54.41 -0.38 36.18
N ALA B 497 -54.68 0.21 37.34
CA ALA B 497 -53.69 0.20 38.41
C ALA B 497 -53.22 -1.23 38.72
N TRP B 498 -54.09 -2.24 38.57
CA TRP B 498 -53.75 -3.63 38.88
C TRP B 498 -52.68 -4.16 37.93
N GLN B 499 -52.70 -3.68 36.66
CA GLN B 499 -51.73 -4.14 35.69
C GLN B 499 -50.46 -3.28 35.69
N SER B 500 -50.40 -2.24 36.54
CA SER B 500 -49.34 -1.26 36.43
C SER B 500 -48.54 -1.07 37.70
N SER B 501 -49.03 -1.56 38.84
CA SER B 501 -48.49 -1.10 40.12
C SER B 501 -47.30 -1.94 40.59
N PHE B 502 -46.88 -2.91 39.78
CA PHE B 502 -45.85 -3.84 40.19
C PHE B 502 -44.70 -3.84 39.17
N ALA B 503 -44.54 -2.71 38.46
CA ALA B 503 -43.42 -2.57 37.53
C ALA B 503 -42.20 -2.02 38.28
N VAL B 504 -41.70 -2.78 39.26
CA VAL B 504 -40.56 -2.36 40.07
C VAL B 504 -39.53 -3.50 40.11
N TYR B 505 -39.11 -3.92 38.92
CA TYR B 505 -38.22 -5.06 38.75
C TYR B 505 -36.91 -4.87 39.51
N GLN B 506 -36.49 -3.59 39.66
CA GLN B 506 -35.22 -3.26 40.27
C GLN B 506 -35.27 -3.41 41.79
N ASP B 507 -36.47 -3.40 42.39
CA ASP B 507 -36.48 -3.29 43.84
C ASP B 507 -37.78 -3.80 44.46
N PHE B 508 -38.15 -5.07 44.20
CA PHE B 508 -39.37 -5.59 44.81
C PHE B 508 -39.31 -5.54 46.36
N ALA B 509 -38.15 -5.82 46.96
CA ALA B 509 -38.04 -5.76 48.41
C ALA B 509 -38.43 -4.37 48.93
N GLY B 510 -38.03 -3.32 48.21
CA GLY B 510 -38.40 -1.95 48.54
C GLY B 510 -39.90 -1.69 48.36
N LEU B 511 -40.48 -2.23 47.28
CA LEU B 511 -41.92 -2.11 47.07
C LEU B 511 -42.66 -2.81 48.21
N ILE B 512 -42.15 -3.98 48.60
CA ILE B 512 -42.76 -4.72 49.70
C ILE B 512 -42.75 -3.88 50.98
N LYS B 513 -41.63 -3.20 51.24
CA LYS B 513 -41.48 -2.34 52.43
C LYS B 513 -42.55 -1.25 52.41
N LEU B 514 -42.90 -0.72 51.24
CA LEU B 514 -43.96 0.27 51.17
C LEU B 514 -45.31 -0.29 51.60
N TYR B 515 -45.59 -1.58 51.35
CA TYR B 515 -46.84 -2.18 51.78
C TYR B 515 -46.82 -2.41 53.28
N GLY B 516 -45.62 -2.47 53.88
CA GLY B 516 -45.50 -2.63 55.33
C GLY B 516 -44.82 -3.94 55.73
N SER B 517 -44.94 -4.99 54.90
CA SER B 517 -44.44 -6.32 55.23
C SER B 517 -44.70 -7.25 54.05
N GLU B 518 -43.95 -8.38 54.04
CA GLU B 518 -44.15 -9.50 53.12
C GLU B 518 -45.60 -9.96 53.14
N LEU B 519 -46.21 -10.00 54.34
CA LEU B 519 -47.57 -10.51 54.49
C LEU B 519 -48.56 -9.56 53.82
N ALA B 520 -48.36 -8.24 53.98
CA ALA B 520 -49.30 -7.30 53.38
C ALA B 520 -49.22 -7.41 51.86
N PHE B 521 -48.02 -7.65 51.33
CA PHE B 521 -47.83 -7.75 49.89
C PHE B 521 -48.47 -9.03 49.37
N GLU B 522 -48.28 -10.12 50.12
CA GLU B 522 -48.91 -11.41 49.83
C GLU B 522 -50.43 -11.24 49.67
N LYS B 523 -51.05 -10.48 50.58
CA LYS B 523 -52.49 -10.31 50.57
C LYS B 523 -52.91 -9.56 49.31
N LYS B 524 -52.10 -8.60 48.89
CA LYS B 524 -52.36 -7.87 47.66
C LYS B 524 -52.32 -8.81 46.45
N LEU B 525 -51.31 -9.72 46.39
CA LEU B 525 -51.14 -10.63 45.27
C LEU B 525 -52.33 -11.59 45.20
N ILE B 526 -52.77 -12.07 46.37
CA ILE B 526 -53.89 -13.01 46.43
C ILE B 526 -55.14 -12.30 45.88
N GLN B 527 -55.32 -11.03 46.28
CA GLN B 527 -56.47 -10.27 45.84
C GLN B 527 -56.40 -10.04 44.32
N LEU B 528 -55.19 -9.77 43.79
CA LEU B 528 -54.99 -9.55 42.37
C LEU B 528 -55.52 -10.77 41.62
N CYS B 529 -55.09 -11.96 42.06
CA CYS B 529 -55.33 -13.19 41.34
C CYS B 529 -56.75 -13.71 41.51
N ASN B 530 -57.32 -13.55 42.71
CA ASN B 530 -58.52 -14.30 43.07
C ASN B 530 -59.78 -13.43 43.00
N GLN B 531 -59.84 -12.43 42.14
CA GLN B 531 -61.06 -11.64 41.98
C GLN B 531 -61.61 -11.87 40.57
N ALA B 532 -62.78 -11.33 40.26
CA ALA B 532 -63.34 -11.42 38.92
C ALA B 532 -62.58 -10.46 38.00
N PRO B 533 -62.44 -10.77 36.69
CA PRO B 533 -61.73 -9.86 35.78
C PRO B 533 -62.58 -8.67 35.35
N ASN B 534 -63.01 -7.85 36.32
CA ASN B 534 -63.75 -6.64 36.02
C ASN B 534 -62.79 -5.57 35.49
N PHE B 535 -63.34 -4.67 34.68
CA PHE B 535 -62.62 -3.54 34.14
C PHE B 535 -63.61 -2.39 33.98
N ASN B 536 -63.07 -1.17 34.03
CA ASN B 536 -63.80 0.07 33.77
C ASN B 536 -63.06 0.78 32.64
N VAL B 537 -63.79 1.31 31.65
CA VAL B 537 -63.16 1.74 30.40
C VAL B 537 -62.90 3.24 30.37
N GLU B 538 -63.16 3.96 31.47
CA GLU B 538 -63.29 5.41 31.41
C GLU B 538 -62.04 6.11 30.88
N GLY B 539 -60.83 5.60 31.19
CA GLY B 539 -59.64 6.21 30.62
C GLY B 539 -59.54 6.10 29.10
N TYR B 540 -60.30 5.19 28.48
CA TYR B 540 -60.24 5.07 27.03
C TYR B 540 -61.53 5.61 26.44
N GLY B 541 -62.67 5.37 27.12
CA GLY B 541 -63.98 5.72 26.63
C GLY B 541 -64.67 4.60 25.82
N PHE B 542 -64.03 3.42 25.70
CA PHE B 542 -64.58 2.26 25.02
C PHE B 542 -63.74 1.04 25.42
N GLU B 543 -64.19 -0.16 25.08
CA GLU B 543 -63.48 -1.40 25.36
C GLU B 543 -62.45 -1.64 24.27
N ILE B 544 -61.22 -1.93 24.68
CA ILE B 544 -60.12 -2.29 23.79
C ILE B 544 -59.87 -3.80 23.93
N HIS B 545 -59.16 -4.38 22.94
CA HIS B 545 -58.98 -5.83 22.87
C HIS B 545 -58.28 -6.36 24.14
N GLU B 546 -57.35 -5.60 24.73
CA GLU B 546 -56.62 -6.08 25.91
C GLU B 546 -57.57 -6.31 27.09
N MET B 547 -58.60 -5.47 27.21
CA MET B 547 -59.59 -5.67 28.25
C MET B 547 -60.34 -6.98 27.99
N SER B 548 -60.78 -7.19 26.75
CA SER B 548 -61.58 -8.33 26.37
C SER B 548 -60.79 -9.62 26.62
N GLU B 549 -59.49 -9.57 26.32
CA GLU B 549 -58.66 -10.78 26.42
C GLU B 549 -58.51 -11.15 27.90
N MET B 550 -58.44 -10.17 28.80
CA MET B 550 -58.38 -10.47 30.22
C MET B 550 -59.73 -11.02 30.70
N ALA B 551 -60.84 -10.41 30.22
CA ALA B 551 -62.18 -10.76 30.68
C ALA B 551 -62.68 -12.05 30.01
N ALA B 552 -62.00 -12.50 28.95
CA ALA B 552 -62.36 -13.77 28.31
C ALA B 552 -62.09 -14.96 29.22
N ILE B 553 -61.20 -14.80 30.20
CA ILE B 553 -60.77 -15.94 31.01
C ILE B 553 -60.88 -15.58 32.50
N ASP B 554 -60.90 -16.62 33.35
CA ASP B 554 -61.02 -16.45 34.79
C ASP B 554 -59.64 -16.62 35.45
N PHE B 555 -58.76 -15.62 35.25
CA PHE B 555 -57.48 -15.54 35.97
C PHE B 555 -57.35 -14.17 36.64
N GLY B 556 -58.48 -13.65 37.16
CA GLY B 556 -58.47 -12.40 37.93
C GLY B 556 -57.85 -11.26 37.12
N GLN B 557 -57.04 -10.43 37.78
CA GLN B 557 -56.43 -9.26 37.15
C GLN B 557 -55.07 -9.64 36.57
N LEU B 558 -54.73 -10.94 36.56
CA LEU B 558 -53.45 -11.34 36.00
C LEU B 558 -53.64 -11.45 34.49
N ALA B 559 -53.41 -10.33 33.80
CA ALA B 559 -53.75 -10.22 32.38
C ALA B 559 -52.59 -10.73 31.52
N ILE B 560 -52.50 -12.06 31.42
CA ILE B 560 -51.39 -12.74 30.75
C ILE B 560 -51.40 -12.39 29.26
N SER B 561 -52.54 -11.89 28.75
CA SER B 561 -52.69 -11.45 27.36
C SER B 561 -51.79 -10.25 27.03
N ASN B 562 -51.16 -9.63 28.04
CA ASN B 562 -50.37 -8.41 27.80
C ASN B 562 -49.13 -8.41 28.68
N GLN B 563 -48.07 -7.74 28.20
CA GLN B 563 -46.73 -7.81 28.77
C GLN B 563 -46.66 -7.34 30.23
N PRO B 564 -47.41 -6.30 30.67
CA PRO B 564 -47.28 -5.82 32.05
C PRO B 564 -47.51 -6.87 33.15
N SER B 565 -48.30 -7.93 32.85
CA SER B 565 -48.59 -8.94 33.88
C SER B 565 -47.67 -10.16 33.76
N PHE B 566 -46.73 -10.19 32.81
CA PHE B 566 -45.94 -11.40 32.51
C PHE B 566 -45.24 -11.93 33.76
N HIS B 567 -44.77 -11.03 34.65
CA HIS B 567 -43.92 -11.46 35.75
C HIS B 567 -44.76 -11.75 37.01
N TYR B 568 -46.08 -11.52 36.96
CA TYR B 568 -46.91 -11.57 38.17
C TYR B 568 -46.75 -12.86 38.99
N PRO B 569 -46.78 -14.08 38.40
CA PRO B 569 -46.68 -15.29 39.20
C PRO B 569 -45.40 -15.31 40.04
N PHE B 570 -44.35 -14.64 39.55
CA PHE B 570 -43.06 -14.66 40.19
C PHE B 570 -43.03 -13.71 41.40
N LEU B 571 -44.04 -12.84 41.54
CA LEU B 571 -44.00 -11.92 42.68
C LEU B 571 -44.04 -12.72 44.00
N PHE B 572 -44.63 -13.93 43.97
CA PHE B 572 -44.72 -14.77 45.16
C PHE B 572 -43.32 -15.25 45.59
N SER B 573 -42.35 -15.21 44.68
CA SER B 573 -40.99 -15.61 45.01
C SER B 573 -40.32 -14.53 45.87
N TYR B 574 -40.83 -13.30 45.79
CA TYR B 574 -40.19 -12.19 46.49
C TYR B 574 -40.62 -12.15 47.95
N ILE B 575 -41.60 -13.00 48.31
CA ILE B 575 -41.99 -13.14 49.71
C ILE B 575 -41.65 -14.55 50.19
N GLY B 576 -40.86 -15.29 49.42
CA GLY B 576 -40.41 -16.59 49.86
C GLY B 576 -41.51 -17.65 49.79
N LYS B 577 -42.55 -17.43 48.95
CA LYS B 577 -43.60 -18.44 48.86
C LYS B 577 -43.86 -18.85 47.40
N PRO B 578 -42.85 -19.35 46.64
CA PRO B 578 -43.06 -19.68 45.23
C PRO B 578 -44.08 -20.81 45.06
N GLU B 579 -44.24 -21.65 46.10
CA GLU B 579 -45.19 -22.76 46.01
C GLU B 579 -46.62 -22.25 45.76
N MET B 580 -46.93 -21.01 46.16
CA MET B 580 -48.25 -20.44 45.89
C MET B 580 -48.55 -20.26 44.39
N ALA B 581 -47.50 -20.19 43.54
CA ALA B 581 -47.70 -19.79 42.16
C ALA B 581 -47.37 -20.95 41.20
N GLN B 582 -46.89 -22.08 41.75
CA GLN B 582 -46.51 -23.19 40.88
C GLN B 582 -47.72 -23.71 40.09
N PRO B 583 -48.88 -23.99 40.72
CA PRO B 583 -50.06 -24.41 39.95
C PRO B 583 -50.50 -23.33 38.94
N LEU B 584 -50.48 -22.07 39.38
CA LEU B 584 -50.87 -20.95 38.54
C LEU B 584 -50.09 -20.97 37.22
N LEU B 585 -48.76 -21.20 37.31
CA LEU B 585 -47.92 -21.11 36.14
C LEU B 585 -48.25 -22.23 35.16
N LYS B 586 -48.46 -23.43 35.69
CA LYS B 586 -48.85 -24.53 34.82
C LYS B 586 -50.22 -24.23 34.16
N GLN B 587 -51.14 -23.64 34.91
CA GLN B 587 -52.46 -23.32 34.36
C GLN B 587 -52.33 -22.20 33.29
N LEU B 588 -51.48 -21.20 33.52
CA LEU B 588 -51.30 -20.16 32.54
C LEU B 588 -50.76 -20.74 31.23
N MET B 589 -49.82 -21.67 31.33
CA MET B 589 -49.27 -22.29 30.13
C MET B 589 -50.32 -23.00 29.29
N GLN B 590 -51.43 -23.42 29.92
CA GLN B 590 -52.50 -24.11 29.18
C GLN B 590 -53.32 -23.10 28.36
N THR B 591 -53.09 -21.81 28.51
CA THR B 591 -53.83 -20.90 27.66
C THR B 591 -53.17 -20.78 26.28
N PHE B 592 -52.08 -21.54 26.02
CA PHE B 592 -51.39 -21.47 24.75
C PHE B 592 -51.57 -22.80 24.04
N ASP B 593 -51.70 -22.80 22.70
CA ASP B 593 -51.62 -24.01 21.90
C ASP B 593 -51.17 -23.63 20.49
N ALA B 594 -51.10 -24.63 19.59
CA ALA B 594 -50.54 -24.46 18.26
C ALA B 594 -51.62 -24.09 17.23
N SER B 595 -52.86 -23.83 17.66
CA SER B 595 -53.93 -23.56 16.72
C SER B 595 -53.94 -22.09 16.27
N PRO B 596 -54.78 -21.75 15.27
CA PRO B 596 -55.02 -20.35 14.92
C PRO B 596 -55.42 -19.45 16.08
N THR B 597 -55.99 -20.01 17.15
CA THR B 597 -56.36 -19.15 18.27
C THR B 597 -55.39 -19.38 19.44
N GLY B 598 -54.12 -19.73 19.17
CA GLY B 598 -53.24 -20.33 20.18
C GLY B 598 -52.54 -19.42 21.21
N TYR B 599 -52.71 -18.10 21.18
CA TYR B 599 -52.10 -17.28 22.23
C TYR B 599 -53.18 -16.52 23.00
N PRO B 600 -52.94 -16.19 24.30
CA PRO B 600 -53.92 -15.45 25.09
C PRO B 600 -54.07 -13.98 24.73
N GLY B 601 -53.15 -13.44 23.93
CA GLY B 601 -53.17 -12.06 23.48
C GLY B 601 -52.08 -11.81 22.44
N ASP B 602 -51.71 -10.54 22.20
CA ASP B 602 -50.74 -10.25 21.14
C ASP B 602 -49.39 -10.92 21.42
N GLU B 603 -48.86 -11.62 20.42
CA GLU B 603 -47.59 -12.33 20.56
C GLU B 603 -46.40 -11.34 20.60
N ASP B 604 -46.48 -10.24 19.84
CA ASP B 604 -45.54 -9.10 19.88
C ASP B 604 -44.09 -9.52 19.64
N ASN B 605 -43.82 -10.05 18.44
CA ASN B 605 -42.45 -10.19 17.91
C ASN B 605 -41.54 -10.99 18.85
N GLY B 606 -42.07 -12.13 19.32
CA GLY B 606 -41.24 -13.08 20.04
C GLY B 606 -41.51 -13.02 21.53
N SER B 607 -42.10 -11.91 21.97
CA SER B 607 -42.22 -11.53 23.36
C SER B 607 -43.01 -12.58 24.15
N MET B 608 -44.23 -12.88 23.67
CA MET B 608 -45.07 -13.84 24.36
C MET B 608 -44.58 -15.28 24.12
N SER B 609 -43.98 -15.56 22.96
CA SER B 609 -43.45 -16.88 22.67
C SER B 609 -42.33 -17.21 23.64
N ALA B 610 -41.44 -16.25 23.90
CA ALA B 610 -40.30 -16.50 24.76
C ALA B 610 -40.77 -16.63 26.22
N TRP B 611 -41.88 -15.97 26.57
CA TRP B 611 -42.52 -16.21 27.86
C TRP B 611 -42.83 -17.69 28.00
N TYR B 612 -43.42 -18.27 26.96
CA TYR B 612 -43.85 -19.66 26.99
C TYR B 612 -42.65 -20.60 27.04
N ILE B 613 -41.56 -20.25 26.29
CA ILE B 613 -40.36 -21.09 26.25
C ILE B 613 -39.73 -21.14 27.65
N PHE B 614 -39.49 -19.97 28.26
CA PHE B 614 -38.86 -19.93 29.58
C PHE B 614 -39.72 -20.71 30.57
N ASN B 615 -41.02 -20.42 30.61
CA ASN B 615 -41.89 -21.06 31.57
C ASN B 615 -41.93 -22.57 31.35
N SER B 616 -41.84 -23.03 30.11
CA SER B 616 -41.78 -24.45 29.84
C SER B 616 -40.57 -25.11 30.53
N LEU B 617 -39.46 -24.36 30.62
CA LEU B 617 -38.20 -24.87 31.15
C LEU B 617 -38.17 -24.72 32.68
N GLY B 618 -39.04 -23.87 33.23
CA GLY B 618 -39.24 -23.73 34.67
C GLY B 618 -38.55 -22.54 35.34
N PHE B 619 -38.09 -21.55 34.56
CA PHE B 619 -37.43 -20.37 35.14
C PHE B 619 -37.63 -19.17 34.21
N TYR B 620 -37.46 -17.95 34.74
CA TYR B 620 -37.95 -16.77 34.05
C TYR B 620 -37.17 -15.53 34.47
N PRO B 621 -36.73 -14.67 33.50
CA PRO B 621 -35.99 -13.44 33.84
C PRO B 621 -36.92 -12.30 34.27
N VAL B 622 -37.19 -12.23 35.58
CA VAL B 622 -38.04 -11.18 36.12
C VAL B 622 -37.35 -9.83 35.96
N THR B 623 -36.03 -9.79 36.25
CA THR B 623 -35.33 -8.52 36.20
C THR B 623 -34.14 -8.62 35.25
N PRO B 624 -34.35 -8.40 33.94
CA PRO B 624 -33.22 -8.18 33.02
C PRO B 624 -32.32 -7.11 33.64
N GLY B 625 -31.03 -7.40 33.67
CA GLY B 625 -30.08 -6.52 34.30
C GLY B 625 -29.48 -7.09 35.59
N THR B 626 -29.97 -8.25 36.06
CA THR B 626 -29.43 -8.83 37.27
C THR B 626 -28.66 -10.12 36.97
N GLY B 627 -28.95 -10.79 35.86
CA GLY B 627 -28.31 -12.08 35.64
C GLY B 627 -28.96 -13.21 36.44
N GLU B 628 -30.23 -13.05 36.81
CA GLU B 628 -30.93 -14.11 37.54
C GLU B 628 -32.19 -14.56 36.78
N TYR B 629 -32.56 -15.83 36.97
CA TYR B 629 -33.81 -16.38 36.47
C TYR B 629 -34.60 -16.94 37.65
N VAL B 630 -35.77 -16.37 37.91
CA VAL B 630 -36.59 -16.78 39.03
C VAL B 630 -37.31 -18.10 38.66
N ILE B 631 -37.30 -19.05 39.60
CA ILE B 631 -37.79 -20.40 39.33
C ILE B 631 -39.31 -20.39 39.37
N GLY B 632 -39.91 -21.12 38.41
CA GLY B 632 -41.34 -21.21 38.27
C GLY B 632 -41.80 -22.66 38.41
N MET B 633 -42.34 -23.21 37.33
CA MET B 633 -42.85 -24.58 37.34
C MET B 633 -42.71 -25.13 35.92
N PRO B 634 -41.84 -26.13 35.65
CA PRO B 634 -41.61 -26.60 34.30
C PRO B 634 -42.80 -27.37 33.73
N LEU B 635 -42.95 -27.27 32.40
CA LEU B 635 -43.97 -28.05 31.70
C LEU B 635 -43.33 -29.23 30.96
N VAL B 636 -42.07 -29.07 30.52
CA VAL B 636 -41.36 -30.17 29.85
C VAL B 636 -41.13 -31.32 30.83
N GLN B 637 -40.84 -32.50 30.26
CA GLN B 637 -40.26 -33.61 30.98
C GLN B 637 -38.74 -33.68 30.79
N THR B 638 -38.27 -33.39 29.56
CA THR B 638 -36.83 -33.31 29.31
C THR B 638 -36.57 -32.12 28.39
N ALA B 639 -35.39 -31.53 28.54
CA ALA B 639 -34.89 -30.52 27.62
C ALA B 639 -33.39 -30.63 27.55
N GLU B 640 -32.84 -30.62 26.33
CA GLU B 640 -31.41 -30.44 26.14
C GLU B 640 -31.20 -29.06 25.58
N VAL B 641 -30.49 -28.24 26.34
CA VAL B 641 -30.26 -26.85 26.00
C VAL B 641 -28.81 -26.71 25.54
N LYS B 642 -28.61 -26.35 24.26
CA LYS B 642 -27.28 -26.01 23.77
C LYS B 642 -26.97 -24.57 24.10
N LEU B 643 -26.14 -24.34 25.11
CA LEU B 643 -25.83 -22.96 25.51
C LEU B 643 -24.82 -22.33 24.56
N SER B 644 -24.88 -21.01 24.43
CA SER B 644 -23.98 -20.28 23.53
C SER B 644 -22.51 -20.43 23.88
N ASN B 645 -22.17 -20.71 25.15
CA ASN B 645 -20.77 -20.85 25.51
C ASN B 645 -20.27 -22.26 25.16
N GLY B 646 -21.06 -23.05 24.44
CA GLY B 646 -20.59 -24.38 24.04
C GLY B 646 -20.92 -25.49 25.03
N LYS B 647 -21.43 -25.16 26.23
CA LYS B 647 -21.85 -26.21 27.15
C LYS B 647 -23.29 -26.67 26.91
N GLN B 648 -23.71 -27.69 27.64
CA GLN B 648 -25.06 -28.20 27.49
C GLN B 648 -25.71 -28.35 28.87
N LEU B 649 -26.97 -27.87 28.98
CA LEU B 649 -27.77 -28.10 30.16
C LEU B 649 -28.82 -29.16 29.82
N THR B 650 -28.89 -30.22 30.61
CA THR B 650 -29.93 -31.24 30.47
C THR B 650 -30.92 -31.06 31.61
N ILE B 651 -32.17 -30.77 31.24
CA ILE B 651 -33.21 -30.64 32.22
C ILE B 651 -33.98 -31.95 32.22
N GLN B 652 -34.22 -32.48 33.42
CA GLN B 652 -34.99 -33.70 33.57
C GLN B 652 -35.95 -33.47 34.74
N THR B 653 -37.17 -33.99 34.57
CA THR B 653 -38.25 -33.84 35.52
C THR B 653 -38.71 -35.25 35.89
N SER B 654 -39.18 -35.46 37.14
CA SER B 654 -39.93 -36.66 37.44
C SER B 654 -41.19 -36.64 36.57
N PRO B 655 -42.06 -37.68 36.51
CA PRO B 655 -43.19 -37.66 35.56
C PRO B 655 -44.02 -36.37 35.71
N ASN B 656 -44.30 -35.69 34.59
CA ASN B 656 -44.83 -34.35 34.65
C ASN B 656 -46.22 -34.34 34.02
N LYS B 657 -47.19 -34.93 34.74
CA LYS B 657 -48.54 -35.06 34.24
C LYS B 657 -49.39 -33.91 34.78
N VAL B 658 -50.67 -33.91 34.41
CA VAL B 658 -51.56 -32.81 34.76
C VAL B 658 -51.59 -32.61 36.29
N GLN B 659 -51.50 -33.70 37.08
CA GLN B 659 -51.64 -33.56 38.53
C GLN B 659 -50.37 -32.99 39.18
N GLN B 660 -49.21 -33.04 38.50
CA GLN B 660 -48.00 -32.46 39.06
C GLN B 660 -48.08 -30.95 38.97
N GLN B 661 -48.26 -30.28 40.11
CA GLN B 661 -48.46 -28.83 40.06
C GLN B 661 -47.51 -28.07 40.97
N PHE B 662 -46.53 -28.78 41.53
CA PHE B 662 -45.61 -28.17 42.47
C PHE B 662 -44.23 -28.73 42.21
N ILE B 663 -43.21 -27.98 42.68
CA ILE B 663 -41.86 -28.50 42.73
C ILE B 663 -41.62 -29.13 44.11
N HIS B 664 -41.18 -30.38 44.12
CA HIS B 664 -40.85 -31.04 45.37
C HIS B 664 -39.41 -30.69 45.77
N GLU B 665 -38.48 -30.86 44.83
CA GLU B 665 -37.08 -30.56 45.10
C GLU B 665 -36.32 -30.37 43.78
N ILE B 666 -35.30 -29.50 43.81
CA ILE B 666 -34.42 -29.27 42.67
C ILE B 666 -33.00 -29.70 43.02
N GLN B 667 -32.37 -30.46 42.10
CA GLN B 667 -30.94 -30.69 42.18
C GLN B 667 -30.29 -30.15 40.90
N LEU B 668 -29.31 -29.26 41.09
CA LEU B 668 -28.44 -28.79 40.02
C LEU B 668 -27.11 -29.49 40.23
N ASN B 669 -26.74 -30.33 39.24
CA ASN B 669 -25.55 -31.17 39.30
C ASN B 669 -25.47 -31.88 40.65
N GLN B 670 -26.56 -32.60 41.02
CA GLN B 670 -26.65 -33.43 42.21
C GLN B 670 -26.46 -32.64 43.49
N GLU B 671 -26.70 -31.32 43.50
CA GLU B 671 -26.71 -30.60 44.76
C GLU B 671 -28.09 -29.96 44.93
N LYS B 672 -28.65 -30.13 46.13
CA LYS B 672 -29.96 -29.62 46.43
C LYS B 672 -29.92 -28.12 46.24
N HIS B 673 -30.92 -27.56 45.55
CA HIS B 673 -30.95 -26.13 45.29
C HIS B 673 -32.19 -25.54 45.97
N THR B 674 -32.01 -24.62 46.91
CA THR B 674 -33.13 -24.11 47.69
C THR B 674 -33.47 -22.64 47.39
N ALA B 675 -32.53 -21.89 46.78
CA ALA B 675 -32.76 -20.50 46.41
C ALA B 675 -33.90 -20.42 45.39
N PRO B 676 -34.72 -19.36 45.41
CA PRO B 676 -35.84 -19.23 44.48
C PRO B 676 -35.48 -18.75 43.07
N TYR B 677 -34.19 -18.75 42.73
CA TYR B 677 -33.71 -18.29 41.42
C TYR B 677 -32.42 -19.03 41.10
N PHE B 678 -32.05 -19.09 39.81
CA PHE B 678 -30.75 -19.54 39.36
C PHE B 678 -30.00 -18.30 38.84
N THR B 679 -28.65 -18.32 38.92
CA THR B 679 -27.88 -17.24 38.31
C THR B 679 -27.58 -17.68 36.87
N HIS B 680 -27.39 -16.69 35.99
CA HIS B 680 -26.93 -16.94 34.63
C HIS B 680 -25.65 -17.77 34.64
N GLN B 681 -24.75 -17.45 35.59
CA GLN B 681 -23.49 -18.18 35.74
C GLN B 681 -23.71 -19.67 36.01
N GLU B 682 -24.58 -20.00 36.98
CA GLU B 682 -24.94 -21.38 37.28
C GLU B 682 -25.41 -22.11 36.02
N LEU B 683 -26.39 -21.55 35.31
CA LEU B 683 -26.94 -22.24 34.15
C LEU B 683 -25.86 -22.43 33.08
N LEU B 684 -24.99 -21.43 32.89
CA LEU B 684 -23.93 -21.52 31.89
C LEU B 684 -22.87 -22.57 32.24
N ASN B 685 -22.81 -23.03 33.49
CA ASN B 685 -21.96 -24.16 33.82
C ASN B 685 -22.47 -25.42 33.14
N GLY B 686 -23.77 -25.50 32.82
CA GLY B 686 -24.27 -26.68 32.14
C GLY B 686 -24.41 -27.84 33.13
N GLY B 687 -24.49 -29.06 32.59
CA GLY B 687 -24.69 -30.19 33.48
C GLY B 687 -26.15 -30.59 33.52
N THR B 688 -26.64 -30.98 34.71
CA THR B 688 -27.98 -31.54 34.83
C THR B 688 -28.82 -30.73 35.82
N LEU B 689 -30.01 -30.34 35.38
CA LEU B 689 -31.00 -29.74 36.27
C LEU B 689 -32.16 -30.73 36.42
N ASP B 690 -32.31 -31.28 37.63
CA ASP B 690 -33.35 -32.26 37.92
C ASP B 690 -34.43 -31.62 38.78
N TYR B 691 -35.67 -31.64 38.27
CA TYR B 691 -36.80 -31.22 39.08
C TYR B 691 -37.57 -32.47 39.52
N GLN B 692 -37.63 -32.69 40.83
CA GLN B 692 -38.63 -33.63 41.33
C GLN B 692 -39.93 -32.86 41.59
N LEU B 693 -41.04 -33.32 41.01
CA LEU B 693 -42.31 -32.58 41.06
C LEU B 693 -43.23 -33.19 42.10
N GLY B 694 -44.27 -32.44 42.51
CA GLY B 694 -45.18 -32.89 43.54
C GLY B 694 -46.65 -32.71 43.15
N ILE B 695 -47.51 -33.46 43.83
CA ILE B 695 -48.95 -33.25 43.72
C ILE B 695 -49.41 -32.36 44.87
N VAL B 696 -48.56 -32.21 45.91
CA VAL B 696 -48.78 -31.23 46.97
C VAL B 696 -47.51 -30.37 47.06
N PRO B 697 -47.57 -29.16 47.65
CA PRO B 697 -46.38 -28.32 47.79
C PRO B 697 -45.35 -28.93 48.76
N ASN B 698 -44.09 -28.53 48.58
CA ASN B 698 -43.06 -28.85 49.56
C ASN B 698 -42.41 -27.52 49.97
N PRO B 699 -43.04 -26.69 50.85
CA PRO B 699 -42.54 -25.33 51.09
C PRO B 699 -41.09 -25.36 51.60
N GLN B 700 -40.19 -24.59 50.97
CA GLN B 700 -38.78 -24.57 51.37
C GLN B 700 -38.51 -23.58 52.50
N ASN B 701 -39.35 -22.56 52.68
CA ASN B 701 -39.11 -21.54 53.69
C ASN B 701 -37.72 -20.91 53.56
N THR B 702 -37.25 -20.69 52.32
CA THR B 702 -35.95 -20.08 52.10
C THR B 702 -35.94 -18.68 52.73
N ALA B 703 -34.81 -18.26 53.30
CA ALA B 703 -34.61 -16.86 53.61
C ALA B 703 -34.10 -16.11 52.37
N GLU B 704 -33.71 -16.85 51.32
CA GLU B 704 -33.18 -16.21 50.14
C GLU B 704 -34.29 -15.60 49.28
N ARG B 705 -33.91 -14.58 48.51
CA ARG B 705 -34.81 -13.81 47.65
C ARG B 705 -34.07 -13.46 46.36
N PRO B 706 -34.75 -13.28 45.20
CA PRO B 706 -34.08 -12.74 44.02
C PRO B 706 -33.68 -11.29 44.29
N PHE B 707 -32.91 -10.73 43.36
CA PHE B 707 -32.27 -9.44 43.56
C PHE B 707 -33.28 -8.32 43.81
N SER B 708 -32.98 -7.47 44.80
CA SER B 708 -33.60 -6.16 44.96
C SER B 708 -32.50 -5.16 45.35
N LEU B 709 -32.59 -3.92 44.84
CA LEU B 709 -31.66 -2.84 45.17
C LEU B 709 -31.55 -2.67 46.68
N SER B 710 -32.69 -2.58 47.36
CA SER B 710 -32.68 -2.12 48.74
C SER B 710 -32.12 -3.19 49.68
N THR B 711 -31.73 -4.37 49.16
CA THR B 711 -31.22 -5.41 50.04
C THR B 711 -29.87 -5.96 49.56
N GLU B 712 -29.24 -5.38 48.54
CA GLU B 712 -28.12 -6.04 47.87
C GLU B 712 -26.87 -6.13 48.77
N MET C 1 24.79 -4.57 -3.06
CA MET C 1 25.96 -4.19 -2.24
C MET C 1 26.72 -3.11 -3.00
N ASN C 2 27.31 -2.14 -2.28
CA ASN C 2 28.24 -1.19 -2.87
C ASN C 2 29.51 -1.90 -3.31
N ILE C 3 29.98 -1.55 -4.52
CA ILE C 3 31.18 -2.12 -5.08
C ILE C 3 32.38 -1.87 -4.17
N GLN C 4 32.37 -0.78 -3.40
CA GLN C 4 33.51 -0.49 -2.55
C GLN C 4 33.62 -1.44 -1.35
N ALA C 5 32.53 -2.18 -1.07
CA ALA C 5 32.53 -3.18 0.00
C ALA C 5 32.98 -4.55 -0.53
N ILE C 6 33.20 -4.71 -1.84
CA ILE C 6 33.71 -5.98 -2.34
C ILE C 6 35.21 -6.04 -2.03
N ASP C 7 35.66 -7.17 -1.48
CA ASP C 7 37.08 -7.36 -1.22
C ASP C 7 37.63 -8.31 -2.28
N THR C 8 38.59 -7.82 -3.09
CA THR C 8 39.07 -8.56 -4.25
C THR C 8 40.00 -9.72 -3.83
N ARG C 9 40.24 -9.89 -2.51
CA ARG C 9 41.00 -11.05 -2.07
C ARG C 9 40.14 -12.33 -2.04
N HIS C 10 38.83 -12.17 -2.32
CA HIS C 10 37.92 -13.30 -2.53
C HIS C 10 38.53 -14.31 -3.52
N GLY C 11 38.66 -15.57 -3.11
CA GLY C 11 39.12 -16.60 -4.04
C GLY C 11 40.63 -16.55 -4.34
N THR C 12 41.40 -15.76 -3.57
CA THR C 12 42.79 -15.53 -3.97
C THR C 12 43.80 -16.38 -3.18
N ALA C 13 43.36 -17.20 -2.20
CA ALA C 13 44.28 -18.04 -1.45
C ALA C 13 44.42 -19.38 -2.17
N ASN C 14 45.51 -19.54 -2.93
CA ASN C 14 45.69 -20.70 -3.79
C ASN C 14 47.16 -21.08 -3.87
N GLN C 15 47.41 -22.26 -4.44
CA GLN C 15 48.73 -22.76 -4.76
C GLN C 15 48.57 -23.71 -5.92
N HIS C 16 49.69 -24.08 -6.57
CA HIS C 16 49.69 -25.07 -7.63
C HIS C 16 48.89 -26.30 -7.23
N SER C 17 49.09 -26.81 -5.98
CA SER C 17 48.52 -28.09 -5.57
C SER C 17 47.04 -27.99 -5.17
N PHE C 18 46.47 -26.79 -5.00
CA PHE C 18 45.10 -26.71 -4.49
C PHE C 18 44.45 -25.37 -4.80
N SER C 19 43.25 -25.39 -5.41
CA SER C 19 42.58 -24.16 -5.76
C SER C 19 41.37 -23.88 -4.87
N ASN C 20 41.25 -22.62 -4.46
CA ASN C 20 40.00 -22.11 -3.89
C ASN C 20 39.41 -21.04 -4.81
N GLY C 21 39.71 -21.14 -6.12
CA GLY C 21 39.22 -20.20 -7.12
C GLY C 21 40.30 -19.80 -8.12
N ASN C 22 41.56 -19.76 -7.66
CA ASN C 22 42.69 -19.36 -8.48
C ASN C 22 42.39 -17.99 -9.08
N CYS C 23 41.77 -17.10 -8.28
CA CYS C 23 41.47 -15.73 -8.70
C CYS C 23 42.64 -14.84 -8.34
N LEU C 24 42.81 -13.75 -9.08
CA LEU C 24 43.67 -12.65 -8.66
C LEU C 24 42.80 -11.55 -8.05
N PRO C 25 43.37 -10.65 -7.22
CA PRO C 25 42.63 -9.50 -6.73
C PRO C 25 42.60 -8.43 -7.80
N TYR C 26 41.74 -8.63 -8.81
CA TYR C 26 41.70 -7.74 -9.96
C TYR C 26 40.96 -6.45 -9.60
N THR C 27 41.69 -5.33 -9.68
CA THR C 27 41.13 -3.98 -9.69
C THR C 27 41.00 -3.57 -11.16
N GLY C 28 39.81 -3.08 -11.54
CA GLY C 28 39.53 -2.74 -12.93
C GLY C 28 38.09 -2.26 -13.05
N VAL C 29 37.76 -1.71 -14.22
CA VAL C 29 36.36 -1.49 -14.56
C VAL C 29 35.85 -2.77 -15.20
N PRO C 30 34.52 -2.96 -15.35
CA PRO C 30 34.01 -4.16 -15.98
C PRO C 30 34.63 -4.31 -17.38
N PHE C 31 35.05 -5.54 -17.73
CA PHE C 31 35.65 -5.85 -19.03
C PHE C 31 36.85 -4.96 -19.35
N GLY C 32 37.50 -4.40 -18.33
CA GLY C 32 38.65 -3.54 -18.52
C GLY C 32 39.73 -4.20 -19.37
N MET C 33 40.42 -3.38 -20.18
CA MET C 33 41.43 -3.88 -21.07
C MET C 33 42.65 -4.29 -20.26
N ASN C 34 42.92 -3.60 -19.17
CA ASN C 34 43.95 -4.08 -18.25
C ASN C 34 43.31 -4.22 -16.87
N PHE C 35 43.85 -5.12 -16.04
CA PHE C 35 43.53 -5.13 -14.62
C PHE C 35 44.80 -4.84 -13.82
N TYR C 36 44.62 -4.54 -12.53
CA TYR C 36 45.70 -4.09 -11.66
C TYR C 36 45.62 -4.88 -10.35
N ALA C 37 46.76 -5.38 -9.88
CA ALA C 37 46.78 -6.18 -8.65
C ALA C 37 48.14 -6.00 -7.99
N PRO C 38 48.22 -5.94 -6.64
CA PRO C 38 49.53 -5.93 -5.96
C PRO C 38 50.21 -7.26 -6.27
N GLN C 39 51.53 -7.22 -6.49
CA GLN C 39 52.33 -8.43 -6.58
C GLN C 39 53.08 -8.59 -5.27
N THR C 40 52.97 -9.78 -4.66
CA THR C 40 53.58 -10.01 -3.37
C THR C 40 54.84 -10.88 -3.51
N THR C 41 54.96 -11.65 -4.59
CA THR C 41 56.15 -12.46 -4.74
C THR C 41 56.44 -12.72 -6.23
N ASP C 42 57.73 -12.83 -6.56
CA ASP C 42 58.17 -13.21 -7.89
C ASP C 42 58.74 -14.62 -7.84
N GLN C 43 58.57 -15.34 -6.72
CA GLN C 43 59.24 -16.62 -6.56
C GLN C 43 58.28 -17.78 -6.81
N LYS C 44 57.02 -17.52 -7.21
CA LYS C 44 56.08 -18.63 -7.29
C LYS C 44 55.42 -18.68 -8.66
N GLY C 45 56.15 -18.29 -9.72
CA GLY C 45 55.59 -18.33 -11.07
C GLY C 45 54.27 -17.54 -11.14
N SER C 46 53.23 -18.17 -11.70
CA SER C 46 51.95 -17.51 -11.91
C SER C 46 51.25 -17.11 -10.60
N TRP C 47 51.68 -17.68 -9.48
CA TRP C 47 51.00 -17.42 -8.22
C TRP C 47 51.65 -16.23 -7.52
N TRP C 48 51.57 -15.05 -8.16
CA TRP C 48 52.39 -13.90 -7.76
C TRP C 48 51.70 -13.01 -6.72
N PHE C 49 50.47 -13.38 -6.35
CA PHE C 49 49.81 -12.72 -5.23
C PHE C 49 49.28 -13.81 -4.28
N HIS C 50 49.49 -13.63 -2.97
CA HIS C 50 48.76 -14.43 -1.98
C HIS C 50 48.30 -13.49 -0.87
N PRO C 51 47.04 -13.59 -0.41
CA PRO C 51 46.49 -12.65 0.57
C PRO C 51 47.18 -12.74 1.93
N GLU C 52 47.91 -13.82 2.20
CA GLU C 52 48.60 -13.95 3.49
C GLU C 52 50.04 -13.41 3.42
N ASP C 53 50.54 -13.10 2.21
CA ASP C 53 51.88 -12.55 2.07
C ASP C 53 51.93 -11.18 2.73
N ARG C 54 53.06 -10.82 3.36
CA ARG C 54 53.17 -9.49 3.93
C ARG C 54 54.21 -8.64 3.18
N THR C 55 54.52 -9.05 1.96
CA THR C 55 55.53 -8.37 1.15
C THR C 55 54.84 -7.73 -0.05
N PHE C 56 55.32 -6.53 -0.43
CA PHE C 56 54.76 -5.84 -1.58
C PHE C 56 55.87 -5.49 -2.55
N GLN C 57 55.74 -6.02 -3.78
CA GLN C 57 56.77 -5.83 -4.80
C GLN C 57 56.41 -4.71 -5.75
N GLY C 58 55.11 -4.44 -5.92
CA GLY C 58 54.70 -3.39 -6.85
C GLY C 58 53.25 -3.60 -7.31
N TYR C 59 52.71 -2.56 -7.98
CA TYR C 59 51.43 -2.69 -8.65
C TYR C 59 51.68 -3.34 -10.01
N ARG C 60 51.01 -4.48 -10.25
CA ARG C 60 51.19 -5.14 -11.52
C ARG C 60 50.05 -4.83 -12.47
N VAL C 61 50.38 -4.36 -13.68
CA VAL C 61 49.41 -4.25 -14.76
C VAL C 61 49.34 -5.64 -15.38
N THR C 62 48.16 -6.27 -15.40
CA THR C 62 48.09 -7.67 -15.76
C THR C 62 47.00 -7.95 -16.80
N HIS C 63 47.20 -9.05 -17.55
CA HIS C 63 46.19 -9.61 -18.43
C HIS C 63 46.16 -11.12 -18.20
N GLN C 64 46.50 -11.54 -16.98
CA GLN C 64 46.57 -12.94 -16.65
C GLN C 64 45.15 -13.42 -16.33
N PRO C 65 44.56 -14.35 -17.11
CA PRO C 65 43.20 -14.82 -16.86
C PRO C 65 43.14 -15.98 -15.87
N SER C 66 44.29 -16.60 -15.60
CA SER C 66 44.37 -17.81 -14.80
C SER C 66 45.83 -18.19 -14.67
N PRO C 67 46.24 -18.92 -13.61
CA PRO C 67 47.67 -19.20 -13.44
C PRO C 67 48.12 -20.25 -14.46
N TRP C 68 47.16 -20.95 -15.10
CA TRP C 68 47.48 -21.99 -16.05
C TRP C 68 47.83 -21.38 -17.40
N MET C 69 47.26 -20.20 -17.71
CA MET C 69 47.50 -19.57 -19.00
C MET C 69 48.72 -18.66 -18.91
N GLY C 70 49.02 -18.12 -17.72
CA GLY C 70 50.06 -17.13 -17.57
C GLY C 70 49.59 -15.75 -18.02
N ASP C 71 50.49 -14.77 -17.93
CA ASP C 71 50.21 -13.37 -18.20
C ASP C 71 50.62 -13.04 -19.64
N PHE C 72 50.19 -11.88 -20.13
CA PHE C 72 50.81 -11.26 -21.29
C PHE C 72 50.81 -9.76 -21.07
N SER C 73 51.80 -9.07 -21.68
CA SER C 73 51.87 -7.63 -21.68
C SER C 73 51.74 -7.09 -20.25
N HIS C 74 52.58 -7.58 -19.34
CA HIS C 74 52.53 -7.10 -17.97
C HIS C 74 53.74 -6.21 -17.66
N LEU C 75 53.61 -5.36 -16.64
CA LEU C 75 54.72 -4.60 -16.08
C LEU C 75 54.34 -4.19 -14.65
N LEU C 76 55.29 -3.64 -13.89
CA LEU C 76 55.00 -3.25 -12.52
C LEU C 76 55.46 -1.82 -12.28
N MET C 77 54.74 -1.12 -11.40
CA MET C 77 55.11 0.19 -10.88
C MET C 77 55.25 0.08 -9.36
N THR C 78 56.41 0.46 -8.81
CA THR C 78 56.71 0.34 -7.40
C THR C 78 57.17 1.68 -6.86
N PRO C 79 56.40 2.36 -5.98
CA PRO C 79 56.90 3.56 -5.33
C PRO C 79 58.11 3.21 -4.48
N VAL C 80 59.12 4.11 -4.46
CA VAL C 80 60.34 3.93 -3.69
C VAL C 80 60.77 5.28 -3.14
N SER C 81 61.36 5.31 -1.94
CA SER C 81 62.04 6.50 -1.42
C SER C 81 63.46 6.11 -1.02
N GLY C 82 64.40 7.07 -1.11
CA GLY C 82 65.80 6.84 -0.74
C GLY C 82 66.52 6.11 -1.87
N SER C 83 67.72 5.58 -1.61
CA SER C 83 68.43 5.03 -2.75
C SER C 83 68.39 3.50 -2.70
N LEU C 84 68.58 2.85 -3.85
CA LEU C 84 68.43 1.40 -3.84
C LEU C 84 69.77 0.71 -4.09
N SER C 85 69.99 -0.36 -3.30
CA SER C 85 71.09 -1.29 -3.42
C SER C 85 71.21 -1.76 -4.87
N GLU C 86 70.16 -2.43 -5.33
CA GLU C 86 69.98 -2.85 -6.71
C GLU C 86 68.50 -2.66 -7.06
N LEU C 87 68.14 -2.85 -8.31
CA LEU C 87 66.80 -2.47 -8.73
C LEU C 87 65.86 -3.67 -8.88
N SER C 88 66.29 -4.88 -8.47
CA SER C 88 65.41 -6.05 -8.58
C SER C 88 64.15 -5.90 -7.70
N LEU C 89 63.10 -6.67 -8.02
CA LEU C 89 61.88 -6.63 -7.23
C LEU C 89 62.18 -7.00 -5.78
N PHE C 90 63.01 -8.02 -5.57
CA PHE C 90 63.38 -8.41 -4.21
C PHE C 90 64.09 -7.27 -3.47
N HIS C 91 64.99 -6.56 -4.15
CA HIS C 91 65.78 -5.54 -3.46
C HIS C 91 64.93 -4.30 -3.17
N ALA C 92 63.82 -4.13 -3.91
CA ALA C 92 62.97 -2.98 -3.72
C ALA C 92 61.73 -3.31 -2.87
N GLN C 93 61.51 -4.58 -2.55
CA GLN C 93 60.27 -4.93 -1.85
C GLN C 93 60.22 -4.35 -0.45
N SER C 94 58.99 -4.05 -0.03
CA SER C 94 58.68 -3.52 1.29
C SER C 94 57.64 -4.46 1.91
N SER C 95 57.66 -4.59 3.24
CA SER C 95 56.50 -5.22 3.87
C SER C 95 55.34 -4.21 3.91
N TYR C 96 54.14 -4.75 4.07
CA TYR C 96 52.95 -3.95 4.26
C TYR C 96 51.98 -4.73 5.16
N ARG C 97 50.94 -4.06 5.65
CA ARG C 97 49.97 -4.70 6.51
C ARG C 97 48.68 -4.97 5.73
N PRO C 98 48.41 -6.23 5.33
CA PRO C 98 47.14 -6.60 4.66
C PRO C 98 45.90 -6.08 5.36
N GLU C 99 45.88 -6.13 6.70
CA GLU C 99 44.66 -5.79 7.41
C GLU C 99 44.43 -4.27 7.44
N GLU C 100 45.40 -3.46 6.99
CA GLU C 100 45.21 -2.01 6.97
C GLU C 100 45.08 -1.51 5.53
N SER C 101 44.89 -2.43 4.57
CA SER C 101 44.93 -2.09 3.17
C SER C 101 43.52 -2.14 2.57
N LEU C 102 43.31 -1.42 1.46
CA LEU C 102 42.06 -1.54 0.76
C LEU C 102 42.26 -2.31 -0.54
N PHE C 103 41.49 -3.39 -0.71
CA PHE C 103 41.47 -4.19 -1.93
C PHE C 103 40.04 -4.26 -2.46
N SER C 104 39.70 -3.35 -3.38
CA SER C 104 38.33 -3.33 -3.87
C SER C 104 38.37 -3.23 -5.40
N PRO C 105 37.28 -3.58 -6.12
CA PRO C 105 37.31 -3.52 -7.59
C PRO C 105 37.70 -2.16 -8.16
N VAL C 106 37.45 -1.08 -7.40
CA VAL C 106 37.63 0.26 -7.96
C VAL C 106 38.82 0.97 -7.32
N GLU C 107 39.54 0.32 -6.38
CA GLU C 107 40.59 1.01 -5.65
C GLU C 107 41.48 0.04 -4.87
N ILE C 108 42.80 0.20 -5.05
CA ILE C 108 43.80 -0.35 -4.15
C ILE C 108 44.42 0.79 -3.35
N ASN C 109 44.54 0.59 -2.04
CA ASN C 109 45.18 1.58 -1.18
C ASN C 109 46.04 0.81 -0.16
N LEU C 110 47.36 1.09 -0.11
CA LEU C 110 48.20 0.40 0.87
C LEU C 110 49.45 1.23 1.21
N THR C 111 50.07 0.90 2.35
CA THR C 111 51.24 1.62 2.84
C THR C 111 52.46 0.70 2.81
N GLN C 112 53.56 1.16 2.20
CA GLN C 112 54.83 0.43 2.20
C GLN C 112 55.60 0.81 3.46
N LEU C 113 55.76 -0.13 4.40
CA LEU C 113 56.33 0.17 5.71
C LEU C 113 57.81 0.53 5.63
N ARG C 114 58.52 0.05 4.62
CA ARG C 114 59.95 0.33 4.48
C ARG C 114 60.18 1.78 4.08
N TYR C 115 59.27 2.36 3.28
CA TYR C 115 59.54 3.66 2.65
C TYR C 115 58.68 4.75 3.26
N GLN C 116 57.69 4.35 4.09
CA GLN C 116 56.64 5.26 4.55
C GLN C 116 55.96 5.93 3.34
N ILE C 117 55.48 5.13 2.41
CA ILE C 117 54.69 5.62 1.30
C ILE C 117 53.26 5.05 1.39
N THR C 118 52.24 5.90 1.27
CA THR C 118 50.88 5.42 1.02
C THR C 118 50.49 5.71 -0.43
N SER C 119 49.98 4.72 -1.14
CA SER C 119 49.63 4.94 -2.52
C SER C 119 48.22 4.40 -2.80
N GLN C 120 47.61 4.93 -3.87
CA GLN C 120 46.24 4.60 -4.23
C GLN C 120 46.17 4.45 -5.76
N LEU C 121 45.61 3.33 -6.22
CA LEU C 121 45.47 3.09 -7.64
C LEU C 121 43.97 2.99 -7.94
N ILE C 122 43.50 3.84 -8.86
CA ILE C 122 42.12 3.79 -9.34
C ILE C 122 42.19 3.40 -10.81
N PRO C 123 41.43 2.39 -11.28
CA PRO C 123 41.48 2.01 -12.70
C PRO C 123 40.47 2.72 -13.60
N SER C 124 40.77 2.70 -14.90
CA SER C 124 39.80 3.02 -15.94
C SER C 124 39.92 1.94 -17.02
N MET C 125 39.15 2.09 -18.12
CA MET C 125 39.10 1.08 -19.14
C MET C 125 40.51 0.85 -19.72
N TYR C 126 41.25 1.94 -20.01
CA TYR C 126 42.51 1.81 -20.73
C TYR C 126 43.70 2.25 -19.87
N GLY C 127 43.42 2.78 -18.66
CA GLY C 127 44.48 3.29 -17.82
C GLY C 127 44.07 3.35 -16.36
N GLY C 128 44.46 4.45 -15.71
CA GLY C 128 44.12 4.64 -14.31
C GLY C 128 44.92 5.82 -13.76
N ILE C 129 44.79 6.01 -12.45
CA ILE C 129 45.53 7.04 -11.75
C ILE C 129 46.17 6.41 -10.51
N LEU C 130 47.46 6.68 -10.35
CA LEU C 130 48.20 6.24 -9.18
C LEU C 130 48.64 7.47 -8.40
N THR C 131 48.13 7.61 -7.17
CA THR C 131 48.49 8.71 -6.31
C THR C 131 49.46 8.17 -5.25
N ILE C 132 50.58 8.88 -5.04
CA ILE C 132 51.64 8.43 -4.16
C ILE C 132 51.93 9.53 -3.16
N ASP C 133 51.72 9.22 -1.86
CA ASP C 133 52.04 10.10 -0.74
C ASP C 133 53.35 9.67 -0.08
N TYR C 134 54.38 10.52 -0.17
CA TYR C 134 55.69 10.17 0.33
C TYR C 134 55.91 10.87 1.66
N GLN C 135 56.50 10.21 2.64
CA GLN C 135 56.90 10.87 3.87
C GLN C 135 58.37 11.29 3.78
N GLN C 136 59.19 10.57 3.01
CA GLN C 136 60.62 10.85 2.97
C GLN C 136 60.96 11.88 1.89
N LYS C 137 62.26 12.05 1.60
CA LYS C 137 62.73 13.26 0.94
C LYS C 137 63.38 13.03 -0.44
N ASP C 138 63.54 11.76 -0.85
CA ASP C 138 64.15 11.45 -2.14
C ASP C 138 63.31 10.40 -2.87
N ASN C 139 62.36 10.86 -3.68
CA ASN C 139 61.16 10.07 -3.98
C ASN C 139 61.17 9.61 -5.44
N HIS C 140 60.72 8.37 -5.70
CA HIS C 140 60.88 7.73 -6.99
C HIS C 140 59.70 6.83 -7.34
N LEU C 141 59.66 6.41 -8.60
CA LEU C 141 58.79 5.33 -9.04
C LEU C 141 59.64 4.37 -9.85
N LEU C 142 59.67 3.10 -9.45
CA LEU C 142 60.44 2.08 -10.17
C LEU C 142 59.51 1.39 -11.16
N LEU C 143 59.92 1.37 -12.45
CA LEU C 143 59.22 0.61 -13.48
C LEU C 143 59.97 -0.69 -13.72
N THR C 144 59.26 -1.81 -13.59
CA THR C 144 59.80 -3.11 -13.96
C THR C 144 59.22 -3.48 -15.31
N LEU C 145 60.11 -3.71 -16.30
CA LEU C 145 59.68 -3.92 -17.67
C LEU C 145 60.15 -5.30 -18.15
N PRO C 146 59.34 -6.37 -17.93
CA PRO C 146 59.74 -7.72 -18.28
C PRO C 146 59.80 -7.92 -19.80
N GLY C 147 60.67 -8.84 -20.25
CA GLY C 147 60.81 -9.14 -21.67
C GLY C 147 61.57 -8.02 -22.39
N ARG C 148 61.41 -7.95 -23.72
CA ARG C 148 62.07 -6.91 -24.50
C ARG C 148 61.31 -5.61 -24.31
N TYR C 149 62.04 -4.54 -24.03
CA TYR C 149 61.36 -3.30 -23.68
C TYR C 149 62.09 -2.12 -24.35
N GLN C 150 61.35 -1.03 -24.48
CA GLN C 150 61.92 0.29 -24.70
C GLN C 150 61.30 1.24 -23.70
N VAL C 151 62.05 2.27 -23.30
CA VAL C 151 61.54 3.30 -22.42
C VAL C 151 62.15 4.61 -22.90
N LYS C 152 61.36 5.68 -22.87
CA LYS C 152 61.95 6.99 -23.09
C LYS C 152 61.16 8.04 -22.31
N GLN C 153 61.87 9.10 -21.93
CA GLN C 153 61.24 10.27 -21.36
C GLN C 153 60.85 11.19 -22.52
N LEU C 154 59.53 11.39 -22.71
CA LEU C 154 59.03 12.21 -23.81
C LEU C 154 59.19 13.69 -23.47
N ASP C 155 59.03 14.04 -22.19
CA ASP C 155 59.23 15.39 -21.66
C ASP C 155 59.36 15.22 -20.15
N ASP C 156 59.42 16.32 -19.39
CA ASP C 156 59.73 16.16 -17.97
C ASP C 156 58.50 15.70 -17.16
N HIS C 157 57.35 15.60 -17.82
CA HIS C 157 56.11 15.12 -17.21
C HIS C 157 55.60 13.82 -17.83
N GLN C 158 56.36 13.15 -18.71
CA GLN C 158 55.82 12.04 -19.49
C GLN C 158 56.90 10.99 -19.80
N VAL C 159 56.57 9.71 -19.59
CA VAL C 159 57.39 8.58 -19.96
C VAL C 159 56.56 7.61 -20.82
N ALA C 160 57.16 7.08 -21.88
CA ALA C 160 56.53 6.07 -22.72
C ALA C 160 57.35 4.79 -22.63
N VAL C 161 56.63 3.69 -22.51
CA VAL C 161 57.21 2.38 -22.35
C VAL C 161 56.62 1.48 -23.43
N LYS C 162 57.43 0.55 -23.91
CA LYS C 162 56.91 -0.51 -24.75
C LYS C 162 57.47 -1.83 -24.22
N VAL C 163 56.60 -2.81 -24.00
CA VAL C 163 57.09 -4.11 -23.56
C VAL C 163 56.56 -5.19 -24.49
N ILE C 164 57.37 -6.24 -24.67
CA ILE C 164 57.01 -7.43 -25.40
C ILE C 164 57.18 -8.59 -24.41
N ASN C 165 56.07 -9.12 -23.90
CA ASN C 165 56.10 -10.28 -23.01
C ASN C 165 54.77 -11.00 -23.13
N TYR C 166 54.81 -12.33 -23.05
CA TYR C 166 53.59 -13.09 -23.19
C TYR C 166 53.88 -14.54 -22.82
N SER C 167 52.83 -15.32 -22.62
CA SER C 167 53.01 -16.73 -22.34
C SER C 167 52.86 -17.53 -23.62
N GLY C 168 51.99 -17.08 -24.53
CA GLY C 168 51.89 -17.66 -25.87
C GLY C 168 51.26 -16.62 -26.78
N CYS C 169 51.72 -16.51 -28.04
CA CYS C 169 51.21 -15.50 -28.96
C CYS C 169 51.64 -15.86 -30.38
N GLU C 170 50.79 -15.58 -31.37
CA GLU C 170 51.12 -15.76 -32.78
C GLU C 170 52.13 -14.70 -33.25
N ASP C 171 52.14 -13.53 -32.60
CA ASP C 171 53.06 -12.47 -33.01
C ASP C 171 54.28 -12.52 -32.08
N PRO C 172 55.48 -12.95 -32.55
CA PRO C 172 56.63 -13.06 -31.65
C PRO C 172 57.09 -11.72 -31.08
N ASP C 173 56.61 -10.62 -31.65
CA ASP C 173 57.00 -9.29 -31.17
C ASP C 173 55.81 -8.53 -30.62
N PHE C 174 54.83 -9.27 -30.07
CA PHE C 174 53.60 -8.72 -29.52
C PHE C 174 53.88 -7.61 -28.50
N SER C 175 53.45 -6.39 -28.83
CA SER C 175 53.87 -5.17 -28.16
C SER C 175 52.70 -4.55 -27.39
N PHE C 176 53.02 -4.01 -26.21
CA PHE C 176 52.09 -3.28 -25.39
C PHE C 176 52.74 -1.94 -25.07
N TYR C 177 51.96 -0.86 -25.24
CA TYR C 177 52.46 0.48 -25.02
C TYR C 177 51.82 1.03 -23.76
N PHE C 178 52.63 1.74 -22.97
CA PHE C 178 52.16 2.24 -21.69
C PHE C 178 52.80 3.62 -21.47
N VAL C 179 51.94 4.60 -21.23
CA VAL C 179 52.38 5.98 -21.09
C VAL C 179 52.00 6.47 -19.69
N LEU C 180 52.94 7.20 -19.06
CA LEU C 180 52.71 7.76 -17.74
C LEU C 180 52.89 9.27 -17.83
N HIS C 181 51.91 9.99 -17.30
CA HIS C 181 51.97 11.43 -17.13
C HIS C 181 52.08 11.73 -15.64
N PHE C 182 53.05 12.57 -15.26
CA PHE C 182 53.33 12.90 -13.87
C PHE C 182 52.93 14.34 -13.59
N GLU C 183 52.23 14.58 -12.48
CA GLU C 183 51.92 15.95 -12.09
C GLU C 183 53.17 16.69 -11.66
N GLN C 184 54.03 16.06 -10.87
CA GLN C 184 55.28 16.67 -10.48
C GLN C 184 56.34 16.18 -11.45
N PRO C 185 57.22 17.06 -11.96
CA PRO C 185 58.17 16.69 -13.01
C PRO C 185 59.22 15.69 -12.52
N LEU C 186 59.74 14.88 -13.46
CA LEU C 186 60.95 14.11 -13.23
C LEU C 186 62.10 15.09 -13.01
N THR C 187 62.98 14.79 -12.04
CA THR C 187 64.04 15.72 -11.69
C THR C 187 65.36 15.22 -12.26
N LYS C 188 65.33 14.05 -12.91
CA LYS C 188 66.46 13.54 -13.63
C LYS C 188 66.01 13.24 -15.07
N TRP C 189 66.71 13.85 -16.02
CA TRP C 189 66.46 13.60 -17.43
C TRP C 189 67.28 12.36 -17.81
N PHE C 190 66.69 11.46 -18.60
CA PHE C 190 67.35 10.17 -18.82
C PHE C 190 67.28 9.80 -20.30
N ALA C 191 68.22 8.93 -20.70
CA ALA C 191 68.43 8.62 -22.10
C ALA C 191 67.48 7.51 -22.54
N PRO C 192 66.93 7.58 -23.78
CA PRO C 192 66.16 6.46 -24.35
C PRO C 192 66.96 5.18 -24.26
N SER C 193 66.26 4.09 -23.99
CA SER C 193 66.94 2.87 -23.57
C SER C 193 66.10 1.68 -24.03
N SER C 194 66.77 0.60 -24.39
CA SER C 194 66.05 -0.60 -24.69
C SER C 194 66.91 -1.78 -24.30
N GLY C 195 66.26 -2.93 -24.14
CA GLY C 195 66.95 -4.08 -23.59
C GLY C 195 65.95 -5.20 -23.33
N GLU C 196 66.32 -6.06 -22.39
CA GLU C 196 65.46 -7.10 -21.86
C GLU C 196 65.42 -6.96 -20.34
N ASP C 197 64.23 -7.14 -19.76
CA ASP C 197 64.06 -7.15 -18.31
C ASP C 197 64.60 -5.86 -17.72
N GLY C 198 63.95 -4.76 -18.05
CA GLY C 198 64.39 -3.45 -17.60
C GLY C 198 63.92 -3.12 -16.21
N LYS C 199 64.67 -2.22 -15.57
CA LYS C 199 64.35 -1.71 -14.25
C LYS C 199 64.71 -0.24 -14.29
N ILE C 200 63.70 0.64 -14.28
CA ILE C 200 63.92 2.06 -14.49
C ILE C 200 63.45 2.81 -13.24
N LEU C 201 64.40 3.42 -12.52
CA LEU C 201 64.06 4.23 -11.38
C LEU C 201 63.83 5.69 -11.81
N LEU C 202 62.58 6.15 -11.82
CA LEU C 202 62.28 7.54 -12.12
C LEU C 202 62.37 8.37 -10.85
N SER C 203 62.94 9.57 -10.95
CA SER C 203 63.16 10.40 -9.76
C SER C 203 62.30 11.65 -9.80
N PHE C 204 61.81 12.07 -8.63
CA PHE C 204 60.95 13.24 -8.56
C PHE C 204 61.42 14.19 -7.47
N GLY C 205 62.55 13.85 -6.81
CA GLY C 205 63.09 14.72 -5.78
C GLY C 205 62.26 14.69 -4.50
N ASN C 206 62.06 15.86 -3.89
CA ASN C 206 61.56 15.91 -2.54
C ASN C 206 60.07 16.30 -2.49
N ILE C 207 59.23 15.75 -3.36
CA ILE C 207 57.82 16.13 -3.35
C ILE C 207 57.06 15.28 -2.31
N ALA C 208 55.97 15.82 -1.78
CA ALA C 208 55.15 15.12 -0.81
C ALA C 208 54.17 14.20 -1.51
N GLN C 209 53.75 14.53 -2.73
CA GLN C 209 52.76 13.74 -3.43
C GLN C 209 53.03 13.75 -4.93
N GLN C 210 52.95 12.55 -5.54
CA GLN C 210 52.98 12.43 -6.98
C GLN C 210 51.61 11.92 -7.43
N VAL C 211 51.15 12.38 -8.58
CA VAL C 211 49.94 11.86 -9.17
C VAL C 211 50.28 11.39 -10.57
N VAL C 212 50.10 10.11 -10.84
CA VAL C 212 50.46 9.50 -12.11
C VAL C 212 49.19 9.16 -12.87
N HIS C 213 48.97 9.82 -14.02
CA HIS C 213 47.90 9.44 -14.92
C HIS C 213 48.52 8.52 -15.96
N PHE C 214 47.97 7.33 -16.14
CA PHE C 214 48.61 6.39 -17.05
C PHE C 214 47.57 5.83 -18.01
N SER C 215 48.05 5.37 -19.15
CA SER C 215 47.17 4.73 -20.10
C SER C 215 48.00 3.77 -20.95
N SER C 216 47.34 3.08 -21.88
CA SER C 216 48.01 1.96 -22.53
C SER C 216 47.34 1.70 -23.88
N SER C 217 47.96 0.81 -24.67
CA SER C 217 47.46 0.53 -26.00
C SER C 217 48.15 -0.72 -26.52
N PHE C 218 47.41 -1.49 -27.31
CA PHE C 218 48.02 -2.56 -28.09
C PHE C 218 48.19 -2.09 -29.55
N ILE C 219 47.89 -0.81 -29.82
CA ILE C 219 47.97 -0.26 -31.17
C ILE C 219 49.33 0.40 -31.37
N SER C 220 49.61 1.46 -30.61
CA SER C 220 50.85 2.20 -30.79
C SER C 220 51.03 3.15 -29.62
N GLU C 221 52.22 3.75 -29.52
CA GLU C 221 52.49 4.78 -28.53
C GLU C 221 51.51 5.95 -28.68
N LYS C 222 51.23 6.32 -29.92
CA LYS C 222 50.38 7.48 -30.20
C LYS C 222 48.93 7.19 -29.79
N GLN C 223 48.44 5.97 -30.04
CA GLN C 223 47.10 5.60 -29.59
C GLN C 223 47.04 5.62 -28.04
N ALA C 224 48.13 5.19 -27.37
CA ALA C 224 48.17 5.24 -25.92
C ALA C 224 48.05 6.68 -25.43
N GLN C 225 48.70 7.62 -26.13
CA GLN C 225 48.63 9.02 -25.73
C GLN C 225 47.22 9.56 -25.94
N LEU C 226 46.53 9.10 -26.99
CA LEU C 226 45.15 9.52 -27.23
C LEU C 226 44.23 8.95 -26.14
N ASN C 227 44.45 7.68 -25.77
CA ASN C 227 43.71 7.05 -24.68
C ASN C 227 43.89 7.87 -23.40
N LEU C 228 45.13 8.34 -23.16
CA LEU C 228 45.42 9.13 -21.96
C LEU C 228 44.76 10.50 -22.04
N ALA C 229 44.87 11.16 -23.20
CA ALA C 229 44.37 12.50 -23.43
C ALA C 229 42.88 12.58 -23.09
N ARG C 230 42.13 11.52 -23.40
CA ARG C 230 40.70 11.51 -23.11
C ARG C 230 40.39 11.51 -21.60
N GLU C 231 41.37 11.25 -20.71
CA GLU C 231 41.02 11.27 -19.29
C GLU C 231 42.02 12.06 -18.45
N ILE C 232 42.99 12.72 -19.11
CA ILE C 232 44.11 13.34 -18.41
C ILE C 232 43.61 14.37 -17.40
N SER C 233 42.41 14.91 -17.62
CA SER C 233 41.88 15.98 -16.78
C SER C 233 41.18 15.45 -15.53
N LEU C 234 40.75 14.17 -15.52
CA LEU C 234 39.98 13.66 -14.38
C LEU C 234 40.84 13.63 -13.13
N ARG C 235 40.30 14.09 -12.00
CA ARG C 235 40.92 13.85 -10.71
C ARG C 235 40.65 12.40 -10.29
N SER C 236 41.48 11.89 -9.36
CA SER C 236 41.32 10.52 -8.88
C SER C 236 39.90 10.27 -8.36
N THR C 237 39.34 11.25 -7.65
CA THR C 237 38.00 11.10 -7.07
C THR C 237 36.93 10.97 -8.16
N GLU C 238 37.12 11.65 -9.30
CA GLU C 238 36.14 11.60 -10.37
C GLU C 238 36.26 10.25 -11.08
N MET C 239 37.50 9.79 -11.26
CA MET C 239 37.70 8.53 -11.93
C MET C 239 37.11 7.39 -11.08
N LEU C 240 37.28 7.49 -9.75
CA LEU C 240 36.72 6.52 -8.82
C LEU C 240 35.20 6.50 -8.94
N GLN C 241 34.57 7.70 -8.94
CA GLN C 241 33.12 7.79 -9.10
C GLN C 241 32.65 7.17 -10.41
N GLN C 242 33.34 7.42 -11.52
CA GLN C 242 32.93 6.80 -12.78
C GLN C 242 33.08 5.29 -12.73
N GLY C 243 34.16 4.80 -12.09
CA GLY C 243 34.38 3.36 -11.97
C GLY C 243 33.26 2.70 -11.17
N ILE C 244 32.86 3.36 -10.07
CA ILE C 244 31.78 2.89 -9.22
C ILE C 244 30.49 2.85 -10.05
N ALA C 245 30.22 3.92 -10.82
CA ALA C 245 29.03 3.98 -11.65
C ALA C 245 29.06 2.89 -12.71
N ASP C 246 30.26 2.58 -13.25
CA ASP C 246 30.38 1.50 -14.22
C ASP C 246 29.97 0.17 -13.62
N TRP C 247 30.42 -0.10 -12.39
CA TRP C 247 30.09 -1.38 -11.77
C TRP C 247 28.61 -1.42 -11.38
N HIS C 248 28.07 -0.29 -10.87
CA HIS C 248 26.68 -0.24 -10.45
C HIS C 248 25.73 -0.47 -11.62
N ASN C 249 26.19 -0.06 -12.81
CA ASN C 249 25.48 -0.33 -14.04
C ASN C 249 25.12 -1.82 -14.15
N TYR C 250 26.06 -2.72 -13.81
CA TYR C 250 25.83 -4.16 -13.84
C TYR C 250 25.18 -4.64 -12.52
N PHE C 251 25.65 -4.15 -11.38
CA PHE C 251 25.13 -4.64 -10.11
C PHE C 251 23.63 -4.39 -9.98
N ASP C 252 23.19 -3.21 -10.47
CA ASP C 252 21.80 -2.82 -10.35
C ASP C 252 20.89 -3.76 -11.14
N ARG C 253 21.44 -4.64 -11.98
CA ARG C 253 20.59 -5.51 -12.79
C ARG C 253 20.12 -6.74 -12.03
N LEU C 254 20.74 -6.99 -10.86
CA LEU C 254 20.37 -8.14 -10.03
C LEU C 254 20.43 -7.69 -8.57
N LYS C 255 19.28 -7.23 -8.05
CA LYS C 255 19.18 -6.78 -6.67
C LYS C 255 18.54 -7.90 -5.87
N VAL C 256 19.30 -8.51 -4.93
CA VAL C 256 18.82 -9.73 -4.30
C VAL C 256 18.92 -9.60 -2.79
N THR C 257 18.09 -10.37 -2.07
CA THR C 257 18.25 -10.49 -0.63
C THR C 257 18.12 -11.97 -0.28
N HIS C 258 18.57 -12.32 0.93
CA HIS C 258 18.61 -13.69 1.42
C HIS C 258 18.23 -13.68 2.90
N GLU C 259 17.83 -14.82 3.46
CA GLU C 259 17.68 -14.87 4.89
C GLU C 259 19.03 -14.60 5.58
N ASN C 260 20.10 -15.21 5.09
CA ASN C 260 21.42 -15.04 5.70
C ASN C 260 22.22 -14.00 4.92
N PRO C 261 22.58 -12.84 5.52
CA PRO C 261 23.37 -11.83 4.80
C PRO C 261 24.75 -12.27 4.29
N GLU C 262 25.30 -13.37 4.83
CA GLU C 262 26.55 -13.90 4.30
C GLU C 262 26.33 -14.42 2.86
N HIS C 263 25.14 -14.94 2.57
CA HIS C 263 24.84 -15.41 1.22
C HIS C 263 24.79 -14.23 0.26
N THR C 264 24.27 -13.10 0.73
CA THR C 264 24.20 -11.91 -0.10
C THR C 264 25.61 -11.43 -0.42
N LYS C 265 26.48 -11.44 0.59
CA LYS C 265 27.88 -11.08 0.42
C LYS C 265 28.54 -11.99 -0.64
N THR C 266 28.28 -13.30 -0.55
CA THR C 266 28.82 -14.22 -1.53
C THR C 266 28.32 -13.87 -2.92
N PHE C 267 27.00 -13.64 -3.03
CA PHE C 267 26.38 -13.38 -4.32
C PHE C 267 27.10 -12.22 -5.03
N TYR C 268 27.32 -11.10 -4.31
CA TYR C 268 27.90 -9.91 -4.91
C TYR C 268 29.39 -10.06 -5.23
N HIS C 269 30.12 -10.83 -4.41
CA HIS C 269 31.50 -11.16 -4.77
C HIS C 269 31.54 -11.98 -6.07
N THR C 270 30.65 -12.98 -6.20
CA THR C 270 30.64 -13.72 -7.47
C THR C 270 30.17 -12.83 -8.63
N LEU C 271 29.30 -11.84 -8.36
CA LEU C 271 28.80 -11.00 -9.43
C LEU C 271 29.93 -10.08 -9.94
N TYR C 272 30.77 -9.58 -9.03
CA TYR C 272 31.95 -8.84 -9.43
C TYR C 272 32.78 -9.66 -10.41
N ARG C 273 32.93 -10.96 -10.13
CA ARG C 273 33.81 -11.78 -10.93
C ARG C 273 33.10 -12.25 -12.20
N THR C 274 31.83 -11.89 -12.39
CA THR C 274 31.10 -12.24 -13.61
C THR C 274 31.25 -11.16 -14.69
N PHE C 275 31.69 -9.95 -14.32
CA PHE C 275 31.77 -8.85 -15.28
C PHE C 275 33.21 -8.41 -15.57
N LEU C 276 34.19 -9.33 -15.39
CA LEU C 276 35.59 -9.03 -15.68
C LEU C 276 35.94 -9.49 -17.09
N PHE C 277 35.55 -10.70 -17.46
CA PHE C 277 35.98 -11.38 -18.67
C PHE C 277 34.76 -11.61 -19.57
N PRO C 278 34.97 -11.59 -20.90
CA PRO C 278 36.27 -11.44 -21.55
C PRO C 278 36.70 -9.99 -21.52
N GLN C 279 38.01 -9.72 -21.50
CA GLN C 279 38.50 -8.36 -21.43
C GLN C 279 38.35 -7.70 -22.80
N THR C 280 37.98 -6.41 -22.76
CA THR C 280 38.01 -5.53 -23.91
C THR C 280 39.40 -5.60 -24.56
N PHE C 281 39.42 -5.83 -25.87
CA PHE C 281 40.68 -5.95 -26.59
C PHE C 281 40.64 -5.11 -27.88
N TYR C 282 40.02 -3.92 -27.78
CA TYR C 282 40.01 -2.97 -28.87
C TYR C 282 39.98 -1.55 -28.29
N GLU C 283 40.39 -0.57 -29.10
CA GLU C 283 40.45 0.83 -28.71
C GLU C 283 39.66 1.66 -29.73
N LEU C 284 39.44 2.95 -29.40
CA LEU C 284 38.75 3.89 -30.26
C LEU C 284 39.76 4.87 -30.87
N ASP C 285 39.86 4.88 -32.20
CA ASP C 285 40.81 5.74 -32.89
C ASP C 285 40.38 7.20 -32.82
N GLU C 286 41.09 8.06 -33.57
CA GLU C 286 40.87 9.50 -33.50
C GLU C 286 39.46 9.84 -33.95
N ASN C 287 38.81 8.97 -34.74
CA ASN C 287 37.43 9.24 -35.15
C ASN C 287 36.44 8.43 -34.33
N GLN C 288 36.86 7.93 -33.16
CA GLN C 288 36.01 7.11 -32.30
C GLN C 288 35.65 5.78 -32.94
N GLN C 289 36.44 5.29 -33.89
CA GLN C 289 36.13 4.01 -34.52
C GLN C 289 36.96 2.89 -33.88
N PRO C 290 36.34 1.71 -33.68
CA PRO C 290 37.02 0.57 -33.05
C PRO C 290 38.16 0.03 -33.89
N ILE C 291 39.33 -0.13 -33.27
CA ILE C 291 40.47 -0.75 -33.90
C ILE C 291 41.07 -1.73 -32.90
N HIS C 292 41.75 -2.77 -33.44
CA HIS C 292 42.42 -3.71 -32.56
C HIS C 292 43.66 -4.23 -33.26
N TYR C 293 44.47 -4.97 -32.49
CA TYR C 293 45.65 -5.62 -33.03
C TYR C 293 45.35 -7.06 -33.43
N ASP C 294 45.71 -7.38 -34.67
CA ASP C 294 45.55 -8.72 -35.22
C ASP C 294 46.91 -9.40 -35.18
N THR C 295 47.07 -10.37 -34.27
CA THR C 295 48.38 -10.97 -34.07
C THR C 295 48.69 -11.93 -35.21
N PHE C 296 47.67 -12.39 -35.91
CA PHE C 296 47.85 -13.40 -36.94
C PHE C 296 48.55 -12.79 -38.16
N SER C 297 48.16 -11.59 -38.59
CA SER C 297 48.83 -10.95 -39.70
C SER C 297 49.73 -9.83 -39.21
N GLN C 298 49.76 -9.61 -37.89
CA GLN C 298 50.60 -8.61 -37.25
C GLN C 298 50.31 -7.19 -37.73
N THR C 299 49.03 -6.81 -37.75
CA THR C 299 48.67 -5.46 -38.17
C THR C 299 47.50 -4.98 -37.32
N VAL C 300 47.25 -3.67 -37.37
CA VAL C 300 46.07 -3.06 -36.80
C VAL C 300 44.91 -3.22 -37.78
N ARG C 301 43.75 -3.65 -37.27
CA ARG C 301 42.58 -3.86 -38.10
C ARG C 301 41.37 -3.18 -37.48
N PRO C 302 40.36 -2.78 -38.28
CA PRO C 302 39.15 -2.14 -37.74
C PRO C 302 38.25 -3.18 -37.09
N GLY C 303 37.42 -2.72 -36.14
CA GLY C 303 36.44 -3.59 -35.51
C GLY C 303 36.76 -3.89 -34.03
N VAL C 304 35.76 -4.48 -33.35
CA VAL C 304 35.88 -4.90 -31.96
C VAL C 304 36.61 -6.25 -31.88
N LEU C 305 37.23 -6.48 -30.72
CA LEU C 305 37.85 -7.75 -30.37
C LEU C 305 37.85 -7.87 -28.85
N TYR C 306 37.69 -9.10 -28.34
CA TYR C 306 37.73 -9.39 -26.92
C TYR C 306 38.76 -10.48 -26.69
N THR C 307 39.31 -10.56 -25.46
CA THR C 307 40.31 -11.59 -25.19
C THR C 307 40.08 -12.24 -23.81
N ASN C 308 40.91 -13.24 -23.47
CA ASN C 308 40.93 -13.84 -22.13
C ASN C 308 39.63 -14.61 -21.87
N ASN C 309 39.41 -15.67 -22.66
CA ASN C 309 38.22 -16.48 -22.49
C ASN C 309 38.50 -17.86 -23.07
N GLY C 310 38.24 -18.90 -22.27
CA GLY C 310 38.21 -20.24 -22.82
C GLY C 310 36.78 -20.75 -22.82
N PHE C 311 36.22 -20.91 -24.04
CA PHE C 311 34.81 -21.19 -24.22
C PHE C 311 34.40 -22.51 -23.56
N TRP C 312 35.32 -23.48 -23.48
CA TRP C 312 35.09 -24.73 -22.79
C TRP C 312 34.56 -24.48 -21.37
N ASP C 313 35.00 -23.37 -20.76
CA ASP C 313 34.56 -22.97 -19.43
C ASP C 313 33.35 -22.05 -19.55
N THR C 314 33.44 -21.03 -20.42
CA THR C 314 32.55 -19.88 -20.26
C THR C 314 31.21 -20.12 -20.95
N TYR C 315 31.12 -21.07 -21.89
CA TYR C 315 29.87 -21.29 -22.61
C TYR C 315 28.78 -21.78 -21.66
N LYS C 316 29.20 -22.42 -20.57
CA LYS C 316 28.31 -23.11 -19.64
C LYS C 316 27.34 -22.14 -18.96
N THR C 317 27.81 -20.95 -18.59
CA THR C 317 27.10 -20.12 -17.64
C THR C 317 27.20 -18.64 -17.98
N VAL C 318 28.38 -18.16 -18.42
CA VAL C 318 28.61 -16.74 -18.60
C VAL C 318 27.68 -16.18 -19.69
N TYR C 319 27.74 -16.75 -20.89
CA TYR C 319 26.99 -16.18 -22.01
C TYR C 319 25.49 -16.35 -21.78
N PRO C 320 25.00 -17.52 -21.31
CA PRO C 320 23.58 -17.63 -20.96
C PRO C 320 23.13 -16.56 -19.95
N LEU C 321 23.97 -16.22 -18.97
CA LEU C 321 23.63 -15.13 -18.07
C LEU C 321 23.58 -13.80 -18.82
N PHE C 322 24.58 -13.53 -19.68
CA PHE C 322 24.55 -12.29 -20.45
C PHE C 322 23.30 -12.25 -21.34
N SER C 323 22.86 -13.41 -21.81
CA SER C 323 21.65 -13.44 -22.63
C SER C 323 20.44 -12.89 -21.88
N LEU C 324 20.47 -12.87 -20.54
CA LEU C 324 19.34 -12.37 -19.77
C LEU C 324 19.52 -10.90 -19.42
N ILE C 325 20.72 -10.51 -18.96
CA ILE C 325 20.87 -9.23 -18.29
C ILE C 325 21.97 -8.36 -18.92
N ALA C 326 22.73 -8.88 -19.89
CA ALA C 326 23.77 -8.06 -20.50
C ALA C 326 23.86 -8.34 -22.00
N GLN C 327 22.74 -8.22 -22.69
CA GLN C 327 22.68 -8.63 -24.09
C GLN C 327 23.52 -7.68 -24.96
N GLU C 328 23.60 -6.41 -24.59
CA GLU C 328 24.40 -5.44 -25.33
C GLU C 328 25.89 -5.86 -25.32
N LYS C 329 26.34 -6.47 -24.22
CA LYS C 329 27.71 -6.96 -24.14
C LYS C 329 27.87 -8.19 -25.02
N TYR C 330 26.94 -9.14 -24.87
CA TYR C 330 26.93 -10.37 -25.68
C TYR C 330 27.03 -10.01 -27.17
N GLU C 331 26.24 -9.00 -27.59
CA GLU C 331 26.15 -8.58 -28.97
C GLU C 331 27.52 -8.17 -29.49
N GLU C 332 28.24 -7.38 -28.69
CA GLU C 332 29.52 -6.86 -29.13
C GLU C 332 30.59 -7.95 -29.05
N MET C 333 30.47 -8.86 -28.08
CA MET C 333 31.45 -9.93 -27.95
C MET C 333 31.35 -10.90 -29.12
N LEU C 334 30.13 -11.20 -29.60
CA LEU C 334 29.96 -12.11 -30.73
C LEU C 334 30.63 -11.52 -31.97
N GLU C 335 30.52 -10.20 -32.13
CA GLU C 335 31.17 -9.50 -33.22
C GLU C 335 32.67 -9.70 -33.14
N GLY C 336 33.23 -9.61 -31.93
CA GLY C 336 34.66 -9.80 -31.69
C GLY C 336 35.11 -11.21 -32.09
N PHE C 337 34.32 -12.22 -31.70
CA PHE C 337 34.65 -13.62 -31.95
C PHE C 337 34.64 -13.89 -33.45
N LEU C 338 33.72 -13.24 -34.17
CA LEU C 338 33.65 -13.36 -35.61
C LEU C 338 34.88 -12.70 -36.25
N ASN C 339 35.30 -11.53 -35.74
CA ASN C 339 36.58 -10.95 -36.15
C ASN C 339 37.75 -11.92 -35.92
N SER C 340 37.76 -12.67 -34.81
CA SER C 340 38.82 -13.66 -34.63
C SER C 340 38.80 -14.67 -35.76
N TYR C 341 37.60 -15.10 -36.14
CA TYR C 341 37.44 -16.05 -37.24
C TYR C 341 37.96 -15.42 -38.55
N ASN C 342 37.59 -14.18 -38.78
CA ASN C 342 37.97 -13.49 -40.01
C ASN C 342 39.48 -13.42 -40.08
N GLU C 343 40.15 -13.32 -38.94
CA GLU C 343 41.57 -13.02 -38.96
C GLU C 343 42.40 -14.28 -39.05
N THR C 344 41.83 -15.43 -38.71
CA THR C 344 42.65 -16.60 -38.50
C THR C 344 42.10 -17.77 -39.30
N GLY C 345 40.82 -17.73 -39.70
CA GLY C 345 40.27 -18.87 -40.41
C GLY C 345 39.43 -19.83 -39.54
N PHE C 346 39.49 -19.72 -38.20
CA PHE C 346 38.74 -20.62 -37.34
C PHE C 346 38.16 -19.87 -36.14
N LEU C 347 36.94 -20.26 -35.72
CA LEU C 347 36.34 -19.69 -34.53
C LEU C 347 37.22 -20.03 -33.32
N PRO C 348 37.42 -19.08 -32.39
CA PRO C 348 38.42 -19.27 -31.34
C PRO C 348 38.01 -20.28 -30.26
N LYS C 349 39.02 -20.91 -29.65
CA LYS C 349 38.88 -21.86 -28.54
C LYS C 349 39.27 -21.21 -27.21
N TRP C 350 40.48 -20.66 -27.16
CA TRP C 350 40.99 -20.07 -25.93
C TRP C 350 41.84 -18.86 -26.28
N LEU C 351 41.30 -17.66 -26.09
CA LEU C 351 42.01 -16.44 -26.46
C LEU C 351 42.82 -15.90 -25.27
N SER C 352 44.16 -15.76 -25.41
CA SER C 352 44.99 -15.14 -24.37
C SER C 352 46.42 -14.87 -24.85
N PRO C 353 46.66 -13.81 -25.62
CA PRO C 353 45.69 -12.85 -26.11
C PRO C 353 44.96 -13.32 -27.37
N ASP C 354 45.55 -14.32 -28.04
CA ASP C 354 45.05 -14.88 -29.28
C ASP C 354 44.93 -16.39 -29.08
N GLU C 355 44.83 -17.15 -30.16
CA GLU C 355 44.46 -18.56 -30.03
C GLU C 355 45.55 -19.33 -29.29
N ARG C 356 45.21 -19.94 -28.15
CA ARG C 356 46.16 -20.74 -27.37
C ARG C 356 45.87 -22.22 -27.57
N GLY C 357 44.67 -22.56 -28.08
CA GLY C 357 44.37 -23.93 -28.48
C GLY C 357 44.08 -24.89 -27.33
N LEU C 358 43.87 -24.42 -26.09
CA LEU C 358 43.82 -25.35 -24.97
C LEU C 358 42.41 -25.87 -24.74
N MET C 359 42.35 -27.08 -24.18
CA MET C 359 41.13 -27.81 -23.80
C MET C 359 40.53 -28.48 -25.04
N PRO C 360 39.75 -29.56 -24.87
CA PRO C 360 38.99 -30.15 -25.97
C PRO C 360 37.91 -29.21 -26.51
N GLY C 361 37.45 -29.48 -27.75
CA GLY C 361 36.18 -28.97 -28.28
C GLY C 361 36.20 -27.53 -28.80
N THR C 362 35.10 -27.17 -29.48
CA THR C 362 34.88 -25.85 -30.02
C THR C 362 33.58 -25.28 -29.46
N LEU C 363 33.57 -25.04 -28.15
CA LEU C 363 32.35 -24.72 -27.44
C LEU C 363 31.88 -23.30 -27.78
N ILE C 364 32.65 -22.51 -28.52
CA ILE C 364 32.14 -21.24 -29.06
C ILE C 364 30.87 -21.53 -29.85
N ASP C 365 30.79 -22.74 -30.45
CA ASP C 365 29.60 -23.12 -31.22
C ASP C 365 28.35 -23.03 -30.35
N ALA C 366 28.48 -23.36 -29.05
CA ALA C 366 27.35 -23.26 -28.13
C ALA C 366 27.01 -21.79 -27.83
N VAL C 367 28.04 -20.95 -27.71
CA VAL C 367 27.80 -19.52 -27.52
C VAL C 367 27.01 -18.97 -28.71
N ILE C 368 27.34 -19.43 -29.92
CA ILE C 368 26.72 -18.94 -31.14
C ILE C 368 25.28 -19.46 -31.21
N ALA C 369 25.10 -20.77 -31.02
CA ALA C 369 23.79 -21.40 -31.10
C ALA C 369 22.82 -20.81 -30.09
N ASP C 370 23.30 -20.60 -28.86
CA ASP C 370 22.44 -20.04 -27.83
C ASP C 370 21.99 -18.65 -28.25
N ALA C 371 22.91 -17.84 -28.79
CA ALA C 371 22.53 -16.52 -29.29
C ALA C 371 21.49 -16.66 -30.42
N ALA C 372 21.71 -17.61 -31.34
CA ALA C 372 20.81 -17.75 -32.48
C ALA C 372 19.39 -18.06 -32.00
N VAL C 373 19.22 -19.06 -31.12
CA VAL C 373 17.87 -19.42 -30.73
C VAL C 373 17.26 -18.33 -29.84
N LYS C 374 18.06 -17.40 -29.32
CA LYS C 374 17.52 -16.34 -28.49
C LYS C 374 17.39 -15.05 -29.30
N LYS C 375 17.65 -15.12 -30.61
CA LYS C 375 17.57 -13.96 -31.49
C LYS C 375 18.55 -12.87 -31.06
N ILE C 376 19.78 -13.24 -30.67
CA ILE C 376 20.81 -12.25 -30.40
C ILE C 376 21.77 -12.26 -31.61
N ARG C 377 21.96 -11.08 -32.21
CA ARG C 377 22.76 -10.92 -33.43
C ARG C 377 22.29 -11.88 -34.54
N PRO C 378 20.99 -11.92 -34.91
CA PRO C 378 20.56 -12.72 -36.07
C PRO C 378 21.29 -12.26 -37.35
N ASP C 379 21.68 -10.98 -37.42
CA ASP C 379 22.44 -10.43 -38.54
C ASP C 379 23.77 -11.15 -38.73
N LEU C 380 24.40 -11.69 -37.66
CA LEU C 380 25.70 -12.34 -37.83
C LEU C 380 25.57 -13.84 -38.12
N MET C 381 24.36 -14.39 -38.02
CA MET C 381 24.23 -15.85 -38.02
C MET C 381 24.63 -16.48 -39.35
N PRO C 382 24.27 -15.91 -40.54
CA PRO C 382 24.78 -16.45 -41.80
C PRO C 382 26.31 -16.59 -41.83
N GLN C 383 27.03 -15.54 -41.40
CA GLN C 383 28.49 -15.62 -41.31
C GLN C 383 28.95 -16.71 -40.32
N PHE C 384 28.30 -16.78 -39.13
CA PHE C 384 28.67 -17.80 -38.15
C PHE C 384 28.43 -19.20 -38.72
N LEU C 385 27.30 -19.42 -39.42
CA LEU C 385 27.03 -20.77 -39.92
C LEU C 385 28.15 -21.22 -40.84
N GLU C 386 28.60 -20.33 -41.73
CA GLU C 386 29.70 -20.65 -42.63
C GLU C 386 30.97 -21.02 -41.83
N ALA C 387 31.32 -20.21 -40.82
CA ALA C 387 32.49 -20.43 -39.96
C ALA C 387 32.39 -21.75 -39.21
N MET C 388 31.20 -22.09 -38.70
CA MET C 388 31.04 -23.33 -37.96
C MET C 388 31.18 -24.54 -38.88
N LYS C 389 30.58 -24.45 -40.07
CA LYS C 389 30.67 -25.53 -41.05
C LYS C 389 32.13 -25.76 -41.47
N LYS C 390 32.89 -24.67 -41.63
CA LYS C 390 34.30 -24.82 -41.93
C LYS C 390 35.02 -25.58 -40.81
N GLY C 391 34.81 -25.15 -39.56
CA GLY C 391 35.43 -25.82 -38.43
C GLY C 391 35.09 -27.31 -38.35
N ALA C 392 33.85 -27.66 -38.77
CA ALA C 392 33.39 -29.04 -38.64
C ALA C 392 33.84 -29.89 -39.83
N THR C 393 34.42 -29.28 -40.89
CA THR C 393 34.72 -30.04 -42.09
C THR C 393 36.19 -29.95 -42.49
N GLN C 394 36.92 -28.95 -41.99
CA GLN C 394 38.31 -28.80 -42.38
C GLN C 394 39.26 -28.89 -41.18
N GLN C 395 40.33 -29.64 -41.37
CA GLN C 395 41.40 -29.81 -40.41
C GLN C 395 42.39 -28.67 -40.61
N SER C 396 42.61 -27.84 -39.58
CA SER C 396 43.66 -26.84 -39.64
C SER C 396 45.01 -27.54 -39.70
N GLU C 397 45.96 -26.93 -40.41
CA GLU C 397 47.31 -27.46 -40.38
C GLU C 397 48.04 -26.90 -39.16
N ARG C 398 47.59 -25.75 -38.61
CA ARG C 398 48.12 -25.24 -37.34
C ARG C 398 47.38 -25.91 -36.20
N GLU C 399 48.13 -26.47 -35.23
CA GLU C 399 47.51 -27.41 -34.31
C GLU C 399 46.66 -26.74 -33.22
N ASN C 400 46.72 -25.40 -33.08
CA ASN C 400 45.94 -24.73 -32.05
C ASN C 400 44.54 -24.33 -32.53
N TYR C 401 44.20 -24.57 -33.80
CA TYR C 401 42.96 -24.04 -34.33
C TYR C 401 41.99 -25.17 -34.67
N GLY C 402 40.69 -24.91 -34.47
CA GLY C 402 39.65 -25.79 -34.98
C GLY C 402 39.61 -27.11 -34.21
N ARG C 403 38.93 -28.10 -34.81
CA ARG C 403 38.85 -29.43 -34.25
C ARG C 403 40.16 -30.18 -34.53
N GLN C 404 40.59 -31.02 -33.59
CA GLN C 404 41.68 -31.95 -33.87
C GLN C 404 41.05 -33.29 -34.26
N GLY C 405 41.57 -33.93 -35.30
CA GLY C 405 40.95 -35.18 -35.72
C GLY C 405 39.60 -34.96 -36.44
N THR C 406 39.42 -33.80 -37.06
CA THR C 406 38.23 -33.47 -37.82
C THR C 406 37.91 -34.60 -38.80
N LEU C 407 38.92 -35.04 -39.55
CA LEU C 407 38.67 -35.98 -40.64
C LEU C 407 38.38 -37.37 -40.08
N ASP C 408 39.07 -37.76 -39.00
CA ASP C 408 38.80 -39.06 -38.38
C ASP C 408 37.39 -39.12 -37.81
N TYR C 409 36.93 -37.98 -37.27
CA TYR C 409 35.61 -37.90 -36.68
C TYR C 409 34.56 -38.16 -37.76
N LEU C 410 34.78 -37.54 -38.94
CA LEU C 410 33.87 -37.70 -40.06
C LEU C 410 33.94 -39.12 -40.62
N LYS C 411 35.13 -39.73 -40.61
CA LYS C 411 35.29 -41.08 -41.11
C LYS C 411 34.61 -42.09 -40.18
N TYR C 412 34.84 -42.01 -38.87
CA TYR C 412 34.44 -43.09 -37.97
C TYR C 412 33.18 -42.81 -37.16
N GLY C 413 32.79 -41.53 -37.05
CA GLY C 413 31.70 -41.13 -36.17
C GLY C 413 32.16 -40.86 -34.73
N TYR C 414 33.48 -40.91 -34.49
CA TYR C 414 34.07 -40.57 -33.21
C TYR C 414 35.56 -40.29 -33.43
N VAL C 415 36.16 -39.60 -32.47
CA VAL C 415 37.61 -39.44 -32.44
C VAL C 415 38.19 -40.70 -31.80
N PRO C 416 39.02 -41.48 -32.55
CA PRO C 416 39.54 -42.74 -32.01
C PRO C 416 40.56 -42.56 -30.89
N SER C 417 40.83 -43.67 -30.20
CA SER C 417 41.56 -43.69 -28.94
C SER C 417 43.03 -43.39 -29.13
N THR C 418 43.48 -43.21 -30.37
CA THR C 418 44.86 -42.82 -30.60
C THR C 418 45.05 -41.34 -30.27
N TYR C 419 43.99 -40.54 -30.27
CA TYR C 419 44.09 -39.15 -29.83
C TYR C 419 43.95 -39.05 -28.30
N HIS C 420 44.65 -38.09 -27.71
CA HIS C 420 44.54 -37.81 -26.28
C HIS C 420 43.13 -37.26 -25.99
N GLU C 421 42.51 -37.70 -24.88
CA GLU C 421 41.24 -37.16 -24.40
C GLU C 421 40.14 -37.32 -25.46
N SER C 422 40.12 -38.47 -26.13
CA SER C 422 39.28 -38.68 -27.29
C SER C 422 37.80 -38.73 -26.90
N VAL C 423 37.49 -39.09 -25.64
CA VAL C 423 36.10 -39.12 -25.19
C VAL C 423 35.54 -37.70 -25.19
N ASN C 424 36.31 -36.78 -24.59
CA ASN C 424 35.88 -35.39 -24.55
C ASN C 424 35.79 -34.81 -25.96
N HIS C 425 36.77 -35.11 -26.83
CA HIS C 425 36.72 -34.58 -28.19
C HIS C 425 35.44 -35.05 -28.90
N THR C 426 35.14 -36.35 -28.80
CA THR C 426 33.98 -36.92 -29.48
C THR C 426 32.71 -36.24 -29.00
N LEU C 427 32.56 -36.16 -27.66
CA LEU C 427 31.31 -35.68 -27.07
C LEU C 427 31.15 -34.18 -27.34
N ASP C 428 32.27 -33.44 -27.27
CA ASP C 428 32.26 -32.03 -27.64
C ASP C 428 31.88 -31.82 -29.11
N TYR C 429 32.43 -32.65 -30.03
CA TYR C 429 32.13 -32.48 -31.45
C TYR C 429 30.64 -32.77 -31.69
N ALA C 430 30.13 -33.83 -31.05
CA ALA C 430 28.74 -34.19 -31.23
C ALA C 430 27.82 -33.07 -30.74
N TYR C 431 28.16 -32.46 -29.60
CA TYR C 431 27.39 -31.32 -29.09
C TYR C 431 27.51 -30.12 -30.02
N SER C 432 28.74 -29.83 -30.50
CA SER C 432 28.92 -28.79 -31.51
C SER C 432 28.00 -29.01 -32.71
N ASP C 433 27.93 -30.27 -33.18
CA ASP C 433 27.11 -30.62 -34.32
C ASP C 433 25.68 -30.17 -34.08
N PHE C 434 25.18 -30.45 -32.86
CA PHE C 434 23.85 -30.02 -32.45
C PHE C 434 23.73 -28.50 -32.57
N CYS C 435 24.76 -27.78 -32.08
CA CYS C 435 24.73 -26.32 -32.08
C CYS C 435 24.68 -25.80 -33.53
N ILE C 436 25.41 -26.47 -34.44
CA ILE C 436 25.43 -26.07 -35.84
C ILE C 436 24.02 -26.26 -36.41
N SER C 437 23.40 -27.39 -36.06
CA SER C 437 22.07 -27.72 -36.52
C SER C 437 21.08 -26.65 -36.06
N GLN C 438 21.23 -26.14 -34.84
CA GLN C 438 20.32 -25.13 -34.32
C GLN C 438 20.48 -23.83 -35.09
N VAL C 439 21.73 -23.41 -35.33
CA VAL C 439 21.94 -22.18 -36.08
C VAL C 439 21.28 -22.31 -37.47
N ALA C 440 21.54 -23.44 -38.15
CA ALA C 440 20.96 -23.76 -39.45
C ALA C 440 19.43 -23.67 -39.41
N LYS C 441 18.81 -24.26 -38.38
CA LYS C 441 17.36 -24.25 -38.25
C LYS C 441 16.85 -22.81 -38.18
N THR C 442 17.53 -21.96 -37.39
CA THR C 442 17.07 -20.59 -37.28
C THR C 442 17.20 -19.90 -38.64
N LEU C 443 18.02 -20.42 -39.55
CA LEU C 443 18.18 -19.75 -40.84
C LEU C 443 17.38 -20.48 -41.92
N ASN C 444 16.54 -21.45 -41.53
CA ASN C 444 15.76 -22.31 -42.42
C ASN C 444 16.64 -23.02 -43.43
N ASP C 445 17.85 -23.42 -43.05
CA ASP C 445 18.69 -24.22 -43.91
C ASP C 445 18.49 -25.70 -43.55
N SER C 446 17.50 -26.33 -44.18
CA SER C 446 17.03 -27.67 -43.84
C SER C 446 18.11 -28.73 -44.05
N GLU C 447 18.86 -28.59 -45.15
CA GLU C 447 19.80 -29.65 -45.49
C GLU C 447 20.90 -29.70 -44.43
N THR C 448 21.42 -28.53 -44.04
CA THR C 448 22.44 -28.41 -43.00
C THR C 448 21.88 -28.93 -41.66
N ALA C 449 20.71 -28.41 -41.27
CA ALA C 449 20.08 -28.79 -40.01
C ALA C 449 19.97 -30.32 -39.88
N THR C 450 19.48 -30.98 -40.94
CA THR C 450 19.26 -32.42 -40.94
C THR C 450 20.58 -33.16 -40.76
N PHE C 451 21.59 -32.75 -41.53
CA PHE C 451 22.86 -33.47 -41.48
C PHE C 451 23.48 -33.39 -40.08
N TYR C 452 23.49 -32.19 -39.49
CA TYR C 452 24.16 -31.95 -38.21
C TYR C 452 23.37 -32.56 -37.05
N ARG C 453 22.02 -32.57 -37.14
CA ARG C 453 21.18 -33.26 -36.17
C ARG C 453 21.56 -34.73 -36.08
N GLN C 454 21.91 -35.30 -37.24
CA GLN C 454 22.28 -36.70 -37.30
C GLN C 454 23.67 -36.91 -36.70
N GLN C 455 24.62 -36.05 -37.07
CA GLN C 455 25.96 -36.04 -36.51
C GLN C 455 25.92 -35.95 -34.98
N ALA C 456 24.95 -35.19 -34.45
CA ALA C 456 24.86 -34.92 -33.02
C ALA C 456 24.60 -36.19 -32.20
N LEU C 457 24.23 -37.29 -32.88
CA LEU C 457 23.95 -38.55 -32.20
C LEU C 457 25.22 -39.39 -32.05
N ASN C 458 26.36 -38.83 -32.49
CA ASN C 458 27.63 -39.58 -32.49
C ASN C 458 28.06 -39.96 -31.06
N TYR C 459 27.55 -39.27 -30.03
CA TYR C 459 27.85 -39.66 -28.66
C TYR C 459 27.62 -41.17 -28.46
N GLN C 460 26.67 -41.73 -29.21
CA GLN C 460 26.28 -43.14 -29.02
C GLN C 460 27.43 -44.08 -29.32
N GLN C 461 28.40 -43.62 -30.10
CA GLN C 461 29.54 -44.45 -30.47
C GLN C 461 30.41 -44.82 -29.28
N LEU C 462 30.47 -43.96 -28.23
CA LEU C 462 31.44 -44.26 -27.16
C LEU C 462 30.77 -44.87 -25.93
N PHE C 463 29.44 -45.02 -25.98
CA PHE C 463 28.74 -45.62 -24.86
C PHE C 463 28.98 -47.13 -24.83
N ASN C 464 29.56 -47.61 -23.73
CA ASN C 464 29.81 -49.03 -23.58
C ASN C 464 28.74 -49.66 -22.70
N PRO C 465 27.80 -50.45 -23.27
CA PRO C 465 26.71 -51.02 -22.48
C PRO C 465 27.21 -51.97 -21.40
N GLU C 466 28.45 -52.50 -21.56
CA GLU C 466 29.04 -53.36 -20.54
C GLU C 466 29.28 -52.61 -19.22
N THR C 467 29.63 -51.31 -19.29
CA THR C 467 30.11 -50.65 -18.09
C THR C 467 29.18 -49.52 -17.69
N GLY C 468 28.37 -49.05 -18.64
CA GLY C 468 27.51 -47.89 -18.43
C GLY C 468 28.28 -46.57 -18.41
N PHE C 469 29.45 -46.52 -19.10
CA PHE C 469 30.23 -45.30 -19.22
C PHE C 469 30.62 -45.04 -20.67
N MET C 470 31.05 -43.81 -20.94
CA MET C 470 31.73 -43.43 -22.18
C MET C 470 33.20 -43.84 -22.07
N GLN C 471 33.67 -44.58 -23.08
CA GLN C 471 35.04 -45.09 -23.12
C GLN C 471 35.63 -44.84 -24.50
N ALA C 472 36.96 -44.70 -24.53
CA ALA C 472 37.71 -44.53 -25.77
C ALA C 472 37.63 -45.81 -26.61
N LYS C 473 37.55 -45.65 -27.94
CA LYS C 473 37.35 -46.76 -28.87
C LYS C 473 38.40 -46.64 -29.97
N ASP C 474 39.01 -47.76 -30.37
CA ASP C 474 40.02 -47.76 -31.43
C ASP C 474 39.35 -47.73 -32.81
N THR C 475 40.17 -47.74 -33.89
CA THR C 475 39.63 -47.65 -35.25
C THR C 475 38.93 -48.93 -35.70
N GLU C 476 39.14 -50.06 -35.00
CA GLU C 476 38.37 -51.26 -35.31
C GLU C 476 37.08 -51.33 -34.50
N GLY C 477 36.81 -50.30 -33.69
CA GLY C 477 35.55 -50.25 -32.95
C GLY C 477 35.57 -51.01 -31.62
N ASN C 478 36.76 -51.21 -31.03
CA ASN C 478 36.89 -51.89 -29.75
C ASN C 478 37.23 -50.91 -28.64
N PHE C 479 36.61 -51.11 -27.46
CA PHE C 479 36.87 -50.30 -26.29
C PHE C 479 38.22 -50.66 -25.69
N ARG C 480 39.01 -49.65 -25.29
CA ARG C 480 40.28 -49.86 -24.63
C ARG C 480 40.05 -50.83 -23.46
N PRO C 481 40.87 -51.88 -23.26
CA PRO C 481 40.62 -52.82 -22.16
C PRO C 481 41.15 -52.25 -20.84
N ASP C 482 40.81 -52.92 -19.72
CA ASP C 482 41.34 -52.54 -18.43
C ASP C 482 40.73 -51.22 -17.94
N PHE C 483 39.46 -50.99 -18.29
CA PHE C 483 38.73 -49.80 -17.87
C PHE C 483 38.61 -49.77 -16.34
N LEU C 484 38.86 -48.61 -15.73
CA LEU C 484 38.53 -48.38 -14.32
C LEU C 484 37.73 -47.08 -14.21
N ASP C 485 36.54 -47.15 -13.61
CA ASP C 485 35.62 -46.02 -13.56
C ASP C 485 36.27 -44.76 -12.96
N ILE C 486 37.15 -44.90 -11.94
CA ILE C 486 37.67 -43.75 -11.20
C ILE C 486 39.07 -43.36 -11.70
N ARG C 487 39.50 -43.91 -12.85
CA ARG C 487 40.81 -43.55 -13.36
C ARG C 487 40.76 -42.25 -14.13
N TRP C 488 41.62 -41.29 -13.76
CA TRP C 488 41.61 -39.94 -14.32
C TRP C 488 42.58 -39.87 -15.49
N GLY C 489 42.30 -38.95 -16.44
CA GLY C 489 43.23 -38.61 -17.51
C GLY C 489 43.20 -39.60 -18.69
N LYS C 490 44.17 -39.40 -19.61
CA LYS C 490 44.37 -40.23 -20.79
C LYS C 490 43.21 -40.07 -21.79
N ASP C 491 42.05 -40.71 -21.49
CA ASP C 491 40.88 -40.64 -22.36
C ASP C 491 39.95 -39.49 -22.00
N TYR C 492 40.13 -38.94 -20.80
CA TYR C 492 39.22 -37.93 -20.24
C TYR C 492 40.04 -36.75 -19.74
N ALA C 493 39.56 -35.54 -19.95
CA ALA C 493 40.28 -34.35 -19.50
C ALA C 493 39.86 -33.98 -18.07
N GLU C 494 40.84 -33.94 -17.15
CA GLU C 494 40.63 -33.37 -15.82
C GLU C 494 39.47 -34.06 -15.10
N GLY C 495 39.36 -35.37 -15.28
CA GLY C 495 38.29 -36.14 -14.66
C GLY C 495 38.46 -37.62 -15.02
N SER C 496 37.62 -38.47 -14.42
CA SER C 496 37.52 -39.87 -14.77
C SER C 496 36.25 -40.07 -15.61
N ALA C 497 35.95 -41.34 -15.92
CA ALA C 497 34.71 -41.63 -16.62
C ALA C 497 33.49 -41.03 -15.91
N TRP C 498 33.51 -40.93 -14.57
CA TRP C 498 32.38 -40.39 -13.80
C TRP C 498 32.15 -38.92 -14.12
N GLN C 499 33.24 -38.18 -14.39
CA GLN C 499 33.12 -36.76 -14.66
C GLN C 499 32.94 -36.50 -16.16
N SER C 500 32.87 -37.55 -17.00
CA SER C 500 32.94 -37.31 -18.44
C SER C 500 31.79 -37.95 -19.21
N SER C 501 31.02 -38.85 -18.56
CA SER C 501 30.14 -39.73 -19.30
C SER C 501 28.77 -39.10 -19.51
N PHE C 502 28.58 -37.85 -19.05
CA PHE C 502 27.26 -37.25 -19.11
C PHE C 502 27.28 -35.94 -19.89
N ALA C 503 28.29 -35.80 -20.78
CA ALA C 503 28.39 -34.62 -21.61
C ALA C 503 27.52 -34.81 -22.87
N VAL C 504 26.19 -34.96 -22.70
CA VAL C 504 25.28 -35.17 -23.81
C VAL C 504 24.11 -34.19 -23.68
N TYR C 505 24.44 -32.90 -23.60
CA TYR C 505 23.48 -31.82 -23.37
C TYR C 505 22.38 -31.83 -24.43
N GLN C 506 22.72 -32.29 -25.64
CA GLN C 506 21.84 -32.22 -26.79
C GLN C 506 20.79 -33.34 -26.71
N ASP C 507 21.04 -34.38 -25.92
CA ASP C 507 20.15 -35.54 -26.05
C ASP C 507 20.15 -36.43 -24.81
N PHE C 508 19.84 -35.88 -23.62
CA PHE C 508 19.78 -36.72 -22.43
C PHE C 508 18.76 -37.87 -22.56
N ALA C 509 17.61 -37.61 -23.19
CA ALA C 509 16.61 -38.67 -23.37
C ALA C 509 17.21 -39.86 -24.12
N GLY C 510 18.04 -39.56 -25.13
CA GLY C 510 18.74 -40.60 -25.90
C GLY C 510 19.79 -41.32 -25.07
N LEU C 511 20.54 -40.57 -24.23
CA LEU C 511 21.50 -41.19 -23.33
C LEU C 511 20.77 -42.12 -22.36
N ILE C 512 19.62 -41.65 -21.86
CA ILE C 512 18.83 -42.46 -20.93
C ILE C 512 18.43 -43.79 -21.60
N LYS C 513 17.99 -43.71 -22.88
CA LYS C 513 17.58 -44.89 -23.64
C LYS C 513 18.75 -45.89 -23.74
N LEU C 514 20.00 -45.41 -23.86
CA LEU C 514 21.14 -46.33 -23.88
C LEU C 514 21.28 -47.08 -22.55
N TYR C 515 20.93 -46.46 -21.41
CA TYR C 515 20.99 -47.16 -20.13
C TYR C 515 19.87 -48.20 -20.05
N GLY C 516 18.79 -48.00 -20.80
CA GLY C 516 17.71 -48.99 -20.78
C GLY C 516 16.38 -48.41 -20.30
N SER C 517 16.41 -47.38 -19.45
CA SER C 517 15.22 -46.80 -18.85
C SER C 517 15.62 -45.64 -17.95
N GLU C 518 14.64 -44.78 -17.61
CA GLU C 518 14.76 -43.72 -16.62
C GLU C 518 15.28 -44.28 -15.29
N LEU C 519 14.79 -45.46 -14.91
CA LEU C 519 15.15 -46.07 -13.63
C LEU C 519 16.61 -46.47 -13.63
N ALA C 520 17.11 -47.04 -14.74
CA ALA C 520 18.50 -47.46 -14.78
C ALA C 520 19.41 -46.23 -14.68
N PHE C 521 18.98 -45.12 -15.31
CA PHE C 521 19.78 -43.91 -15.30
C PHE C 521 19.78 -43.30 -13.88
N GLU C 522 18.60 -43.31 -13.24
CA GLU C 522 18.44 -42.87 -11.87
C GLU C 522 19.44 -43.57 -10.96
N LYS C 523 19.56 -44.90 -11.10
CA LYS C 523 20.44 -45.69 -10.25
C LYS C 523 21.89 -45.26 -10.45
N LYS C 524 22.24 -44.95 -11.70
CA LYS C 524 23.59 -44.49 -12.00
C LYS C 524 23.86 -43.15 -11.30
N LEU C 525 22.88 -42.22 -11.32
CA LEU C 525 23.06 -40.90 -10.73
C LEU C 525 23.21 -41.02 -9.22
N ILE C 526 22.42 -41.90 -8.60
CA ILE C 526 22.48 -42.11 -7.16
C ILE C 526 23.87 -42.64 -6.80
N GLN C 527 24.36 -43.59 -7.60
CA GLN C 527 25.68 -44.16 -7.35
C GLN C 527 26.77 -43.09 -7.53
N LEU C 528 26.60 -42.20 -8.53
CA LEU C 528 27.55 -41.12 -8.77
C LEU C 528 27.70 -40.29 -7.49
N CYS C 529 26.55 -39.92 -6.93
CA CYS C 529 26.49 -38.95 -5.84
C CYS C 529 26.85 -39.58 -4.50
N ASN C 530 26.44 -40.84 -4.27
CA ASN C 530 26.45 -41.38 -2.92
C ASN C 530 27.63 -42.34 -2.68
N GLN C 531 28.76 -42.14 -3.34
CA GLN C 531 29.93 -42.95 -3.06
C GLN C 531 31.00 -42.04 -2.46
N ALA C 532 32.12 -42.61 -2.00
CA ALA C 532 33.25 -41.82 -1.55
C ALA C 532 33.94 -41.19 -2.77
N PRO C 533 34.54 -39.99 -2.63
CA PRO C 533 35.30 -39.39 -3.73
C PRO C 533 36.67 -40.04 -3.96
N ASN C 534 36.68 -41.33 -4.28
CA ASN C 534 37.91 -42.03 -4.65
C ASN C 534 38.35 -41.64 -6.07
N PHE C 535 39.67 -41.68 -6.29
CA PHE C 535 40.26 -41.40 -7.59
C PHE C 535 41.51 -42.25 -7.76
N ASN C 536 41.85 -42.51 -9.02
CA ASN C 536 43.07 -43.22 -9.42
C ASN C 536 43.80 -42.30 -10.40
N VAL C 537 45.12 -42.16 -10.23
CA VAL C 537 45.85 -41.07 -10.89
C VAL C 537 46.56 -41.54 -12.17
N GLU C 538 46.34 -42.81 -12.58
CA GLU C 538 47.20 -43.46 -13.56
C GLU C 538 47.27 -42.69 -14.89
N GLY C 539 46.18 -42.08 -15.35
CA GLY C 539 46.25 -41.29 -16.57
C GLY C 539 47.19 -40.09 -16.48
N TYR C 540 47.54 -39.64 -15.26
CA TYR C 540 48.40 -38.48 -15.11
C TYR C 540 49.76 -38.94 -14.58
N GLY C 541 49.74 -39.93 -13.69
CA GLY C 541 50.95 -40.37 -12.99
C GLY C 541 51.21 -39.67 -11.64
N PHE C 542 50.33 -38.74 -11.23
CA PHE C 542 50.45 -38.02 -9.97
C PHE C 542 49.09 -37.37 -9.69
N GLU C 543 48.92 -36.80 -8.49
CA GLU C 543 47.67 -36.15 -8.12
C GLU C 543 47.70 -34.70 -8.62
N ILE C 544 46.62 -34.29 -9.29
CA ILE C 544 46.44 -32.90 -9.72
C ILE C 544 45.41 -32.22 -8.82
N HIS C 545 45.38 -30.87 -8.83
CA HIS C 545 44.55 -30.12 -7.91
C HIS C 545 43.06 -30.48 -8.07
N GLU C 546 42.60 -30.79 -9.30
CA GLU C 546 41.19 -31.10 -9.50
C GLU C 546 40.77 -32.35 -8.72
N MET C 547 41.67 -33.33 -8.64
CA MET C 547 41.39 -34.52 -7.85
C MET C 547 41.27 -34.13 -6.37
N SER C 548 42.22 -33.34 -5.86
CA SER C 548 42.27 -32.97 -4.46
C SER C 548 41.01 -32.18 -4.07
N GLU C 549 40.54 -31.33 -4.98
CA GLU C 549 39.40 -30.48 -4.70
C GLU C 549 38.14 -31.33 -4.58
N MET C 550 38.04 -32.39 -5.40
CA MET C 550 36.90 -33.29 -5.28
C MET C 550 37.00 -34.08 -3.97
N ALA C 551 38.21 -34.54 -3.61
CA ALA C 551 38.41 -35.41 -2.47
C ALA C 551 38.43 -34.60 -1.16
N ALA C 552 38.54 -33.28 -1.23
CA ALA C 552 38.47 -32.42 -0.05
C ALA C 552 37.09 -32.46 0.58
N ILE C 553 36.04 -32.81 -0.19
CA ILE C 553 34.67 -32.73 0.30
C ILE C 553 33.94 -34.04 0.04
N ASP C 554 32.83 -34.25 0.75
CA ASP C 554 32.03 -35.48 0.64
C ASP C 554 30.80 -35.21 -0.22
N PHE C 555 31.02 -35.03 -1.54
CA PHE C 555 29.91 -34.96 -2.50
C PHE C 555 30.11 -36.00 -3.61
N GLY C 556 30.65 -37.16 -3.24
CA GLY C 556 30.82 -38.28 -4.17
C GLY C 556 31.65 -37.86 -5.38
N GLN C 557 31.22 -38.32 -6.56
CA GLN C 557 31.93 -38.04 -7.80
C GLN C 557 31.39 -36.76 -8.44
N LEU C 558 30.52 -36.03 -7.75
CA LEU C 558 30.00 -34.78 -8.30
C LEU C 558 31.02 -33.69 -8.03
N ALA C 559 31.97 -33.54 -8.97
CA ALA C 559 33.13 -32.70 -8.76
C ALA C 559 32.82 -31.25 -9.16
N ILE C 560 32.10 -30.55 -8.26
CA ILE C 560 31.63 -29.20 -8.50
C ILE C 560 32.82 -28.24 -8.67
N SER C 561 34.01 -28.67 -8.25
CA SER C 561 35.25 -27.91 -8.38
C SER C 561 35.67 -27.75 -9.85
N ASN C 562 35.00 -28.47 -10.77
CA ASN C 562 35.37 -28.37 -12.18
C ASN C 562 34.13 -28.39 -13.07
N GLN C 563 34.25 -27.77 -14.26
CA GLN C 563 33.13 -27.50 -15.16
C GLN C 563 32.37 -28.75 -15.59
N PRO C 564 33.03 -29.90 -15.88
CA PRO C 564 32.29 -31.06 -16.39
C PRO C 564 31.13 -31.56 -15.50
N SER C 565 31.19 -31.32 -14.17
CA SER C 565 30.13 -31.78 -13.28
C SER C 565 29.06 -30.71 -12.99
N PHE C 566 29.18 -29.50 -13.59
CA PHE C 566 28.32 -28.37 -13.21
C PHE C 566 26.83 -28.71 -13.36
N HIS C 567 26.48 -29.51 -14.36
CA HIS C 567 25.08 -29.74 -14.69
C HIS C 567 24.53 -30.98 -13.97
N TYR C 568 25.38 -31.71 -13.22
CA TYR C 568 25.00 -33.01 -12.69
C TYR C 568 23.69 -33.01 -11.89
N PRO C 569 23.45 -32.05 -10.95
CA PRO C 569 22.20 -32.09 -10.17
C PRO C 569 20.98 -32.04 -11.06
N PHE C 570 21.11 -31.43 -12.25
CA PHE C 570 20.00 -31.27 -13.16
C PHE C 570 19.66 -32.56 -13.90
N LEU C 571 20.55 -33.56 -13.85
CA LEU C 571 20.27 -34.79 -14.58
C LEU C 571 19.01 -35.44 -14.03
N PHE C 572 18.70 -35.21 -12.74
CA PHE C 572 17.50 -35.78 -12.11
C PHE C 572 16.23 -35.21 -12.75
N SER C 573 16.33 -34.02 -13.38
CA SER C 573 15.18 -33.43 -14.04
C SER C 573 14.84 -34.20 -15.31
N TYR C 574 15.82 -34.94 -15.87
CA TYR C 574 15.60 -35.60 -17.15
C TYR C 574 14.89 -36.93 -16.94
N ILE C 575 14.72 -37.35 -15.67
CA ILE C 575 13.92 -38.53 -15.36
C ILE C 575 12.68 -38.12 -14.58
N GLY C 576 12.37 -36.82 -14.55
CA GLY C 576 11.15 -36.37 -13.90
C GLY C 576 11.22 -36.45 -12.38
N LYS C 577 12.43 -36.43 -11.80
CA LYS C 577 12.53 -36.46 -10.35
C LYS C 577 13.42 -35.32 -9.83
N PRO C 578 13.12 -34.03 -10.13
CA PRO C 578 13.99 -32.94 -9.70
C PRO C 578 14.03 -32.82 -8.18
N GLU C 579 12.98 -33.32 -7.50
CA GLU C 579 12.96 -33.25 -6.03
C GLU C 579 14.15 -33.99 -5.42
N MET C 580 14.72 -34.98 -6.11
CA MET C 580 15.89 -35.70 -5.60
C MET C 580 17.14 -34.80 -5.49
N ALA C 581 17.17 -33.66 -6.22
CA ALA C 581 18.40 -32.88 -6.31
C ALA C 581 18.24 -31.50 -5.67
N GLN C 582 17.02 -31.16 -5.22
CA GLN C 582 16.80 -29.85 -4.65
C GLN C 582 17.67 -29.64 -3.40
N PRO C 583 17.71 -30.57 -2.42
CA PRO C 583 18.62 -30.40 -1.29
C PRO C 583 20.09 -30.33 -1.71
N LEU C 584 20.48 -31.20 -2.65
CA LEU C 584 21.83 -31.24 -3.18
C LEU C 584 22.28 -29.85 -3.65
N LEU C 585 21.40 -29.15 -4.38
CA LEU C 585 21.78 -27.89 -4.99
C LEU C 585 22.02 -26.85 -3.90
N LYS C 586 21.13 -26.83 -2.91
CA LYS C 586 21.31 -25.90 -1.82
C LYS C 586 22.60 -26.22 -1.05
N GLN C 587 22.91 -27.50 -0.87
CA GLN C 587 24.14 -27.90 -0.20
C GLN C 587 25.37 -27.49 -1.03
N LEU C 588 25.33 -27.67 -2.37
CA LEU C 588 26.46 -27.30 -3.21
C LEU C 588 26.73 -25.81 -3.08
N MET C 589 25.67 -25.01 -3.06
CA MET C 589 25.82 -23.57 -2.95
C MET C 589 26.54 -23.14 -1.67
N GLN C 590 26.49 -23.97 -0.63
CA GLN C 590 27.17 -23.65 0.62
C GLN C 590 28.67 -23.87 0.52
N THR C 591 29.16 -24.47 -0.58
CA THR C 591 30.61 -24.59 -0.67
C THR C 591 31.24 -23.29 -1.17
N PHE C 592 30.44 -22.22 -1.36
CA PHE C 592 30.96 -20.95 -1.86
C PHE C 592 30.81 -19.93 -0.75
N ASP C 593 31.76 -19.00 -0.60
CA ASP C 593 31.60 -17.84 0.26
C ASP C 593 32.50 -16.71 -0.28
N ALA C 594 32.54 -15.59 0.45
CA ALA C 594 33.21 -14.37 0.01
C ALA C 594 34.67 -14.30 0.49
N SER C 595 35.17 -15.36 1.15
CA SER C 595 36.51 -15.30 1.73
C SER C 595 37.60 -15.60 0.69
N PRO C 596 38.90 -15.43 1.06
CA PRO C 596 39.99 -15.89 0.21
C PRO C 596 39.93 -17.35 -0.21
N THR C 597 39.22 -18.21 0.54
CA THR C 597 39.10 -19.60 0.12
C THR C 597 37.71 -19.88 -0.44
N GLY C 598 37.04 -18.90 -1.04
CA GLY C 598 35.60 -18.95 -1.25
C GLY C 598 35.02 -19.81 -2.40
N TYR C 599 35.84 -20.43 -3.27
CA TYR C 599 35.26 -21.26 -4.32
C TYR C 599 35.71 -22.72 -4.14
N PRO C 600 34.89 -23.71 -4.59
CA PRO C 600 35.29 -25.11 -4.50
C PRO C 600 36.39 -25.56 -5.47
N GLY C 601 36.69 -24.71 -6.48
CA GLY C 601 37.74 -24.98 -7.44
C GLY C 601 37.99 -23.75 -8.32
N ASP C 602 38.63 -23.93 -9.48
CA ASP C 602 38.99 -22.78 -10.31
C ASP C 602 37.75 -22.02 -10.77
N GLU C 603 37.78 -20.70 -10.60
CA GLU C 603 36.65 -19.86 -10.97
C GLU C 603 36.50 -19.74 -12.50
N ASP C 604 37.63 -19.69 -13.22
CA ASP C 604 37.71 -19.73 -14.68
C ASP C 604 36.87 -18.63 -15.35
N ASN C 605 37.25 -17.36 -15.11
CA ASN C 605 36.81 -16.24 -15.93
C ASN C 605 35.29 -16.09 -15.98
N GLY C 606 34.65 -16.20 -14.81
CA GLY C 606 33.22 -15.91 -14.72
C GLY C 606 32.40 -17.20 -14.66
N SER C 607 33.01 -18.31 -15.11
CA SER C 607 32.36 -19.59 -15.33
C SER C 607 31.68 -20.11 -14.06
N MET C 608 32.49 -20.24 -12.99
CA MET C 608 31.97 -20.79 -11.74
C MET C 608 31.10 -19.73 -11.02
N SER C 609 31.42 -18.44 -11.18
CA SER C 609 30.63 -17.38 -10.57
C SER C 609 29.20 -17.40 -11.13
N ALA C 610 29.08 -17.56 -12.46
CA ALA C 610 27.77 -17.52 -13.08
C ALA C 610 27.00 -18.80 -12.73
N TRP C 611 27.71 -19.90 -12.45
CA TRP C 611 27.07 -21.09 -11.91
C TRP C 611 26.32 -20.72 -10.63
N TYR C 612 27.02 -19.98 -9.76
CA TYR C 612 26.50 -19.62 -8.45
C TYR C 612 25.32 -18.67 -8.61
N ILE C 613 25.41 -17.71 -9.56
CA ILE C 613 24.36 -16.71 -9.77
C ILE C 613 23.08 -17.41 -10.23
N PHE C 614 23.16 -18.26 -11.26
CA PHE C 614 21.99 -18.94 -11.78
C PHE C 614 21.36 -19.78 -10.66
N ASN C 615 22.18 -20.58 -9.98
CA ASN C 615 21.65 -21.47 -8.96
C ASN C 615 21.02 -20.67 -7.82
N SER C 616 21.56 -19.50 -7.51
CA SER C 616 20.95 -18.64 -6.52
C SER C 616 19.51 -18.27 -6.89
N LEU C 617 19.26 -18.10 -8.19
CA LEU C 617 17.96 -17.65 -8.69
C LEU C 617 17.00 -18.84 -8.87
N GLY C 618 17.56 -20.07 -8.93
CA GLY C 618 16.76 -21.28 -8.96
C GLY C 618 16.59 -21.95 -10.34
N PHE C 619 17.40 -21.57 -11.35
CA PHE C 619 17.29 -22.17 -12.67
C PHE C 619 18.65 -22.06 -13.38
N TYR C 620 18.89 -22.94 -14.37
CA TYR C 620 20.24 -23.14 -14.86
C TYR C 620 20.22 -23.61 -16.33
N PRO C 621 21.08 -23.04 -17.21
CA PRO C 621 21.11 -23.42 -18.62
C PRO C 621 21.91 -24.72 -18.84
N VAL C 622 21.25 -25.87 -18.76
CA VAL C 622 21.89 -27.15 -18.96
C VAL C 622 22.34 -27.28 -20.41
N THR C 623 21.49 -26.84 -21.34
CA THR C 623 21.81 -26.99 -22.76
C THR C 623 21.72 -25.62 -23.42
N PRO C 624 22.82 -24.82 -23.38
CA PRO C 624 22.95 -23.66 -24.27
C PRO C 624 22.64 -24.14 -25.69
N GLY C 625 21.77 -23.39 -26.38
CA GLY C 625 21.37 -23.77 -27.71
C GLY C 625 19.89 -24.18 -27.78
N THR C 626 19.21 -24.28 -26.60
CA THR C 626 17.81 -24.67 -26.62
C THR C 626 16.90 -23.52 -26.21
N GLY C 627 17.42 -22.51 -25.52
CA GLY C 627 16.54 -21.46 -25.00
C GLY C 627 15.77 -21.91 -23.75
N GLU C 628 16.29 -22.90 -23.00
CA GLU C 628 15.62 -23.33 -21.77
C GLU C 628 16.54 -23.20 -20.55
N TYR C 629 15.94 -23.01 -19.36
CA TYR C 629 16.65 -23.04 -18.09
C TYR C 629 15.97 -24.09 -17.21
N VAL C 630 16.73 -25.11 -16.81
CA VAL C 630 16.19 -26.19 -16.01
C VAL C 630 16.12 -25.72 -14.55
N ILE C 631 14.99 -26.04 -13.90
CA ILE C 631 14.70 -25.48 -12.58
C ILE C 631 15.48 -26.30 -11.54
N GLY C 632 16.06 -25.57 -10.57
CA GLY C 632 16.84 -26.17 -9.50
C GLY C 632 16.23 -25.87 -8.13
N MET C 633 16.93 -25.06 -7.31
CA MET C 633 16.47 -24.74 -5.98
C MET C 633 17.04 -23.37 -5.62
N PRO C 634 16.23 -22.30 -5.47
CA PRO C 634 16.78 -20.96 -5.23
C PRO C 634 17.39 -20.81 -3.85
N LEU C 635 18.40 -19.93 -3.75
CA LEU C 635 18.97 -19.57 -2.46
C LEU C 635 18.49 -18.19 -2.01
N VAL C 636 18.17 -17.30 -2.97
CA VAL C 636 17.66 -15.98 -2.62
C VAL C 636 16.30 -16.10 -1.97
N GLN C 637 15.88 -15.00 -1.29
CA GLN C 637 14.48 -14.79 -0.93
C GLN C 637 13.80 -13.88 -1.94
N THR C 638 14.50 -12.84 -2.39
CA THR C 638 13.95 -11.95 -3.40
C THR C 638 15.06 -11.63 -4.42
N ALA C 639 14.65 -11.37 -5.67
CA ALA C 639 15.55 -10.86 -6.70
C ALA C 639 14.75 -10.00 -7.67
N GLU C 640 15.25 -8.79 -7.96
CA GLU C 640 14.71 -8.01 -9.06
C GLU C 640 15.72 -8.05 -10.21
N VAL C 641 15.29 -8.64 -11.33
CA VAL C 641 16.14 -8.86 -12.47
C VAL C 641 15.76 -7.85 -13.55
N LYS C 642 16.71 -6.96 -13.92
CA LYS C 642 16.52 -6.06 -15.04
C LYS C 642 16.91 -6.82 -16.31
N LEU C 643 15.90 -7.23 -17.09
CA LEU C 643 16.19 -7.98 -18.30
C LEU C 643 16.65 -7.03 -19.41
N SER C 644 17.45 -7.55 -20.34
CA SER C 644 17.99 -6.72 -21.41
C SER C 644 16.90 -6.17 -22.33
N ASN C 645 15.73 -6.81 -22.41
CA ASN C 645 14.67 -6.31 -23.28
C ASN C 645 13.91 -5.18 -22.59
N GLY C 646 14.39 -4.70 -21.43
CA GLY C 646 13.74 -3.58 -20.78
C GLY C 646 12.65 -3.99 -19.78
N LYS C 647 12.26 -5.27 -19.74
CA LYS C 647 11.29 -5.70 -18.74
C LYS C 647 11.98 -6.10 -17.42
N GLN C 648 11.18 -6.47 -16.44
CA GLN C 648 11.71 -6.79 -15.12
C GLN C 648 11.04 -8.07 -14.61
N LEU C 649 11.89 -8.99 -14.11
CA LEU C 649 11.40 -10.18 -13.45
C LEU C 649 11.64 -10.04 -11.95
N THR C 650 10.57 -10.20 -11.15
CA THR C 650 10.68 -10.19 -9.69
C THR C 650 10.53 -11.62 -9.21
N ILE C 651 11.57 -12.09 -8.53
CA ILE C 651 11.54 -13.42 -7.95
C ILE C 651 11.24 -13.25 -6.48
N GLN C 652 10.29 -14.03 -5.99
CA GLN C 652 9.93 -14.03 -4.59
C GLN C 652 9.81 -15.50 -4.15
N THR C 653 10.29 -15.78 -2.95
CA THR C 653 10.30 -17.11 -2.36
C THR C 653 9.51 -17.02 -1.05
N SER C 654 8.80 -18.07 -0.63
CA SER C 654 8.38 -18.17 0.78
C SER C 654 9.63 -18.16 1.65
N PRO C 655 9.59 -18.08 3.02
CA PRO C 655 10.83 -17.98 3.81
C PRO C 655 11.85 -19.04 3.42
N ASN C 656 13.11 -18.64 3.19
CA ASN C 656 14.07 -19.53 2.55
C ASN C 656 15.23 -19.76 3.52
N LYS C 657 14.95 -20.55 4.57
CA LYS C 657 15.92 -20.78 5.63
C LYS C 657 16.61 -22.11 5.34
N VAL C 658 17.55 -22.47 6.20
CA VAL C 658 18.35 -23.66 6.00
C VAL C 658 17.45 -24.91 5.83
N GLN C 659 16.30 -24.99 6.52
CA GLN C 659 15.50 -26.21 6.47
C GLN C 659 14.69 -26.30 5.18
N GLN C 660 14.51 -25.18 4.45
CA GLN C 660 13.82 -25.24 3.16
C GLN C 660 14.74 -25.88 2.13
N GLN C 661 14.43 -27.11 1.71
CA GLN C 661 15.34 -27.80 0.82
C GLN C 661 14.65 -28.31 -0.44
N PHE C 662 13.40 -27.92 -0.64
CA PHE C 662 12.61 -28.45 -1.73
C PHE C 662 11.76 -27.29 -2.26
N ILE C 663 11.31 -27.47 -3.50
CA ILE C 663 10.30 -26.59 -4.07
C ILE C 663 8.92 -27.23 -3.85
N HIS C 664 8.01 -26.46 -3.26
CA HIS C 664 6.67 -26.98 -3.06
C HIS C 664 5.83 -26.70 -4.30
N GLU C 665 5.83 -25.45 -4.75
CA GLU C 665 5.07 -25.07 -5.93
C GLU C 665 5.63 -23.78 -6.54
N ILE C 666 5.54 -23.66 -7.87
CA ILE C 666 5.98 -22.47 -8.58
C ILE C 666 4.78 -21.80 -9.26
N GLN C 667 4.68 -20.48 -9.12
CA GLN C 667 3.76 -19.69 -9.92
C GLN C 667 4.54 -18.65 -10.72
N LEU C 668 4.38 -18.69 -12.04
CA LEU C 668 4.88 -17.65 -12.93
C LEU C 668 3.68 -16.81 -13.36
N ASN C 669 3.69 -15.54 -12.97
CA ASN C 669 2.58 -14.62 -13.14
C ASN C 669 1.27 -15.27 -12.73
N GLN C 670 1.21 -15.79 -11.50
CA GLN C 670 0.01 -16.37 -10.89
C GLN C 670 -0.52 -17.57 -11.67
N GLU C 671 0.32 -18.26 -12.44
CA GLU C 671 -0.13 -19.53 -12.99
C GLU C 671 0.80 -20.61 -12.49
N LYS C 672 0.21 -21.69 -11.98
CA LYS C 672 0.96 -22.84 -11.50
C LYS C 672 1.85 -23.30 -12.65
N HIS C 673 3.14 -23.51 -12.37
CA HIS C 673 4.08 -23.97 -13.36
C HIS C 673 4.57 -25.36 -12.96
N THR C 674 4.33 -26.39 -13.77
CA THR C 674 4.70 -27.75 -13.37
C THR C 674 5.88 -28.34 -14.17
N ALA C 675 6.19 -27.75 -15.34
CA ALA C 675 7.31 -28.17 -16.17
C ALA C 675 8.63 -28.00 -15.42
N PRO C 676 9.62 -28.90 -15.62
CA PRO C 676 10.90 -28.78 -14.91
C PRO C 676 11.91 -27.80 -15.53
N TYR C 677 11.43 -26.91 -16.40
CA TYR C 677 12.28 -25.88 -17.00
C TYR C 677 11.42 -24.66 -17.32
N PHE C 678 12.06 -23.49 -17.48
CA PHE C 678 11.44 -22.30 -18.02
C PHE C 678 12.03 -22.07 -19.41
N THR C 679 11.26 -21.42 -20.31
CA THR C 679 11.83 -21.00 -21.59
C THR C 679 12.40 -19.60 -21.41
N HIS C 680 13.41 -19.27 -22.22
CA HIS C 680 13.95 -17.92 -22.26
C HIS C 680 12.83 -16.93 -22.54
N GLN C 681 11.91 -17.30 -23.45
CA GLN C 681 10.78 -16.46 -23.80
C GLN C 681 9.91 -16.14 -22.57
N GLU C 682 9.55 -17.16 -21.79
CA GLU C 682 8.79 -16.97 -20.56
C GLU C 682 9.47 -15.97 -19.63
N LEU C 683 10.75 -16.19 -19.31
CA LEU C 683 11.43 -15.30 -18.38
C LEU C 683 11.46 -13.87 -18.92
N LEU C 684 11.69 -13.71 -20.24
CA LEU C 684 11.75 -12.38 -20.84
C LEU C 684 10.41 -11.66 -20.84
N ASN C 685 9.29 -12.37 -20.63
CA ASN C 685 8.02 -11.71 -20.42
C ASN C 685 8.03 -10.92 -19.13
N GLY C 686 8.87 -11.29 -18.16
CA GLY C 686 8.93 -10.46 -16.96
C GLY C 686 7.76 -10.77 -16.02
N GLY C 687 7.49 -9.88 -15.07
CA GLY C 687 6.44 -10.18 -14.11
C GLY C 687 7.00 -10.81 -12.84
N THR C 688 6.28 -11.81 -12.30
CA THR C 688 6.60 -12.35 -10.98
C THR C 688 6.84 -13.86 -11.08
N LEU C 689 7.97 -14.31 -10.55
CA LEU C 689 8.22 -15.72 -10.33
C LEU C 689 8.18 -15.99 -8.83
N ASP C 690 7.18 -16.77 -8.38
CA ASP C 690 7.01 -17.09 -6.97
C ASP C 690 7.36 -18.54 -6.74
N TYR C 691 8.33 -18.77 -5.85
CA TYR C 691 8.60 -20.13 -5.39
C TYR C 691 8.01 -20.31 -3.99
N GLN C 692 7.08 -21.24 -3.83
CA GLN C 692 6.76 -21.71 -2.49
C GLN C 692 7.68 -22.90 -2.18
N LEU C 693 8.40 -22.83 -1.06
CA LEU C 693 9.44 -23.81 -0.74
C LEU C 693 8.91 -24.81 0.29
N GLY C 694 9.60 -25.95 0.46
CA GLY C 694 9.15 -26.99 1.36
C GLY C 694 10.29 -27.54 2.25
N ILE C 695 9.89 -28.17 3.36
CA ILE C 695 10.81 -28.91 4.21
C ILE C 695 10.75 -30.39 3.84
N VAL C 696 9.70 -30.79 3.09
CA VAL C 696 9.62 -32.10 2.49
C VAL C 696 9.39 -31.90 0.99
N PRO C 697 9.71 -32.90 0.13
CA PRO C 697 9.44 -32.78 -1.31
C PRO C 697 7.96 -32.75 -1.63
N ASN C 698 7.63 -32.14 -2.78
CA ASN C 698 6.27 -32.22 -3.30
C ASN C 698 6.37 -32.78 -4.73
N PRO C 699 6.57 -34.10 -4.94
CA PRO C 699 6.83 -34.62 -6.29
C PRO C 699 5.71 -34.25 -7.27
N GLN C 700 6.06 -33.67 -8.43
CA GLN C 700 5.06 -33.25 -9.42
C GLN C 700 4.67 -34.41 -10.35
N ASN C 701 5.54 -35.41 -10.54
CA ASN C 701 5.24 -36.49 -11.47
C ASN C 701 4.86 -35.98 -12.87
N THR C 702 5.53 -34.92 -13.31
CA THR C 702 5.30 -34.32 -14.62
C THR C 702 5.67 -35.35 -15.66
N ALA C 703 4.93 -35.39 -16.78
CA ALA C 703 5.43 -36.11 -17.95
C ALA C 703 6.40 -35.21 -18.74
N GLU C 704 6.50 -33.92 -18.39
CA GLU C 704 7.36 -33.01 -19.13
C GLU C 704 8.83 -33.22 -18.77
N ARG C 705 9.68 -32.89 -19.76
CA ARG C 705 11.13 -33.04 -19.68
C ARG C 705 11.76 -31.87 -20.41
N PRO C 706 12.99 -31.43 -20.04
CA PRO C 706 13.69 -30.41 -20.82
C PRO C 706 14.08 -31.02 -22.18
N PHE C 707 14.58 -30.17 -23.08
CA PHE C 707 14.82 -30.53 -24.46
C PHE C 707 15.79 -31.71 -24.59
N SER C 708 15.44 -32.67 -25.46
CA SER C 708 16.34 -33.67 -25.99
C SER C 708 16.04 -33.86 -27.48
N LEU C 709 17.09 -34.06 -28.30
CA LEU C 709 16.95 -34.33 -29.72
C LEU C 709 15.99 -35.47 -29.98
N SER C 710 16.19 -36.59 -29.27
CA SER C 710 15.49 -37.84 -29.51
C SER C 710 13.99 -37.72 -29.32
N THR C 711 13.51 -36.62 -28.74
CA THR C 711 12.10 -36.57 -28.36
C THR C 711 11.42 -35.29 -28.86
N GLU C 712 12.11 -34.48 -29.69
CA GLU C 712 11.42 -33.45 -30.44
C GLU C 712 10.85 -34.17 -31.68
N MET D 1 28.03 6.85 10.25
CA MET D 1 27.13 5.69 10.10
C MET D 1 25.76 6.24 9.69
N ASN D 2 25.09 5.50 8.80
CA ASN D 2 23.71 5.81 8.44
C ASN D 2 22.80 5.54 9.64
N ILE D 3 21.86 6.46 9.87
CA ILE D 3 20.90 6.34 10.95
C ILE D 3 20.08 5.05 10.82
N GLN D 4 19.89 4.56 9.59
CA GLN D 4 19.09 3.36 9.40
C GLN D 4 19.78 2.11 9.91
N ALA D 5 21.09 2.20 10.11
CA ALA D 5 21.89 1.08 10.62
C ALA D 5 21.94 1.12 12.15
N ILE D 6 21.39 2.16 12.80
CA ILE D 6 21.36 2.13 14.26
C ILE D 6 20.24 1.18 14.68
N ASP D 7 20.54 0.29 15.62
CA ASP D 7 19.51 -0.58 16.19
C ASP D 7 19.10 -0.05 17.57
N THR D 8 17.83 0.33 17.71
CA THR D 8 17.36 1.01 18.90
C THR D 8 17.23 0.05 20.08
N ARG D 9 17.53 -1.25 19.89
CA ARG D 9 17.54 -2.17 21.01
C ARG D 9 18.82 -2.04 21.86
N HIS D 10 19.77 -1.23 21.38
CA HIS D 10 20.94 -0.83 22.15
C HIS D 10 20.56 -0.38 23.56
N GLY D 11 21.13 -1.01 24.60
CA GLY D 11 20.88 -0.56 25.97
C GLY D 11 19.49 -0.94 26.51
N THR D 12 18.75 -1.82 25.81
CA THR D 12 17.36 -2.06 26.20
C THR D 12 17.14 -3.32 27.01
N ALA D 13 18.19 -4.13 27.26
CA ALA D 13 18.04 -5.34 28.05
C ALA D 13 18.27 -4.99 29.52
N ASN D 14 17.17 -4.83 30.27
CA ASN D 14 17.24 -4.34 31.63
C ASN D 14 16.12 -4.98 32.47
N GLN D 15 16.26 -4.86 33.79
CA GLN D 15 15.17 -5.14 34.72
C GLN D 15 15.39 -4.26 35.94
N HIS D 16 14.40 -4.25 36.83
CA HIS D 16 14.46 -3.48 38.07
C HIS D 16 15.82 -3.66 38.76
N SER D 17 16.29 -4.92 38.86
CA SER D 17 17.46 -5.24 39.69
C SER D 17 18.79 -4.92 38.99
N PHE D 18 18.80 -4.66 37.67
CA PHE D 18 20.09 -4.49 37.01
C PHE D 18 19.94 -3.72 35.70
N SER D 19 20.75 -2.65 35.56
CA SER D 19 20.65 -1.82 34.36
C SER D 19 21.85 -2.02 33.43
N ASN D 20 21.55 -2.12 32.13
CA ASN D 20 22.56 -2.00 31.09
C ASN D 20 22.27 -0.75 30.25
N GLY D 21 21.64 0.26 30.88
CA GLY D 21 21.31 1.51 30.22
C GLY D 21 19.90 2.00 30.55
N ASN D 22 18.99 1.04 30.77
CA ASN D 22 17.59 1.34 31.05
C ASN D 22 17.06 2.23 29.94
N CYS D 23 17.45 1.94 28.69
CA CYS D 23 16.96 2.66 27.53
C CYS D 23 15.71 1.96 26.99
N LEU D 24 14.85 2.73 26.33
CA LEU D 24 13.80 2.18 25.49
C LEU D 24 14.25 2.22 24.03
N PRO D 25 13.64 1.41 23.14
CA PRO D 25 13.97 1.49 21.71
C PRO D 25 13.16 2.65 21.10
N TYR D 26 13.62 3.89 21.35
CA TYR D 26 12.88 5.07 20.95
C TYR D 26 13.04 5.30 19.44
N THR D 27 11.92 5.21 18.70
CA THR D 27 11.79 5.70 17.33
C THR D 27 11.22 7.13 17.39
N GLY D 28 11.89 8.07 16.70
CA GLY D 28 11.55 9.48 16.79
C GLY D 28 12.54 10.31 15.96
N VAL D 29 12.21 11.58 15.76
CA VAL D 29 13.15 12.54 15.23
C VAL D 29 13.92 13.12 16.42
N PRO D 30 15.06 13.80 16.19
CA PRO D 30 15.80 14.39 17.32
C PRO D 30 14.88 15.32 18.10
N PHE D 31 14.94 15.22 19.45
CA PHE D 31 14.13 16.02 20.36
C PHE D 31 12.64 15.94 20.04
N GLY D 32 12.21 14.82 19.45
CA GLY D 32 10.81 14.62 19.12
C GLY D 32 9.90 14.80 20.33
N MET D 33 8.71 15.36 20.09
CA MET D 33 7.76 15.62 21.17
C MET D 33 7.18 14.28 21.65
N ASN D 34 7.03 13.32 20.75
CA ASN D 34 6.66 11.97 21.17
C ASN D 34 7.72 11.01 20.62
N PHE D 35 7.94 9.90 21.34
CA PHE D 35 8.68 8.79 20.76
C PHE D 35 7.74 7.59 20.63
N TYR D 36 8.18 6.57 19.90
CA TYR D 36 7.37 5.42 19.56
C TYR D 36 8.23 4.17 19.80
N ALA D 37 7.66 3.19 20.51
CA ALA D 37 8.39 1.97 20.82
C ALA D 37 7.40 0.82 20.89
N PRO D 38 7.73 -0.39 20.38
CA PRO D 38 6.87 -1.55 20.58
C PRO D 38 6.78 -1.80 22.07
N GLN D 39 5.59 -2.20 22.54
CA GLN D 39 5.43 -2.68 23.90
C GLN D 39 5.31 -4.20 23.85
N THR D 40 6.11 -4.91 24.66
CA THR D 40 6.11 -6.35 24.64
C THR D 40 5.38 -6.93 25.86
N THR D 41 5.24 -6.14 26.94
CA THR D 41 4.53 -6.68 28.10
C THR D 41 3.91 -5.55 28.91
N ASP D 42 2.75 -5.84 29.52
CA ASP D 42 2.13 -4.90 30.44
C ASP D 42 2.24 -5.42 31.86
N GLN D 43 3.07 -6.45 32.07
CA GLN D 43 3.11 -7.10 33.38
C GLN D 43 4.33 -6.65 34.18
N LYS D 44 5.14 -5.71 33.67
CA LYS D 44 6.40 -5.43 34.35
C LYS D 44 6.54 -3.95 34.65
N GLY D 45 5.42 -3.26 34.89
CA GLY D 45 5.46 -1.83 35.20
C GLY D 45 6.19 -1.07 34.09
N SER D 46 7.15 -0.23 34.49
CA SER D 46 7.87 0.61 33.55
C SER D 46 8.73 -0.18 32.56
N TRP D 47 9.02 -1.45 32.85
CA TRP D 47 9.87 -2.22 31.95
C TRP D 47 9.02 -2.93 30.89
N TRP D 48 8.33 -2.13 30.06
CA TRP D 48 7.31 -2.64 29.15
C TRP D 48 7.87 -3.09 27.80
N PHE D 49 9.19 -2.93 27.62
CA PHE D 49 9.84 -3.52 26.46
C PHE D 49 11.07 -4.29 26.94
N HIS D 50 11.26 -5.51 26.40
CA HIS D 50 12.53 -6.21 26.55
C HIS D 50 12.86 -6.82 25.19
N PRO D 51 14.11 -6.67 24.70
CA PRO D 51 14.48 -7.15 23.36
C PRO D 51 14.38 -8.66 23.21
N GLU D 52 14.33 -9.41 24.31
CA GLU D 52 14.24 -10.87 24.20
C GLU D 52 12.78 -11.34 24.23
N ASP D 53 11.83 -10.45 24.53
CA ASP D 53 10.41 -10.83 24.55
C ASP D 53 10.00 -11.21 23.14
N ARG D 54 9.10 -12.19 23.00
CA ARG D 54 8.63 -12.55 21.67
C ARG D 54 7.15 -12.21 21.48
N THR D 55 6.66 -11.32 22.36
CA THR D 55 5.26 -10.92 22.35
C THR D 55 5.20 -9.46 21.95
N PHE D 56 4.17 -9.13 21.16
CA PHE D 56 3.97 -7.74 20.74
C PHE D 56 2.57 -7.30 21.12
N GLN D 57 2.48 -6.25 21.95
CA GLN D 57 1.20 -5.76 22.43
C GLN D 57 0.69 -4.57 21.63
N GLY D 58 1.62 -3.82 21.02
CA GLY D 58 1.21 -2.63 20.27
C GLY D 58 2.36 -1.64 20.10
N TYR D 59 2.15 -0.64 19.23
CA TYR D 59 3.04 0.50 19.15
C TYR D 59 2.64 1.48 20.24
N ARG D 60 3.57 1.79 21.15
CA ARG D 60 3.27 2.70 22.23
C ARG D 60 3.80 4.09 21.89
N VAL D 61 2.92 5.10 21.97
CA VAL D 61 3.33 6.50 21.93
C VAL D 61 3.78 6.82 23.35
N THR D 62 5.04 7.25 23.53
CA THR D 62 5.59 7.34 24.87
C THR D 62 6.25 8.70 25.10
N HIS D 63 6.29 9.09 26.39
CA HIS D 63 7.10 10.20 26.86
C HIS D 63 7.87 9.75 28.10
N GLN D 64 8.17 8.45 28.17
CA GLN D 64 8.83 7.89 29.34
C GLN D 64 10.33 8.14 29.21
N PRO D 65 10.96 8.94 30.10
CA PRO D 65 12.39 9.23 30.00
C PRO D 65 13.27 8.19 30.67
N SER D 66 12.66 7.36 31.51
CA SER D 66 13.38 6.41 32.36
C SER D 66 12.37 5.58 33.12
N PRO D 67 12.70 4.34 33.55
CA PRO D 67 11.69 3.51 34.20
C PRO D 67 11.44 4.02 35.63
N TRP D 68 12.31 4.91 36.13
CA TRP D 68 12.18 5.45 37.47
C TRP D 68 11.16 6.57 37.47
N MET D 69 11.01 7.29 36.36
CA MET D 69 10.09 8.41 36.29
C MET D 69 8.71 7.94 35.83
N GLY D 70 8.65 6.85 35.05
CA GLY D 70 7.39 6.42 34.47
C GLY D 70 7.03 7.29 33.25
N ASP D 71 5.89 6.98 32.64
CA ASP D 71 5.44 7.59 31.40
C ASP D 71 4.46 8.72 31.71
N PHE D 72 4.14 9.53 30.70
CA PHE D 72 2.96 10.39 30.75
C PHE D 72 2.39 10.48 29.34
N SER D 73 1.07 10.71 29.24
CA SER D 73 0.39 10.93 27.99
C SER D 73 0.75 9.83 26.98
N HIS D 74 0.56 8.57 27.37
CA HIS D 74 0.86 7.46 26.47
C HIS D 74 -0.43 6.81 25.98
N LEU D 75 -0.34 6.10 24.84
CA LEU D 75 -1.42 5.25 24.35
C LEU D 75 -0.80 4.23 23.38
N LEU D 76 -1.57 3.23 22.94
CA LEU D 76 -1.03 2.23 22.04
C LEU D 76 -1.95 2.08 20.83
N MET D 77 -1.34 1.74 19.69
CA MET D 77 -2.02 1.33 18.48
C MET D 77 -1.58 -0.11 18.15
N THR D 78 -2.55 -1.01 18.01
CA THR D 78 -2.28 -2.42 17.77
C THR D 78 -3.07 -2.87 16.54
N PRO D 79 -2.41 -3.16 15.39
CA PRO D 79 -3.12 -3.74 14.25
C PRO D 79 -3.70 -5.09 14.67
N VAL D 80 -4.93 -5.39 14.21
CA VAL D 80 -5.61 -6.63 14.54
C VAL D 80 -6.38 -7.10 13.30
N SER D 81 -6.48 -8.42 13.11
CA SER D 81 -7.37 -9.00 12.11
C SER D 81 -8.27 -10.03 12.79
N GLY D 82 -9.50 -10.22 12.28
CA GLY D 82 -10.44 -11.20 12.81
C GLY D 82 -11.15 -10.66 14.06
N SER D 83 -11.84 -11.51 14.80
CA SER D 83 -12.55 -10.95 15.94
C SER D 83 -11.83 -11.28 17.24
N LEU D 84 -12.07 -10.50 18.28
CA LEU D 84 -11.30 -10.68 19.50
C LEU D 84 -12.24 -11.17 20.61
N SER D 85 -11.74 -12.09 21.46
CA SER D 85 -12.54 -12.51 22.61
C SER D 85 -12.79 -11.33 23.55
N GLU D 86 -11.76 -10.53 23.88
CA GLU D 86 -11.89 -9.31 24.66
C GLU D 86 -10.86 -8.33 24.13
N LEU D 87 -10.92 -7.07 24.57
CA LEU D 87 -10.07 -6.08 23.95
C LEU D 87 -8.83 -5.72 24.77
N SER D 88 -8.53 -6.46 25.83
CA SER D 88 -7.32 -6.19 26.61
C SER D 88 -6.03 -6.36 25.79
N LEU D 89 -4.93 -5.76 26.25
CA LEU D 89 -3.65 -5.92 25.58
C LEU D 89 -3.24 -7.39 25.53
N PHE D 90 -3.46 -8.11 26.64
CA PHE D 90 -3.13 -9.53 26.68
C PHE D 90 -3.95 -10.29 25.64
N HIS D 91 -5.25 -9.98 25.50
CA HIS D 91 -6.10 -10.76 24.60
C HIS D 91 -5.80 -10.43 23.15
N ALA D 92 -5.17 -9.28 22.89
CA ALA D 92 -4.86 -8.89 21.52
C ALA D 92 -3.41 -9.19 21.14
N GLN D 93 -2.57 -9.58 22.12
CA GLN D 93 -1.15 -9.71 21.83
C GLN D 93 -0.88 -10.85 20.84
N SER D 94 0.16 -10.64 20.04
CA SER D 94 0.62 -11.58 19.02
C SER D 94 2.09 -11.86 19.31
N SER D 95 2.55 -13.07 18.98
CA SER D 95 4.00 -13.23 18.97
C SER D 95 4.58 -12.61 17.69
N TYR D 96 5.88 -12.32 17.74
CA TYR D 96 6.60 -11.81 16.58
C TYR D 96 8.04 -12.31 16.67
N ARG D 97 8.78 -12.17 15.57
CA ARG D 97 10.16 -12.61 15.54
C ARG D 97 11.09 -11.39 15.62
N PRO D 98 11.73 -11.13 16.78
CA PRO D 98 12.71 -10.03 16.90
C PRO D 98 13.78 -10.04 15.81
N GLU D 99 14.27 -11.22 15.43
CA GLU D 99 15.37 -11.30 14.49
C GLU D 99 14.92 -10.98 13.05
N GLU D 100 13.61 -10.88 12.80
CA GLU D 100 13.14 -10.52 11.46
C GLU D 100 12.54 -9.12 11.46
N SER D 101 12.78 -8.34 12.53
CA SER D 101 12.13 -7.04 12.69
C SER D 101 13.13 -5.91 12.48
N LEU D 102 12.63 -4.72 12.14
CA LEU D 102 13.50 -3.57 12.04
C LEU D 102 13.22 -2.62 13.21
N PHE D 103 14.27 -2.30 13.97
CA PHE D 103 14.21 -1.32 15.04
C PHE D 103 15.27 -0.25 14.80
N SER D 104 14.88 0.84 14.13
CA SER D 104 15.82 1.91 13.88
C SER D 104 15.23 3.24 14.34
N PRO D 105 16.05 4.30 14.54
CA PRO D 105 15.51 5.57 15.00
C PRO D 105 14.41 6.15 14.10
N VAL D 106 14.41 5.77 12.81
CA VAL D 106 13.52 6.43 11.87
C VAL D 106 12.43 5.47 11.40
N GLU D 107 12.43 4.22 11.89
CA GLU D 107 11.51 3.22 11.36
C GLU D 107 11.44 1.97 12.26
N ILE D 108 10.21 1.59 12.61
CA ILE D 108 9.92 0.25 13.12
C ILE D 108 9.18 -0.52 12.03
N ASN D 109 9.60 -1.77 11.84
CA ASN D 109 8.92 -2.65 10.90
C ASN D 109 8.86 -4.05 11.52
N LEU D 110 7.64 -4.61 11.67
CA LEU D 110 7.56 -5.96 12.24
C LEU D 110 6.30 -6.70 11.79
N THR D 111 6.32 -8.04 11.91
CA THR D 111 5.20 -8.87 11.51
C THR D 111 4.58 -9.53 12.75
N GLN D 112 3.25 -9.35 12.92
CA GLN D 112 2.51 -10.03 13.98
C GLN D 112 2.09 -11.40 13.46
N LEU D 113 2.66 -12.47 14.04
CA LEU D 113 2.51 -13.82 13.53
C LEU D 113 1.07 -14.34 13.70
N ARG D 114 0.34 -13.81 14.68
CA ARG D 114 -1.01 -14.28 14.95
C ARG D 114 -1.97 -13.81 13.85
N TYR D 115 -1.73 -12.60 13.31
CA TYR D 115 -2.71 -11.97 12.44
C TYR D 115 -2.23 -11.95 10.99
N GLN D 116 -0.97 -12.30 10.76
CA GLN D 116 -0.33 -12.12 9.45
C GLN D 116 -0.43 -10.66 9.01
N ILE D 117 0.04 -9.76 9.89
CA ILE D 117 0.09 -8.34 9.58
C ILE D 117 1.55 -7.88 9.60
N THR D 118 1.99 -7.18 8.55
CA THR D 118 3.25 -6.45 8.60
C THR D 118 2.97 -4.95 8.68
N SER D 119 3.58 -4.27 9.65
CA SER D 119 3.32 -2.85 9.79
C SER D 119 4.63 -2.05 9.89
N GLN D 120 4.55 -0.76 9.57
CA GLN D 120 5.70 0.11 9.55
C GLN D 120 5.32 1.45 10.18
N LEU D 121 6.13 1.93 11.14
CA LEU D 121 5.85 3.21 11.78
C LEU D 121 7.03 4.13 11.53
N ILE D 122 6.77 5.29 10.91
CA ILE D 122 7.76 6.32 10.65
C ILE D 122 7.38 7.52 11.51
N PRO D 123 8.30 8.11 12.30
CA PRO D 123 7.95 9.25 13.13
C PRO D 123 8.15 10.61 12.47
N SER D 124 7.47 11.63 13.01
CA SER D 124 7.80 13.03 12.78
C SER D 124 7.81 13.72 14.15
N MET D 125 8.05 15.02 14.15
CA MET D 125 8.18 15.78 15.38
C MET D 125 6.90 15.64 16.21
N TYR D 126 5.73 15.77 15.59
CA TYR D 126 4.47 15.82 16.33
C TYR D 126 3.54 14.66 15.98
N GLY D 127 3.96 13.81 15.04
CA GLY D 127 3.12 12.69 14.65
C GLY D 127 3.93 11.58 13.97
N GLY D 128 3.35 11.03 12.91
CA GLY D 128 4.03 9.99 12.18
C GLY D 128 3.04 9.31 11.25
N ILE D 129 3.51 8.23 10.61
CA ILE D 129 2.69 7.46 9.69
C ILE D 129 2.86 6.00 10.04
N LEU D 130 1.71 5.32 10.16
CA LEU D 130 1.70 3.88 10.40
C LEU D 130 1.06 3.20 9.18
N THR D 131 1.83 2.37 8.49
CA THR D 131 1.33 1.62 7.35
C THR D 131 1.12 0.19 7.78
N ILE D 132 -0.06 -0.36 7.44
CA ILE D 132 -0.44 -1.69 7.89
C ILE D 132 -0.81 -2.55 6.68
N ASP D 133 -0.06 -3.65 6.47
CA ASP D 133 -0.34 -4.64 5.44
C ASP D 133 -1.04 -5.85 6.05
N TYR D 134 -2.28 -6.10 5.63
CA TYR D 134 -3.07 -7.18 6.18
C TYR D 134 -3.11 -8.33 5.17
N GLN D 135 -2.99 -9.56 5.63
CA GLN D 135 -3.20 -10.71 4.76
C GLN D 135 -4.64 -11.20 4.90
N GLN D 136 -5.29 -10.97 6.06
CA GLN D 136 -6.60 -11.55 6.31
C GLN D 136 -7.70 -10.59 5.86
N LYS D 137 -8.97 -10.89 6.21
CA LYS D 137 -10.10 -10.27 5.51
C LYS D 137 -10.99 -9.43 6.42
N ASP D 138 -10.69 -9.35 7.73
CA ASP D 138 -11.51 -8.54 8.64
C ASP D 138 -10.61 -7.67 9.53
N ASN D 139 -10.29 -6.46 9.08
CA ASN D 139 -9.05 -5.80 9.47
C ASN D 139 -9.34 -4.58 10.33
N HIS D 140 -8.52 -4.35 11.36
CA HIS D 140 -8.80 -3.35 12.40
C HIS D 140 -7.54 -2.68 12.92
N LEU D 141 -7.73 -1.61 13.71
CA LEU D 141 -6.69 -1.02 14.52
C LEU D 141 -7.28 -0.83 15.91
N LEU D 142 -6.62 -1.39 16.94
CA LEU D 142 -7.09 -1.26 18.32
C LEU D 142 -6.32 -0.11 18.98
N LEU D 143 -7.07 0.87 19.52
CA LEU D 143 -6.50 1.96 20.30
C LEU D 143 -6.69 1.65 21.78
N THR D 144 -5.58 1.64 22.52
CA THR D 144 -5.62 1.51 23.97
C THR D 144 -5.42 2.90 24.56
N LEU D 145 -6.40 3.32 25.38
CA LEU D 145 -6.46 4.70 25.87
C LEU D 145 -6.40 4.69 27.40
N PRO D 146 -5.20 4.71 28.02
CA PRO D 146 -5.06 4.59 29.47
C PRO D 146 -5.54 5.86 30.18
N GLY D 147 -6.04 5.70 31.41
CA GLY D 147 -6.54 6.83 32.21
C GLY D 147 -7.90 7.33 31.67
N ARG D 148 -8.26 8.57 32.00
CA ARG D 148 -9.53 9.10 31.54
C ARG D 148 -9.39 9.51 30.08
N TYR D 149 -10.36 9.12 29.25
CA TYR D 149 -10.24 9.38 27.83
C TYR D 149 -11.58 9.86 27.28
N GLN D 150 -11.50 10.54 26.13
CA GLN D 150 -12.63 10.72 25.24
C GLN D 150 -12.20 10.29 23.84
N VAL D 151 -13.15 9.78 23.06
CA VAL D 151 -12.89 9.42 21.67
C VAL D 151 -14.10 9.85 20.85
N LYS D 152 -13.88 10.31 19.61
CA LYS D 152 -14.98 10.65 18.74
C LYS D 152 -14.55 10.49 17.28
N GLN D 153 -15.53 10.16 16.43
CA GLN D 153 -15.28 10.05 15.00
C GLN D 153 -15.59 11.40 14.37
N LEU D 154 -14.62 12.02 13.72
CA LEU D 154 -14.83 13.30 13.07
C LEU D 154 -15.52 13.09 11.73
N ASP D 155 -15.16 12.00 11.02
CA ASP D 155 -15.76 11.64 9.73
C ASP D 155 -15.33 10.21 9.46
N ASP D 156 -15.58 9.69 8.25
CA ASP D 156 -15.34 8.26 8.01
C ASP D 156 -13.84 7.95 7.87
N HIS D 157 -12.99 8.99 7.85
CA HIS D 157 -11.56 8.85 7.67
C HIS D 157 -10.79 9.38 8.89
N GLN D 158 -11.47 9.80 9.97
CA GLN D 158 -10.78 10.56 11.01
C GLN D 158 -11.35 10.28 12.40
N VAL D 159 -10.47 10.01 13.36
CA VAL D 159 -10.83 9.80 14.77
C VAL D 159 -9.95 10.71 15.63
N ALA D 160 -10.55 11.34 16.66
CA ALA D 160 -9.84 12.22 17.59
C ALA D 160 -9.99 11.62 18.99
N VAL D 161 -8.88 11.63 19.72
CA VAL D 161 -8.79 10.99 21.00
C VAL D 161 -8.21 12.01 21.99
N LYS D 162 -8.63 11.91 23.24
CA LYS D 162 -7.99 12.67 24.29
C LYS D 162 -7.73 11.73 25.47
N VAL D 163 -6.51 11.75 26.01
CA VAL D 163 -6.21 10.91 27.16
C VAL D 163 -5.59 11.75 28.27
N ILE D 164 -5.88 11.36 29.51
CA ILE D 164 -5.27 11.97 30.69
C ILE D 164 -4.58 10.85 31.45
N ASN D 165 -3.25 10.80 31.37
CA ASN D 165 -2.48 9.80 32.13
C ASN D 165 -1.08 10.37 32.38
N TYR D 166 -0.52 10.05 33.55
CA TYR D 166 0.80 10.55 33.88
C TYR D 166 1.29 9.82 35.12
N SER D 167 2.58 9.97 35.43
CA SER D 167 3.13 9.38 36.63
C SER D 167 3.17 10.41 37.75
N GLY D 168 3.38 11.68 37.40
CA GLY D 168 3.28 12.79 38.33
C GLY D 168 3.07 14.05 37.49
N CYS D 169 2.21 14.97 37.96
CA CYS D 169 1.93 16.19 37.21
C CYS D 169 1.25 17.17 38.14
N GLU D 170 1.52 18.47 37.98
CA GLU D 170 0.84 19.52 38.73
C GLU D 170 -0.60 19.67 38.26
N ASP D 171 -0.91 19.31 37.00
CA ASP D 171 -2.27 19.43 36.50
C ASP D 171 -2.98 18.07 36.63
N PRO D 172 -3.96 17.89 37.55
CA PRO D 172 -4.57 16.58 37.71
C PRO D 172 -5.36 16.12 36.49
N ASP D 173 -5.60 17.03 35.54
CA ASP D 173 -6.35 16.69 34.32
C ASP D 173 -5.49 16.86 33.08
N PHE D 174 -4.17 16.66 33.23
CA PHE D 174 -3.19 16.85 32.16
C PHE D 174 -3.56 16.04 30.92
N SER D 175 -3.84 16.74 29.80
CA SER D 175 -4.51 16.21 28.63
C SER D 175 -3.57 16.11 27.44
N PHE D 176 -3.72 15.02 26.67
CA PHE D 176 -2.97 14.82 25.45
C PHE D 176 -3.99 14.49 24.36
N TYR D 177 -3.86 15.17 23.21
CA TYR D 177 -4.78 14.99 22.10
C TYR D 177 -4.06 14.24 20.98
N PHE D 178 -4.79 13.33 20.35
CA PHE D 178 -4.21 12.49 19.33
C PHE D 178 -5.25 12.26 18.24
N VAL D 179 -4.88 12.57 17.00
CA VAL D 179 -5.80 12.49 15.89
C VAL D 179 -5.24 11.51 14.84
N LEU D 180 -6.11 10.67 14.29
CA LEU D 180 -5.73 9.67 13.29
C LEU D 180 -6.55 9.92 12.04
N HIS D 181 -5.86 10.00 10.91
CA HIS D 181 -6.46 10.04 9.59
C HIS D 181 -6.16 8.73 8.88
N PHE D 182 -7.21 8.10 8.33
CA PHE D 182 -7.10 6.80 7.68
C PHE D 182 -7.32 6.98 6.18
N GLU D 183 -6.45 6.38 5.37
CA GLU D 183 -6.64 6.42 3.93
C GLU D 183 -7.85 5.58 3.52
N GLN D 184 -8.03 4.40 4.11
CA GLN D 184 -9.22 3.60 3.83
C GLN D 184 -10.21 3.89 4.95
N PRO D 185 -11.51 4.11 4.60
CA PRO D 185 -12.50 4.56 5.57
C PRO D 185 -12.84 3.52 6.65
N LEU D 186 -13.31 4.00 7.79
CA LEU D 186 -13.93 3.15 8.80
C LEU D 186 -15.19 2.49 8.23
N THR D 187 -15.40 1.21 8.51
CA THR D 187 -16.55 0.49 8.00
C THR D 187 -17.56 0.30 9.12
N LYS D 188 -17.22 0.75 10.32
CA LYS D 188 -18.18 0.79 11.42
C LYS D 188 -18.03 2.15 12.10
N TRP D 189 -19.14 2.91 12.13
CA TRP D 189 -19.09 4.26 12.65
C TRP D 189 -19.48 4.25 14.13
N PHE D 190 -19.03 5.24 14.89
CA PHE D 190 -19.36 5.30 16.31
C PHE D 190 -19.65 6.74 16.72
N ALA D 191 -20.37 6.89 17.84
CA ALA D 191 -20.66 8.19 18.44
C ALA D 191 -19.66 8.49 19.57
N PRO D 192 -19.54 9.78 19.97
CA PRO D 192 -18.63 10.20 21.03
C PRO D 192 -18.84 9.39 22.29
N SER D 193 -17.73 9.09 22.96
CA SER D 193 -17.71 8.18 24.09
C SER D 193 -16.60 8.63 25.05
N SER D 194 -16.72 8.32 26.35
CA SER D 194 -15.65 8.61 27.27
C SER D 194 -15.67 7.61 28.40
N GLY D 195 -14.58 7.57 29.18
CA GLY D 195 -14.49 6.60 30.26
C GLY D 195 -13.08 6.60 30.82
N GLU D 196 -12.66 5.48 31.40
CA GLU D 196 -11.33 5.28 31.91
C GLU D 196 -10.81 3.96 31.33
N ASP D 197 -9.53 3.94 30.92
CA ASP D 197 -8.89 2.75 30.40
C ASP D 197 -9.69 2.19 29.23
N GLY D 198 -9.73 2.97 28.15
CA GLY D 198 -10.52 2.59 26.99
C GLY D 198 -9.79 1.65 26.05
N LYS D 199 -10.59 0.94 25.27
CA LYS D 199 -10.15 0.03 24.26
C LYS D 199 -11.09 0.25 23.08
N ILE D 200 -10.59 0.81 21.97
CA ILE D 200 -11.44 1.14 20.83
C ILE D 200 -10.93 0.35 19.62
N LEU D 201 -11.74 -0.60 19.14
CA LEU D 201 -11.44 -1.32 17.92
C LEU D 201 -12.00 -0.59 16.71
N LEU D 202 -11.13 -0.01 15.88
CA LEU D 202 -11.54 0.63 14.63
C LEU D 202 -11.55 -0.40 13.51
N SER D 203 -12.59 -0.43 12.68
CA SER D 203 -12.73 -1.46 11.67
C SER D 203 -12.62 -0.88 10.26
N PHE D 204 -12.01 -1.63 9.36
CA PHE D 204 -11.77 -1.13 8.01
C PHE D 204 -12.19 -2.16 6.97
N GLY D 205 -12.74 -3.29 7.43
CA GLY D 205 -13.23 -4.29 6.49
C GLY D 205 -12.10 -5.09 5.86
N ASN D 206 -12.22 -5.37 4.57
CA ASN D 206 -11.33 -6.34 3.96
C ASN D 206 -10.26 -5.64 3.11
N ILE D 207 -9.64 -4.57 3.58
CA ILE D 207 -8.61 -3.91 2.79
C ILE D 207 -7.27 -4.62 2.96
N ALA D 208 -6.41 -4.52 1.93
CA ALA D 208 -5.08 -5.11 1.95
C ALA D 208 -4.12 -4.20 2.72
N GLN D 209 -4.36 -2.89 2.70
CA GLN D 209 -3.39 -1.97 3.26
C GLN D 209 -4.10 -0.74 3.83
N GLN D 210 -3.74 -0.38 5.07
CA GLN D 210 -4.21 0.86 5.66
C GLN D 210 -3.02 1.78 5.82
N VAL D 211 -3.24 3.09 5.65
CA VAL D 211 -2.20 4.05 5.96
C VAL D 211 -2.79 5.04 6.97
N VAL D 212 -2.15 5.13 8.14
CA VAL D 212 -2.62 6.00 9.20
C VAL D 212 -1.66 7.18 9.33
N HIS D 213 -2.16 8.39 9.06
CA HIS D 213 -1.42 9.60 9.40
C HIS D 213 -1.92 10.05 10.74
N PHE D 214 -1.01 10.26 11.69
CA PHE D 214 -1.44 10.64 13.00
C PHE D 214 -0.65 11.85 13.47
N SER D 215 -1.25 12.57 14.41
CA SER D 215 -0.55 13.70 15.00
C SER D 215 -1.08 13.90 16.41
N SER D 216 -0.53 14.90 17.11
CA SER D 216 -0.86 14.98 18.53
C SER D 216 -0.66 16.42 19.00
N SER D 217 -1.03 16.67 20.25
CA SER D 217 -0.92 18.01 20.80
C SER D 217 -1.11 17.95 22.31
N PHE D 218 -0.43 18.85 23.02
CA PHE D 218 -0.72 19.10 24.40
C PHE D 218 -1.56 20.38 24.55
N ILE D 219 -1.95 20.97 23.41
CA ILE D 219 -2.68 22.23 23.39
C ILE D 219 -4.19 21.94 23.33
N SER D 220 -4.65 21.33 22.23
CA SER D 220 -6.08 21.11 22.04
C SER D 220 -6.28 20.17 20.86
N GLU D 221 -7.51 19.67 20.69
CA GLU D 221 -7.88 18.88 19.54
C GLU D 221 -7.61 19.66 18.24
N LYS D 222 -7.94 20.95 18.26
CA LYS D 222 -7.79 21.77 17.07
C LYS D 222 -6.32 21.95 16.70
N GLN D 223 -5.45 22.15 17.69
CA GLN D 223 -4.01 22.24 17.42
C GLN D 223 -3.50 20.91 16.87
N ALA D 224 -4.02 19.78 17.37
CA ALA D 224 -3.62 18.47 16.86
C ALA D 224 -4.01 18.35 15.38
N GLN D 225 -5.18 18.89 15.00
CA GLN D 225 -5.61 18.85 13.61
C GLN D 225 -4.72 19.72 12.73
N LEU D 226 -4.27 20.84 13.29
CA LEU D 226 -3.34 21.72 12.56
C LEU D 226 -2.00 21.02 12.37
N ASN D 227 -1.51 20.36 13.44
CA ASN D 227 -0.27 19.60 13.36
C ASN D 227 -0.40 18.54 12.26
N LEU D 228 -1.55 17.86 12.20
CA LEU D 228 -1.79 16.83 11.21
C LEU D 228 -1.86 17.41 9.79
N ALA D 229 -2.61 18.52 9.63
CA ALA D 229 -2.83 19.14 8.33
C ALA D 229 -1.48 19.50 7.69
N ARG D 230 -0.50 19.92 8.49
CA ARG D 230 0.81 20.28 7.96
C ARG D 230 1.58 19.08 7.39
N GLU D 231 1.13 17.83 7.64
CA GLU D 231 1.90 16.72 7.09
C GLU D 231 1.02 15.68 6.42
N ILE D 232 -0.28 15.97 6.30
CA ILE D 232 -1.25 15.01 5.83
C ILE D 232 -0.90 14.55 4.41
N SER D 233 -0.16 15.36 3.66
CA SER D 233 0.08 14.96 2.28
C SER D 233 1.45 14.31 2.11
N LEU D 234 2.30 14.23 3.15
CA LEU D 234 3.56 13.49 3.03
C LEU D 234 3.28 12.01 2.84
N ARG D 235 3.97 11.38 1.90
CA ARG D 235 4.00 9.93 1.84
C ARG D 235 4.95 9.38 2.90
N SER D 236 4.78 8.12 3.31
CA SER D 236 5.67 7.49 4.29
C SER D 236 7.13 7.60 3.82
N THR D 237 7.38 7.42 2.52
CA THR D 237 8.75 7.50 2.01
C THR D 237 9.34 8.90 2.17
N GLU D 238 8.51 9.94 2.03
CA GLU D 238 9.01 11.31 2.18
C GLU D 238 9.27 11.62 3.66
N MET D 239 8.39 11.11 4.53
CA MET D 239 8.55 11.34 5.95
C MET D 239 9.82 10.66 6.45
N LEU D 240 10.07 9.45 5.93
CA LEU D 240 11.28 8.70 6.28
C LEU D 240 12.51 9.49 5.84
N GLN D 241 12.51 9.99 4.59
CA GLN D 241 13.62 10.78 4.10
C GLN D 241 13.88 12.02 4.95
N GLN D 242 12.82 12.74 5.35
CA GLN D 242 13.04 13.92 6.18
C GLN D 242 13.59 13.52 7.54
N GLY D 243 13.11 12.39 8.11
CA GLY D 243 13.57 11.95 9.41
C GLY D 243 15.06 11.59 9.36
N ILE D 244 15.47 10.90 8.28
CA ILE D 244 16.87 10.58 8.07
C ILE D 244 17.68 11.88 7.95
N ALA D 245 17.17 12.86 7.19
CA ALA D 245 17.88 14.14 7.03
C ALA D 245 17.98 14.87 8.37
N ASP D 246 16.93 14.77 9.20
CA ASP D 246 16.97 15.39 10.52
C ASP D 246 18.09 14.78 11.37
N TRP D 247 18.24 13.45 11.33
CA TRP D 247 19.27 12.82 12.16
C TRP D 247 20.65 13.13 11.59
N HIS D 248 20.79 13.12 10.24
CA HIS D 248 22.06 13.38 9.60
C HIS D 248 22.55 14.78 9.91
N ASN D 249 21.61 15.69 10.11
CA ASN D 249 21.91 17.06 10.51
C ASN D 249 22.84 17.06 11.74
N TYR D 250 22.56 16.19 12.73
CA TYR D 250 23.38 16.08 13.93
C TYR D 250 24.56 15.11 13.69
N PHE D 251 24.33 13.98 13.03
CA PHE D 251 25.40 13.00 12.88
C PHE D 251 26.56 13.60 12.08
N ASP D 252 26.25 14.43 11.07
CA ASP D 252 27.28 15.07 10.25
C ASP D 252 28.18 15.99 11.07
N ARG D 253 27.81 16.31 12.31
CA ARG D 253 28.64 17.25 13.07
C ARG D 253 29.82 16.54 13.75
N LEU D 254 29.79 15.20 13.76
CA LEU D 254 30.82 14.40 14.41
C LEU D 254 31.10 13.18 13.54
N LYS D 255 32.05 13.31 12.61
CA LYS D 255 32.41 12.25 11.67
C LYS D 255 33.70 11.62 12.19
N VAL D 256 33.64 10.36 12.66
CA VAL D 256 34.78 9.80 13.36
C VAL D 256 35.12 8.44 12.75
N THR D 257 36.38 8.02 12.94
CA THR D 257 36.80 6.67 12.60
C THR D 257 37.66 6.16 13.76
N HIS D 258 37.84 4.82 13.78
CA HIS D 258 38.59 4.15 14.84
C HIS D 258 39.37 3.01 14.20
N GLU D 259 40.37 2.47 14.90
CA GLU D 259 40.99 1.26 14.40
C GLU D 259 39.97 0.13 14.36
N ASN D 260 39.17 -0.01 15.42
CA ASN D 260 38.21 -1.10 15.51
C ASN D 260 36.82 -0.59 15.11
N PRO D 261 36.21 -1.08 14.01
CA PRO D 261 34.86 -0.62 13.60
C PRO D 261 33.74 -0.84 14.63
N GLU D 262 33.94 -1.73 15.61
CA GLU D 262 32.97 -1.91 16.68
C GLU D 262 32.89 -0.64 17.54
N HIS D 263 34.04 0.05 17.69
CA HIS D 263 34.05 1.28 18.46
C HIS D 263 33.24 2.36 17.74
N THR D 264 33.33 2.36 16.39
CA THR D 264 32.60 3.33 15.60
C THR D 264 31.10 3.08 15.76
N LYS D 265 30.72 1.81 15.71
CA LYS D 265 29.33 1.41 15.91
C LYS D 265 28.83 1.89 17.28
N THR D 266 29.65 1.71 18.33
CA THR D 266 29.25 2.15 19.66
C THR D 266 29.06 3.67 19.63
N PHE D 267 30.05 4.39 19.05
CA PHE D 267 30.02 5.82 19.05
C PHE D 267 28.68 6.34 18.50
N TYR D 268 28.25 5.82 17.34
CA TYR D 268 27.04 6.31 16.67
C TYR D 268 25.76 5.90 17.40
N HIS D 269 25.75 4.73 18.05
CA HIS D 269 24.61 4.39 18.91
C HIS D 269 24.51 5.36 20.09
N THR D 270 25.65 5.70 20.73
CA THR D 270 25.58 6.69 21.80
C THR D 270 25.19 8.07 21.26
N LEU D 271 25.58 8.37 20.02
CA LEU D 271 25.27 9.69 19.46
C LEU D 271 23.76 9.81 19.19
N TYR D 272 23.16 8.73 18.70
CA TYR D 272 21.70 8.67 18.57
C TYR D 272 21.06 9.04 19.91
N ARG D 273 21.59 8.51 21.01
CA ARG D 273 20.96 8.69 22.30
C ARG D 273 21.32 10.05 22.91
N THR D 274 22.18 10.83 22.23
CA THR D 274 22.53 12.17 22.72
C THR D 274 21.57 13.24 22.17
N PHE D 275 20.78 12.92 21.12
CA PHE D 275 19.92 13.93 20.51
C PHE D 275 18.43 13.61 20.68
N LEU D 276 18.08 12.84 21.75
CA LEU D 276 16.69 12.54 22.03
C LEU D 276 16.11 13.56 23.04
N PHE D 277 16.88 13.85 24.10
CA PHE D 277 16.39 14.60 25.25
C PHE D 277 17.20 15.89 25.38
N PRO D 278 16.59 16.97 25.90
CA PRO D 278 15.21 16.98 26.40
C PRO D 278 14.23 17.02 25.23
N GLN D 279 13.03 16.43 25.42
CA GLN D 279 12.05 16.42 24.33
C GLN D 279 11.45 17.81 24.14
N THR D 280 11.22 18.16 22.86
CA THR D 280 10.41 19.31 22.49
C THR D 280 9.07 19.25 23.23
N PHE D 281 8.70 20.35 23.88
CA PHE D 281 7.44 20.41 24.62
C PHE D 281 6.68 21.70 24.27
N TYR D 282 6.73 22.08 23.00
CA TYR D 282 5.95 23.19 22.49
C TYR D 282 5.57 22.87 21.04
N GLU D 283 4.52 23.55 20.56
CA GLU D 283 4.03 23.42 19.20
C GLU D 283 4.03 24.79 18.52
N LEU D 284 3.75 24.80 17.21
CA LEU D 284 3.66 26.01 16.42
C LEU D 284 2.19 26.32 16.11
N ASP D 285 1.73 27.50 16.57
CA ASP D 285 0.33 27.86 16.40
C ASP D 285 0.06 28.26 14.95
N GLU D 286 -1.16 28.75 14.69
CA GLU D 286 -1.55 29.06 13.32
C GLU D 286 -0.71 30.20 12.77
N ASN D 287 -0.06 30.99 13.63
CA ASN D 287 0.82 32.06 13.16
C ASN D 287 2.28 31.64 13.22
N GLN D 288 2.55 30.34 13.35
CA GLN D 288 3.89 29.78 13.40
C GLN D 288 4.61 30.22 14.66
N GLN D 289 3.87 30.59 15.71
CA GLN D 289 4.51 31.02 16.95
C GLN D 289 4.51 29.84 17.93
N PRO D 290 5.57 29.72 18.74
CA PRO D 290 5.64 28.69 19.78
C PRO D 290 4.57 28.85 20.85
N ILE D 291 3.87 27.76 21.17
CA ILE D 291 2.80 27.68 22.17
C ILE D 291 3.10 26.42 23.00
N HIS D 292 2.80 26.44 24.31
CA HIS D 292 2.94 25.23 25.12
C HIS D 292 1.87 25.19 26.20
N TYR D 293 1.81 24.06 26.91
CA TYR D 293 0.93 23.93 28.05
C TYR D 293 1.69 24.19 29.35
N ASP D 294 1.12 25.06 30.18
CA ASP D 294 1.63 25.38 31.51
C ASP D 294 0.82 24.58 32.54
N THR D 295 1.43 23.54 33.13
CA THR D 295 0.68 22.67 34.01
C THR D 295 0.45 23.34 35.36
N PHE D 296 1.26 24.34 35.69
CA PHE D 296 1.19 24.95 37.00
C PHE D 296 -0.08 25.81 37.13
N SER D 297 -0.42 26.58 36.10
CA SER D 297 -1.66 27.36 36.14
C SER D 297 -2.71 26.74 35.22
N GLN D 298 -2.38 25.60 34.60
CA GLN D 298 -3.28 24.82 33.76
C GLN D 298 -3.82 25.60 32.56
N THR D 299 -2.95 26.28 31.81
CA THR D 299 -3.43 26.98 30.63
C THR D 299 -2.38 26.88 29.52
N VAL D 300 -2.81 27.18 28.29
CA VAL D 300 -1.94 27.30 27.15
C VAL D 300 -1.31 28.68 27.15
N ARG D 301 0.01 28.74 26.92
CA ARG D 301 0.73 30.01 26.93
C ARG D 301 1.68 30.06 25.73
N PRO D 302 2.06 31.28 25.25
CA PRO D 302 3.07 31.42 24.19
C PRO D 302 4.47 31.13 24.73
N GLY D 303 5.37 30.74 23.82
CA GLY D 303 6.79 30.52 24.17
C GLY D 303 7.19 29.04 24.06
N VAL D 304 8.51 28.79 24.01
CA VAL D 304 9.08 27.44 23.94
C VAL D 304 9.08 26.82 25.35
N LEU D 305 9.08 25.48 25.36
CA LEU D 305 9.25 24.70 26.58
C LEU D 305 9.84 23.34 26.18
N TYR D 306 10.67 22.76 27.04
CA TYR D 306 11.26 21.45 26.83
C TYR D 306 10.94 20.59 28.05
N THR D 307 10.95 19.26 27.89
CA THR D 307 10.62 18.39 29.00
C THR D 307 11.56 17.17 29.04
N ASN D 308 11.40 16.31 30.07
CA ASN D 308 12.11 15.04 30.16
C ASN D 308 13.62 15.29 30.33
N ASN D 309 13.99 15.88 31.47
CA ASN D 309 15.39 16.15 31.77
C ASN D 309 15.58 16.25 33.27
N GLY D 310 16.52 15.45 33.80
CA GLY D 310 16.95 15.68 35.18
C GLY D 310 18.34 16.27 35.17
N PHE D 311 18.48 17.55 35.55
CA PHE D 311 19.73 18.29 35.41
C PHE D 311 20.86 17.68 36.22
N TRP D 312 20.52 17.03 37.35
CA TRP D 312 21.50 16.33 38.16
C TRP D 312 22.31 15.35 37.28
N ASP D 313 21.67 14.80 36.24
CA ASP D 313 22.31 13.90 35.30
C ASP D 313 22.89 14.69 34.13
N THR D 314 22.07 15.57 33.53
CA THR D 314 22.38 16.02 32.20
C THR D 314 23.37 17.19 32.19
N TYR D 315 23.54 17.89 33.32
CA TYR D 315 24.45 19.04 33.33
C TYR D 315 25.89 18.59 33.10
N LYS D 316 26.18 17.34 33.46
CA LYS D 316 27.55 16.83 33.44
C LYS D 316 28.18 16.82 32.05
N THR D 317 27.38 16.48 31.03
CA THR D 317 27.94 16.13 29.73
C THR D 317 27.10 16.63 28.57
N VAL D 318 25.75 16.58 28.69
CA VAL D 318 24.89 16.87 27.55
C VAL D 318 25.05 18.33 27.10
N TYR D 319 24.83 19.27 28.03
CA TYR D 319 24.83 20.67 27.67
C TYR D 319 26.24 21.10 27.25
N PRO D 320 27.33 20.73 27.98
CA PRO D 320 28.67 21.03 27.49
C PRO D 320 28.93 20.55 26.06
N LEU D 321 28.41 19.36 25.70
CA LEU D 321 28.55 18.92 24.32
C LEU D 321 27.75 19.83 23.38
N PHE D 322 26.50 20.17 23.75
CA PHE D 322 25.71 21.07 22.90
C PHE D 322 26.42 22.42 22.78
N SER D 323 27.15 22.82 23.83
CA SER D 323 27.86 24.10 23.76
C SER D 323 28.88 24.11 22.63
N LEU D 324 29.32 22.93 22.16
CA LEU D 324 30.31 22.86 21.11
C LEU D 324 29.64 22.70 19.75
N ILE D 325 28.63 21.81 19.63
CA ILE D 325 28.16 21.38 18.32
C ILE D 325 26.66 21.60 18.11
N ALA D 326 25.90 22.02 19.14
CA ALA D 326 24.48 22.25 18.93
C ALA D 326 24.02 23.47 19.73
N GLN D 327 24.69 24.59 19.51
CA GLN D 327 24.42 25.77 20.32
C GLN D 327 23.01 26.33 20.05
N GLU D 328 22.50 26.18 18.82
CA GLU D 328 21.17 26.64 18.48
C GLU D 328 20.13 25.90 19.33
N LYS D 329 20.40 24.62 19.67
CA LYS D 329 19.49 23.88 20.51
C LYS D 329 19.59 24.37 21.94
N TYR D 330 20.83 24.49 22.45
CA TYR D 330 21.10 25.00 23.78
C TYR D 330 20.35 26.33 23.99
N GLU D 331 20.44 27.22 23.00
CA GLU D 331 19.85 28.55 23.07
C GLU D 331 18.35 28.48 23.30
N GLU D 332 17.68 27.58 22.58
CA GLU D 332 16.24 27.45 22.66
C GLU D 332 15.84 26.75 23.96
N MET D 333 16.66 25.78 24.40
CA MET D 333 16.36 25.06 25.62
C MET D 333 16.46 25.97 26.83
N LEU D 334 17.44 26.89 26.86
CA LEU D 334 17.60 27.80 27.99
C LEU D 334 16.37 28.69 28.11
N GLU D 335 15.83 29.11 26.96
CA GLU D 335 14.63 29.91 26.93
C GLU D 335 13.48 29.13 27.57
N GLY D 336 13.38 27.82 27.27
CA GLY D 336 12.32 26.98 27.80
C GLY D 336 12.43 26.88 29.33
N PHE D 337 13.68 26.71 29.84
CA PHE D 337 13.93 26.55 31.25
C PHE D 337 13.54 27.85 32.00
N LEU D 338 13.79 29.00 31.37
CA LEU D 338 13.40 30.29 31.94
C LEU D 338 11.87 30.41 32.01
N ASN D 339 11.18 29.97 30.94
CA ASN D 339 9.73 29.88 30.97
C ASN D 339 9.24 29.00 32.13
N SER D 340 9.92 27.87 32.40
CA SER D 340 9.54 27.04 33.53
C SER D 340 9.63 27.83 34.83
N TYR D 341 10.71 28.62 34.96
CA TYR D 341 10.90 29.45 36.15
C TYR D 341 9.76 30.47 36.25
N ASN D 342 9.45 31.12 35.11
CA ASN D 342 8.42 32.15 35.10
C ASN D 342 7.10 31.53 35.53
N GLU D 343 6.87 30.26 35.21
CA GLU D 343 5.54 29.69 35.39
C GLU D 343 5.36 29.12 36.79
N THR D 344 6.47 28.83 37.48
CA THR D 344 6.33 28.08 38.71
C THR D 344 7.01 28.81 39.86
N GLY D 345 7.93 29.73 39.58
CA GLY D 345 8.64 30.40 40.67
C GLY D 345 10.04 29.85 40.95
N PHE D 346 10.41 28.66 40.41
CA PHE D 346 11.74 28.10 40.65
C PHE D 346 12.31 27.47 39.37
N LEU D 347 13.63 27.58 39.18
CA LEU D 347 14.28 26.90 38.06
C LEU D 347 14.09 25.40 38.22
N PRO D 348 13.82 24.65 37.13
CA PRO D 348 13.43 23.24 37.27
C PRO D 348 14.59 22.32 37.67
N LYS D 349 14.26 21.19 38.33
CA LYS D 349 15.17 20.14 38.74
C LYS D 349 14.99 18.91 37.84
N TRP D 350 13.75 18.41 37.75
CA TRP D 350 13.48 17.20 36.99
C TRP D 350 12.12 17.33 36.30
N LEU D 351 12.12 17.65 35.01
CA LEU D 351 10.87 17.86 34.27
C LEU D 351 10.37 16.56 33.65
N SER D 352 9.13 16.10 34.01
CA SER D 352 8.51 14.95 33.38
C SER D 352 7.04 14.79 33.74
N PRO D 353 6.11 15.57 33.13
CA PRO D 353 6.38 16.60 32.14
C PRO D 353 6.77 17.93 32.77
N ASP D 354 6.48 18.09 34.06
CA ASP D 354 6.73 19.30 34.83
C ASP D 354 7.57 18.89 36.05
N GLU D 355 7.64 19.75 37.06
CA GLU D 355 8.61 19.56 38.13
C GLU D 355 8.26 18.32 38.95
N ARG D 356 9.16 17.34 38.99
CA ARG D 356 8.95 16.11 39.73
C ARG D 356 9.79 16.13 41.01
N GLY D 357 10.79 17.02 41.08
CA GLY D 357 11.49 17.29 42.33
C GLY D 357 12.54 16.23 42.74
N LEU D 358 12.93 15.32 41.85
CA LEU D 358 13.77 14.21 42.27
C LEU D 358 15.25 14.58 42.18
N MET D 359 16.03 13.92 43.06
CA MET D 359 17.49 14.01 43.17
C MET D 359 17.87 15.27 43.96
N PRO D 360 19.03 15.28 44.65
CA PRO D 360 19.51 16.48 45.35
C PRO D 360 19.85 17.59 44.35
N GLY D 361 19.93 18.84 44.84
CA GLY D 361 20.60 19.93 44.15
C GLY D 361 19.78 20.63 43.06
N THR D 362 20.32 21.77 42.59
CA THR D 362 19.71 22.56 41.53
C THR D 362 20.75 22.73 40.42
N LEU D 363 21.10 21.62 39.78
CA LEU D 363 22.21 21.60 38.84
C LEU D 363 21.88 22.34 37.54
N ILE D 364 20.63 22.79 37.34
CA ILE D 364 20.32 23.70 36.24
C ILE D 364 21.24 24.93 36.36
N ASP D 365 21.65 25.28 37.59
CA ASP D 365 22.55 26.40 37.81
C ASP D 365 23.84 26.22 37.02
N ALA D 366 24.31 24.96 36.90
CA ALA D 366 25.53 24.67 36.15
C ALA D 366 25.27 24.81 34.64
N VAL D 367 24.09 24.40 34.18
CA VAL D 367 23.74 24.59 32.78
C VAL D 367 23.74 26.08 32.44
N ILE D 368 23.23 26.91 33.37
CA ILE D 368 23.15 28.34 33.14
C ILE D 368 24.55 28.96 33.16
N ALA D 369 25.35 28.62 34.20
CA ALA D 369 26.68 29.19 34.36
C ALA D 369 27.58 28.83 33.18
N ASP D 370 27.51 27.57 32.73
CA ASP D 370 28.32 27.14 31.60
C ASP D 370 27.95 27.95 30.37
N ALA D 371 26.65 28.16 30.14
CA ALA D 371 26.20 29.00 29.04
C ALA D 371 26.73 30.42 29.19
N ALA D 372 26.66 30.97 30.41
CA ALA D 372 27.11 32.34 30.64
C ALA D 372 28.58 32.49 30.26
N VAL D 373 29.46 31.62 30.79
CA VAL D 373 30.87 31.80 30.53
C VAL D 373 31.19 31.50 29.06
N LYS D 374 30.29 30.84 28.34
CA LYS D 374 30.56 30.53 26.95
C LYS D 374 29.78 31.48 26.03
N LYS D 375 29.15 32.51 26.62
CA LYS D 375 28.43 33.53 25.86
C LYS D 375 27.28 32.91 25.08
N ILE D 376 26.54 31.98 25.70
CA ILE D 376 25.33 31.46 25.09
C ILE D 376 24.15 32.11 25.80
N ARG D 377 23.27 32.79 25.04
CA ARG D 377 22.13 33.54 25.57
C ARG D 377 22.56 34.54 26.65
N PRO D 378 23.55 35.43 26.40
CA PRO D 378 23.89 36.48 27.37
C PRO D 378 22.69 37.38 27.65
N ASP D 379 21.77 37.51 26.67
CA ASP D 379 20.54 38.28 26.83
C ASP D 379 19.67 37.74 27.98
N LEU D 380 19.73 36.45 28.30
CA LEU D 380 18.87 35.92 29.35
C LEU D 380 19.55 35.94 30.72
N MET D 381 20.85 36.25 30.77
CA MET D 381 21.60 36.04 32.00
C MET D 381 21.12 36.92 33.15
N PRO D 382 20.76 38.22 32.96
CA PRO D 382 20.16 39.01 34.04
C PRO D 382 18.95 38.32 34.69
N GLN D 383 18.02 37.81 33.86
CA GLN D 383 16.87 37.09 34.39
C GLN D 383 17.28 35.81 35.10
N PHE D 384 18.24 35.05 34.53
CA PHE D 384 18.72 33.83 35.18
C PHE D 384 19.34 34.15 36.54
N LEU D 385 20.14 35.23 36.62
CA LEU D 385 20.79 35.52 37.89
C LEU D 385 19.73 35.73 38.98
N GLU D 386 18.67 36.49 38.65
CA GLU D 386 17.59 36.71 39.59
C GLU D 386 16.96 35.39 40.04
N ALA D 387 16.67 34.49 39.08
CA ALA D 387 16.06 33.19 39.35
C ALA D 387 16.97 32.33 40.22
N MET D 388 18.29 32.36 39.96
CA MET D 388 19.22 31.54 40.75
C MET D 388 19.30 32.07 42.18
N LYS D 389 19.37 33.41 42.33
CA LYS D 389 19.44 34.04 43.64
C LYS D 389 18.17 33.73 44.43
N LYS D 390 17.00 33.72 43.78
CA LYS D 390 15.78 33.32 44.47
C LYS D 390 15.91 31.89 45.00
N GLY D 391 16.34 30.96 44.13
CA GLY D 391 16.51 29.57 44.55
C GLY D 391 17.47 29.41 45.73
N ALA D 392 18.51 30.27 45.77
CA ALA D 392 19.53 30.17 46.80
C ALA D 392 19.11 30.86 48.11
N THR D 393 18.00 31.63 48.09
CA THR D 393 17.68 32.43 49.27
C THR D 393 16.27 32.14 49.79
N GLN D 394 15.40 31.52 49.00
CA GLN D 394 14.04 31.28 49.44
C GLN D 394 13.71 29.79 49.44
N GLN D 395 13.08 29.33 50.52
CA GLN D 395 12.56 27.97 50.67
C GLN D 395 11.17 27.94 50.05
N SER D 396 10.96 27.10 49.04
CA SER D 396 9.62 26.86 48.53
C SER D 396 8.75 26.22 49.61
N GLU D 397 7.46 26.52 49.61
CA GLU D 397 6.56 25.80 50.48
C GLU D 397 6.11 24.49 49.80
N ARG D 398 6.20 24.41 48.46
CA ARG D 398 5.97 23.15 47.75
C ARG D 398 7.26 22.35 47.72
N GLU D 399 7.19 21.08 48.12
CA GLU D 399 8.40 20.35 48.44
C GLU D 399 9.21 19.91 47.20
N ASN D 400 8.64 20.00 45.99
CA ASN D 400 9.36 19.56 44.80
C ASN D 400 10.20 20.66 44.16
N TYR D 401 10.15 21.87 44.71
CA TYR D 401 10.77 23.00 44.04
C TYR D 401 11.97 23.50 44.85
N GLY D 402 13.00 23.96 44.14
CA GLY D 402 14.07 24.72 44.79
C GLY D 402 14.95 23.85 45.65
N ARG D 403 15.72 24.51 46.53
CA ARG D 403 16.60 23.83 47.47
C ARG D 403 15.76 23.35 48.63
N GLN D 404 16.12 22.22 49.22
CA GLN D 404 15.57 21.80 50.50
C GLN D 404 16.55 22.23 51.60
N GLY D 405 16.03 22.80 52.68
CA GLY D 405 16.93 23.25 53.74
C GLY D 405 17.71 24.51 53.40
N THR D 406 17.13 25.34 52.52
CA THR D 406 17.72 26.58 52.07
C THR D 406 18.18 27.41 53.28
N LEU D 407 17.28 27.54 54.26
CA LEU D 407 17.54 28.48 55.35
C LEU D 407 18.59 27.90 56.29
N ASP D 408 18.55 26.58 56.50
CA ASP D 408 19.55 25.94 57.37
C ASP D 408 20.95 26.06 56.75
N TYR D 409 21.01 25.98 55.42
CA TYR D 409 22.26 26.04 54.71
C TYR D 409 22.89 27.43 54.93
N LEU D 410 22.04 28.47 54.85
CA LEU D 410 22.48 29.84 55.07
C LEU D 410 22.88 30.05 56.53
N LYS D 411 22.16 29.41 57.47
CA LYS D 411 22.46 29.58 58.88
C LYS D 411 23.77 28.90 59.24
N TYR D 412 23.98 27.64 58.80
CA TYR D 412 25.08 26.85 59.33
C TYR D 412 26.29 26.75 58.40
N GLY D 413 26.10 27.04 57.10
CA GLY D 413 27.12 26.82 56.10
C GLY D 413 27.10 25.39 55.53
N TYR D 414 26.10 24.59 55.91
CA TYR D 414 25.89 23.25 55.38
C TYR D 414 24.45 22.82 55.68
N VAL D 415 23.99 21.79 54.97
CA VAL D 415 22.73 21.16 55.30
C VAL D 415 23.01 20.14 56.39
N PRO D 416 22.41 20.29 57.60
CA PRO D 416 22.71 19.40 58.71
C PRO D 416 22.15 17.99 58.52
N SER D 417 22.62 17.07 59.37
CA SER D 417 22.46 15.64 59.20
C SER D 417 21.04 15.19 59.48
N THR D 418 20.17 16.13 59.87
CA THR D 418 18.77 15.77 60.07
C THR D 418 18.07 15.63 58.73
N TYR D 419 18.61 16.25 57.66
CA TYR D 419 18.06 16.06 56.32
C TYR D 419 18.64 14.80 55.68
N HIS D 420 17.81 14.15 54.86
CA HIS D 420 18.20 13.00 54.06
C HIS D 420 19.24 13.47 53.03
N GLU D 421 20.29 12.65 52.81
CA GLU D 421 21.29 12.91 51.77
C GLU D 421 21.94 14.28 51.92
N SER D 422 22.26 14.65 53.18
CA SER D 422 22.69 16.01 53.46
C SER D 422 24.06 16.34 52.86
N VAL D 423 24.88 15.29 52.64
CA VAL D 423 26.20 15.52 52.07
C VAL D 423 26.03 15.99 50.62
N ASN D 424 25.20 15.26 49.85
CA ASN D 424 24.93 15.65 48.46
C ASN D 424 24.29 17.04 48.40
N HIS D 425 23.31 17.32 49.29
CA HIS D 425 22.67 18.63 49.26
C HIS D 425 23.72 19.73 49.47
N THR D 426 24.57 19.57 50.51
CA THR D 426 25.55 20.59 50.84
C THR D 426 26.49 20.84 49.66
N LEU D 427 27.02 19.75 49.08
CA LEU D 427 28.03 19.84 48.04
C LEU D 427 27.43 20.39 46.76
N ASP D 428 26.19 19.98 46.46
CA ASP D 428 25.45 20.55 45.32
C ASP D 428 25.20 22.04 45.52
N TYR D 429 24.80 22.46 46.74
CA TYR D 429 24.51 23.88 46.98
C TYR D 429 25.79 24.70 46.82
N ALA D 430 26.91 24.17 47.35
CA ALA D 430 28.18 24.88 47.29
C ALA D 430 28.62 25.06 45.83
N TYR D 431 28.44 23.99 45.02
CA TYR D 431 28.77 24.10 43.60
C TYR D 431 27.80 25.06 42.88
N SER D 432 26.50 25.00 43.21
CA SER D 432 25.55 25.98 42.69
C SER D 432 26.01 27.40 43.01
N ASP D 433 26.47 27.62 44.26
CA ASP D 433 26.93 28.94 44.68
C ASP D 433 28.00 29.43 43.73
N PHE D 434 28.94 28.54 43.40
CA PHE D 434 30.00 28.85 42.45
C PHE D 434 29.39 29.26 41.11
N CYS D 435 28.38 28.49 40.64
CA CYS D 435 27.75 28.77 39.36
C CYS D 435 27.07 30.15 39.38
N ILE D 436 26.45 30.50 40.51
CA ILE D 436 25.81 31.81 40.66
C ILE D 436 26.88 32.89 40.55
N SER D 437 28.02 32.66 41.22
CA SER D 437 29.10 33.61 41.22
C SER D 437 29.62 33.82 39.80
N GLN D 438 29.69 32.76 39.00
CA GLN D 438 30.16 32.88 37.63
C GLN D 438 29.19 33.72 36.79
N VAL D 439 27.88 33.46 36.93
CA VAL D 439 26.92 34.25 36.18
C VAL D 439 27.07 35.72 36.54
N ALA D 440 27.13 36.02 37.85
CA ALA D 440 27.35 37.37 38.37
C ALA D 440 28.61 38.01 37.75
N LYS D 441 29.72 37.27 37.71
CA LYS D 441 30.97 37.77 37.14
C LYS D 441 30.76 38.18 35.69
N THR D 442 30.07 37.34 34.91
CA THR D 442 29.76 37.62 33.52
C THR D 442 28.99 38.92 33.41
N LEU D 443 28.27 39.31 34.47
CA LEU D 443 27.42 40.48 34.38
C LEU D 443 28.10 41.67 35.07
N ASN D 444 29.36 41.51 35.53
CA ASN D 444 30.08 42.47 36.37
C ASN D 444 29.27 42.87 37.61
N ASP D 445 28.56 41.93 38.22
CA ASP D 445 27.96 42.15 39.51
C ASP D 445 28.91 41.69 40.62
N SER D 446 29.82 42.58 41.05
CA SER D 446 30.93 42.25 41.94
C SER D 446 30.45 41.76 43.29
N GLU D 447 29.42 42.43 43.82
CA GLU D 447 29.00 42.15 45.17
C GLU D 447 28.42 40.75 45.25
N THR D 448 27.57 40.39 44.26
CA THR D 448 27.01 39.04 44.15
C THR D 448 28.13 38.01 43.97
N ALA D 449 29.02 38.26 43.00
CA ALA D 449 30.13 37.36 42.68
C ALA D 449 30.92 37.00 43.94
N THR D 450 31.27 38.05 44.72
CA THR D 450 32.09 37.88 45.91
C THR D 450 31.36 37.03 46.94
N PHE D 451 30.08 37.35 47.18
CA PHE D 451 29.35 36.64 48.22
C PHE D 451 29.27 35.14 47.89
N TYR D 452 28.91 34.82 46.62
CA TYR D 452 28.69 33.43 46.21
C TYR D 452 29.99 32.65 46.10
N ARG D 453 31.09 33.32 45.70
CA ARG D 453 32.42 32.72 45.69
C ARG D 453 32.78 32.22 47.09
N GLN D 454 32.35 32.98 48.11
CA GLN D 454 32.64 32.64 49.49
C GLN D 454 31.76 31.45 49.90
N GLN D 455 30.46 31.51 49.58
CA GLN D 455 29.53 30.42 49.81
C GLN D 455 30.03 29.11 49.19
N ALA D 456 30.70 29.20 48.03
CA ALA D 456 31.15 28.03 47.28
C ALA D 456 32.18 27.20 48.07
N LEU D 457 32.76 27.79 49.14
CA LEU D 457 33.76 27.10 49.93
C LEU D 457 33.10 26.32 51.06
N ASN D 458 31.77 26.29 51.09
CA ASN D 458 31.02 25.58 52.13
C ASN D 458 31.33 24.08 52.13
N TYR D 459 31.83 23.51 51.01
CA TYR D 459 32.19 22.10 51.01
C TYR D 459 33.11 21.79 52.20
N GLN D 460 33.90 22.79 52.64
CA GLN D 460 34.91 22.56 53.67
C GLN D 460 34.27 22.16 54.99
N GLN D 461 32.99 22.51 55.18
CA GLN D 461 32.28 22.19 56.41
C GLN D 461 32.11 20.69 56.61
N LEU D 462 32.04 19.88 55.54
CA LEU D 462 31.71 18.46 55.74
C LEU D 462 32.94 17.57 55.60
N PHE D 463 34.11 18.18 55.34
CA PHE D 463 35.33 17.40 55.25
C PHE D 463 35.81 16.99 56.64
N ASN D 464 35.89 15.68 56.88
CA ASN D 464 36.35 15.20 58.17
C ASN D 464 37.81 14.76 58.08
N PRO D 465 38.76 15.54 58.65
CA PRO D 465 40.18 15.22 58.51
C PRO D 465 40.53 13.89 59.16
N GLU D 466 39.69 13.40 60.07
CA GLU D 466 39.90 12.10 60.70
C GLU D 466 39.78 10.96 59.69
N THR D 467 38.91 11.09 58.67
CA THR D 467 38.62 9.93 57.83
C THR D 467 39.05 10.21 56.39
N GLY D 468 39.19 11.47 56.03
CA GLY D 468 39.47 11.85 54.65
C GLY D 468 38.24 11.71 53.73
N PHE D 469 37.03 11.80 54.30
CA PHE D 469 35.78 11.78 53.53
C PHE D 469 34.87 12.95 53.92
N MET D 470 33.89 13.22 53.05
CA MET D 470 32.76 14.09 53.36
C MET D 470 31.74 13.27 54.16
N GLN D 471 31.34 13.82 55.33
CA GLN D 471 30.42 13.15 56.24
C GLN D 471 29.37 14.15 56.71
N ALA D 472 28.19 13.62 57.04
CA ALA D 472 27.09 14.42 57.56
C ALA D 472 27.45 14.96 58.94
N LYS D 473 27.01 16.19 59.23
CA LYS D 473 27.35 16.92 60.45
C LYS D 473 26.06 17.46 61.07
N ASP D 474 25.93 17.35 62.39
CA ASP D 474 24.75 17.87 63.10
C ASP D 474 24.88 19.39 63.30
N THR D 475 23.86 20.00 63.92
CA THR D 475 23.81 21.44 64.12
C THR D 475 24.82 21.93 65.16
N GLU D 476 25.38 21.04 66.00
CA GLU D 476 26.44 21.44 66.91
C GLU D 476 27.82 21.25 66.28
N GLY D 477 27.86 20.84 65.01
CA GLY D 477 29.12 20.74 64.29
C GLY D 477 29.85 19.41 64.53
N ASN D 478 29.13 18.34 64.90
CA ASN D 478 29.74 17.03 65.11
C ASN D 478 29.38 16.07 63.98
N PHE D 479 30.37 15.28 63.55
CA PHE D 479 30.18 14.26 62.52
C PHE D 479 29.41 13.09 63.11
N ARG D 480 28.50 12.53 62.31
CA ARG D 480 27.77 11.34 62.68
C ARG D 480 28.78 10.27 63.11
N PRO D 481 28.61 9.57 64.23
CA PRO D 481 29.58 8.53 64.61
C PRO D 481 29.31 7.23 63.84
N ASP D 482 30.25 6.28 63.93
CA ASP D 482 30.05 4.96 63.35
C ASP D 482 30.13 5.02 61.81
N PHE D 483 30.95 5.92 61.29
CA PHE D 483 31.18 6.09 59.86
C PHE D 483 31.75 4.80 59.26
N LEU D 484 31.22 4.38 58.12
CA LEU D 484 31.83 3.29 57.33
C LEU D 484 31.96 3.75 55.89
N ASP D 485 33.18 3.71 55.36
CA ASP D 485 33.49 4.27 54.04
C ASP D 485 32.58 3.69 52.94
N ILE D 486 32.23 2.39 53.01
CA ILE D 486 31.53 1.72 51.93
C ILE D 486 30.02 1.63 52.20
N ARG D 487 29.53 2.34 53.23
CA ARG D 487 28.11 2.29 53.54
C ARG D 487 27.34 3.22 52.62
N TRP D 488 26.33 2.69 51.92
CA TRP D 488 25.55 3.41 50.93
C TRP D 488 24.32 4.01 51.59
N GLY D 489 23.83 5.12 51.01
CA GLY D 489 22.53 5.68 51.38
C GLY D 489 22.63 6.58 52.62
N LYS D 490 21.44 7.01 53.10
CA LYS D 490 21.27 7.82 54.30
C LYS D 490 21.82 9.23 54.09
N ASP D 491 23.16 9.39 54.15
CA ASP D 491 23.80 10.68 53.99
C ASP D 491 24.20 10.96 52.54
N TYR D 492 24.19 9.91 51.70
CA TYR D 492 24.70 9.97 50.35
C TYR D 492 23.66 9.37 49.40
N ALA D 493 23.46 9.98 48.23
CA ALA D 493 22.47 9.50 47.28
C ALA D 493 23.13 8.49 46.32
N GLU D 494 22.60 7.27 46.28
CA GLU D 494 22.99 6.28 45.28
C GLU D 494 24.51 6.07 45.29
N GLY D 495 25.10 6.04 46.50
CA GLY D 495 26.54 5.82 46.61
C GLY D 495 26.92 5.80 48.07
N SER D 496 28.19 5.50 48.34
CA SER D 496 28.78 5.61 49.66
C SER D 496 29.66 6.86 49.68
N ALA D 497 30.38 7.07 50.79
CA ALA D 497 31.30 8.17 50.87
C ALA D 497 32.27 8.19 49.70
N TRP D 498 32.65 7.02 49.16
CA TRP D 498 33.60 6.92 48.06
C TRP D 498 33.04 7.56 46.79
N GLN D 499 31.72 7.44 46.60
CA GLN D 499 31.10 7.98 45.40
C GLN D 499 30.65 9.43 45.62
N SER D 500 30.86 10.01 46.81
CA SER D 500 30.25 11.31 47.11
C SER D 500 31.26 12.37 47.56
N SER D 501 32.50 11.98 47.88
CA SER D 501 33.38 12.87 48.62
C SER D 501 34.21 13.75 47.69
N PHE D 502 33.98 13.65 46.38
CA PHE D 502 34.81 14.39 45.43
C PHE D 502 33.94 15.28 44.55
N ALA D 503 32.75 15.65 45.03
CA ALA D 503 31.87 16.56 44.31
C ALA D 503 32.25 18.02 44.61
N VAL D 504 33.49 18.41 44.26
CA VAL D 504 33.98 19.74 44.51
C VAL D 504 34.57 20.32 43.22
N TYR D 505 33.74 20.33 42.17
CA TYR D 505 34.14 20.74 40.83
C TYR D 505 34.73 22.16 40.84
N GLN D 506 34.23 22.99 41.76
CA GLN D 506 34.56 24.40 41.80
C GLN D 506 35.95 24.62 42.41
N ASP D 507 36.44 23.64 43.19
CA ASP D 507 37.66 23.94 43.94
C ASP D 507 38.47 22.69 44.30
N PHE D 508 38.88 21.88 43.32
CA PHE D 508 39.70 20.70 43.64
C PHE D 508 41.01 21.07 44.35
N ALA D 509 41.66 22.18 43.94
CA ALA D 509 42.90 22.60 44.63
C ALA D 509 42.65 22.76 46.12
N GLY D 510 41.49 23.36 46.48
CA GLY D 510 41.11 23.55 47.87
C GLY D 510 40.83 22.22 48.58
N LEU D 511 40.15 21.29 47.88
CA LEU D 511 39.92 19.97 48.43
C LEU D 511 41.26 19.27 48.69
N ILE D 512 42.19 19.41 47.74
CA ILE D 512 43.49 18.80 47.88
C ILE D 512 44.20 19.33 49.14
N LYS D 513 44.10 20.65 49.37
CA LYS D 513 44.71 21.31 50.52
C LYS D 513 44.16 20.70 51.81
N LEU D 514 42.87 20.33 51.84
CA LEU D 514 42.32 19.72 53.04
C LEU D 514 42.95 18.35 53.31
N TYR D 515 43.34 17.59 52.26
CA TYR D 515 44.02 16.32 52.47
C TYR D 515 45.45 16.53 52.97
N GLY D 516 46.02 17.72 52.70
CA GLY D 516 47.35 18.01 53.20
C GLY D 516 48.36 18.31 52.10
N SER D 517 48.18 17.70 50.92
CA SER D 517 49.11 17.81 49.81
C SER D 517 48.56 17.03 48.62
N GLU D 518 49.12 17.32 47.44
CA GLU D 518 48.90 16.56 46.21
C GLU D 518 49.16 15.08 46.43
N LEU D 519 50.22 14.75 47.17
CA LEU D 519 50.60 13.36 47.40
C LEU D 519 49.55 12.64 48.24
N ALA D 520 49.02 13.32 49.28
CA ALA D 520 48.04 12.66 50.12
C ALA D 520 46.77 12.39 49.30
N PHE D 521 46.44 13.30 48.38
CA PHE D 521 45.24 13.16 47.57
C PHE D 521 45.43 12.02 46.56
N GLU D 522 46.63 11.96 45.97
CA GLU D 522 47.04 10.88 45.08
C GLU D 522 46.80 9.52 45.72
N LYS D 523 47.21 9.38 46.99
CA LYS D 523 47.10 8.12 47.68
C LYS D 523 45.63 7.73 47.85
N LYS D 524 44.79 8.74 48.12
CA LYS D 524 43.36 8.50 48.21
C LYS D 524 42.79 7.98 46.89
N LEU D 525 43.20 8.59 45.76
CA LEU D 525 42.67 8.23 44.45
C LEU D 525 43.08 6.79 44.11
N ILE D 526 44.34 6.45 44.42
CA ILE D 526 44.86 5.11 44.15
C ILE D 526 44.04 4.10 44.94
N GLN D 527 43.77 4.42 46.21
CA GLN D 527 42.99 3.52 47.06
C GLN D 527 41.56 3.38 46.53
N LEU D 528 40.96 4.48 46.04
CA LEU D 528 39.62 4.46 45.46
C LEU D 528 39.57 3.42 44.35
N CYS D 529 40.55 3.50 43.44
CA CYS D 529 40.54 2.73 42.21
C CYS D 529 40.96 1.29 42.43
N ASN D 530 41.92 1.04 43.33
CA ASN D 530 42.61 -0.24 43.36
C ASN D 530 42.12 -1.13 44.51
N GLN D 531 40.86 -1.01 44.92
CA GLN D 531 40.33 -1.92 45.93
C GLN D 531 39.21 -2.74 45.27
N ALA D 532 38.70 -3.74 45.99
CA ALA D 532 37.55 -4.51 45.52
C ALA D 532 36.28 -3.65 45.57
N PRO D 533 35.30 -3.86 44.66
CA PRO D 533 34.05 -3.09 44.72
C PRO D 533 33.09 -3.60 45.81
N ASN D 534 33.53 -3.53 47.07
CA ASN D 534 32.69 -3.85 48.21
C ASN D 534 31.70 -2.72 48.46
N PHE D 535 30.55 -3.10 49.04
CA PHE D 535 29.50 -2.16 49.42
C PHE D 535 28.78 -2.72 50.65
N ASN D 536 28.19 -1.80 51.43
CA ASN D 536 27.37 -2.10 52.58
C ASN D 536 26.03 -1.39 52.37
N VAL D 537 24.90 -2.09 52.63
CA VAL D 537 23.60 -1.63 52.14
C VAL D 537 22.81 -0.92 53.24
N GLU D 538 23.40 -0.73 54.43
CA GLU D 538 22.66 -0.34 55.62
C GLU D 538 21.83 0.94 55.43
N GLY D 539 22.33 1.94 54.69
CA GLY D 539 21.52 3.12 54.45
C GLY D 539 20.25 2.86 53.65
N TYR D 540 20.16 1.73 52.94
CA TYR D 540 18.96 1.45 52.15
C TYR D 540 18.21 0.31 52.81
N GLY D 541 18.92 -0.66 53.40
CA GLY D 541 18.30 -1.88 53.91
C GLY D 541 18.24 -3.04 52.90
N PHE D 542 18.73 -2.85 51.66
CA PHE D 542 18.72 -3.88 50.62
C PHE D 542 19.68 -3.42 49.51
N GLU D 543 19.97 -4.33 48.56
CA GLU D 543 20.86 -3.99 47.45
C GLU D 543 20.01 -3.35 46.34
N ILE D 544 20.50 -2.23 45.81
CA ILE D 544 19.90 -1.54 44.68
C ILE D 544 20.78 -1.76 43.44
N HIS D 545 20.21 -1.49 42.26
CA HIS D 545 20.88 -1.81 41.00
C HIS D 545 22.24 -1.10 40.88
N GLU D 546 22.36 0.13 41.42
CA GLU D 546 23.61 0.87 41.29
C GLU D 546 24.76 0.16 42.01
N MET D 547 24.46 -0.49 43.15
CA MET D 547 25.47 -1.26 43.82
C MET D 547 25.90 -2.45 42.96
N SER D 548 24.92 -3.16 42.38
CA SER D 548 25.17 -4.35 41.59
C SER D 548 26.02 -4.00 40.36
N GLU D 549 25.75 -2.83 39.77
CA GLU D 549 26.42 -2.45 38.54
C GLU D 549 27.88 -2.13 38.85
N MET D 550 28.16 -1.56 40.03
CA MET D 550 29.53 -1.33 40.43
C MET D 550 30.23 -2.67 40.71
N ALA D 551 29.53 -3.59 41.38
CA ALA D 551 30.12 -4.84 41.82
C ALA D 551 30.17 -5.88 40.67
N ALA D 552 29.49 -5.59 39.55
CA ALA D 552 29.57 -6.47 38.38
C ALA D 552 30.95 -6.41 37.74
N ILE D 553 31.72 -5.33 37.98
CA ILE D 553 33.00 -5.16 37.31
C ILE D 553 34.09 -4.83 38.32
N ASP D 554 35.35 -4.98 37.91
CA ASP D 554 36.52 -4.79 38.76
C ASP D 554 37.17 -3.46 38.40
N PHE D 555 36.51 -2.36 38.76
CA PHE D 555 37.07 -1.02 38.65
C PHE D 555 36.98 -0.31 40.01
N GLY D 556 37.16 -1.07 41.11
CA GLY D 556 37.19 -0.51 42.44
C GLY D 556 35.92 0.27 42.76
N GLN D 557 36.09 1.43 43.42
CA GLN D 557 34.97 2.25 43.82
C GLN D 557 34.62 3.27 42.73
N LEU D 558 35.26 3.16 41.56
CA LEU D 558 34.98 4.10 40.49
C LEU D 558 33.73 3.59 39.77
N ALA D 559 32.57 4.04 40.25
CA ALA D 559 31.30 3.47 39.83
C ALA D 559 30.79 4.21 38.59
N ILE D 560 31.36 3.84 37.44
CA ILE D 560 31.10 4.51 36.17
C ILE D 560 29.64 4.33 35.76
N SER D 561 28.96 3.35 36.39
CA SER D 561 27.55 3.05 36.15
C SER D 561 26.65 4.19 36.62
N ASN D 562 27.20 5.19 37.34
CA ASN D 562 26.38 6.25 37.88
C ASN D 562 27.13 7.58 37.81
N GLN D 563 26.37 8.68 37.71
CA GLN D 563 26.90 10.02 37.40
C GLN D 563 27.93 10.51 38.41
N PRO D 564 27.80 10.24 39.74
CA PRO D 564 28.76 10.80 40.70
C PRO D 564 30.23 10.47 40.46
N SER D 565 30.52 9.33 39.79
CA SER D 565 31.91 8.93 39.56
C SER D 565 32.42 9.34 38.17
N PHE D 566 31.60 10.02 37.34
CA PHE D 566 31.95 10.27 35.94
C PHE D 566 33.29 11.00 35.80
N HIS D 567 33.61 11.91 36.74
CA HIS D 567 34.77 12.76 36.60
C HIS D 567 36.01 12.15 37.27
N TYR D 568 35.86 11.00 37.94
CA TYR D 568 36.94 10.47 38.79
C TYR D 568 38.29 10.32 38.07
N PRO D 569 38.39 9.78 36.84
CA PRO D 569 39.70 9.62 36.19
C PRO D 569 40.42 10.96 36.07
N PHE D 570 39.66 12.04 35.97
CA PHE D 570 40.21 13.38 35.77
C PHE D 570 40.82 13.93 37.05
N LEU D 571 40.53 13.32 38.21
CA LEU D 571 41.06 13.87 39.46
C LEU D 571 42.59 13.84 39.43
N PHE D 572 43.19 12.88 38.69
CA PHE D 572 44.63 12.77 38.59
C PHE D 572 45.24 13.98 37.86
N SER D 573 44.42 14.69 37.07
CA SER D 573 44.90 15.88 36.39
C SER D 573 45.09 17.03 37.38
N TYR D 574 44.40 16.97 38.52
CA TYR D 574 44.45 18.07 39.48
C TYR D 574 45.70 17.96 40.36
N ILE D 575 46.44 16.86 40.24
CA ILE D 575 47.73 16.72 40.90
C ILE D 575 48.84 16.65 39.85
N GLY D 576 48.53 17.00 38.61
CA GLY D 576 49.56 17.06 37.59
C GLY D 576 50.06 15.67 37.15
N LYS D 577 49.24 14.63 37.33
CA LYS D 577 49.68 13.30 36.91
C LYS D 577 48.62 12.63 36.03
N PRO D 578 48.21 13.24 34.89
CA PRO D 578 47.13 12.65 34.09
C PRO D 578 47.54 11.30 33.49
N GLU D 579 48.84 11.06 33.36
CA GLU D 579 49.33 9.81 32.80
C GLU D 579 48.85 8.63 33.64
N MET D 580 48.59 8.82 34.94
CA MET D 580 48.07 7.75 35.78
C MET D 580 46.68 7.25 35.36
N ALA D 581 45.92 8.06 34.61
CA ALA D 581 44.51 7.76 34.37
C ALA D 581 44.26 7.49 32.89
N GLN D 582 45.28 7.69 32.04
CA GLN D 582 45.09 7.48 30.61
C GLN D 582 44.69 6.03 30.31
N PRO D 583 45.36 4.99 30.85
CA PRO D 583 44.91 3.62 30.58
C PRO D 583 43.51 3.37 31.14
N LEU D 584 43.23 3.88 32.34
CA LEU D 584 41.94 3.76 32.99
C LEU D 584 40.82 4.21 32.05
N LEU D 585 41.04 5.34 31.38
CA LEU D 585 39.99 5.95 30.58
C LEU D 585 39.69 5.06 29.38
N LYS D 586 40.76 4.58 28.73
CA LYS D 586 40.57 3.69 27.61
C LYS D 586 39.85 2.41 28.07
N GLN D 587 40.22 1.89 29.25
CA GLN D 587 39.57 0.70 29.78
C GLN D 587 38.08 0.95 30.10
N LEU D 588 37.76 2.11 30.69
CA LEU D 588 36.37 2.43 31.01
C LEU D 588 35.54 2.47 29.75
N MET D 589 36.09 3.05 28.67
CA MET D 589 35.35 3.15 27.43
C MET D 589 35.02 1.77 26.85
N GLN D 590 35.77 0.73 27.23
CA GLN D 590 35.46 -0.62 26.74
C GLN D 590 34.26 -1.21 27.48
N THR D 591 33.74 -0.54 28.52
CA THR D 591 32.56 -1.13 29.15
C THR D 591 31.30 -0.76 28.36
N PHE D 592 31.44 -0.04 27.24
CA PHE D 592 30.30 0.37 26.45
C PHE D 592 30.37 -0.37 25.11
N ASP D 593 29.21 -0.77 24.56
CA ASP D 593 29.14 -1.27 23.20
C ASP D 593 27.73 -0.99 22.67
N ALA D 594 27.45 -1.46 21.44
CA ALA D 594 26.20 -1.16 20.75
C ALA D 594 25.14 -2.24 21.00
N SER D 595 25.38 -3.17 21.92
CA SER D 595 24.45 -4.28 22.09
C SER D 595 23.32 -3.89 23.04
N PRO D 596 22.28 -4.75 23.17
CA PRO D 596 21.27 -4.58 24.22
C PRO D 596 21.82 -4.42 25.63
N THR D 597 23.04 -4.90 25.91
CA THR D 597 23.58 -4.72 27.27
C THR D 597 24.69 -3.66 27.26
N GLY D 598 24.65 -2.68 26.34
CA GLY D 598 25.82 -1.88 26.00
C GLY D 598 26.26 -0.72 26.93
N TYR D 599 25.54 -0.43 28.03
CA TYR D 599 26.02 0.62 28.94
C TYR D 599 26.34 0.02 30.30
N PRO D 600 27.30 0.62 31.04
CA PRO D 600 27.62 0.14 32.39
C PRO D 600 26.56 0.40 33.47
N GLY D 601 25.59 1.27 33.16
CA GLY D 601 24.50 1.60 34.07
C GLY D 601 23.47 2.49 33.38
N ASP D 602 22.62 3.20 34.14
CA ASP D 602 21.55 3.99 33.51
C ASP D 602 22.13 5.07 32.58
N GLU D 603 21.62 5.12 31.36
CA GLU D 603 22.10 6.08 30.38
C GLU D 603 21.63 7.51 30.73
N ASP D 604 20.42 7.65 31.30
CA ASP D 604 19.88 8.90 31.83
C ASP D 604 19.87 10.04 30.81
N ASN D 605 19.09 9.89 29.74
CA ASN D 605 18.69 11.00 28.89
C ASN D 605 19.89 11.74 28.27
N GLY D 606 20.87 10.97 27.78
CA GLY D 606 21.96 11.58 27.02
C GLY D 606 23.23 11.67 27.87
N SER D 607 23.05 11.61 29.21
CA SER D 607 24.07 11.88 30.21
C SER D 607 25.28 10.95 30.02
N MET D 608 25.03 9.64 30.04
CA MET D 608 26.11 8.68 29.92
C MET D 608 26.63 8.59 28.48
N SER D 609 25.75 8.81 27.49
CA SER D 609 26.14 8.81 26.09
C SER D 609 27.16 9.92 25.83
N ALA D 610 26.87 11.12 26.36
CA ALA D 610 27.76 12.25 26.12
C ALA D 610 29.08 12.05 26.88
N TRP D 611 29.06 11.32 27.99
CA TRP D 611 30.32 10.93 28.65
C TRP D 611 31.19 10.16 27.65
N TYR D 612 30.57 9.20 26.94
CA TYR D 612 31.29 8.35 26.01
C TYR D 612 31.80 9.19 24.82
N ILE D 613 30.98 10.14 24.33
CA ILE D 613 31.33 10.98 23.18
C ILE D 613 32.56 11.83 23.51
N PHE D 614 32.51 12.56 24.64
CA PHE D 614 33.62 13.40 25.03
C PHE D 614 34.88 12.54 25.19
N ASN D 615 34.77 11.45 25.95
CA ASN D 615 35.93 10.62 26.22
C ASN D 615 36.51 10.05 24.93
N SER D 616 35.65 9.74 23.95
CA SER D 616 36.13 9.25 22.67
C SER D 616 37.07 10.27 22.03
N LEU D 617 36.78 11.57 22.22
CA LEU D 617 37.49 12.64 21.54
C LEU D 617 38.73 13.04 22.36
N GLY D 618 38.79 12.63 23.63
CA GLY D 618 39.97 12.79 24.49
C GLY D 618 39.92 13.97 25.48
N PHE D 619 38.74 14.58 25.71
CA PHE D 619 38.63 15.69 26.67
C PHE D 619 37.24 15.72 27.28
N TYR D 620 37.11 16.35 28.46
CA TYR D 620 35.92 16.16 29.28
C TYR D 620 35.64 17.37 30.16
N PRO D 621 34.38 17.88 30.22
CA PRO D 621 34.05 19.05 31.05
C PRO D 621 33.87 18.66 32.52
N VAL D 622 34.96 18.69 33.28
CA VAL D 622 34.90 18.35 34.70
C VAL D 622 34.10 19.43 35.44
N THR D 623 34.32 20.69 35.09
CA THR D 623 33.63 21.77 35.80
C THR D 623 32.87 22.64 34.81
N PRO D 624 31.62 22.25 34.46
CA PRO D 624 30.70 23.17 33.77
C PRO D 624 30.68 24.48 34.56
N GLY D 625 30.86 25.59 33.84
CA GLY D 625 30.93 26.89 34.48
C GLY D 625 32.31 27.52 34.38
N THR D 626 33.32 26.78 33.86
CA THR D 626 34.66 27.34 33.75
C THR D 626 35.05 27.55 32.30
N GLY D 627 34.43 26.85 31.34
CA GLY D 627 34.88 26.93 29.97
C GLY D 627 36.15 26.11 29.69
N GLU D 628 36.40 25.07 30.50
CA GLU D 628 37.56 24.22 30.28
C GLU D 628 37.15 22.76 30.07
N TYR D 629 37.96 22.02 29.30
CA TYR D 629 37.80 20.58 29.11
C TYR D 629 39.12 19.91 29.50
N VAL D 630 39.05 19.05 30.52
CA VAL D 630 40.24 18.38 31.01
C VAL D 630 40.58 17.22 30.07
N ILE D 631 41.87 17.09 29.76
CA ILE D 631 42.32 16.14 28.74
C ILE D 631 42.36 14.75 29.35
N GLY D 632 41.90 13.76 28.57
CA GLY D 632 41.87 12.37 29.01
C GLY D 632 42.68 11.49 28.09
N MET D 633 42.02 10.60 27.35
CA MET D 633 42.71 9.67 26.45
C MET D 633 41.76 9.34 25.31
N PRO D 634 42.02 9.75 24.05
CA PRO D 634 41.06 9.54 22.96
C PRO D 634 40.96 8.07 22.55
N LEU D 635 39.76 7.68 22.10
CA LEU D 635 39.56 6.36 21.50
C LEU D 635 39.52 6.44 19.97
N VAL D 636 39.06 7.58 19.40
CA VAL D 636 39.03 7.73 17.96
C VAL D 636 40.45 7.75 17.39
N GLN D 637 40.53 7.53 16.07
CA GLN D 637 41.72 7.81 15.30
C GLN D 637 41.58 9.14 14.57
N THR D 638 40.39 9.42 14.02
CA THR D 638 40.11 10.72 13.41
C THR D 638 38.72 11.20 13.86
N ALA D 639 38.55 12.52 13.91
CA ALA D 639 37.23 13.12 14.11
C ALA D 639 37.22 14.48 13.43
N GLU D 640 36.15 14.76 12.67
CA GLU D 640 35.87 16.11 12.22
C GLU D 640 34.70 16.63 13.01
N VAL D 641 34.95 17.69 13.77
CA VAL D 641 33.95 18.30 14.63
C VAL D 641 33.49 19.58 13.96
N LYS D 642 32.21 19.64 13.57
CA LYS D 642 31.60 20.86 13.06
C LYS D 642 31.13 21.69 14.24
N LEU D 643 31.86 22.75 14.56
CA LEU D 643 31.51 23.58 15.70
C LEU D 643 30.35 24.53 15.36
N SER D 644 29.59 24.91 16.37
CA SER D 644 28.44 25.79 16.19
C SER D 644 28.81 27.16 15.60
N ASN D 645 30.03 27.64 15.80
CA ASN D 645 30.42 28.95 15.28
C ASN D 645 30.82 28.83 13.81
N GLY D 646 30.60 27.67 13.18
CA GLY D 646 30.92 27.53 11.77
C GLY D 646 32.35 27.04 11.50
N LYS D 647 33.23 27.00 12.49
CA LYS D 647 34.57 26.45 12.26
C LYS D 647 34.59 24.91 12.40
N GLN D 648 35.76 24.33 12.11
CA GLN D 648 35.91 22.90 12.20
C GLN D 648 37.16 22.54 12.99
N LEU D 649 37.03 21.57 13.91
CA LEU D 649 38.20 20.98 14.57
C LEU D 649 38.44 19.58 13.99
N THR D 650 39.66 19.34 13.50
CA THR D 650 40.03 18.02 13.00
C THR D 650 40.96 17.38 14.02
N ILE D 651 40.53 16.23 14.54
CA ILE D 651 41.33 15.48 15.48
C ILE D 651 41.98 14.36 14.70
N GLN D 652 43.29 14.21 14.88
CA GLN D 652 44.04 13.11 14.32
C GLN D 652 44.93 12.54 15.43
N THR D 653 45.04 11.22 15.43
CA THR D 653 45.77 10.46 16.44
C THR D 653 46.78 9.62 15.66
N SER D 654 47.97 9.36 16.26
CA SER D 654 48.84 8.31 15.74
C SER D 654 48.06 6.99 15.82
N PRO D 655 48.53 5.83 15.30
CA PRO D 655 47.70 4.61 15.33
C PRO D 655 47.17 4.32 16.74
N ASN D 656 45.85 4.04 16.86
CA ASN D 656 45.23 4.03 18.18
C ASN D 656 44.70 2.63 18.44
N LYS D 657 45.63 1.69 18.69
CA LYS D 657 45.29 0.30 18.87
C LYS D 657 45.20 0.02 20.37
N VAL D 658 44.82 -1.22 20.69
CA VAL D 658 44.63 -1.59 22.08
C VAL D 658 45.87 -1.28 22.94
N GLN D 659 47.10 -1.39 22.39
CA GLN D 659 48.29 -1.19 23.22
C GLN D 659 48.58 0.29 23.48
N GLN D 660 48.00 1.21 22.69
CA GLN D 660 48.20 2.63 22.93
C GLN D 660 47.36 3.04 24.15
N GLN D 661 48.01 3.30 25.29
CA GLN D 661 47.25 3.58 26.50
C GLN D 661 47.61 4.92 27.15
N PHE D 662 48.45 5.69 26.46
CA PHE D 662 48.98 6.92 27.03
C PHE D 662 49.02 7.95 25.93
N ILE D 663 49.07 9.22 26.33
CA ILE D 663 49.37 10.31 25.44
C ILE D 663 50.88 10.58 25.48
N HIS D 664 51.51 10.58 24.31
CA HIS D 664 52.91 10.93 24.21
C HIS D 664 53.08 12.45 24.13
N GLU D 665 52.35 13.07 23.20
CA GLU D 665 52.45 14.50 23.00
C GLU D 665 51.19 15.01 22.27
N ILE D 666 50.78 16.25 22.60
CA ILE D 666 49.65 16.89 21.93
C ILE D 666 50.14 18.14 21.20
N GLN D 667 49.70 18.29 19.95
CA GLN D 667 49.88 19.55 19.24
C GLN D 667 48.52 20.08 18.83
N LEU D 668 48.23 21.31 19.26
CA LEU D 668 47.09 22.07 18.79
C LEU D 668 47.60 23.13 17.82
N ASN D 669 47.16 23.00 16.55
CA ASN D 669 47.65 23.81 15.44
C ASN D 669 49.18 23.91 15.46
N GLN D 670 49.85 22.76 15.47
CA GLN D 670 51.30 22.61 15.41
C GLN D 670 52.01 23.28 16.57
N GLU D 671 51.36 23.50 17.71
CA GLU D 671 52.10 23.94 18.88
C GLU D 671 51.94 22.91 19.98
N LYS D 672 53.07 22.56 20.60
CA LYS D 672 53.07 21.58 21.68
C LYS D 672 52.15 22.13 22.77
N HIS D 673 51.23 21.28 23.26
CA HIS D 673 50.30 21.70 24.28
C HIS D 673 50.58 20.88 25.54
N THR D 674 50.95 21.54 26.64
CA THR D 674 51.38 20.82 27.83
C THR D 674 50.39 20.94 29.01
N ALA D 675 49.49 21.94 28.97
CA ALA D 675 48.46 22.12 29.99
C ALA D 675 47.54 20.90 30.00
N PRO D 676 47.03 20.47 31.17
CA PRO D 676 46.16 19.29 31.23
C PRO D 676 44.69 19.57 30.88
N TYR D 677 44.41 20.70 30.21
CA TYR D 677 43.05 21.03 29.78
C TYR D 677 43.14 21.89 28.53
N PHE D 678 42.04 21.95 27.76
CA PHE D 678 41.87 22.92 26.69
C PHE D 678 40.81 23.92 27.15
N THR D 679 40.87 25.16 26.65
CA THR D 679 39.78 26.11 26.90
C THR D 679 38.76 25.96 25.78
N HIS D 680 37.50 26.29 26.09
CA HIS D 680 36.43 26.35 25.11
C HIS D 680 36.85 27.24 23.95
N GLN D 681 37.50 28.38 24.27
CA GLN D 681 37.96 29.33 23.27
C GLN D 681 38.96 28.69 22.30
N GLU D 682 39.97 27.97 22.82
CA GLU D 682 40.92 27.23 21.99
C GLU D 682 40.20 26.30 21.02
N LEU D 683 39.30 25.44 21.52
CA LEU D 683 38.65 24.48 20.66
C LEU D 683 37.81 25.20 19.60
N LEU D 684 37.13 26.30 19.97
CA LEU D 684 36.31 27.05 19.01
C LEU D 684 37.14 27.75 17.93
N ASN D 685 38.46 27.92 18.15
CA ASN D 685 39.33 28.37 17.06
C ASN D 685 39.38 27.34 15.94
N GLY D 686 39.16 26.07 16.26
CA GLY D 686 39.21 25.05 15.22
C GLY D 686 40.63 24.75 14.79
N GLY D 687 40.78 24.18 13.60
CA GLY D 687 42.12 23.78 13.18
C GLY D 687 42.34 22.31 13.46
N THR D 688 43.57 21.96 13.90
CA THR D 688 43.97 20.56 14.00
C THR D 688 44.44 20.26 15.42
N LEU D 689 43.88 19.18 15.99
CA LEU D 689 44.33 18.66 17.26
C LEU D 689 44.95 17.28 16.98
N ASP D 690 46.27 17.20 17.18
CA ASP D 690 47.03 15.97 16.92
C ASP D 690 47.45 15.35 18.24
N TYR D 691 47.00 14.10 18.46
CA TYR D 691 47.51 13.36 19.60
C TYR D 691 48.53 12.33 19.10
N GLN D 692 49.77 12.44 19.58
CA GLN D 692 50.68 11.32 19.45
C GLN D 692 50.52 10.43 20.70
N LEU D 693 50.22 9.13 20.49
CA LEU D 693 49.90 8.23 21.61
C LEU D 693 51.12 7.38 21.94
N GLY D 694 51.11 6.71 23.10
CA GLY D 694 52.26 5.96 23.58
C GLY D 694 51.85 4.59 24.15
N ILE D 695 52.84 3.68 24.20
CA ILE D 695 52.65 2.40 24.85
C ILE D 695 53.20 2.46 26.28
N VAL D 696 54.02 3.49 26.56
CA VAL D 696 54.44 3.83 27.92
C VAL D 696 54.08 5.30 28.15
N PRO D 697 53.95 5.77 29.41
CA PRO D 697 53.65 7.18 29.69
C PRO D 697 54.80 8.12 29.28
N ASN D 698 54.45 9.37 29.00
CA ASN D 698 55.45 10.40 28.80
C ASN D 698 55.15 11.52 29.80
N PRO D 699 55.52 11.41 31.10
CA PRO D 699 55.04 12.37 32.10
C PRO D 699 55.46 13.81 31.75
N GLN D 700 54.53 14.76 31.72
CA GLN D 700 54.85 16.14 31.35
C GLN D 700 55.31 16.95 32.57
N ASN D 701 54.92 16.56 33.79
CA ASN D 701 55.27 17.34 34.99
C ASN D 701 54.90 18.82 34.86
N THR D 702 53.73 19.10 34.25
CA THR D 702 53.24 20.46 34.12
C THR D 702 53.08 21.07 35.51
N ALA D 703 53.37 22.37 35.65
CA ALA D 703 52.92 23.09 36.83
C ALA D 703 51.45 23.53 36.66
N GLU D 704 50.91 23.42 35.46
CA GLU D 704 49.55 23.88 35.22
C GLU D 704 48.51 22.87 35.77
N ARG D 705 47.34 23.42 36.12
CA ARG D 705 46.22 22.68 36.67
C ARG D 705 44.92 23.25 36.10
N PRO D 706 43.82 22.46 35.96
CA PRO D 706 42.53 23.03 35.55
C PRO D 706 42.04 23.96 36.65
N PHE D 707 40.96 24.70 36.34
CA PHE D 707 40.44 25.74 37.22
C PHE D 707 40.12 25.21 38.63
N SER D 708 40.55 25.96 39.65
CA SER D 708 40.04 25.86 41.01
C SER D 708 39.87 27.28 41.57
N LEU D 709 38.82 27.51 42.37
CA LEU D 709 38.56 28.77 43.03
C LEU D 709 39.78 29.25 43.83
N SER D 710 40.35 28.34 44.63
CA SER D 710 41.40 28.65 45.59
C SER D 710 42.65 29.20 44.92
N THR D 711 42.77 29.07 43.59
CA THR D 711 44.04 29.37 42.95
C THR D 711 43.86 30.29 41.76
N GLU D 712 42.66 30.85 41.53
CA GLU D 712 42.41 31.56 40.29
C GLU D 712 43.21 32.88 40.17
C1 GOL E . -4.89 7.78 -57.85
O1 GOL E . -3.72 7.75 -57.02
C2 GOL E . -5.20 6.35 -58.35
O2 GOL E . -4.80 5.45 -57.29
C3 GOL E . -6.66 6.15 -58.87
O3 GOL E . -7.56 5.29 -58.10
CA CA F . -4.31 12.50 -31.95
K K G . -2.24 17.88 -44.09
C ACT H . 13.92 19.61 -42.87
O ACT H . 14.46 18.77 -43.79
OXT ACT H . 13.29 20.75 -43.18
CH3 ACT H . 14.08 19.33 -41.34
C ACT I . -10.10 6.83 -43.40
O ACT I . -10.61 5.89 -44.14
OXT ACT I . -10.03 6.79 -42.10
CH3 ACT I . -9.55 8.04 -44.13
C ACT J . -22.96 -6.65 -64.97
O ACT J . -22.32 -7.55 -65.67
OXT ACT J . -22.72 -6.62 -63.70
CH3 ACT J . -24.00 -5.65 -65.59
C1 GOL K . -3.86 8.48 -33.62
O1 GOL K . -4.85 9.43 -33.14
C2 GOL K . -2.97 7.53 -32.74
O2 GOL K . -3.74 6.77 -31.77
C3 GOL K . -2.19 6.61 -33.71
O3 GOL K . -0.86 6.18 -33.31
C1 GOL L . -6.78 9.10 -29.01
O1 GOL L . -7.93 8.43 -29.51
C2 GOL L . -5.76 9.20 -30.13
O2 GOL L . -6.27 9.94 -31.25
C3 GOL L . -4.52 9.88 -29.59
O3 GOL L . -3.71 10.42 -30.63
C1 GOL M . -13.75 -2.71 -39.59
O1 GOL M . -12.87 -1.66 -39.05
C2 GOL M . -13.41 -2.95 -41.07
O2 GOL M . -12.11 -3.58 -41.27
C3 GOL M . -14.41 -3.80 -41.87
O3 GOL M . -13.89 -3.84 -43.22
CA CA N . -49.03 -6.49 24.08
K K O . -56.64 -17.40 22.68
C ACT P . -45.09 -26.82 -7.35
O ACT P . -44.16 -27.35 -8.03
OXT ACT P . -45.56 -27.31 -6.29
CH3 ACT P . -45.69 -25.51 -7.82
C ACT Q . -67.27 -13.80 34.61
O ACT Q . -66.77 -15.03 34.67
OXT ACT Q . -66.60 -12.75 35.09
CH3 ACT Q . -68.70 -13.55 33.96
C ACT R . -60.95 -17.39 -15.49
O ACT R . -62.08 -17.00 -16.01
OXT ACT R . -60.40 -16.54 -14.73
CH3 ACT R . -60.29 -18.77 -15.77
C1 GOL S . -50.95 -4.84 21.16
O1 GOL S . -49.55 -5.27 21.12
C2 GOL S . -51.57 -3.47 21.63
O2 GOL S . -50.69 -2.34 21.40
C3 GOL S . -53.02 -3.20 21.06
O3 GOL S . -53.55 -1.84 21.04
C1 GOL T . -46.59 -2.47 21.83
O1 GOL T . -45.69 -3.05 20.91
C2 GOL T . -47.70 -3.46 22.19
O2 GOL T . -47.25 -4.70 22.74
C3 GOL T . -48.49 -2.85 23.33
O3 GOL T . -49.33 -3.88 23.85
C1 GOL U . -65.74 -18.40 5.44
O1 GOL U . -64.60 -17.82 4.69
C2 GOL U . -65.73 -17.78 6.84
O2 GOL U . -66.39 -16.50 6.85
C3 GOL U . -66.33 -18.62 7.97
O3 GOL U . -66.41 -17.76 9.12
C1 GOL V . -51.64 -3.17 6.09
O1 GOL V . -50.68 -2.43 6.85
C2 GOL V . -52.21 -2.35 4.89
O2 GOL V . -50.99 -2.11 4.16
C3 GOL V . -53.51 -2.85 4.11
O3 GOL V . -53.45 -3.40 2.77
P PO4 W . -34.69 7.22 -3.03
O1 PO4 W . -36.18 7.38 -3.24
O2 PO4 W . -34.13 6.22 -4.03
O3 PO4 W . -34.31 6.79 -1.61
O4 PO4 W . -34.11 8.59 -3.32
P PO4 X . -65.54 -4.01 16.61
O1 PO4 X . -67.04 -4.18 16.39
O2 PO4 X . -64.82 -3.90 15.28
O3 PO4 X . -64.98 -5.22 17.31
O4 PO4 X . -65.21 -2.85 17.54
CA CA Y . 38.14 -25.72 -14.35
K K Z . 37.33 -23.76 -1.15
C ACT AA . 46.63 -16.72 -7.82
O ACT AA . 46.51 -17.19 -9.04
OXT ACT AA . 45.78 -16.91 -6.88
CH3 ACT AA . 47.85 -15.87 -7.41
C ACT BA . 36.89 -39.55 3.08
O ACT BA . 35.87 -38.86 3.59
OXT ACT BA . 38.08 -39.71 3.72
CH3 ACT BA . 36.62 -40.23 1.70
C1 GOL CA . 42.31 -25.26 -14.29
O1 GOL CA . 41.14 -24.54 -14.75
C2 GOL CA . 42.90 -26.54 -14.93
O2 GOL CA . 43.08 -26.35 -16.34
C3 GOL CA . 44.22 -26.90 -14.15
O3 GOL CA . 44.80 -28.18 -14.46
C1 GOL DA . 41.39 -24.17 -18.81
O1 GOL DA . 40.15 -24.04 -19.51
C2 GOL DA . 40.90 -24.55 -17.44
O2 GOL DA . 39.87 -23.62 -17.12
C3 GOL DA . 40.25 -25.94 -17.46
O3 GOL DA . 39.66 -26.28 -16.19
C1 GOL EA . 53.27 -14.89 -14.33
O1 GOL EA . 52.70 -15.71 -15.38
C2 GOL EA . 54.71 -14.45 -14.58
O2 GOL EA . 54.52 -13.87 -15.87
C3 GOL EA . 55.36 -13.41 -13.61
O3 GOL EA . 56.39 -13.89 -12.72
C1 GOL FA . 51.50 -16.98 5.78
O1 GOL FA . 51.06 -18.13 6.49
C2 GOL FA . 52.73 -16.50 6.51
O2 GOL FA . 53.76 -17.00 5.69
C3 GOL FA . 52.83 -14.98 6.69
O3 GOL FA . 53.33 -14.26 5.54
CA CA GA . 22.14 7.43 37.20
K K HA . 26.48 -3.51 30.72
C ACT IA . 13.21 -0.36 29.84
O ACT IA . 12.07 -0.92 29.47
OXT ACT IA . 14.39 -0.81 29.56
CH3 ACT IA . 13.22 0.90 30.69
C ACT JA . 34.90 -9.90 43.02
O ACT JA . 34.32 -11.03 43.47
OXT ACT JA . 35.63 -9.80 41.93
CH3 ACT JA . 34.77 -8.58 43.78
C ACT KA . -6.82 -15.17 15.29
O ACT KA . -6.36 -15.07 14.07
OXT ACT KA . -7.52 -16.15 15.79
CH3 ACT KA . -6.51 -14.04 16.22
C1 GOL LA . 18.26 5.88 37.89
O1 GOL LA . 19.21 6.59 37.08
C2 GOL LA . 18.36 5.86 39.43
O2 GOL LA . 17.42 6.85 39.95
C3 GOL LA . 18.12 4.44 40.01
O3 GOL LA . 17.20 4.31 41.12
C1 GOL MA . 18.29 10.89 38.39
O1 GOL MA . 17.72 11.06 37.09
C2 GOL MA . 18.80 9.46 38.44
O2 GOL MA . 19.36 9.13 37.17
C3 GOL MA . 19.93 9.27 39.44
O3 GOL MA . 20.74 8.11 39.07
C1 GOL NA . 12.17 -15.54 25.27
O1 GOL NA . 11.02 -14.61 25.23
C2 GOL NA . 13.01 -15.15 26.51
O2 GOL NA . 12.38 -15.62 27.68
C3 GOL NA . 14.44 -15.68 26.61
O3 GOL NA . 14.87 -15.36 27.95
C1 GOL OA . 2.28 1.30 31.71
O1 GOL OA . 2.36 -0.15 31.81
C2 GOL OA . 3.00 2.09 32.84
O2 GOL OA . 3.60 1.12 33.71
C3 GOL OA . 3.99 3.21 32.41
O3 GOL OA . 5.21 3.53 33.18
#